data_4UOW
#
_entry.id   4UOW
#
_cell.length_a   201.560
_cell.length_b   201.560
_cell.length_c   183.960
_cell.angle_alpha   90.00
_cell.angle_beta   90.00
_cell.angle_gamma   120.00
#
_symmetry.space_group_name_H-M   'P 32 2 1'
#
loop_
_entity.id
_entity.type
_entity.pdbx_description
1 polymer Titin
2 polymer Obscurin
3 non-polymer 'CHLORIDE ION'
4 non-polymer 'SODIUM ION'
#
loop_
_entity_poly.entity_id
_entity_poly.type
_entity_poly.pdbx_seq_one_letter_code
_entity_poly.pdbx_strand_id
1 'polypeptide(L)'
;GIPPKIEALPSDISIDEGKVLTVACAFTGEPTPEVTWSCGGRKIHSQEQGRFHIENTDDLTTLIIMDVQKQDGGLYTLSL
GNEFGSDSATVNIHIRS
;
0,2,4,6,8,A,C,E,G,I,K,M,O,Q,S,U,W,Y
2 'polypeptide(L)'
;SSAPRFLTRPKAFVVSVGKDATLSCQIVGNPTPQVSWEKDQQPVAAGARFRLAQDGDLYRLTILDLALGDSGQYVCRARN
AIGEAFAAVGLQV
;
1,3,5,7,9,B,D,F,H,J,L,N,P,R,T,V,X,Z
#
loop_
_chem_comp.id
_chem_comp.type
_chem_comp.name
_chem_comp.formula
CL non-polymer 'CHLORIDE ION' 'Cl -1'
NA non-polymer 'SODIUM ION' 'Na 1'
#
# COMPACT_ATOMS: atom_id res chain seq x y z
N GLY A 1 2.27 -70.96 -45.77
CA GLY A 1 2.36 -70.46 -44.40
C GLY A 1 3.12 -69.15 -44.26
N ILE A 2 2.71 -68.30 -43.29
CA ILE A 2 3.33 -66.99 -43.03
C ILE A 2 3.68 -66.83 -41.53
N PRO A 3 4.97 -66.53 -41.15
CA PRO A 3 5.29 -66.30 -39.73
C PRO A 3 4.71 -64.95 -39.27
N PRO A 4 4.40 -64.75 -37.97
CA PRO A 4 3.83 -63.47 -37.57
C PRO A 4 4.83 -62.33 -37.47
N LYS A 5 4.34 -61.10 -37.67
CA LYS A 5 5.15 -59.88 -37.56
C LYS A 5 4.33 -58.72 -36.97
N ILE A 6 4.88 -58.06 -35.96
CA ILE A 6 4.24 -56.89 -35.36
C ILE A 6 4.55 -55.73 -36.31
N GLU A 7 3.51 -55.12 -36.88
CA GLU A 7 3.63 -54.04 -37.86
C GLU A 7 4.29 -52.78 -37.30
N ALA A 8 3.66 -52.09 -36.34
CA ALA A 8 4.20 -50.87 -35.74
C ALA A 8 3.52 -50.59 -34.43
N LEU A 9 4.31 -50.70 -33.36
CA LEU A 9 3.90 -50.48 -31.98
C LEU A 9 4.80 -49.40 -31.38
N PRO A 10 4.21 -48.35 -30.74
CA PRO A 10 5.04 -47.28 -30.17
C PRO A 10 6.05 -47.78 -29.12
N SER A 11 7.21 -47.11 -29.07
CA SER A 11 8.31 -47.42 -28.15
C SER A 11 7.91 -47.03 -26.73
N ASP A 12 7.55 -45.73 -26.55
CA ASP A 12 7.10 -45.14 -25.29
C ASP A 12 5.83 -44.34 -25.51
N ILE A 13 4.91 -44.44 -24.55
CA ILE A 13 3.63 -43.71 -24.53
C ILE A 13 3.39 -43.23 -23.10
N SER A 14 2.78 -42.05 -22.95
CA SER A 14 2.49 -41.49 -21.65
C SER A 14 1.03 -41.06 -21.55
N ILE A 15 0.45 -41.20 -20.36
CA ILE A 15 -0.95 -40.86 -20.10
C ILE A 15 -1.13 -40.38 -18.66
N ASP A 16 -2.13 -39.53 -18.39
CA ASP A 16 -2.42 -39.03 -17.05
C ASP A 16 -3.33 -40.02 -16.30
N GLU A 17 -3.25 -40.03 -14.96
CA GLU A 17 -4.07 -40.90 -14.08
C GLU A 17 -5.55 -40.65 -14.31
N GLY A 18 -6.35 -41.72 -14.31
CA GLY A 18 -7.80 -41.64 -14.44
C GLY A 18 -8.36 -41.57 -15.85
N LYS A 19 -7.49 -41.46 -16.87
CA LYS A 19 -7.91 -41.42 -18.26
C LYS A 19 -7.89 -42.85 -18.87
N VAL A 20 -8.46 -43.01 -20.08
CA VAL A 20 -8.51 -44.30 -20.78
C VAL A 20 -7.36 -44.35 -21.77
N LEU A 21 -6.63 -45.48 -21.80
CA LEU A 21 -5.51 -45.65 -22.72
C LEU A 21 -5.84 -46.69 -23.80
N THR A 22 -5.52 -46.36 -25.06
CA THR A 22 -5.75 -47.22 -26.22
C THR A 22 -4.46 -47.37 -27.00
N VAL A 23 -4.04 -48.62 -27.24
CA VAL A 23 -2.85 -48.90 -28.03
C VAL A 23 -3.25 -49.86 -29.12
N ALA A 24 -3.36 -49.35 -30.35
CA ALA A 24 -3.75 -50.19 -31.48
C ALA A 24 -2.54 -50.58 -32.30
N CYS A 25 -2.40 -51.90 -32.51
CA CYS A 25 -1.30 -52.43 -33.28
C CYS A 25 -1.74 -53.45 -34.31
N ALA A 26 -1.26 -53.32 -35.54
CA ALA A 26 -1.59 -54.25 -36.62
C ALA A 26 -0.56 -55.37 -36.65
N PHE A 27 -0.92 -56.52 -37.24
CA PHE A 27 -0.03 -57.67 -37.36
C PHE A 27 -0.33 -58.55 -38.57
N THR A 28 0.68 -59.27 -39.02
CA THR A 28 0.60 -60.21 -40.14
C THR A 28 0.75 -61.65 -39.59
N GLY A 29 0.52 -62.63 -40.46
CA GLY A 29 0.64 -64.03 -40.09
C GLY A 29 -0.55 -64.90 -40.47
N GLU A 30 -0.25 -66.03 -41.11
CA GLU A 30 -1.21 -67.04 -41.53
C GLU A 30 -0.65 -68.43 -41.15
N PRO A 31 -1.33 -69.22 -40.29
CA PRO A 31 -2.64 -68.97 -39.66
C PRO A 31 -2.58 -67.82 -38.68
N THR A 32 -3.74 -67.17 -38.39
CA THR A 32 -3.86 -66.02 -37.49
C THR A 32 -3.14 -66.30 -36.15
N PRO A 33 -2.13 -65.48 -35.77
CA PRO A 33 -1.36 -65.79 -34.55
C PRO A 33 -2.07 -65.54 -33.22
N GLU A 34 -1.56 -66.17 -32.15
CA GLU A 34 -2.10 -66.00 -30.80
C GLU A 34 -1.55 -64.70 -30.24
N VAL A 35 -2.44 -63.75 -29.97
CA VAL A 35 -2.06 -62.45 -29.42
C VAL A 35 -1.94 -62.58 -27.89
N THR A 36 -0.75 -62.22 -27.35
CA THR A 36 -0.48 -62.29 -25.91
C THR A 36 0.17 -61.00 -25.38
N TRP A 37 -0.61 -60.21 -24.64
CA TRP A 37 -0.13 -58.97 -24.03
C TRP A 37 0.34 -59.36 -22.63
N SER A 38 1.53 -58.89 -22.25
CA SER A 38 2.11 -59.20 -20.94
C SER A 38 2.91 -58.05 -20.37
N CYS A 39 2.97 -57.99 -19.04
CA CYS A 39 3.73 -56.95 -18.35
C CYS A 39 4.41 -57.60 -17.16
N GLY A 40 5.73 -57.52 -17.15
CA GLY A 40 6.58 -58.08 -16.11
C GLY A 40 6.48 -59.59 -15.97
N GLY A 41 6.30 -60.25 -17.10
CA GLY A 41 6.17 -61.71 -17.16
C GLY A 41 4.77 -62.24 -16.90
N ARG A 42 3.83 -61.34 -16.55
CA ARG A 42 2.45 -61.69 -16.22
C ARG A 42 1.52 -61.33 -17.39
N LYS A 43 0.78 -62.32 -17.91
CA LYS A 43 -0.14 -62.16 -19.04
C LYS A 43 -1.34 -61.29 -18.63
N ILE A 44 -1.67 -60.31 -19.49
CA ILE A 44 -2.82 -59.42 -19.30
C ILE A 44 -4.06 -60.20 -19.78
N HIS A 45 -5.06 -60.36 -18.89
CA HIS A 45 -6.30 -61.08 -19.21
C HIS A 45 -7.43 -60.10 -19.41
N SER A 46 -8.11 -60.18 -20.56
CA SER A 46 -9.22 -59.27 -20.88
C SER A 46 -10.44 -59.53 -19.98
N GLN A 47 -10.40 -58.96 -18.75
CA GLN A 47 -11.48 -59.09 -17.77
C GLN A 47 -12.58 -58.09 -18.07
N GLU A 48 -13.80 -58.60 -18.30
CA GLU A 48 -15.00 -57.82 -18.64
C GLU A 48 -15.37 -56.79 -17.57
N GLN A 49 -15.26 -57.16 -16.28
CA GLN A 49 -15.57 -56.24 -15.17
C GLN A 49 -14.36 -55.42 -14.69
N GLY A 50 -13.16 -55.84 -15.11
CA GLY A 50 -11.90 -55.19 -14.78
C GLY A 50 -11.62 -53.91 -15.55
N ARG A 51 -10.40 -53.39 -15.41
CA ARG A 51 -9.96 -52.16 -16.07
C ARG A 51 -9.27 -52.46 -17.39
N PHE A 52 -8.60 -53.62 -17.48
CA PHE A 52 -7.84 -54.05 -18.65
C PHE A 52 -8.70 -54.83 -19.64
N HIS A 53 -8.66 -54.44 -20.93
CA HIS A 53 -9.42 -55.07 -22.03
C HIS A 53 -8.53 -55.22 -23.25
N ILE A 54 -8.68 -56.36 -23.96
CA ILE A 54 -7.91 -56.62 -25.19
C ILE A 54 -8.89 -56.98 -26.32
N GLU A 55 -8.97 -56.11 -27.33
CA GLU A 55 -9.84 -56.29 -28.51
C GLU A 55 -8.98 -56.79 -29.68
N ASN A 56 -9.19 -58.06 -30.08
CA ASN A 56 -8.41 -58.67 -31.15
C ASN A 56 -9.22 -59.02 -32.40
N THR A 57 -8.65 -58.72 -33.59
CA THR A 57 -9.22 -59.06 -34.90
C THR A 57 -8.25 -60.05 -35.58
N ASP A 58 -8.43 -60.31 -36.88
CA ASP A 58 -7.54 -61.21 -37.61
C ASP A 58 -6.22 -60.52 -37.99
N ASP A 59 -6.19 -59.15 -37.95
CA ASP A 59 -5.04 -58.34 -38.33
C ASP A 59 -4.74 -57.20 -37.38
N LEU A 60 -5.46 -57.08 -36.25
CA LEU A 60 -5.24 -55.97 -35.31
C LEU A 60 -5.54 -56.27 -33.85
N THR A 61 -4.66 -55.83 -32.95
CA THR A 61 -4.80 -55.96 -31.51
C THR A 61 -4.92 -54.58 -30.86
N THR A 62 -5.83 -54.44 -29.89
CA THR A 62 -6.01 -53.17 -29.18
C THR A 62 -6.02 -53.36 -27.67
N LEU A 63 -5.04 -52.74 -26.99
CA LEU A 63 -4.92 -52.78 -25.55
C LEU A 63 -5.71 -51.61 -24.97
N ILE A 64 -6.58 -51.89 -23.99
CA ILE A 64 -7.41 -50.88 -23.33
C ILE A 64 -7.13 -50.90 -21.84
N ILE A 65 -6.71 -49.77 -21.28
CA ILE A 65 -6.51 -49.63 -19.83
C ILE A 65 -7.39 -48.48 -19.41
N MET A 66 -8.50 -48.79 -18.74
CA MET A 66 -9.46 -47.80 -18.30
C MET A 66 -9.04 -47.26 -16.95
N ASP A 67 -9.44 -46.00 -16.62
CA ASP A 67 -9.11 -45.35 -15.34
C ASP A 67 -7.67 -45.70 -14.92
N VAL A 68 -6.70 -45.32 -15.75
CA VAL A 68 -5.29 -45.58 -15.56
C VAL A 68 -4.79 -45.15 -14.17
N GLN A 69 -4.14 -46.07 -13.46
CA GLN A 69 -3.57 -45.84 -12.13
C GLN A 69 -2.06 -46.00 -12.19
N LYS A 70 -1.32 -45.29 -11.30
CA LYS A 70 0.15 -45.27 -11.28
C LYS A 70 0.83 -46.66 -11.43
N GLN A 71 0.25 -47.70 -10.78
CA GLN A 71 0.73 -49.09 -10.81
C GLN A 71 0.78 -49.72 -12.21
N ASP A 72 -0.08 -49.23 -13.13
CA ASP A 72 -0.18 -49.72 -14.52
C ASP A 72 1.04 -49.37 -15.35
N GLY A 73 1.81 -48.37 -14.91
CA GLY A 73 3.03 -47.96 -15.59
C GLY A 73 4.04 -49.10 -15.64
N GLY A 74 4.60 -49.33 -16.83
CA GLY A 74 5.58 -50.39 -17.03
C GLY A 74 5.86 -50.76 -18.47
N LEU A 75 6.66 -51.81 -18.66
CA LEU A 75 7.04 -52.29 -19.98
C LEU A 75 6.15 -53.44 -20.44
N TYR A 76 5.20 -53.11 -21.32
CA TYR A 76 4.23 -54.03 -21.88
C TYR A 76 4.78 -54.69 -23.12
N THR A 77 4.62 -56.03 -23.21
CA THR A 77 5.13 -56.81 -24.33
C THR A 77 4.01 -57.47 -25.11
N LEU A 78 3.85 -57.07 -26.38
CA LEU A 78 2.88 -57.68 -27.28
C LEU A 78 3.62 -58.83 -27.95
N SER A 79 3.07 -60.05 -27.86
CA SER A 79 3.73 -61.22 -28.44
C SER A 79 2.79 -62.11 -29.23
N LEU A 80 3.11 -62.26 -30.52
CA LEU A 80 2.37 -63.07 -31.47
C LEU A 80 3.09 -64.40 -31.65
N GLY A 81 2.34 -65.44 -31.99
CA GLY A 81 2.90 -66.77 -32.23
C GLY A 81 1.98 -67.68 -33.01
N ASN A 82 2.57 -68.44 -33.94
CA ASN A 82 1.83 -69.42 -34.74
C ASN A 82 2.71 -70.64 -35.05
N GLU A 83 2.22 -71.52 -35.93
CA GLU A 83 2.92 -72.74 -36.36
C GLU A 83 4.30 -72.44 -37.00
N PHE A 84 4.43 -71.26 -37.65
CA PHE A 84 5.63 -70.86 -38.41
C PHE A 84 6.61 -69.87 -37.74
N GLY A 85 6.35 -69.49 -36.50
CA GLY A 85 7.24 -68.58 -35.79
C GLY A 85 6.56 -67.70 -34.75
N SER A 86 7.28 -66.64 -34.33
CA SER A 86 6.83 -65.70 -33.32
C SER A 86 7.52 -64.34 -33.43
N ASP A 87 6.87 -63.29 -32.91
CA ASP A 87 7.40 -61.93 -32.85
C ASP A 87 6.95 -61.26 -31.55
N SER A 88 7.82 -60.42 -30.99
CA SER A 88 7.54 -59.68 -29.77
C SER A 88 8.00 -58.23 -29.92
N ALA A 89 7.29 -57.31 -29.27
CA ALA A 89 7.58 -55.88 -29.29
C ALA A 89 7.17 -55.27 -27.96
N THR A 90 7.87 -54.20 -27.55
CA THR A 90 7.58 -53.59 -26.26
C THR A 90 7.17 -52.15 -26.35
N VAL A 91 6.20 -51.78 -25.50
CA VAL A 91 5.67 -50.43 -25.32
C VAL A 91 5.83 -50.04 -23.87
N ASN A 92 6.62 -49.00 -23.64
CA ASN A 92 6.85 -48.49 -22.29
C ASN A 92 5.75 -47.48 -21.96
N ILE A 93 4.78 -47.90 -21.14
CA ILE A 93 3.66 -47.05 -20.73
C ILE A 93 4.06 -46.28 -19.45
N HIS A 94 3.97 -44.94 -19.53
CA HIS A 94 4.31 -44.04 -18.43
C HIS A 94 3.07 -43.36 -17.90
N ILE A 95 2.98 -43.19 -16.58
CA ILE A 95 1.84 -42.53 -15.94
C ILE A 95 2.29 -41.21 -15.33
N ARG A 96 1.46 -40.15 -15.47
CA ARG A 96 1.71 -38.81 -14.90
C ARG A 96 0.53 -38.31 -14.02
N SER A 97 0.79 -37.37 -13.09
CA SER A 97 -0.22 -36.78 -12.16
C SER A 97 -1.44 -36.16 -12.86
N SER B 1 -17.91 -37.17 -22.85
CA SER B 1 -18.83 -38.05 -23.55
C SER B 1 -18.17 -39.32 -24.16
N SER B 2 -17.02 -39.19 -24.89
CA SER B 2 -16.33 -40.34 -25.53
C SER B 2 -14.81 -40.22 -25.56
N ALA B 3 -14.10 -41.33 -25.29
CA ALA B 3 -12.64 -41.37 -25.37
C ALA B 3 -12.22 -41.50 -26.85
N PRO B 4 -11.01 -41.01 -27.27
CA PRO B 4 -10.64 -41.12 -28.69
C PRO B 4 -10.37 -42.54 -29.14
N ARG B 5 -10.73 -42.85 -30.39
CA ARG B 5 -10.53 -44.15 -31.01
C ARG B 5 -10.37 -44.02 -32.51
N PHE B 6 -9.47 -44.83 -33.06
CA PHE B 6 -9.18 -44.87 -34.49
C PHE B 6 -10.19 -45.74 -35.22
N LEU B 7 -10.86 -45.16 -36.20
CA LEU B 7 -11.82 -45.82 -37.06
C LEU B 7 -11.03 -46.50 -38.20
N THR B 8 -9.92 -45.84 -38.57
CA THR B 8 -8.95 -46.21 -39.57
C THR B 8 -7.59 -46.01 -38.92
N ARG B 9 -6.70 -47.01 -39.00
CA ARG B 9 -5.34 -46.88 -38.48
C ARG B 9 -4.51 -45.97 -39.42
N PRO B 10 -3.48 -45.22 -38.95
CA PRO B 10 -2.72 -44.37 -39.87
C PRO B 10 -2.20 -45.16 -41.06
N LYS B 11 -2.49 -44.67 -42.26
CA LYS B 11 -2.12 -45.30 -43.53
C LYS B 11 -1.33 -44.29 -44.35
N ALA B 12 -0.22 -44.73 -44.93
CA ALA B 12 0.60 -43.81 -45.72
C ALA B 12 0.31 -43.86 -47.22
N PHE B 13 0.28 -42.71 -47.89
CA PHE B 13 0.12 -42.63 -49.33
C PHE B 13 1.34 -41.95 -49.93
N VAL B 14 2.12 -42.72 -50.70
CA VAL B 14 3.35 -42.27 -51.32
C VAL B 14 3.23 -42.34 -52.82
N VAL B 15 3.69 -41.29 -53.51
CA VAL B 15 3.68 -41.32 -54.98
C VAL B 15 5.09 -41.73 -55.40
N SER B 16 6.08 -40.95 -54.96
CA SER B 16 7.52 -41.13 -55.20
C SER B 16 8.28 -40.19 -54.29
N VAL B 17 9.60 -40.26 -54.38
CA VAL B 17 10.54 -39.39 -53.67
C VAL B 17 10.43 -38.07 -54.43
N GLY B 18 10.46 -36.94 -53.71
CA GLY B 18 10.38 -35.63 -54.32
C GLY B 18 8.96 -35.13 -54.49
N LYS B 19 7.97 -36.02 -54.34
CA LYS B 19 6.54 -35.70 -54.40
C LYS B 19 5.99 -35.79 -52.98
N ASP B 20 4.91 -35.05 -52.66
CA ASP B 20 4.30 -35.09 -51.32
C ASP B 20 3.83 -36.50 -50.92
N ALA B 21 3.81 -36.77 -49.60
CA ALA B 21 3.36 -38.05 -49.04
C ALA B 21 2.43 -37.77 -47.87
N THR B 22 1.42 -38.63 -47.66
CA THR B 22 0.44 -38.37 -46.59
C THR B 22 0.18 -39.55 -45.70
N LEU B 23 0.20 -39.28 -44.40
CA LEU B 23 -0.12 -40.21 -43.34
C LEU B 23 -1.48 -39.72 -42.86
N SER B 24 -2.50 -40.54 -43.09
CA SER B 24 -3.87 -40.16 -42.79
C SER B 24 -4.62 -41.24 -42.03
N CYS B 25 -5.62 -40.83 -41.24
CA CYS B 25 -6.46 -41.71 -40.41
C CYS B 25 -7.79 -41.07 -40.01
N GLN B 26 -8.76 -41.92 -39.61
CA GLN B 26 -10.08 -41.49 -39.17
C GLN B 26 -10.21 -41.64 -37.64
N ILE B 27 -10.35 -40.51 -36.93
CA ILE B 27 -10.43 -40.53 -35.46
C ILE B 27 -11.71 -39.86 -34.92
N VAL B 28 -12.40 -40.58 -34.04
CA VAL B 28 -13.61 -40.09 -33.40
C VAL B 28 -13.38 -39.89 -31.91
N GLY B 29 -14.20 -39.03 -31.31
CA GLY B 29 -14.15 -38.72 -29.90
C GLY B 29 -14.98 -37.51 -29.55
N ASN B 30 -15.49 -37.47 -28.30
CA ASN B 30 -16.27 -36.35 -27.78
C ASN B 30 -15.77 -35.97 -26.38
N PRO B 31 -15.07 -34.82 -26.17
CA PRO B 31 -14.71 -33.75 -27.14
C PRO B 31 -13.87 -34.26 -28.30
N THR B 32 -13.94 -33.56 -29.45
CA THR B 32 -13.16 -33.99 -30.62
C THR B 32 -11.66 -34.04 -30.30
N PRO B 33 -10.97 -35.13 -30.66
CA PRO B 33 -9.56 -35.27 -30.29
C PRO B 33 -8.56 -34.32 -30.93
N GLN B 34 -7.50 -34.03 -30.16
CA GLN B 34 -6.32 -33.25 -30.56
C GLN B 34 -5.31 -34.30 -31.07
N VAL B 35 -4.85 -34.13 -32.32
CA VAL B 35 -3.92 -35.08 -32.88
C VAL B 35 -2.50 -34.57 -33.00
N SER B 36 -1.56 -35.34 -32.46
CA SER B 36 -0.14 -35.05 -32.45
C SER B 36 0.60 -36.22 -33.12
N TRP B 37 1.69 -35.94 -33.81
CA TRP B 37 2.49 -36.95 -34.50
C TRP B 37 3.95 -36.93 -34.05
N GLU B 38 4.56 -38.12 -33.98
CA GLU B 38 5.99 -38.23 -33.66
C GLU B 38 6.69 -39.28 -34.50
N LYS B 39 7.78 -38.88 -35.17
CA LYS B 39 8.61 -39.75 -35.99
C LYS B 39 9.80 -40.21 -35.13
N ASP B 40 9.84 -41.52 -34.84
CA ASP B 40 10.91 -42.18 -34.07
C ASP B 40 11.10 -41.50 -32.70
N GLN B 41 9.99 -41.35 -31.95
CA GLN B 41 9.94 -40.72 -30.61
C GLN B 41 10.32 -39.21 -30.56
N GLN B 42 10.56 -38.61 -31.73
CA GLN B 42 10.86 -37.19 -31.90
C GLN B 42 9.59 -36.52 -32.46
N PRO B 43 9.01 -35.53 -31.76
CA PRO B 43 7.78 -34.90 -32.26
C PRO B 43 7.94 -34.19 -33.59
N VAL B 44 6.87 -34.19 -34.39
CA VAL B 44 6.82 -33.55 -35.69
C VAL B 44 6.61 -32.03 -35.53
N ALA B 45 7.57 -31.25 -36.07
CA ALA B 45 7.52 -29.79 -36.08
C ALA B 45 6.95 -29.39 -37.44
N ALA B 46 5.74 -28.76 -37.43
CA ALA B 46 5.05 -28.31 -38.64
C ALA B 46 5.80 -27.14 -39.25
N GLY B 47 5.87 -27.12 -40.58
CA GLY B 47 6.54 -26.08 -41.32
C GLY B 47 6.97 -26.49 -42.70
N ALA B 48 8.30 -26.52 -42.91
CA ALA B 48 8.91 -26.86 -44.19
C ALA B 48 8.71 -28.32 -44.60
N ARG B 49 9.10 -29.24 -43.69
CA ARG B 49 9.01 -30.68 -43.93
C ARG B 49 7.58 -31.19 -43.82
N PHE B 50 6.87 -30.82 -42.74
CA PHE B 50 5.55 -31.33 -42.48
C PHE B 50 4.44 -30.31 -42.38
N ARG B 51 3.21 -30.73 -42.69
CA ARG B 51 1.98 -29.94 -42.61
C ARG B 51 0.84 -30.78 -42.08
N LEU B 52 0.16 -30.26 -41.05
CA LEU B 52 -0.94 -30.95 -40.40
C LEU B 52 -2.27 -30.32 -40.81
N ALA B 53 -3.31 -31.15 -41.00
CA ALA B 53 -4.66 -30.72 -41.41
C ALA B 53 -5.72 -31.76 -41.04
N GLN B 54 -6.99 -31.33 -40.95
CA GLN B 54 -8.10 -32.25 -40.64
C GLN B 54 -9.43 -31.83 -41.18
N ASP B 55 -10.09 -32.71 -41.97
CA ASP B 55 -11.42 -32.47 -42.53
C ASP B 55 -12.35 -33.38 -41.75
N GLY B 56 -13.10 -32.80 -40.81
CA GLY B 56 -14.00 -33.58 -39.95
C GLY B 56 -13.23 -34.62 -39.17
N ASP B 57 -13.70 -35.88 -39.17
CA ASP B 57 -13.00 -36.94 -38.43
C ASP B 57 -11.75 -37.48 -39.13
N LEU B 58 -11.36 -36.89 -40.28
CA LEU B 58 -10.17 -37.27 -41.04
C LEU B 58 -9.02 -36.39 -40.63
N TYR B 59 -7.94 -36.97 -40.12
CA TYR B 59 -6.73 -36.24 -39.69
C TYR B 59 -5.59 -36.63 -40.63
N ARG B 60 -4.79 -35.66 -41.09
CA ARG B 60 -3.74 -35.91 -42.06
C ARG B 60 -2.42 -35.13 -41.87
N LEU B 61 -1.31 -35.87 -41.86
CA LEU B 61 0.04 -35.33 -41.81
C LEU B 61 0.62 -35.43 -43.21
N THR B 62 0.99 -34.29 -43.81
CA THR B 62 1.58 -34.26 -45.17
C THR B 62 3.08 -34.04 -45.05
N ILE B 63 3.85 -34.92 -45.68
CA ILE B 63 5.30 -34.82 -45.70
C ILE B 63 5.64 -34.24 -47.08
N LEU B 64 6.04 -32.94 -47.13
CA LEU B 64 6.37 -32.26 -48.38
C LEU B 64 7.69 -32.80 -48.93
N ASP B 65 7.84 -32.80 -50.28
CA ASP B 65 9.04 -33.24 -51.00
C ASP B 65 9.71 -34.44 -50.27
N LEU B 66 9.03 -35.61 -50.33
CA LEU B 66 9.48 -36.84 -49.68
C LEU B 66 10.93 -37.16 -50.01
N ALA B 67 11.71 -37.47 -48.96
CA ALA B 67 13.13 -37.83 -49.06
C ALA B 67 13.36 -39.14 -48.34
N LEU B 68 14.51 -39.80 -48.57
CA LEU B 68 14.80 -41.04 -47.86
C LEU B 68 14.88 -40.82 -46.33
N GLY B 69 15.28 -39.64 -45.93
CA GLY B 69 15.37 -39.24 -44.53
C GLY B 69 14.06 -39.22 -43.78
N ASP B 70 12.92 -39.27 -44.50
CA ASP B 70 11.57 -39.27 -43.93
C ASP B 70 11.11 -40.66 -43.47
N SER B 71 11.89 -41.72 -43.76
CA SER B 71 11.61 -43.09 -43.34
C SER B 71 11.71 -43.20 -41.82
N GLY B 72 10.78 -43.96 -41.24
CA GLY B 72 10.73 -44.18 -39.80
C GLY B 72 9.37 -44.57 -39.27
N GLN B 73 9.30 -44.87 -37.97
CA GLN B 73 8.06 -45.25 -37.32
C GLN B 73 7.33 -43.98 -36.85
N TYR B 74 6.24 -43.67 -37.51
CA TYR B 74 5.43 -42.52 -37.19
C TYR B 74 4.34 -42.95 -36.19
N VAL B 75 4.14 -42.19 -35.09
CA VAL B 75 3.12 -42.50 -34.08
C VAL B 75 2.11 -41.37 -34.00
N CYS B 76 0.83 -41.72 -34.16
CA CYS B 76 -0.27 -40.76 -34.08
C CYS B 76 -0.90 -40.86 -32.69
N ARG B 77 -1.12 -39.70 -32.04
CA ARG B 77 -1.70 -39.63 -30.70
C ARG B 77 -2.93 -38.78 -30.69
N ALA B 78 -4.08 -39.42 -30.46
CA ALA B 78 -5.36 -38.73 -30.36
C ALA B 78 -5.66 -38.59 -28.89
N ARG B 79 -5.74 -37.35 -28.43
CA ARG B 79 -5.96 -37.01 -27.04
C ARG B 79 -7.17 -36.11 -26.83
N ASN B 80 -7.96 -36.40 -25.81
CA ASN B 80 -9.07 -35.57 -25.38
C ASN B 80 -9.20 -35.65 -23.85
N ALA B 81 -10.15 -34.89 -23.25
CA ALA B 81 -10.39 -34.83 -21.80
C ALA B 81 -10.65 -36.21 -21.12
N ILE B 82 -11.20 -37.17 -21.89
CA ILE B 82 -11.54 -38.53 -21.46
C ILE B 82 -10.37 -39.53 -21.59
N GLY B 83 -9.57 -39.40 -22.64
CA GLY B 83 -8.46 -40.33 -22.83
C GLY B 83 -7.53 -40.08 -23.99
N GLU B 84 -6.67 -41.07 -24.23
CA GLU B 84 -5.69 -41.09 -25.31
C GLU B 84 -5.79 -42.37 -26.12
N ALA B 85 -5.50 -42.25 -27.42
CA ALA B 85 -5.51 -43.35 -28.37
C ALA B 85 -4.26 -43.23 -29.18
N PHE B 86 -3.51 -44.33 -29.27
CA PHE B 86 -2.27 -44.39 -30.02
C PHE B 86 -2.36 -45.46 -31.08
N ALA B 87 -1.72 -45.17 -32.20
CA ALA B 87 -1.61 -46.06 -33.35
C ALA B 87 -0.40 -45.59 -34.15
N ALA B 88 0.35 -46.54 -34.71
CA ALA B 88 1.55 -46.20 -35.45
C ALA B 88 1.57 -46.70 -36.89
N VAL B 89 2.47 -46.15 -37.70
CA VAL B 89 2.67 -46.54 -39.09
C VAL B 89 4.15 -46.38 -39.48
N GLY B 90 4.70 -47.42 -40.10
CA GLY B 90 6.06 -47.42 -40.59
C GLY B 90 6.12 -46.91 -42.02
N LEU B 91 6.86 -45.82 -42.24
CA LEU B 91 7.04 -45.26 -43.58
C LEU B 91 8.44 -45.67 -44.07
N GLN B 92 8.52 -46.31 -45.24
CA GLN B 92 9.79 -46.73 -45.79
C GLN B 92 9.92 -46.29 -47.25
N VAL B 93 10.69 -45.20 -47.44
CA VAL B 93 10.95 -44.60 -48.74
C VAL B 93 12.33 -45.00 -49.27
N GLY C 1 26.74 -72.37 -79.88
CA GLY C 1 26.91 -72.15 -78.45
C GLY C 1 26.82 -70.70 -78.03
N ILE C 2 26.29 -70.43 -76.82
CA ILE C 2 26.12 -69.07 -76.28
C ILE C 2 26.70 -68.98 -74.85
N PRO C 3 27.64 -68.01 -74.57
CA PRO C 3 28.14 -67.87 -73.20
C PRO C 3 27.08 -67.23 -72.29
N PRO C 4 27.10 -67.48 -70.96
CA PRO C 4 26.05 -66.90 -70.12
C PRO C 4 26.26 -65.43 -69.81
N LYS C 5 25.14 -64.71 -69.57
CA LYS C 5 25.14 -63.30 -69.19
C LYS C 5 24.03 -63.00 -68.19
N ILE C 6 24.36 -62.34 -67.07
CA ILE C 6 23.39 -61.90 -66.07
C ILE C 6 22.74 -60.66 -66.66
N GLU C 7 21.43 -60.70 -66.89
CA GLU C 7 20.67 -59.61 -67.51
C GLU C 7 20.66 -58.33 -66.67
N ALA C 8 20.06 -58.37 -65.47
CA ALA C 8 20.00 -57.21 -64.58
C ALA C 8 19.66 -57.62 -63.17
N LEU C 9 20.63 -57.39 -62.27
CA LEU C 9 20.53 -57.71 -60.85
C LEU C 9 20.81 -56.42 -60.05
N PRO C 10 19.93 -56.06 -59.08
CA PRO C 10 20.17 -54.83 -58.31
C PRO C 10 21.51 -54.81 -57.56
N SER C 11 22.09 -53.61 -57.42
CA SER C 11 23.37 -53.37 -56.75
C SER C 11 23.19 -53.55 -55.24
N ASP C 12 22.24 -52.79 -54.66
CA ASP C 12 21.89 -52.81 -53.23
C ASP C 12 20.37 -52.92 -53.06
N ILE C 13 19.94 -53.72 -52.08
CA ILE C 13 18.54 -53.90 -51.71
C ILE C 13 18.46 -53.93 -50.19
N SER C 14 17.37 -53.41 -49.61
CA SER C 14 17.18 -53.39 -48.16
C SER C 14 15.82 -53.97 -47.81
N ILE C 15 15.74 -54.66 -46.67
CA ILE C 15 14.50 -55.27 -46.18
C ILE C 15 14.48 -55.27 -44.64
N ASP C 16 13.27 -55.25 -44.05
CA ASP C 16 13.11 -55.28 -42.60
C ASP C 16 13.12 -56.74 -42.12
N GLU C 17 13.62 -56.99 -40.90
CA GLU C 17 13.67 -58.29 -40.21
C GLU C 17 12.27 -58.92 -40.09
N GLY C 18 12.13 -60.17 -40.49
CA GLY C 18 10.87 -60.92 -40.39
C GLY C 18 10.02 -60.97 -41.64
N LYS C 19 10.40 -60.20 -42.66
CA LYS C 19 9.68 -60.18 -43.94
C LYS C 19 10.34 -61.17 -44.93
N VAL C 20 9.65 -61.43 -46.05
CA VAL C 20 10.15 -62.34 -47.09
C VAL C 20 10.85 -61.51 -48.17
N LEU C 21 12.02 -61.96 -48.61
CA LEU C 21 12.77 -61.27 -49.65
C LEU C 21 12.80 -62.08 -50.94
N THR C 22 12.54 -61.42 -52.08
CA THR C 22 12.53 -62.01 -53.41
C THR C 22 13.43 -61.20 -54.33
N VAL C 23 14.40 -61.86 -54.97
CA VAL C 23 15.30 -61.22 -55.92
C VAL C 23 15.21 -62.01 -57.22
N ALA C 24 14.54 -61.44 -58.23
CA ALA C 24 14.41 -62.12 -59.50
C ALA C 24 15.39 -61.56 -60.53
N CYS C 25 16.15 -62.47 -61.13
CA CYS C 25 17.13 -62.11 -62.14
C CYS C 25 17.05 -62.99 -63.37
N ALA C 26 17.03 -62.37 -64.56
CA ALA C 26 16.98 -63.11 -65.81
C ALA C 26 18.40 -63.36 -66.31
N PHE C 27 18.58 -64.38 -67.18
CA PHE C 27 19.89 -64.72 -67.73
C PHE C 27 19.81 -65.38 -69.11
N THR C 28 20.90 -65.27 -69.85
CA THR C 28 21.04 -65.86 -71.19
C THR C 28 22.09 -66.98 -71.13
N GLY C 29 22.19 -67.76 -72.20
CA GLY C 29 23.15 -68.85 -72.28
C GLY C 29 22.58 -70.17 -72.76
N GLU C 30 23.28 -70.78 -73.74
CA GLU C 30 22.96 -72.08 -74.31
C GLU C 30 24.28 -72.89 -74.41
N PRO C 31 24.40 -74.07 -73.76
CA PRO C 31 23.38 -74.76 -72.95
C PRO C 31 23.08 -73.99 -71.67
N THR C 32 21.89 -74.24 -71.07
CA THR C 32 21.43 -73.55 -69.86
C THR C 32 22.51 -73.55 -68.79
N PRO C 33 22.97 -72.36 -68.31
CA PRO C 33 24.09 -72.35 -67.34
C PRO C 33 23.75 -72.79 -65.92
N GLU C 34 24.78 -73.17 -65.15
CA GLU C 34 24.60 -73.60 -63.77
C GLU C 34 24.46 -72.34 -62.91
N VAL C 35 23.31 -72.17 -62.27
CA VAL C 35 23.03 -71.03 -61.40
C VAL C 35 23.59 -71.31 -60.02
N THR C 36 24.48 -70.44 -59.52
CA THR C 36 25.11 -70.57 -58.20
C THR C 36 25.05 -69.28 -57.37
N TRP C 37 24.18 -69.27 -56.36
CA TRP C 37 24.06 -68.13 -55.44
C TRP C 37 25.00 -68.38 -54.28
N SER C 38 25.81 -67.37 -53.90
CA SER C 38 26.77 -67.50 -52.80
C SER C 38 26.90 -66.23 -51.96
N CYS C 39 27.21 -66.39 -50.69
CA CYS C 39 27.39 -65.28 -49.77
C CYS C 39 28.55 -65.56 -48.85
N GLY C 40 29.53 -64.66 -48.85
CA GLY C 40 30.75 -64.79 -48.05
C GLY C 40 31.58 -66.01 -48.38
N GLY C 41 31.57 -66.40 -49.67
CA GLY C 41 32.28 -67.55 -50.20
C GLY C 41 31.56 -68.88 -50.00
N ARG C 42 30.39 -68.86 -49.34
CA ARG C 42 29.59 -70.05 -49.04
C ARG C 42 28.38 -70.09 -49.96
N LYS C 43 28.20 -71.20 -50.69
CA LYS C 43 27.10 -71.40 -51.62
C LYS C 43 25.75 -71.52 -50.89
N ILE C 44 24.70 -70.83 -51.41
CA ILE C 44 23.30 -70.87 -50.89
C ILE C 44 22.61 -72.14 -51.44
N HIS C 45 22.02 -72.93 -50.53
CA HIS C 45 21.33 -74.16 -50.89
C HIS C 45 19.84 -74.08 -50.59
N SER C 46 19.02 -74.38 -51.62
CA SER C 46 17.58 -74.37 -51.50
C SER C 46 17.16 -75.57 -50.64
N GLN C 47 17.01 -75.30 -49.33
CA GLN C 47 16.60 -76.29 -48.32
C GLN C 47 15.09 -76.11 -48.10
N GLU C 48 14.32 -77.21 -48.24
CA GLU C 48 12.87 -77.19 -48.04
C GLU C 48 12.48 -76.87 -46.57
N GLN C 49 13.23 -77.46 -45.60
CA GLN C 49 13.01 -77.27 -44.17
C GLN C 49 13.78 -76.05 -43.59
N GLY C 50 14.35 -75.23 -44.47
CA GLY C 50 15.04 -74.00 -44.11
C GLY C 50 14.25 -72.74 -44.41
N ARG C 51 14.97 -71.61 -44.49
CA ARG C 51 14.46 -70.25 -44.79
C ARG C 51 14.83 -69.81 -46.22
N PHE C 52 15.99 -70.26 -46.71
CA PHE C 52 16.52 -69.92 -48.03
C PHE C 52 16.02 -70.86 -49.10
N HIS C 53 15.50 -70.29 -50.20
CA HIS C 53 15.01 -71.02 -51.36
C HIS C 53 15.52 -70.37 -52.66
N ILE C 54 15.82 -71.21 -53.69
CA ILE C 54 16.26 -70.76 -55.01
C ILE C 54 15.39 -71.43 -56.09
N GLU C 55 14.58 -70.62 -56.78
CA GLU C 55 13.68 -71.06 -57.85
C GLU C 55 14.33 -70.73 -59.19
N ASN C 56 14.76 -71.77 -59.93
CA ASN C 56 15.44 -71.59 -61.20
C ASN C 56 14.66 -72.14 -62.41
N THR C 57 14.63 -71.36 -63.50
CA THR C 57 14.03 -71.75 -64.78
C THR C 57 15.17 -71.82 -65.83
N ASP C 58 14.84 -71.93 -67.13
CA ASP C 58 15.85 -71.96 -68.19
C ASP C 58 16.40 -70.55 -68.49
N ASP C 59 15.68 -69.50 -68.06
CA ASP C 59 16.04 -68.10 -68.30
C ASP C 59 15.90 -67.18 -67.09
N LEU C 60 15.56 -67.71 -65.90
CA LEU C 60 15.37 -66.88 -64.71
C LEU C 60 15.68 -67.55 -63.37
N THR C 61 16.38 -66.81 -62.48
CA THR C 61 16.74 -67.25 -61.13
C THR C 61 16.05 -66.37 -60.08
N THR C 62 15.51 -66.99 -59.03
CA THR C 62 14.85 -66.24 -57.96
C THR C 62 15.34 -66.65 -56.59
N LEU C 63 15.94 -65.70 -55.87
CA LEU C 63 16.44 -65.92 -54.51
C LEU C 63 15.32 -65.59 -53.53
N ILE C 64 15.04 -66.52 -52.60
CA ILE C 64 13.99 -66.36 -51.58
C ILE C 64 14.61 -66.50 -50.20
N ILE C 65 14.45 -65.46 -49.37
CA ILE C 65 14.91 -65.49 -47.98
C ILE C 65 13.66 -65.19 -47.14
N MET C 66 13.13 -66.21 -46.49
CA MET C 66 11.91 -66.09 -45.67
C MET C 66 12.29 -65.66 -44.27
N ASP C 67 11.38 -64.98 -43.55
CA ASP C 67 11.62 -64.48 -42.17
C ASP C 67 13.07 -64.00 -42.01
N VAL C 68 13.42 -62.97 -42.79
CA VAL C 68 14.75 -62.36 -42.85
C VAL C 68 15.28 -61.99 -41.46
N GLN C 69 16.50 -62.45 -41.12
CA GLN C 69 17.18 -62.19 -39.87
C GLN C 69 18.46 -61.40 -40.13
N LYS C 70 18.88 -60.56 -39.17
CA LYS C 70 20.06 -59.70 -39.28
C LYS C 70 21.31 -60.35 -39.90
N GLN C 71 21.58 -61.63 -39.53
CA GLN C 71 22.72 -62.42 -40.03
C GLN C 71 22.73 -62.63 -41.56
N ASP C 72 21.54 -62.58 -42.21
CA ASP C 72 21.36 -62.77 -43.65
C ASP C 72 21.90 -61.59 -44.45
N GLY C 73 22.10 -60.44 -43.81
CA GLY C 73 22.66 -59.26 -44.46
C GLY C 73 24.06 -59.53 -44.94
N GLY C 74 24.34 -59.15 -46.18
CA GLY C 74 25.64 -59.35 -46.79
C GLY C 74 25.71 -59.19 -48.29
N LEU C 75 26.88 -59.52 -48.86
CA LEU C 75 27.10 -59.41 -50.29
C LEU C 75 26.90 -60.75 -50.98
N TYR C 76 25.73 -60.89 -51.64
CA TYR C 76 25.32 -62.08 -52.36
C TYR C 76 25.82 -62.03 -53.79
N THR C 77 26.41 -63.15 -54.26
CA THR C 77 26.97 -63.25 -55.61
C THR C 77 26.26 -64.31 -56.45
N LEU C 78 25.56 -63.85 -57.52
CA LEU C 78 24.90 -64.74 -58.46
C LEU C 78 25.92 -65.06 -59.53
N SER C 79 26.19 -66.36 -59.74
CA SER C 79 27.19 -66.77 -60.74
C SER C 79 26.71 -67.88 -61.66
N LEU C 80 26.69 -67.57 -62.97
CA LEU C 80 26.31 -68.49 -64.04
C LEU C 80 27.59 -69.06 -64.68
N GLY C 81 27.49 -70.26 -65.21
CA GLY C 81 28.62 -70.91 -65.86
C GLY C 81 28.19 -72.02 -66.78
N ASN C 82 28.85 -72.10 -67.94
CA ASN C 82 28.61 -73.14 -68.92
C ASN C 82 29.90 -73.51 -69.65
N GLU C 83 29.76 -74.34 -70.67
CA GLU C 83 30.84 -74.83 -71.52
C GLU C 83 31.58 -73.68 -72.25
N PHE C 84 30.85 -72.57 -72.54
CA PHE C 84 31.34 -71.41 -73.31
C PHE C 84 31.72 -70.13 -72.54
N GLY C 85 31.57 -70.12 -71.23
CA GLY C 85 31.93 -68.95 -70.44
C GLY C 85 31.26 -68.91 -69.09
N SER C 86 31.40 -67.77 -68.42
CA SER C 86 30.82 -67.52 -67.10
C SER C 86 30.58 -66.02 -66.86
N ASP C 87 29.61 -65.71 -65.98
CA ASP C 87 29.29 -64.36 -65.57
C ASP C 87 28.92 -64.32 -64.07
N SER C 88 29.28 -63.23 -63.38
CA SER C 88 28.98 -63.04 -61.96
C SER C 88 28.50 -61.62 -61.72
N ALA C 89 27.64 -61.45 -60.70
CA ALA C 89 27.09 -60.15 -60.32
C ALA C 89 26.80 -60.17 -58.82
N THR C 90 26.87 -59.00 -58.17
CA THR C 90 26.64 -58.93 -56.72
C THR C 90 25.48 -58.05 -56.33
N VAL C 91 24.73 -58.50 -55.30
CA VAL C 91 23.62 -57.79 -54.69
C VAL C 91 23.90 -57.64 -53.19
N ASN C 92 24.01 -56.41 -52.74
CA ASN C 92 24.27 -56.13 -51.35
C ASN C 92 22.93 -56.05 -50.61
N ILE C 93 22.60 -57.10 -49.86
CA ILE C 93 21.36 -57.17 -49.10
C ILE C 93 21.59 -56.57 -47.70
N HIS C 94 20.81 -55.57 -47.35
CA HIS C 94 20.88 -54.87 -46.07
C HIS C 94 19.65 -55.19 -45.23
N ILE C 95 19.85 -55.40 -43.92
CA ILE C 95 18.74 -55.69 -43.01
C ILE C 95 18.50 -54.50 -42.06
N ARG C 96 17.23 -54.18 -41.78
CA ARG C 96 16.84 -53.09 -40.87
C ARG C 96 15.87 -53.58 -39.77
N SER C 97 15.83 -52.87 -38.60
CA SER C 97 14.99 -53.20 -37.43
C SER C 97 13.49 -53.33 -37.74
N SER D 1 -1.71 -62.19 -46.16
CA SER D 1 -2.12 -63.27 -47.03
C SER D 1 -1.05 -63.73 -48.07
N SER D 2 -0.41 -62.80 -48.83
CA SER D 2 0.61 -63.16 -49.85
C SER D 2 1.75 -62.15 -49.96
N ALA D 3 3.01 -62.66 -50.11
CA ALA D 3 4.19 -61.80 -50.32
C ALA D 3 4.21 -61.34 -51.79
N PRO D 4 4.80 -60.15 -52.13
CA PRO D 4 4.82 -59.72 -53.54
C PRO D 4 5.69 -60.61 -54.42
N ARG D 5 5.22 -60.84 -55.65
CA ARG D 5 5.94 -61.60 -56.66
C ARG D 5 5.68 -61.05 -58.05
N PHE D 6 6.68 -61.14 -58.91
CA PHE D 6 6.60 -60.70 -60.28
C PHE D 6 6.01 -61.82 -61.15
N LEU D 7 4.92 -61.52 -61.84
CA LEU D 7 4.35 -62.47 -62.78
C LEU D 7 5.14 -62.35 -64.10
N THR D 8 5.47 -61.08 -64.45
CA THR D 8 6.24 -60.61 -65.59
C THR D 8 7.36 -59.76 -65.01
N ARG D 9 8.60 -59.98 -65.46
CA ARG D 9 9.75 -59.18 -65.03
C ARG D 9 9.70 -57.80 -65.72
N PRO D 10 10.23 -56.69 -65.13
CA PRO D 10 10.16 -55.40 -65.81
C PRO D 10 10.73 -55.48 -67.22
N LYS D 11 9.92 -55.05 -68.20
CA LYS D 11 10.23 -55.07 -69.63
C LYS D 11 10.13 -53.66 -70.17
N ALA D 12 11.14 -53.23 -70.93
CA ALA D 12 11.13 -51.88 -71.46
C ALA D 12 10.59 -51.80 -72.88
N PHE D 13 9.74 -50.80 -73.15
CA PHE D 13 9.21 -50.56 -74.48
C PHE D 13 9.67 -49.20 -74.97
N VAL D 14 10.51 -49.20 -76.00
CA VAL D 14 11.10 -47.99 -76.56
C VAL D 14 10.67 -47.84 -78.00
N VAL D 15 10.26 -46.63 -78.40
CA VAL D 15 9.90 -46.39 -79.79
C VAL D 15 11.16 -45.79 -80.45
N SER D 16 11.61 -44.66 -79.87
CA SER D 16 12.79 -43.90 -80.29
C SER D 16 13.10 -42.88 -79.21
N VAL D 17 14.19 -42.13 -79.43
CA VAL D 17 14.65 -41.04 -78.58
C VAL D 17 13.65 -39.90 -78.90
N GLY D 18 13.25 -39.15 -77.89
CA GLY D 18 12.30 -38.05 -78.06
C GLY D 18 10.86 -38.47 -77.95
N LYS D 19 10.59 -39.78 -77.98
CA LYS D 19 9.26 -40.37 -77.80
C LYS D 19 9.23 -41.01 -76.43
N ASP D 20 8.04 -41.13 -75.80
CA ASP D 20 7.90 -41.78 -74.49
C ASP D 20 8.38 -43.25 -74.49
N ALA D 21 8.85 -43.72 -73.33
CA ALA D 21 9.33 -45.09 -73.14
C ALA D 21 8.73 -45.64 -71.86
N THR D 22 8.44 -46.95 -71.82
CA THR D 22 7.80 -47.54 -70.65
C THR D 22 8.46 -48.80 -70.14
N LEU D 23 8.65 -48.81 -68.83
CA LEU D 23 9.14 -49.94 -68.07
C LEU D 23 7.90 -50.46 -67.35
N SER D 24 7.47 -51.67 -67.74
CA SER D 24 6.23 -52.26 -67.23
C SER D 24 6.40 -53.68 -66.77
N CYS D 25 5.54 -54.12 -65.83
CA CYS D 25 5.54 -55.46 -65.24
C CYS D 25 4.22 -55.81 -64.53
N GLN D 26 4.01 -57.12 -64.31
CA GLN D 26 2.85 -57.65 -63.63
C GLN D 26 3.27 -58.13 -62.24
N ILE D 27 2.73 -57.49 -61.20
CA ILE D 27 3.07 -57.77 -59.80
C ILE D 27 1.81 -58.11 -59.01
N VAL D 28 1.86 -59.24 -58.31
CA VAL D 28 0.75 -59.66 -57.49
C VAL D 28 1.15 -59.74 -56.02
N GLY D 29 0.17 -59.64 -55.12
CA GLY D 29 0.37 -59.67 -53.67
C GLY D 29 -0.85 -59.28 -52.87
N ASN D 30 -0.98 -59.84 -51.64
CA ASN D 30 -2.08 -59.54 -50.73
C ASN D 30 -1.54 -59.24 -49.33
N PRO D 31 -1.56 -57.97 -48.83
CA PRO D 31 -2.12 -56.74 -49.43
C PRO D 31 -1.49 -56.38 -50.77
N THR D 32 -2.22 -55.64 -51.62
CA THR D 32 -1.71 -55.27 -52.95
C THR D 32 -0.41 -54.49 -52.85
N PRO D 33 0.61 -54.87 -53.64
CA PRO D 33 1.94 -54.25 -53.48
C PRO D 33 2.10 -52.79 -53.85
N GLN D 34 2.98 -52.08 -53.08
CA GLN D 34 3.39 -50.70 -53.33
C GLN D 34 4.63 -50.80 -54.24
N VAL D 35 4.60 -50.13 -55.39
CA VAL D 35 5.72 -50.19 -56.29
C VAL D 35 6.54 -48.91 -56.37
N SER D 36 7.85 -49.06 -56.17
CA SER D 36 8.84 -47.99 -56.19
C SER D 36 9.91 -48.33 -57.23
N TRP D 37 10.48 -47.31 -57.87
CA TRP D 37 11.51 -47.50 -58.89
C TRP D 37 12.79 -46.73 -58.58
N GLU D 38 13.96 -47.30 -58.93
CA GLU D 38 15.23 -46.61 -58.79
C GLU D 38 16.17 -46.81 -59.99
N LYS D 39 16.66 -45.71 -60.58
CA LYS D 39 17.61 -45.74 -61.70
C LYS D 39 19.02 -45.54 -61.12
N ASP D 40 19.86 -46.59 -61.25
CA ASP D 40 21.25 -46.62 -60.80
C ASP D 40 21.36 -46.24 -59.33
N GLN D 41 20.58 -46.94 -58.48
CA GLN D 41 20.52 -46.76 -57.02
C GLN D 41 19.98 -45.39 -56.52
N GLN D 42 19.53 -44.55 -57.46
CA GLN D 42 18.95 -43.24 -57.20
C GLN D 42 17.45 -43.37 -57.41
N PRO D 43 16.60 -43.10 -56.39
CA PRO D 43 15.16 -43.25 -56.57
C PRO D 43 14.57 -42.32 -57.61
N VAL D 44 13.52 -42.80 -58.28
CA VAL D 44 12.82 -42.07 -59.33
C VAL D 44 11.88 -41.04 -58.71
N ALA D 45 12.07 -39.75 -59.08
CA ALA D 45 11.24 -38.64 -58.65
C ALA D 45 10.24 -38.40 -59.79
N ALA D 46 8.94 -38.63 -59.52
CA ALA D 46 7.85 -38.47 -60.48
C ALA D 46 7.65 -37.00 -60.80
N GLY D 47 7.36 -36.70 -62.05
CA GLY D 47 7.15 -35.33 -62.51
C GLY D 47 7.41 -35.15 -63.99
N ALA D 48 8.43 -34.34 -64.31
CA ALA D 48 8.77 -34.01 -65.69
C ALA D 48 9.35 -35.18 -66.48
N ARG D 49 10.39 -35.83 -65.92
CA ARG D 49 11.07 -36.96 -66.56
C ARG D 49 10.24 -38.23 -66.48
N PHE D 50 9.74 -38.57 -65.28
CA PHE D 50 9.02 -39.82 -65.07
C PHE D 50 7.61 -39.70 -64.56
N ARG D 51 6.78 -40.71 -64.87
CA ARG D 51 5.38 -40.83 -64.46
C ARG D 51 5.05 -42.27 -64.10
N LEU D 52 4.47 -42.45 -62.93
CA LEU D 52 4.14 -43.78 -62.41
C LEU D 52 2.63 -43.99 -62.54
N ALA D 53 2.22 -45.21 -62.91
CA ALA D 53 0.79 -45.59 -63.07
C ALA D 53 0.61 -47.10 -62.94
N GLN D 54 -0.61 -47.54 -62.59
CA GLN D 54 -0.93 -48.96 -62.45
C GLN D 54 -2.38 -49.27 -62.70
N ASP D 55 -2.64 -50.17 -63.66
CA ASP D 55 -3.97 -50.65 -64.01
C ASP D 55 -4.06 -52.07 -63.47
N GLY D 56 -4.73 -52.23 -62.34
CA GLY D 56 -4.84 -53.52 -61.70
C GLY D 56 -3.47 -54.05 -61.32
N ASP D 57 -3.18 -55.33 -61.64
CA ASP D 57 -1.88 -55.90 -61.31
C ASP D 57 -0.72 -55.48 -62.27
N LEU D 58 -1.02 -54.56 -63.22
CA LEU D 58 -0.04 -54.01 -64.17
C LEU D 58 0.52 -52.73 -63.63
N TYR D 59 1.84 -52.67 -63.40
CA TYR D 59 2.54 -51.48 -62.88
C TYR D 59 3.46 -50.92 -63.98
N ARG D 60 3.46 -49.60 -64.18
CA ARG D 60 4.21 -48.99 -65.27
C ARG D 60 4.89 -47.64 -64.95
N LEU D 61 6.19 -47.55 -65.28
CA LEU D 61 6.97 -46.33 -65.15
C LEU D 61 7.15 -45.79 -66.56
N THR D 62 6.68 -44.57 -66.83
CA THR D 62 6.80 -43.94 -68.15
C THR D 62 7.92 -42.90 -68.11
N ILE D 63 8.88 -43.01 -69.04
CA ILE D 63 9.96 -42.05 -69.16
C ILE D 63 9.56 -41.13 -70.33
N LEU D 64 9.17 -39.89 -70.02
CA LEU D 64 8.76 -38.90 -71.02
C LEU D 64 9.97 -38.44 -71.82
N ASP D 65 9.76 -38.09 -73.13
CA ASP D 65 10.77 -37.60 -74.06
C ASP D 65 12.14 -38.28 -73.79
N LEU D 66 12.22 -39.59 -74.15
CA LEU D 66 13.42 -40.40 -73.95
C LEU D 66 14.67 -39.73 -74.49
N ALA D 67 15.72 -39.71 -73.67
CA ALA D 67 17.02 -39.15 -74.01
C ALA D 67 18.10 -40.18 -73.72
N LEU D 68 19.32 -39.97 -74.23
CA LEU D 68 20.41 -40.90 -73.97
C LEU D 68 20.75 -40.96 -72.47
N GLY D 69 20.52 -39.86 -71.76
CA GLY D 69 20.73 -39.75 -70.33
C GLY D 69 19.84 -40.64 -69.48
N ASP D 70 18.79 -41.24 -70.08
CA ASP D 70 17.86 -42.13 -69.40
C ASP D 70 18.36 -43.59 -69.32
N SER D 71 19.49 -43.89 -70.00
CA SER D 71 20.11 -45.22 -69.98
C SER D 71 20.60 -45.53 -68.57
N GLY D 72 20.38 -46.77 -68.14
CA GLY D 72 20.79 -47.22 -66.82
C GLY D 72 20.03 -48.43 -66.32
N GLN D 73 20.45 -48.96 -65.16
CA GLN D 73 19.83 -50.12 -64.55
C GLN D 73 18.68 -49.65 -63.66
N TYR D 74 17.45 -49.96 -64.07
CA TYR D 74 16.27 -49.57 -63.31
C TYR D 74 15.81 -50.75 -62.47
N VAL D 75 15.55 -50.50 -61.17
CA VAL D 75 15.07 -51.51 -60.24
C VAL D 75 13.62 -51.22 -59.84
N CYS D 76 12.76 -52.25 -59.94
CA CYS D 76 11.39 -52.21 -59.49
C CYS D 76 11.33 -52.94 -58.13
N ARG D 77 10.75 -52.25 -57.12
CA ARG D 77 10.60 -52.80 -55.78
C ARG D 77 9.13 -52.90 -55.40
N ALA D 78 8.64 -54.13 -55.30
CA ALA D 78 7.27 -54.42 -54.89
C ALA D 78 7.34 -54.77 -53.41
N ARG D 79 6.68 -53.94 -52.60
CA ARG D 79 6.69 -54.08 -51.15
C ARG D 79 5.27 -54.13 -50.60
N ASN D 80 5.06 -55.02 -49.61
CA ASN D 80 3.81 -55.14 -48.87
C ASN D 80 4.13 -55.57 -47.44
N ALA D 81 3.11 -55.69 -46.58
CA ALA D 81 3.27 -56.07 -45.17
C ALA D 81 3.99 -57.40 -44.94
N ILE D 82 3.89 -58.34 -45.91
CA ILE D 82 4.48 -59.68 -45.85
C ILE D 82 5.95 -59.73 -46.33
N GLY D 83 6.30 -58.90 -47.30
CA GLY D 83 7.67 -58.85 -47.80
C GLY D 83 7.95 -57.93 -48.96
N GLU D 84 9.13 -58.16 -49.59
CA GLU D 84 9.64 -57.39 -50.72
C GLU D 84 10.05 -58.31 -51.88
N ALA D 85 9.88 -57.79 -53.09
CA ALA D 85 10.24 -58.46 -54.34
C ALA D 85 10.95 -57.44 -55.19
N PHE D 86 12.12 -57.82 -55.68
CA PHE D 86 12.97 -56.95 -56.49
C PHE D 86 13.20 -57.63 -57.81
N ALA D 87 13.12 -56.82 -58.87
CA ALA D 87 13.39 -57.21 -60.23
C ALA D 87 13.77 -55.95 -60.98
N ALA D 88 14.92 -55.99 -61.63
CA ALA D 88 15.52 -54.91 -62.41
C ALA D 88 15.44 -55.14 -63.94
N VAL D 89 15.83 -54.10 -64.71
CA VAL D 89 15.86 -54.03 -66.18
C VAL D 89 16.83 -52.93 -66.64
N GLY D 90 17.71 -53.30 -67.56
CA GLY D 90 18.69 -52.40 -68.14
C GLY D 90 18.13 -51.72 -69.37
N LEU D 91 18.06 -50.38 -69.33
CA LEU D 91 17.59 -49.59 -70.45
C LEU D 91 18.83 -48.99 -71.16
N GLN D 92 18.98 -49.24 -72.46
CA GLN D 92 20.11 -48.71 -73.21
C GLN D 92 19.60 -48.02 -74.48
N VAL D 93 19.58 -46.68 -74.42
CA VAL D 93 19.10 -45.81 -75.50
C VAL D 93 20.28 -45.22 -76.28
N GLY E 1 58.36 -53.55 -12.02
CA GLY E 1 58.46 -53.45 -10.56
C GLY E 1 58.48 -52.02 -10.06
N ILE E 2 57.95 -51.79 -8.84
CA ILE E 2 57.87 -50.46 -8.19
C ILE E 2 58.44 -50.49 -6.76
N PRO E 3 59.43 -49.62 -6.42
CA PRO E 3 59.91 -49.57 -5.02
C PRO E 3 58.88 -48.90 -4.10
N PRO E 4 58.83 -49.20 -2.79
CA PRO E 4 57.81 -48.57 -1.94
C PRO E 4 58.11 -47.14 -1.55
N LYS E 5 57.04 -46.37 -1.28
CA LYS E 5 57.12 -44.99 -0.84
C LYS E 5 55.98 -44.66 0.13
N ILE E 6 56.34 -44.07 1.29
CA ILE E 6 55.36 -43.64 2.29
C ILE E 6 54.81 -42.33 1.75
N GLU E 7 53.48 -42.29 1.49
CA GLU E 7 52.79 -41.14 0.91
C GLU E 7 52.84 -39.90 1.81
N ALA E 8 52.21 -39.96 3.00
CA ALA E 8 52.17 -38.84 3.94
C ALA E 8 51.79 -39.32 5.31
N LEU E 9 52.76 -39.21 6.23
CA LEU E 9 52.63 -39.59 7.63
C LEU E 9 52.96 -38.34 8.49
N PRO E 10 52.08 -37.97 9.45
CA PRO E 10 52.38 -36.80 10.29
C PRO E 10 53.70 -36.88 11.05
N SER E 11 54.32 -35.72 11.26
CA SER E 11 55.60 -35.56 11.97
C SER E 11 55.38 -35.82 13.46
N ASP E 12 54.47 -35.03 14.07
CA ASP E 12 54.08 -35.10 15.50
C ASP E 12 52.57 -35.14 15.63
N ILE E 13 52.09 -35.95 16.56
CA ILE E 13 50.67 -36.09 16.89
C ILE E 13 50.56 -36.19 18.41
N SER E 14 49.50 -35.64 18.98
CA SER E 14 49.28 -35.64 20.42
C SER E 14 47.88 -36.15 20.73
N ILE E 15 47.75 -36.88 21.84
CA ILE E 15 46.48 -37.45 22.30
C ILE E 15 46.44 -37.53 23.82
N ASP E 16 45.25 -37.45 24.42
CA ASP E 16 45.06 -37.54 25.86
C ASP E 16 44.99 -39.02 26.29
N GLU E 17 45.40 -39.32 27.54
CA GLU E 17 45.33 -40.66 28.13
C GLU E 17 43.89 -41.23 28.08
N GLY E 18 43.77 -42.52 27.77
CA GLY E 18 42.49 -43.22 27.77
C GLY E 18 41.66 -43.15 26.50
N LYS E 19 42.08 -42.33 25.54
CA LYS E 19 41.39 -42.21 24.26
C LYS E 19 41.99 -43.20 23.21
N VAL E 20 41.30 -43.37 22.07
CA VAL E 20 41.75 -44.26 20.99
C VAL E 20 42.51 -43.42 19.97
N LEU E 21 43.67 -43.90 19.51
CA LEU E 21 44.47 -43.21 18.51
C LEU E 21 44.46 -43.95 17.18
N THR E 22 44.29 -43.22 16.08
CA THR E 22 44.27 -43.76 14.73
C THR E 22 45.24 -42.97 13.87
N VAL E 23 46.18 -43.67 13.23
CA VAL E 23 47.13 -43.04 12.31
C VAL E 23 47.01 -43.78 10.99
N ALA E 24 46.40 -43.13 10.00
CA ALA E 24 46.25 -43.75 8.69
C ALA E 24 47.27 -43.19 7.73
N CYS E 25 48.00 -44.09 7.09
CA CYS E 25 49.01 -43.72 6.13
C CYS E 25 48.90 -44.52 4.84
N ALA E 26 48.94 -43.83 3.70
CA ALA E 26 48.88 -44.50 2.40
C ALA E 26 50.30 -44.82 1.91
N PHE E 27 50.44 -45.79 0.99
CA PHE E 27 51.73 -46.17 0.46
C PHE E 27 51.65 -46.75 -0.96
N THR E 28 52.77 -46.66 -1.69
CA THR E 28 52.89 -47.18 -3.05
C THR E 28 53.88 -48.37 -3.01
N GLY E 29 53.96 -49.10 -4.13
CA GLY E 29 54.87 -50.25 -4.24
C GLY E 29 54.23 -51.50 -4.79
N GLU E 30 54.88 -52.10 -5.80
CA GLU E 30 54.48 -53.34 -6.43
C GLU E 30 55.73 -54.23 -6.58
N PRO E 31 55.76 -55.45 -5.98
CA PRO E 31 54.70 -56.13 -5.20
C PRO E 31 54.44 -55.39 -3.90
N THR E 32 53.24 -55.60 -3.32
CA THR E 32 52.80 -54.95 -2.08
C THR E 32 53.86 -55.09 -0.97
N PRO E 33 54.39 -53.96 -0.43
CA PRO E 33 55.49 -54.05 0.54
C PRO E 33 55.12 -54.56 1.92
N GLU E 34 56.11 -55.04 2.70
CA GLU E 34 55.89 -55.52 4.06
C GLU E 34 55.80 -54.30 4.97
N VAL E 35 54.63 -54.08 5.58
CA VAL E 35 54.40 -52.97 6.50
C VAL E 35 54.89 -53.36 7.90
N THR E 36 55.82 -52.56 8.46
CA THR E 36 56.41 -52.80 9.77
C THR E 36 56.42 -51.55 10.63
N TRP E 37 55.54 -51.53 11.64
CA TRP E 37 55.47 -50.43 12.59
C TRP E 37 56.38 -50.79 13.75
N SER E 38 57.23 -49.85 14.18
CA SER E 38 58.18 -50.09 15.28
C SER E 38 58.38 -48.87 16.16
N CYS E 39 58.67 -49.11 17.43
CA CYS E 39 58.93 -48.05 18.40
C CYS E 39 60.07 -48.44 19.30
N GLY E 40 61.12 -47.62 19.29
CA GLY E 40 62.34 -47.85 20.06
C GLY E 40 63.09 -49.11 19.66
N GLY E 41 63.02 -49.48 18.38
CA GLY E 41 63.66 -50.67 17.84
C GLY E 41 62.86 -51.95 17.98
N ARG E 42 61.69 -51.87 18.65
CA ARG E 42 60.81 -53.00 18.90
C ARG E 42 59.60 -52.95 17.97
N LYS E 43 59.38 -54.04 17.19
CA LYS E 43 58.27 -54.17 16.24
C LYS E 43 56.94 -54.25 16.97
N ILE E 44 55.95 -53.44 16.52
CA ILE E 44 54.59 -53.43 17.06
C ILE E 44 53.84 -54.61 16.42
N HIS E 45 53.31 -55.52 17.25
CA HIS E 45 52.59 -56.69 16.79
C HIS E 45 51.10 -56.51 16.99
N SER E 46 50.31 -56.69 15.92
CA SER E 46 48.85 -56.54 15.97
C SER E 46 48.21 -57.67 16.79
N GLN E 47 48.19 -57.46 18.12
CA GLN E 47 47.60 -58.41 19.07
C GLN E 47 46.12 -58.16 19.14
N GLU E 48 45.31 -59.19 18.80
CA GLU E 48 43.85 -59.16 18.76
C GLU E 48 43.22 -58.82 20.11
N GLN E 49 43.78 -59.38 21.21
CA GLN E 49 43.27 -59.11 22.55
C GLN E 49 43.95 -57.91 23.24
N GLY E 50 45.06 -57.44 22.67
CA GLY E 50 45.84 -56.31 23.18
C GLY E 50 45.26 -54.95 22.87
N ARG E 51 46.04 -53.87 23.13
CA ARG E 51 45.66 -52.48 22.90
C ARG E 51 46.07 -52.01 21.52
N PHE E 52 47.20 -52.52 21.01
CA PHE E 52 47.78 -52.16 19.72
C PHE E 52 47.26 -53.02 18.58
N HIS E 53 46.79 -52.37 17.50
CA HIS E 53 46.26 -53.02 16.30
C HIS E 53 46.78 -52.35 15.04
N ILE E 54 47.09 -53.16 14.03
CA ILE E 54 47.57 -52.65 12.75
C ILE E 54 46.70 -53.24 11.63
N GLU E 55 45.93 -52.36 10.96
CA GLU E 55 45.04 -52.72 9.86
C GLU E 55 45.72 -52.35 8.54
N ASN E 56 46.14 -53.38 7.78
CA ASN E 56 46.83 -53.16 6.50
C ASN E 56 46.07 -53.59 5.26
N THR E 57 46.07 -52.74 4.22
CA THR E 57 45.46 -53.02 2.93
C THR E 57 46.59 -53.11 1.88
N ASP E 58 46.27 -53.11 0.58
CA ASP E 58 47.29 -53.15 -0.47
C ASP E 58 47.93 -51.76 -0.68
N ASP E 59 47.26 -50.69 -0.21
CA ASP E 59 47.71 -49.30 -0.38
C ASP E 59 47.59 -48.44 0.89
N LEU E 60 47.22 -49.01 2.04
CA LEU E 60 47.05 -48.23 3.26
C LEU E 60 47.30 -49.01 4.57
N THR E 61 48.01 -48.36 5.52
CA THR E 61 48.30 -48.88 6.84
C THR E 61 47.66 -48.03 7.90
N THR E 62 47.06 -48.67 8.92
CA THR E 62 46.42 -47.94 10.01
C THR E 62 46.87 -48.43 11.37
N LEU E 63 47.51 -47.54 12.15
CA LEU E 63 47.96 -47.86 13.50
C LEU E 63 46.83 -47.52 14.47
N ILE E 64 46.50 -48.45 15.35
CA ILE E 64 45.44 -48.27 16.34
C ILE E 64 46.04 -48.49 17.72
N ILE E 65 45.92 -47.49 18.60
CA ILE E 65 46.35 -47.60 19.99
C ILE E 65 45.13 -47.29 20.82
N MET E 66 44.54 -48.32 21.41
CA MET E 66 43.34 -48.17 22.22
C MET E 66 43.72 -47.82 23.64
N ASP E 67 42.85 -47.12 24.40
CA ASP E 67 43.08 -46.71 25.80
C ASP E 67 44.54 -46.31 25.99
N VAL E 68 44.96 -45.26 25.27
CA VAL E 68 46.31 -44.71 25.27
C VAL E 68 46.83 -44.43 26.68
N GLN E 69 48.02 -44.97 27.00
CA GLN E 69 48.68 -44.79 28.30
C GLN E 69 50.01 -44.06 28.11
N LYS E 70 50.46 -43.30 29.13
CA LYS E 70 51.69 -42.49 29.08
C LYS E 70 52.92 -43.18 28.45
N GLN E 71 53.11 -44.48 28.74
CA GLN E 71 54.22 -45.31 28.24
C GLN E 71 54.24 -45.47 26.70
N ASP E 72 53.06 -45.33 26.05
CA ASP E 72 52.91 -45.43 24.59
C ASP E 72 53.55 -44.26 23.84
N GLY E 73 53.79 -43.16 24.55
CA GLY E 73 54.44 -41.98 23.97
C GLY E 73 55.83 -42.30 23.49
N GLY E 74 56.13 -41.88 22.27
CA GLY E 74 57.43 -42.12 21.66
C GLY E 74 57.51 -41.91 20.17
N LEU E 75 58.67 -42.26 19.58
CA LEU E 75 58.92 -42.11 18.16
C LEU E 75 58.67 -43.41 17.41
N TYR E 76 57.51 -43.45 16.75
CA TYR E 76 57.04 -44.59 15.96
C TYR E 76 57.55 -44.51 14.54
N THR E 77 58.07 -45.64 14.03
CA THR E 77 58.64 -45.70 12.69
C THR E 77 57.87 -46.67 11.79
N LEU E 78 57.25 -46.14 10.74
CA LEU E 78 56.56 -46.96 9.76
C LEU E 78 57.59 -47.29 8.71
N SER E 79 57.79 -48.59 8.43
CA SER E 79 58.77 -49.02 7.44
C SER E 79 58.27 -50.05 6.46
N LEU E 80 58.29 -49.67 5.16
CA LEU E 80 57.87 -50.52 4.05
C LEU E 80 59.10 -51.11 3.39
N GLY E 81 58.94 -52.27 2.78
CA GLY E 81 60.02 -52.94 2.08
C GLY E 81 59.51 -54.00 1.12
N ASN E 82 59.98 -53.94 -0.14
CA ASN E 82 59.66 -54.94 -1.16
C ASN E 82 60.93 -55.41 -1.87
N GLU E 83 60.80 -56.27 -2.89
CA GLU E 83 61.90 -56.80 -3.71
C GLU E 83 62.77 -55.68 -4.32
N PHE E 84 62.18 -54.50 -4.59
CA PHE E 84 62.81 -53.36 -5.26
C PHE E 84 63.27 -52.17 -4.40
N GLY E 85 63.16 -52.27 -3.08
CA GLY E 85 63.61 -51.19 -2.21
C GLY E 85 62.88 -51.07 -0.89
N SER E 86 63.05 -49.92 -0.21
CA SER E 86 62.45 -49.65 1.10
C SER E 86 62.31 -48.16 1.41
N ASP E 87 61.36 -47.83 2.29
CA ASP E 87 61.12 -46.47 2.78
C ASP E 87 60.71 -46.51 4.26
N SER E 88 61.13 -45.48 5.01
CA SER E 88 60.80 -45.34 6.43
C SER E 88 60.43 -43.90 6.73
N ALA E 89 59.53 -43.72 7.72
CA ALA E 89 59.05 -42.42 8.16
C ALA E 89 58.71 -42.47 9.64
N THR E 90 58.85 -41.35 10.34
CA THR E 90 58.59 -41.33 11.78
C THR E 90 57.48 -40.39 12.20
N VAL E 91 56.69 -40.85 13.17
CA VAL E 91 55.61 -40.10 13.81
C VAL E 91 55.89 -40.05 15.31
N ASN E 92 56.04 -38.84 15.83
CA ASN E 92 56.30 -38.64 17.24
C ASN E 92 54.95 -38.52 17.94
N ILE E 93 54.54 -39.59 18.64
CA ILE E 93 53.29 -39.63 19.39
C ILE E 93 53.52 -39.11 20.81
N HIS E 94 52.77 -38.07 21.19
CA HIS E 94 52.86 -37.42 22.50
C HIS E 94 51.61 -37.72 23.30
N ILE E 95 51.79 -37.98 24.61
CA ILE E 95 50.65 -38.25 25.50
C ILE E 95 50.49 -37.09 26.48
N ARG E 96 49.24 -36.68 26.73
CA ARG E 96 48.90 -35.61 27.67
C ARG E 96 47.88 -36.07 28.74
N SER E 97 47.85 -35.40 29.94
CA SER E 97 46.96 -35.72 31.06
C SER E 97 45.45 -35.70 30.68
N SER F 1 30.12 -43.51 22.15
CA SER F 1 29.67 -44.55 21.24
C SER F 1 30.71 -45.04 20.21
N SER F 2 31.41 -44.12 19.47
CA SER F 2 32.41 -44.51 18.44
C SER F 2 33.58 -43.54 18.35
N ALA F 3 34.82 -44.07 18.18
CA ALA F 3 36.02 -43.24 18.01
C ALA F 3 36.07 -42.77 16.55
N PRO F 4 36.68 -41.59 16.23
CA PRO F 4 36.71 -41.14 14.83
C PRO F 4 37.57 -42.02 13.92
N ARG F 5 37.14 -42.15 12.67
CA ARG F 5 37.86 -42.91 11.65
C ARG F 5 37.57 -42.38 10.27
N PHE F 6 38.59 -42.38 9.41
CA PHE F 6 38.53 -41.92 8.04
C PHE F 6 38.02 -43.02 7.15
N LEU F 7 36.92 -42.73 6.44
CA LEU F 7 36.28 -43.61 5.47
C LEU F 7 37.03 -43.45 4.14
N THR F 8 37.47 -42.20 3.89
CA THR F 8 38.24 -41.70 2.77
C THR F 8 39.39 -40.91 3.37
N ARG F 9 40.63 -41.17 2.90
CA ARG F 9 41.80 -40.40 3.36
C ARG F 9 41.77 -38.99 2.71
N PRO F 10 42.33 -37.93 3.33
CA PRO F 10 42.28 -36.61 2.69
C PRO F 10 42.84 -36.66 1.27
N LYS F 11 42.05 -36.16 0.31
CA LYS F 11 42.38 -36.14 -1.11
C LYS F 11 42.31 -34.71 -1.62
N ALA F 12 43.35 -34.29 -2.36
CA ALA F 12 43.40 -32.93 -2.86
C ALA F 12 42.89 -32.80 -4.27
N PHE F 13 42.11 -31.75 -4.55
CA PHE F 13 41.60 -31.46 -5.88
C PHE F 13 42.08 -30.10 -6.31
N VAL F 14 42.90 -30.07 -7.35
CA VAL F 14 43.54 -28.88 -7.88
C VAL F 14 43.10 -28.66 -9.33
N VAL F 15 42.76 -27.44 -9.69
CA VAL F 15 42.40 -27.13 -11.08
C VAL F 15 43.66 -26.53 -11.72
N SER F 16 44.19 -25.45 -11.09
CA SER F 16 45.39 -24.72 -11.47
C SER F 16 45.74 -23.76 -10.35
N VAL F 17 46.86 -23.05 -10.53
CA VAL F 17 47.33 -21.99 -9.64
C VAL F 17 46.39 -20.81 -9.92
N GLY F 18 46.00 -20.09 -8.87
CA GLY F 18 45.08 -18.96 -9.01
C GLY F 18 43.61 -19.34 -8.91
N LYS F 19 43.32 -20.65 -9.01
CA LYS F 19 41.97 -21.19 -8.88
C LYS F 19 41.91 -21.92 -7.53
N ASP F 20 40.73 -22.02 -6.91
CA ASP F 20 40.56 -22.69 -5.63
C ASP F 20 40.99 -24.18 -5.67
N ALA F 21 41.40 -24.70 -4.51
CA ALA F 21 41.85 -26.08 -4.34
C ALA F 21 41.20 -26.65 -3.10
N THR F 22 40.87 -27.95 -3.10
CA THR F 22 40.18 -28.56 -1.96
C THR F 22 40.78 -29.84 -1.48
N LEU F 23 40.95 -29.89 -0.17
CA LEU F 23 41.41 -31.05 0.58
C LEU F 23 40.13 -31.54 1.25
N SER F 24 39.67 -32.73 0.85
CA SER F 24 38.43 -33.28 1.34
C SER F 24 38.57 -34.73 1.77
N CYS F 25 37.72 -35.18 2.72
CA CYS F 25 37.71 -36.54 3.27
C CYS F 25 36.38 -36.88 3.94
N GLN F 26 36.13 -38.20 4.12
CA GLN F 26 34.93 -38.71 4.75
C GLN F 26 35.26 -39.24 6.16
N ILE F 27 34.73 -38.61 7.21
CA ILE F 27 35.01 -38.99 8.61
C ILE F 27 33.75 -39.29 9.42
N VAL F 28 33.75 -40.46 10.06
CA VAL F 28 32.66 -40.90 10.90
C VAL F 28 33.08 -40.96 12.36
N GLY F 29 32.10 -40.90 13.26
CA GLY F 29 32.31 -40.97 14.70
C GLY F 29 31.08 -40.56 15.49
N ASN F 30 30.96 -41.09 16.71
CA ASN F 30 29.85 -40.77 17.61
C ASN F 30 30.40 -40.51 19.02
N PRO F 31 30.41 -39.26 19.56
CA PRO F 31 29.91 -37.99 18.97
C PRO F 31 30.57 -37.64 17.65
N THR F 32 29.87 -36.88 16.79
CA THR F 32 30.44 -36.51 15.49
C THR F 32 31.76 -35.75 15.68
N PRO F 33 32.81 -36.13 14.94
CA PRO F 33 34.12 -35.52 15.15
C PRO F 33 34.28 -34.06 14.77
N GLN F 34 35.23 -33.42 15.49
CA GLN F 34 35.67 -32.03 15.27
C GLN F 34 36.90 -32.15 14.39
N VAL F 35 36.90 -31.46 13.25
CA VAL F 35 38.04 -31.55 12.35
C VAL F 35 38.89 -30.31 12.31
N SER F 36 40.20 -30.50 12.51
CA SER F 36 41.23 -29.47 12.51
C SER F 36 42.28 -29.83 11.46
N TRP F 37 42.87 -28.81 10.83
CA TRP F 37 43.88 -29.00 9.79
C TRP F 37 45.17 -28.26 10.12
N GLU F 38 46.31 -28.87 9.78
CA GLU F 38 47.60 -28.21 9.96
C GLU F 38 48.55 -28.43 8.79
N LYS F 39 49.08 -27.33 8.23
CA LYS F 39 50.04 -27.35 7.13
C LYS F 39 51.46 -27.23 7.73
N ASP F 40 52.26 -28.30 7.58
CA ASP F 40 53.64 -28.40 8.05
C ASP F 40 53.74 -28.08 9.55
N GLN F 41 52.93 -28.78 10.38
CA GLN F 41 52.84 -28.63 11.84
C GLN F 41 52.35 -27.24 12.36
N GLN F 42 51.95 -26.35 11.43
CA GLN F 42 51.41 -25.02 11.72
C GLN F 42 49.90 -25.09 11.47
N PRO F 43 49.04 -24.83 12.48
CA PRO F 43 47.59 -24.92 12.27
C PRO F 43 47.05 -23.93 11.25
N VAL F 44 46.02 -24.35 10.53
CA VAL F 44 45.36 -23.57 9.49
C VAL F 44 44.43 -22.54 10.12
N ALA F 45 44.67 -21.25 9.81
CA ALA F 45 43.85 -20.14 10.27
C ALA F 45 42.87 -19.83 9.15
N ALA F 46 41.56 -20.03 9.42
CA ALA F 46 40.49 -19.77 8.45
C ALA F 46 40.34 -18.28 8.18
N GLY F 47 40.08 -17.93 6.94
CA GLY F 47 39.92 -16.54 6.53
C GLY F 47 40.18 -16.33 5.06
N ALA F 48 41.23 -15.56 4.77
CA ALA F 48 41.59 -15.19 3.42
C ALA F 48 42.13 -16.37 2.58
N ARG F 49 43.14 -17.06 3.12
CA ARG F 49 43.79 -18.19 2.44
C ARG F 49 42.91 -19.44 2.47
N PHE F 50 42.39 -19.79 3.67
CA PHE F 50 41.64 -21.02 3.84
C PHE F 50 40.22 -20.87 4.33
N ARG F 51 39.37 -21.85 3.99
CA ARG F 51 37.96 -21.91 4.38
C ARG F 51 37.57 -23.35 4.70
N LEU F 52 36.96 -23.54 5.87
CA LEU F 52 36.56 -24.85 6.36
C LEU F 52 35.05 -25.02 6.25
N ALA F 53 34.58 -26.23 5.85
CA ALA F 53 33.16 -26.59 5.69
C ALA F 53 32.94 -28.09 5.80
N GLN F 54 31.70 -28.52 6.11
CA GLN F 54 31.35 -29.94 6.20
C GLN F 54 29.88 -30.22 5.95
N ASP F 55 29.60 -31.11 4.97
CA ASP F 55 28.24 -31.57 4.63
C ASP F 55 28.19 -33.01 5.15
N GLY F 56 27.52 -33.20 6.28
CA GLY F 56 27.40 -34.51 6.91
C GLY F 56 28.77 -35.05 7.24
N ASP F 57 29.04 -36.32 6.89
CA ASP F 57 30.35 -36.94 7.14
C ASP F 57 31.49 -36.48 6.21
N LEU F 58 31.21 -35.53 5.28
CA LEU F 58 32.19 -34.98 4.34
C LEU F 58 32.76 -33.71 4.93
N TYR F 59 34.09 -33.69 5.17
CA TYR F 59 34.78 -32.53 5.73
C TYR F 59 35.70 -31.97 4.63
N ARG F 60 35.73 -30.62 4.46
CA ARG F 60 36.50 -30.00 3.39
C ARG F 60 37.21 -28.68 3.75
N LEU F 61 38.52 -28.63 3.42
CA LEU F 61 39.34 -27.45 3.56
C LEU F 61 39.54 -26.88 2.17
N THR F 62 39.14 -25.63 1.93
CA THR F 62 39.30 -24.98 0.63
C THR F 62 40.45 -23.99 0.71
N ILE F 63 41.40 -24.10 -0.21
CA ILE F 63 42.51 -23.18 -0.29
C ILE F 63 42.17 -22.22 -1.44
N LEU F 64 41.80 -20.98 -1.10
CA LEU F 64 41.45 -19.94 -2.08
C LEU F 64 42.70 -19.50 -2.85
N ASP F 65 42.53 -19.11 -4.14
CA ASP F 65 43.58 -18.61 -5.03
C ASP F 65 44.89 -19.35 -4.78
N LEU F 66 44.94 -20.64 -5.17
CA LEU F 66 46.09 -21.50 -4.97
C LEU F 66 47.37 -20.86 -5.47
N ALA F 67 48.42 -20.90 -4.64
CA ALA F 67 49.74 -20.36 -4.93
C ALA F 67 50.79 -21.44 -4.67
N LEU F 68 52.02 -21.26 -5.18
CA LEU F 68 53.07 -22.26 -4.95
C LEU F 68 53.40 -22.39 -3.45
N GLY F 69 53.21 -21.29 -2.71
CA GLY F 69 53.41 -21.22 -1.26
C GLY F 69 52.49 -22.11 -0.44
N ASP F 70 51.42 -22.65 -1.07
CA ASP F 70 50.44 -23.52 -0.42
C ASP F 70 50.91 -24.99 -0.39
N SER F 71 52.04 -25.32 -1.07
CA SER F 71 52.62 -26.66 -1.08
C SER F 71 53.09 -27.04 0.32
N GLY F 72 52.83 -28.29 0.70
CA GLY F 72 53.21 -28.81 2.01
C GLY F 72 52.40 -30.00 2.47
N GLN F 73 52.80 -30.58 3.62
CA GLN F 73 52.12 -31.74 4.19
C GLN F 73 50.99 -31.25 5.09
N TYR F 74 49.75 -31.50 4.66
CA TYR F 74 48.56 -31.11 5.40
C TYR F 74 48.07 -32.29 6.20
N VAL F 75 47.88 -32.10 7.51
CA VAL F 75 47.44 -33.14 8.42
C VAL F 75 46.03 -32.82 8.90
N CYS F 76 45.13 -33.79 8.73
CA CYS F 76 43.75 -33.67 9.17
C CYS F 76 43.61 -34.43 10.51
N ARG F 77 43.01 -33.78 11.52
CA ARG F 77 42.81 -34.36 12.82
C ARG F 77 41.34 -34.40 13.20
N ALA F 78 40.79 -35.61 13.28
CA ALA F 78 39.40 -35.84 13.67
C ALA F 78 39.43 -36.24 15.13
N ARG F 79 38.83 -35.40 15.97
CA ARG F 79 38.82 -35.58 17.40
C ARG F 79 37.40 -35.61 17.95
N ASN F 80 37.16 -36.52 18.90
CA ASN F 80 35.92 -36.69 19.63
C ASN F 80 36.20 -37.21 21.04
N ALA F 81 35.20 -37.13 21.95
CA ALA F 81 35.32 -37.56 23.34
C ALA F 81 35.97 -38.95 23.54
N ILE F 82 35.83 -39.86 22.54
CA ILE F 82 36.37 -41.23 22.56
C ILE F 82 37.80 -41.34 22.04
N GLY F 83 38.14 -40.57 21.02
CA GLY F 83 39.49 -40.62 20.48
C GLY F 83 39.84 -39.63 19.39
N GLU F 84 41.01 -39.87 18.79
CA GLU F 84 41.57 -39.09 17.71
C GLU F 84 41.97 -39.97 16.53
N ALA F 85 41.81 -39.40 15.34
CA ALA F 85 42.16 -40.03 14.08
C ALA F 85 42.93 -39.02 13.28
N PHE F 86 44.10 -39.44 12.79
CA PHE F 86 44.97 -38.60 12.00
C PHE F 86 45.19 -39.26 10.66
N ALA F 87 45.30 -38.42 9.64
CA ALA F 87 45.59 -38.79 8.26
C ALA F 87 46.17 -37.56 7.58
N ALA F 88 47.14 -37.78 6.69
CA ALA F 88 47.77 -36.65 6.01
C ALA F 88 47.72 -36.73 4.49
N VAL F 89 47.97 -35.58 3.84
CA VAL F 89 48.03 -35.43 2.40
C VAL F 89 49.03 -34.37 1.99
N GLY F 90 49.90 -34.73 1.06
CA GLY F 90 50.92 -33.84 0.53
C GLY F 90 50.39 -33.08 -0.68
N LEU F 91 50.37 -31.75 -0.59
CA LEU F 91 49.93 -30.90 -1.70
C LEU F 91 51.18 -30.34 -2.36
N GLN F 92 51.32 -30.55 -3.69
CA GLN F 92 52.45 -30.04 -4.44
C GLN F 92 51.96 -29.29 -5.65
N VAL F 93 52.00 -27.96 -5.57
CA VAL F 93 51.56 -27.06 -6.62
C VAL F 93 52.76 -26.51 -7.40
N GLY G 1 38.75 -50.64 -115.12
CA GLY G 1 39.12 -50.81 -113.72
C GLY G 1 38.41 -49.86 -112.77
N ILE G 2 38.14 -50.31 -111.52
CA ILE G 2 37.44 -49.54 -110.48
C ILE G 2 38.24 -49.51 -109.16
N PRO G 3 38.58 -48.32 -108.60
CA PRO G 3 39.28 -48.30 -107.31
C PRO G 3 38.33 -48.70 -106.17
N PRO G 4 38.83 -49.24 -105.04
CA PRO G 4 37.89 -49.62 -103.96
C PRO G 4 37.36 -48.44 -103.17
N LYS G 5 36.14 -48.60 -102.64
CA LYS G 5 35.50 -47.57 -101.82
C LYS G 5 34.68 -48.22 -100.71
N ILE G 6 34.90 -47.77 -99.46
CA ILE G 6 34.13 -48.23 -98.31
C ILE G 6 32.81 -47.46 -98.41
N GLU G 7 31.69 -48.20 -98.55
CA GLU G 7 30.36 -47.64 -98.72
C GLU G 7 29.89 -46.86 -97.50
N ALA G 8 29.71 -47.53 -96.35
CA ALA G 8 29.27 -46.87 -95.12
C ALA G 8 29.59 -47.74 -93.92
N LEU G 9 30.51 -47.23 -93.08
CA LEU G 9 30.98 -47.87 -91.86
C LEU G 9 30.73 -46.91 -90.69
N PRO G 10 30.06 -47.38 -89.60
CA PRO G 10 29.79 -46.48 -88.47
C PRO G 10 31.05 -45.88 -87.84
N SER G 11 30.91 -44.65 -87.32
CA SER G 11 32.00 -43.90 -86.68
C SER G 11 32.31 -44.52 -85.32
N ASP G 12 31.29 -44.63 -84.45
CA ASP G 12 31.37 -45.21 -83.09
C ASP G 12 30.24 -46.20 -82.89
N ILE G 13 30.54 -47.29 -82.19
CA ILE G 13 29.59 -48.34 -81.83
C ILE G 13 29.90 -48.79 -80.42
N SER G 14 28.88 -49.15 -79.63
CA SER G 14 29.07 -49.62 -78.26
C SER G 14 28.35 -50.94 -78.04
N ILE G 15 28.93 -51.81 -77.20
CA ILE G 15 28.36 -53.12 -76.88
C ILE G 15 28.72 -53.51 -75.45
N ASP G 16 27.86 -54.33 -74.80
CA ASP G 16 28.10 -54.81 -73.44
C ASP G 16 29.00 -56.07 -73.48
N GLU G 17 29.76 -56.31 -72.40
CA GLU G 17 30.65 -57.47 -72.25
C GLU G 17 29.85 -58.78 -72.37
N GLY G 18 30.43 -59.77 -73.05
CA GLY G 18 29.84 -61.10 -73.20
C GLY G 18 28.87 -61.30 -74.34
N LYS G 19 28.52 -60.22 -75.05
CA LYS G 19 27.60 -60.28 -76.19
C LYS G 19 28.40 -60.43 -77.51
N VAL G 20 27.71 -60.74 -78.60
CA VAL G 20 28.34 -60.90 -79.92
C VAL G 20 28.21 -59.58 -80.68
N LEU G 21 29.29 -59.13 -81.32
CA LEU G 21 29.27 -57.90 -82.10
C LEU G 21 29.38 -58.19 -83.59
N THR G 22 28.56 -57.51 -84.38
CA THR G 22 28.52 -57.66 -85.83
C THR G 22 28.61 -56.28 -86.48
N VAL G 23 29.60 -56.09 -87.37
CA VAL G 23 29.75 -54.84 -88.10
C VAL G 23 29.78 -55.21 -89.56
N ALA G 24 28.69 -54.91 -90.27
CA ALA G 24 28.61 -55.20 -91.69
C ALA G 24 28.85 -53.96 -92.51
N CYS G 25 29.80 -54.07 -93.44
CA CYS G 25 30.16 -52.97 -94.30
C CYS G 25 30.23 -53.38 -95.77
N ALA G 26 29.58 -52.61 -96.64
CA ALA G 26 29.61 -52.89 -98.06
C ALA G 26 30.78 -52.17 -98.70
N PHE G 27 31.26 -52.66 -99.85
CA PHE G 27 32.38 -52.05 -100.58
C PHE G 27 32.30 -52.26 -102.08
N THR G 28 32.95 -51.39 -102.82
CA THR G 28 33.02 -51.48 -104.27
C THR G 28 34.47 -51.76 -104.68
N GLY G 29 34.68 -51.98 -105.97
CA GLY G 29 36.00 -52.21 -106.54
C GLY G 29 36.09 -53.42 -107.44
N GLU G 30 36.71 -53.21 -108.59
CA GLU G 30 37.01 -54.23 -109.59
C GLU G 30 38.47 -54.03 -110.04
N PRO G 31 39.37 -55.02 -109.82
CA PRO G 31 39.12 -56.36 -109.25
C PRO G 31 38.75 -56.30 -107.77
N THR G 32 38.04 -57.35 -107.26
CA THR G 32 37.60 -57.44 -105.85
C THR G 32 38.79 -57.16 -104.90
N PRO G 33 38.72 -56.10 -104.05
CA PRO G 33 39.88 -55.76 -103.21
C PRO G 33 40.23 -56.73 -102.08
N GLU G 34 41.41 -56.50 -101.46
CA GLU G 34 41.86 -57.26 -100.31
C GLU G 34 41.31 -56.56 -99.08
N VAL G 35 40.45 -57.24 -98.33
CA VAL G 35 39.83 -56.71 -97.12
C VAL G 35 40.80 -56.96 -95.94
N THR G 36 41.18 -55.88 -95.23
CA THR G 36 42.09 -55.95 -94.08
C THR G 36 41.57 -55.17 -92.87
N TRP G 37 41.09 -55.92 -91.85
CA TRP G 37 40.62 -55.34 -90.59
C TRP G 37 41.80 -55.28 -89.65
N SER G 38 42.02 -54.13 -88.99
CA SER G 38 43.14 -53.96 -88.07
C SER G 38 42.81 -53.09 -86.89
N CYS G 39 43.47 -53.35 -85.76
CA CYS G 39 43.27 -52.58 -84.53
C CYS G 39 44.59 -52.37 -83.87
N GLY G 40 44.94 -51.10 -83.67
CA GLY G 40 46.19 -50.67 -83.05
C GLY G 40 47.43 -51.11 -83.81
N GLY G 41 47.32 -51.14 -85.15
CA GLY G 41 48.39 -51.54 -86.05
C GLY G 41 48.52 -53.04 -86.26
N ARG G 42 47.69 -53.83 -85.56
CA ARG G 42 47.72 -55.29 -85.63
C ARG G 42 46.54 -55.79 -86.45
N LYS G 43 46.83 -56.59 -87.50
CA LYS G 43 45.81 -57.16 -88.40
C LYS G 43 44.98 -58.21 -87.66
N ILE G 44 43.64 -58.13 -87.80
CA ILE G 44 42.70 -59.08 -87.22
C ILE G 44 42.68 -60.31 -88.13
N HIS G 45 42.98 -61.50 -87.58
CA HIS G 45 42.99 -62.74 -88.35
C HIS G 45 41.77 -63.57 -88.02
N SER G 46 40.99 -63.96 -89.03
CA SER G 46 39.77 -64.75 -88.86
C SER G 46 40.09 -66.17 -88.38
N GLN G 47 40.32 -66.32 -87.06
CA GLN G 47 40.62 -67.61 -86.44
C GLN G 47 39.33 -68.36 -86.17
N GLU G 48 39.20 -69.55 -86.77
CA GLU G 48 38.03 -70.42 -86.67
C GLU G 48 37.71 -70.84 -85.23
N GLN G 49 38.74 -71.12 -84.41
CA GLN G 49 38.55 -71.50 -83.01
C GLN G 49 38.54 -70.30 -82.04
N GLY G 50 38.99 -69.14 -82.53
CA GLY G 50 39.06 -67.89 -81.76
C GLY G 50 37.73 -67.18 -81.58
N ARG G 51 37.78 -65.95 -81.04
CA ARG G 51 36.59 -65.10 -80.81
C ARG G 51 36.31 -64.19 -82.02
N PHE G 52 37.37 -63.78 -82.73
CA PHE G 52 37.32 -62.88 -83.88
C PHE G 52 37.13 -63.63 -85.19
N HIS G 53 36.13 -63.19 -85.98
CA HIS G 53 35.81 -63.77 -87.29
C HIS G 53 35.53 -62.68 -88.31
N ILE G 54 35.99 -62.88 -89.55
CA ILE G 54 35.76 -61.94 -90.65
C ILE G 54 35.12 -62.68 -91.82
N GLU G 55 33.86 -62.36 -92.13
CA GLU G 55 33.11 -62.96 -93.23
C GLU G 55 33.12 -62.00 -94.43
N ASN G 56 33.83 -62.38 -95.50
CA ASN G 56 33.96 -61.53 -96.69
C ASN G 56 33.29 -62.10 -97.94
N THR G 57 32.59 -61.24 -98.69
CA THR G 57 31.96 -61.57 -99.97
C THR G 57 32.65 -60.71 -101.05
N ASP G 58 32.09 -60.67 -102.28
CA ASP G 58 32.65 -59.87 -103.37
C ASP G 58 32.28 -58.37 -103.21
N ASP G 59 31.27 -58.08 -102.36
CA ASP G 59 30.75 -56.75 -102.12
C ASP G 59 30.50 -56.38 -100.65
N LEU G 60 30.83 -57.28 -99.70
CA LEU G 60 30.55 -57.01 -98.28
C LEU G 60 31.50 -57.70 -97.31
N THR G 61 31.91 -56.96 -96.26
CA THR G 61 32.77 -57.44 -95.17
C THR G 61 32.02 -57.40 -93.85
N THR G 62 32.15 -58.46 -93.03
CA THR G 62 31.49 -58.52 -91.73
C THR G 62 32.45 -58.90 -90.63
N LEU G 63 32.62 -57.99 -89.65
CA LEU G 63 33.48 -58.23 -88.49
C LEU G 63 32.63 -58.85 -87.41
N ILE G 64 33.12 -59.97 -86.83
CA ILE G 64 32.43 -60.69 -85.76
C ILE G 64 33.35 -60.78 -84.56
N ILE G 65 32.90 -60.27 -83.41
CA ILE G 65 33.64 -60.38 -82.15
C ILE G 65 32.68 -61.08 -81.19
N MET G 66 32.95 -62.35 -80.90
CA MET G 66 32.10 -63.15 -80.02
C MET G 66 32.53 -62.95 -78.59
N ASP G 67 31.61 -63.12 -77.61
CA ASP G 67 31.88 -62.95 -76.18
C ASP G 67 32.83 -61.77 -75.95
N VAL G 68 32.38 -60.58 -76.35
CA VAL G 68 33.12 -59.32 -76.25
C VAL G 68 33.69 -59.07 -74.84
N GLN G 69 35.00 -58.79 -74.77
CA GLN G 69 35.73 -58.52 -73.54
C GLN G 69 36.29 -57.10 -73.59
N LYS G 70 36.43 -56.44 -72.42
CA LYS G 70 36.90 -55.06 -72.30
C LYS G 70 38.11 -54.69 -73.18
N GLN G 71 39.10 -55.61 -73.29
CA GLN G 71 40.33 -55.45 -74.09
C GLN G 71 40.08 -55.22 -75.60
N ASP G 72 38.93 -55.72 -76.12
CA ASP G 72 38.53 -55.60 -77.52
C ASP G 72 38.16 -54.17 -77.90
N GLY G 73 37.87 -53.33 -76.92
CA GLY G 73 37.57 -51.92 -77.14
C GLY G 73 38.74 -51.19 -77.78
N GLY G 74 38.45 -50.43 -78.83
CA GLY G 74 39.46 -49.67 -79.54
C GLY G 74 39.06 -49.16 -80.91
N LEU G 75 40.03 -48.60 -81.64
CA LEU G 75 39.80 -48.04 -82.96
C LEU G 75 40.18 -49.03 -84.06
N TYR G 76 39.14 -49.64 -84.64
CA TYR G 76 39.26 -50.63 -85.71
C TYR G 76 39.29 -49.95 -87.06
N THR G 77 40.22 -50.38 -87.93
CA THR G 77 40.38 -49.82 -89.27
C THR G 77 40.14 -50.85 -90.36
N LEU G 78 39.09 -50.63 -91.16
CA LEU G 78 38.78 -51.47 -92.31
C LEU G 78 39.51 -50.87 -93.49
N SER G 79 40.33 -51.67 -94.18
CA SER G 79 41.10 -51.17 -95.32
C SER G 79 41.09 -52.10 -96.52
N LEU G 80 40.56 -51.60 -97.64
CA LEU G 80 40.52 -52.32 -98.92
C LEU G 80 41.63 -51.80 -99.84
N GLY G 81 41.96 -52.57 -100.87
CA GLY G 81 42.98 -52.18 -101.82
C GLY G 81 43.11 -53.10 -103.01
N ASN G 82 43.16 -52.48 -104.18
CA ASN G 82 43.33 -53.17 -105.45
C ASN G 82 44.33 -52.42 -106.37
N GLU G 83 44.62 -53.01 -107.53
CA GLU G 83 45.51 -52.50 -108.56
C GLU G 83 45.32 -50.98 -108.83
N PHE G 84 44.09 -50.48 -108.65
CA PHE G 84 43.69 -49.10 -108.95
C PHE G 84 43.56 -48.11 -107.77
N GLY G 85 43.87 -48.55 -106.55
CA GLY G 85 43.78 -47.67 -105.40
C GLY G 85 43.50 -48.36 -104.08
N SER G 86 43.12 -47.58 -103.07
CA SER G 86 42.82 -48.04 -101.72
C SER G 86 41.92 -47.08 -100.97
N ASP G 87 41.21 -47.59 -99.96
CA ASP G 87 40.32 -46.82 -99.09
C ASP G 87 40.38 -47.40 -97.66
N SER G 88 40.29 -46.53 -96.67
CA SER G 88 40.31 -46.91 -95.26
C SER G 88 39.25 -46.12 -94.50
N ALA G 89 38.73 -46.74 -93.44
CA ALA G 89 37.70 -46.16 -92.59
C ALA G 89 37.85 -46.71 -91.18
N THR G 90 37.48 -45.92 -90.17
CA THR G 90 37.61 -46.35 -88.79
C THR G 90 36.30 -46.42 -88.03
N VAL G 91 36.17 -47.46 -87.20
CA VAL G 91 35.05 -47.70 -86.30
C VAL G 91 35.57 -47.80 -84.88
N ASN G 92 35.12 -46.88 -84.02
CA ASN G 92 35.53 -46.86 -82.63
C ASN G 92 34.58 -47.75 -81.84
N ILE G 93 35.04 -48.95 -81.48
CA ILE G 93 34.25 -49.92 -80.71
C ILE G 93 34.47 -49.66 -79.20
N HIS G 94 33.37 -49.43 -78.48
CA HIS G 94 33.38 -49.15 -77.05
C HIS G 94 32.74 -50.32 -76.31
N ILE G 95 33.31 -50.69 -75.14
CA ILE G 95 32.79 -51.79 -74.32
C ILE G 95 32.22 -51.22 -73.02
N ARG G 96 31.06 -51.75 -72.58
CA ARG G 96 30.39 -51.37 -71.32
C ARG G 96 30.11 -52.58 -70.39
N SER G 97 29.95 -52.33 -69.06
CA SER G 97 29.70 -53.35 -68.02
C SER G 97 28.49 -54.29 -68.31
N SER H 1 18.63 -67.71 -77.81
CA SER H 1 18.62 -68.61 -78.96
C SER H 1 19.49 -68.17 -80.16
N SER H 2 19.39 -66.90 -80.64
CA SER H 2 20.16 -66.40 -81.81
C SER H 2 20.55 -64.92 -81.69
N ALA H 3 21.79 -64.58 -82.11
CA ALA H 3 22.27 -63.19 -82.13
C ALA H 3 21.68 -62.46 -83.36
N PRO H 4 21.43 -61.11 -83.34
CA PRO H 4 20.89 -60.45 -84.54
C PRO H 4 21.86 -60.44 -85.72
N ARG H 5 21.28 -60.57 -86.91
CA ARG H 5 22.02 -60.54 -88.18
C ARG H 5 21.17 -60.02 -89.31
N PHE H 6 21.81 -59.23 -90.17
CA PHE H 6 21.16 -58.63 -91.33
C PHE H 6 21.15 -59.63 -92.49
N LEU H 7 19.96 -59.91 -92.99
CA LEU H 7 19.73 -60.80 -94.13
C LEU H 7 19.90 -59.93 -95.38
N THR H 8 19.52 -58.65 -95.25
CA THR H 8 19.57 -57.59 -96.24
C THR H 8 20.18 -56.38 -95.52
N ARG H 9 21.19 -55.74 -96.13
CA ARG H 9 21.80 -54.53 -95.57
C ARG H 9 20.82 -53.35 -95.77
N PRO H 10 20.83 -52.31 -94.91
CA PRO H 10 19.91 -51.18 -95.13
C PRO H 10 20.06 -50.59 -96.53
N LYS H 11 18.92 -50.50 -97.23
CA LYS H 11 18.84 -49.99 -98.60
C LYS H 11 17.87 -48.82 -98.64
N ALA H 12 18.29 -47.73 -99.28
CA ALA H 12 17.43 -46.55 -99.36
C ALA H 12 16.62 -46.49 -100.65
N PHE H 13 15.33 -46.11 -100.53
CA PHE H 13 14.44 -45.93 -101.66
C PHE H 13 13.99 -44.49 -101.70
N VAL H 14 14.42 -43.78 -102.72
CA VAL H 14 14.14 -42.34 -102.89
C VAL H 14 13.33 -42.14 -104.15
N VAL H 15 12.28 -41.33 -104.07
CA VAL H 15 11.51 -41.02 -105.29
C VAL H 15 12.04 -39.69 -105.80
N SER H 16 11.97 -38.67 -104.93
CA SER H 16 12.42 -37.31 -105.17
C SER H 16 12.42 -36.57 -103.87
N VAL H 17 12.86 -35.30 -103.91
CA VAL H 17 12.88 -34.37 -102.80
C VAL H 17 11.40 -33.97 -102.66
N GLY H 18 10.93 -33.84 -101.43
CA GLY H 18 9.54 -33.48 -101.16
C GLY H 18 8.61 -34.67 -101.07
N LYS H 19 9.06 -35.85 -101.51
CA LYS H 19 8.34 -37.11 -101.43
C LYS H 19 9.01 -37.96 -100.35
N ASP H 20 8.25 -38.88 -99.72
CA ASP H 20 8.80 -39.78 -98.69
C ASP H 20 9.96 -40.64 -99.21
N ALA H 21 10.87 -41.03 -98.30
CA ALA H 21 12.03 -41.87 -98.61
C ALA H 21 12.13 -42.95 -97.54
N THR H 22 12.58 -44.16 -97.91
CA THR H 22 12.66 -45.26 -96.94
C THR H 22 13.97 -45.99 -96.90
N LEU H 23 14.46 -46.17 -95.69
CA LEU H 23 15.64 -46.95 -95.38
C LEU H 23 15.09 -48.23 -94.78
N SER H 24 15.27 -49.34 -95.49
CA SER H 24 14.70 -50.63 -95.09
C SER H 24 15.71 -51.75 -95.13
N CYS H 25 15.50 -52.81 -94.32
CA CYS H 25 16.37 -53.99 -94.20
C CYS H 25 15.66 -55.20 -93.56
N GLN H 26 16.25 -56.39 -93.76
CA GLN H 26 15.73 -57.66 -93.24
C GLN H 26 16.62 -58.14 -92.09
N ILE H 27 16.08 -58.18 -90.86
CA ILE H 27 16.85 -58.58 -89.68
C ILE H 27 16.21 -59.75 -88.91
N VAL H 28 17.02 -60.78 -88.67
CA VAL H 28 16.60 -61.94 -87.90
C VAL H 28 17.32 -62.01 -86.55
N GLY H 29 16.72 -62.72 -85.61
CA GLY H 29 17.27 -62.92 -84.27
C GLY H 29 16.26 -63.48 -83.30
N ASN H 30 16.74 -64.22 -82.30
CA ASN H 30 15.88 -64.80 -81.27
C ASN H 30 16.52 -64.56 -79.88
N PRO H 31 15.96 -63.68 -79.00
CA PRO H 31 14.72 -62.88 -79.14
C PRO H 31 14.73 -61.94 -80.34
N THR H 32 13.55 -61.59 -80.86
CA THR H 32 13.49 -60.72 -82.04
C THR H 32 14.18 -59.39 -81.78
N PRO H 33 15.05 -58.92 -82.69
CA PRO H 33 15.84 -57.72 -82.40
C PRO H 33 15.08 -56.40 -82.33
N GLN H 34 15.59 -55.51 -81.45
CA GLN H 34 15.13 -54.13 -81.27
C GLN H 34 15.96 -53.31 -82.24
N VAL H 35 15.30 -52.55 -83.12
CA VAL H 35 16.03 -51.75 -84.09
C VAL H 35 15.98 -50.28 -83.81
N SER H 36 17.18 -49.67 -83.78
CA SER H 36 17.43 -48.25 -83.54
C SER H 36 18.21 -47.67 -84.70
N TRP H 37 17.96 -46.39 -85.02
CA TRP H 37 18.63 -45.70 -86.12
C TRP H 37 19.30 -44.42 -85.64
N GLU H 38 20.47 -44.13 -86.22
CA GLU H 38 21.17 -42.87 -85.98
C GLU H 38 21.80 -42.25 -87.24
N LYS H 39 21.48 -40.98 -87.50
CA LYS H 39 21.99 -40.22 -88.65
C LYS H 39 23.18 -39.39 -88.16
N ASP H 40 24.39 -39.70 -88.67
CA ASP H 40 25.65 -39.01 -88.35
C ASP H 40 25.88 -38.93 -86.85
N GLN H 41 25.83 -40.10 -86.18
CA GLN H 41 26.02 -40.27 -84.72
C GLN H 41 24.99 -39.57 -83.79
N GLN H 42 23.94 -38.99 -84.40
CA GLN H 42 22.82 -38.35 -83.73
C GLN H 42 21.62 -39.30 -83.84
N PRO H 43 21.03 -39.76 -82.71
CA PRO H 43 19.91 -40.70 -82.80
C PRO H 43 18.67 -40.09 -83.45
N VAL H 44 17.92 -40.94 -84.17
CA VAL H 44 16.71 -40.53 -84.87
C VAL H 44 15.54 -40.40 -83.90
N ALA H 45 14.93 -39.19 -83.85
CA ALA H 45 13.75 -38.90 -83.02
C ALA H 45 12.55 -39.05 -83.95
N ALA H 46 11.68 -40.04 -83.66
CA ALA H 46 10.48 -40.31 -84.44
C ALA H 46 9.47 -39.20 -84.25
N GLY H 47 8.78 -38.83 -85.32
CA GLY H 47 7.75 -37.80 -85.30
C GLY H 47 7.47 -37.19 -86.65
N ALA H 48 7.80 -35.90 -86.77
CA ALA H 48 7.57 -35.13 -87.98
C ALA H 48 8.48 -35.55 -89.15
N ARG H 49 9.80 -35.59 -88.90
CA ARG H 49 10.79 -35.95 -89.93
C ARG H 49 10.79 -37.45 -90.21
N PHE H 50 10.84 -38.27 -89.14
CA PHE H 50 10.98 -39.71 -89.29
C PHE H 50 9.87 -40.53 -88.67
N ARG H 51 9.66 -41.73 -89.23
CA ARG H 51 8.68 -42.72 -88.76
C ARG H 51 9.27 -44.13 -88.86
N LEU H 52 9.22 -44.86 -87.75
CA LEU H 52 9.76 -46.20 -87.67
C LEU H 52 8.63 -47.23 -87.72
N ALA H 53 8.84 -48.37 -88.41
CA ALA H 53 7.86 -49.45 -88.55
C ALA H 53 8.53 -50.78 -88.88
N GLN H 54 7.85 -51.92 -88.58
CA GLN H 54 8.38 -53.24 -88.91
C GLN H 54 7.31 -54.28 -89.15
N ASP H 55 7.35 -54.92 -90.34
CA ASP H 55 6.43 -56.00 -90.72
C ASP H 55 7.27 -57.26 -90.71
N GLY H 56 7.10 -58.06 -89.67
CA GLY H 56 7.87 -59.29 -89.51
C GLY H 56 9.34 -58.98 -89.43
N ASP H 57 10.17 -59.74 -90.17
CA ASP H 57 11.63 -59.50 -90.14
C ASP H 57 12.08 -58.29 -90.97
N LEU H 58 11.12 -57.51 -91.52
CA LEU H 58 11.35 -56.28 -92.30
C LEU H 58 11.23 -55.02 -91.45
N TYR H 59 12.35 -54.32 -91.26
CA TYR H 59 12.42 -53.10 -90.45
C TYR H 59 12.58 -51.89 -91.36
N ARG H 60 11.85 -50.79 -91.11
CA ARG H 60 11.86 -49.64 -92.00
C ARG H 60 11.79 -48.26 -91.34
N LEU H 61 12.70 -47.37 -91.72
CA LEU H 61 12.73 -45.98 -91.29
C LEU H 61 12.26 -45.14 -92.47
N THR H 62 11.16 -44.38 -92.28
CA THR H 62 10.60 -43.52 -93.34
C THR H 62 10.96 -42.09 -93.06
N ILE H 63 11.57 -41.42 -94.04
CA ILE H 63 11.92 -40.01 -93.94
C ILE H 63 10.83 -39.26 -94.71
N LEU H 64 9.92 -38.58 -93.99
CA LEU H 64 8.83 -37.80 -94.59
C LEU H 64 9.39 -36.54 -95.27
N ASP H 65 8.72 -36.08 -96.36
CA ASP H 65 9.08 -34.88 -97.14
C ASP H 65 10.60 -34.71 -97.20
N LEU H 66 11.26 -35.61 -97.96
CA LEU H 66 12.72 -35.62 -98.12
C LEU H 66 13.26 -34.26 -98.50
N ALA H 67 14.31 -33.81 -97.81
CA ALA H 67 15.00 -32.55 -98.04
C ALA H 67 16.49 -32.81 -98.18
N LEU H 68 17.26 -31.83 -98.69
CA LEU H 68 18.70 -32.02 -98.81
C LEU H 68 19.37 -32.22 -97.42
N GLY H 69 18.76 -31.65 -96.39
CA GLY H 69 19.22 -31.77 -95.01
C GLY H 69 19.19 -33.17 -94.45
N ASP H 70 18.48 -34.11 -95.15
CA ASP H 70 18.35 -35.52 -94.74
C ASP H 70 19.54 -36.38 -95.17
N SER H 71 20.46 -35.82 -95.98
CA SER H 71 21.68 -36.50 -96.44
C SER H 71 22.58 -36.79 -95.23
N GLY H 72 23.19 -37.97 -95.24
CA GLY H 72 24.09 -38.40 -94.18
C GLY H 72 24.23 -39.89 -94.06
N GLN H 73 25.13 -40.33 -93.18
CA GLN H 73 25.37 -41.74 -92.93
C GLN H 73 24.43 -42.24 -91.85
N TYR H 74 23.48 -43.11 -92.23
CA TYR H 74 22.50 -43.67 -91.33
C TYR H 74 22.95 -45.05 -90.87
N VAL H 75 22.97 -45.29 -89.54
CA VAL H 75 23.41 -46.56 -88.92
C VAL H 75 22.26 -47.26 -88.25
N CYS H 76 21.99 -48.49 -88.71
CA CYS H 76 20.95 -49.34 -88.16
C CYS H 76 21.57 -50.26 -87.13
N ARG H 77 20.97 -50.33 -85.93
CA ARG H 77 21.47 -51.15 -84.83
C ARG H 77 20.41 -52.15 -84.37
N ALA H 78 20.67 -53.44 -84.63
CA ALA H 78 19.80 -54.53 -84.22
C ALA H 78 20.41 -55.11 -82.96
N ARG H 79 19.67 -55.00 -81.86
CA ARG H 79 20.12 -55.42 -80.55
C ARG H 79 19.13 -56.40 -79.91
N ASN H 80 19.67 -57.43 -79.24
CA ASN H 80 18.91 -58.44 -78.50
C ASN H 80 19.76 -58.95 -77.35
N ALA H 81 19.18 -59.78 -76.44
CA ALA H 81 19.87 -60.33 -75.26
C ALA H 81 21.19 -61.08 -75.57
N ILE H 82 21.35 -61.60 -76.81
CA ILE H 82 22.53 -62.34 -77.26
C ILE H 82 23.62 -61.45 -77.88
N GLY H 83 23.23 -60.45 -78.65
CA GLY H 83 24.20 -59.56 -79.27
C GLY H 83 23.67 -58.35 -79.99
N GLU H 84 24.58 -57.68 -80.73
CA GLU H 84 24.32 -56.51 -81.55
C GLU H 84 24.84 -56.71 -82.97
N ALA H 85 24.09 -56.14 -83.92
CA ALA H 85 24.42 -56.13 -85.35
C ALA H 85 24.31 -54.70 -85.85
N PHE H 86 25.34 -54.25 -86.52
CA PHE H 86 25.36 -52.92 -87.08
C PHE H 86 25.59 -53.02 -88.56
N ALA H 87 24.96 -52.12 -89.28
CA ALA H 87 25.05 -51.96 -90.72
C ALA H 87 24.64 -50.52 -91.04
N ALA H 88 25.31 -49.91 -92.01
CA ALA H 88 25.03 -48.53 -92.34
C ALA H 88 24.69 -48.33 -93.79
N VAL H 89 24.13 -47.16 -94.11
CA VAL H 89 23.76 -46.74 -95.46
C VAL H 89 23.89 -45.22 -95.60
N GLY H 90 24.54 -44.80 -96.66
CA GLY H 90 24.73 -43.39 -96.97
C GLY H 90 23.62 -42.89 -97.86
N LEU H 91 22.88 -41.88 -97.38
CA LEU H 91 21.80 -41.26 -98.14
C LEU H 91 22.31 -39.92 -98.69
N GLN H 92 22.23 -39.75 -100.02
CA GLN H 92 22.70 -38.51 -100.64
C GLN H 92 21.61 -37.94 -101.55
N VAL H 93 20.93 -36.91 -101.06
CA VAL H 93 19.83 -36.25 -101.75
C VAL H 93 20.31 -34.92 -102.36
N GLY I 1 71.83 -31.79 -46.19
CA GLY I 1 71.42 -32.13 -44.83
C GLY I 1 70.80 -30.99 -44.01
N ILE I 2 70.21 -31.34 -42.84
CA ILE I 2 69.56 -30.40 -41.90
C ILE I 2 70.32 -30.44 -40.56
N PRO I 3 70.78 -29.29 -40.01
CA PRO I 3 71.49 -29.32 -38.72
C PRO I 3 70.54 -29.69 -37.60
N PRO I 4 71.01 -30.26 -36.46
CA PRO I 4 70.06 -30.62 -35.40
C PRO I 4 69.60 -29.44 -34.57
N LYS I 5 68.38 -29.56 -34.02
CA LYS I 5 67.77 -28.55 -33.17
C LYS I 5 66.93 -29.20 -32.08
N ILE I 6 67.18 -28.81 -30.81
CA ILE I 6 66.40 -29.28 -29.68
C ILE I 6 65.10 -28.46 -29.73
N GLU I 7 63.96 -29.17 -29.89
CA GLU I 7 62.65 -28.56 -30.03
C GLU I 7 62.23 -27.79 -28.77
N ALA I 8 62.04 -28.48 -27.62
CA ALA I 8 61.66 -27.84 -26.37
C ALA I 8 61.94 -28.76 -25.19
N LEU I 9 62.86 -28.31 -24.34
CA LEU I 9 63.31 -28.99 -23.14
C LEU I 9 63.09 -28.06 -21.93
N PRO I 10 62.40 -28.54 -20.86
CA PRO I 10 62.17 -27.66 -19.70
C PRO I 10 63.45 -27.13 -19.06
N SER I 11 63.36 -25.92 -18.48
CA SER I 11 64.47 -25.21 -17.82
C SER I 11 64.77 -25.90 -16.48
N ASP I 12 63.75 -25.99 -15.61
CA ASP I 12 63.81 -26.62 -14.28
C ASP I 12 62.64 -27.58 -14.11
N ILE I 13 62.92 -28.73 -13.46
CA ILE I 13 61.94 -29.75 -13.13
C ILE I 13 62.26 -30.26 -11.72
N SER I 14 61.23 -30.59 -10.95
CA SER I 14 61.40 -31.09 -9.58
C SER I 14 60.64 -32.39 -9.38
N ILE I 15 61.21 -33.30 -8.58
CA ILE I 15 60.62 -34.61 -8.28
C ILE I 15 60.99 -35.04 -6.85
N ASP I 16 60.12 -35.85 -6.20
CA ASP I 16 60.37 -36.36 -4.86
C ASP I 16 61.23 -37.64 -4.94
N GLU I 17 62.00 -37.93 -3.88
CA GLU I 17 62.84 -39.13 -3.75
C GLU I 17 61.99 -40.41 -3.92
N GLY I 18 62.53 -41.40 -4.63
CA GLY I 18 61.89 -42.70 -4.80
C GLY I 18 60.90 -42.85 -5.93
N LYS I 19 60.56 -41.74 -6.60
CA LYS I 19 59.64 -41.75 -7.74
C LYS I 19 60.42 -41.90 -9.08
N VAL I 20 59.71 -42.18 -10.17
CA VAL I 20 60.31 -42.32 -11.50
C VAL I 20 60.22 -40.98 -12.23
N LEU I 21 61.32 -40.54 -12.85
CA LEU I 21 61.34 -39.29 -13.61
C LEU I 21 61.44 -39.54 -15.12
N THR I 22 60.63 -38.80 -15.90
CA THR I 22 60.59 -38.91 -17.35
C THR I 22 60.72 -37.52 -17.96
N VAL I 23 61.69 -37.35 -18.85
CA VAL I 23 61.88 -36.08 -19.55
C VAL I 23 61.88 -36.41 -21.04
N ALA I 24 60.79 -36.06 -21.73
CA ALA I 24 60.69 -36.32 -23.15
C ALA I 24 60.97 -35.05 -23.95
N CYS I 25 61.89 -35.15 -24.89
CA CYS I 25 62.27 -34.02 -25.71
C CYS I 25 62.32 -34.40 -27.19
N ALA I 26 61.72 -33.58 -28.05
CA ALA I 26 61.71 -33.82 -29.48
C ALA I 26 62.90 -33.12 -30.12
N PHE I 27 63.32 -33.58 -31.31
CA PHE I 27 64.45 -32.98 -32.03
C PHE I 27 64.36 -33.15 -33.55
N THR I 28 65.02 -32.24 -34.27
CA THR I 28 65.10 -32.27 -35.73
C THR I 28 66.54 -32.58 -36.15
N GLY I 29 66.76 -32.83 -37.44
CA GLY I 29 68.08 -33.12 -37.97
C GLY I 29 68.13 -34.33 -38.86
N GLU I 30 68.73 -34.15 -40.04
CA GLU I 30 68.96 -35.21 -41.04
C GLU I 30 70.42 -35.08 -41.52
N PRO I 31 71.26 -36.11 -41.32
CA PRO I 31 70.98 -37.44 -40.76
C PRO I 31 70.64 -37.34 -39.27
N THR I 32 69.93 -38.37 -38.74
CA THR I 32 69.51 -38.45 -37.34
C THR I 32 70.70 -38.19 -36.41
N PRO I 33 70.63 -37.15 -35.54
CA PRO I 33 71.80 -36.79 -34.72
C PRO I 33 72.14 -37.74 -33.57
N GLU I 34 73.38 -37.64 -33.06
CA GLU I 34 73.84 -38.44 -31.93
C GLU I 34 73.30 -37.77 -30.67
N VAL I 35 72.42 -38.47 -29.95
CA VAL I 35 71.82 -37.97 -28.71
C VAL I 35 72.78 -38.27 -27.56
N THR I 36 73.19 -37.23 -26.81
CA THR I 36 74.11 -37.36 -25.68
C THR I 36 73.61 -36.62 -24.45
N TRP I 37 73.14 -37.37 -23.45
CA TRP I 37 72.70 -36.82 -22.17
C TRP I 37 73.89 -36.83 -21.25
N SER I 38 74.15 -35.71 -20.56
CA SER I 38 75.28 -35.58 -19.65
C SER I 38 74.99 -34.74 -18.43
N CYS I 39 75.65 -35.06 -17.32
CA CYS I 39 75.50 -34.33 -16.07
C CYS I 39 76.85 -34.18 -15.41
N GLY I 40 77.23 -32.94 -15.18
CA GLY I 40 78.51 -32.58 -14.58
C GLY I 40 79.71 -33.02 -15.40
N GLY I 41 79.56 -32.97 -16.72
CA GLY I 41 80.60 -33.35 -17.67
C GLY I 41 80.68 -34.83 -17.95
N ARG I 42 79.91 -35.65 -17.21
CA ARG I 42 79.88 -37.11 -17.37
C ARG I 42 78.65 -37.56 -18.16
N LYS I 43 78.89 -38.34 -19.24
CA LYS I 43 77.85 -38.86 -20.12
C LYS I 43 77.00 -39.90 -19.38
N ILE I 44 75.67 -39.77 -19.49
CA ILE I 44 74.70 -40.70 -18.91
C ILE I 44 74.63 -41.91 -19.85
N HIS I 45 74.91 -43.11 -19.32
CA HIS I 45 74.89 -44.34 -20.10
C HIS I 45 73.64 -45.14 -19.76
N SER I 46 72.85 -45.49 -20.79
CA SER I 46 71.61 -46.26 -20.64
C SER I 46 71.92 -47.69 -20.18
N GLN I 47 72.15 -47.86 -18.87
CA GLN I 47 72.44 -49.15 -18.27
C GLN I 47 71.15 -49.88 -17.98
N GLU I 48 70.99 -51.07 -18.60
CA GLU I 48 69.79 -51.91 -18.46
C GLU I 48 69.53 -52.36 -17.02
N GLN I 49 70.60 -52.66 -16.26
CA GLN I 49 70.50 -53.07 -14.86
C GLN I 49 70.52 -51.90 -13.85
N GLY I 50 70.91 -50.71 -14.33
CA GLY I 50 70.98 -49.48 -13.54
C GLY I 50 69.64 -48.78 -13.34
N ARG I 51 69.69 -47.55 -12.80
CA ARG I 51 68.50 -46.72 -12.57
C ARG I 51 68.21 -45.79 -13.76
N PHE I 52 69.27 -45.36 -14.46
CA PHE I 52 69.23 -44.44 -15.59
C PHE I 52 69.04 -45.17 -16.92
N HIS I 53 68.04 -44.71 -17.71
CA HIS I 53 67.68 -45.29 -19.01
C HIS I 53 67.35 -44.17 -19.99
N ILE I 54 67.88 -44.27 -21.24
CA ILE I 54 67.66 -43.30 -22.32
C ILE I 54 67.01 -43.99 -23.50
N GLU I 55 65.76 -43.63 -23.81
CA GLU I 55 64.97 -44.17 -24.92
C GLU I 55 65.00 -43.17 -26.08
N ASN I 56 65.71 -43.52 -27.17
CA ASN I 56 65.86 -42.64 -28.32
C ASN I 56 65.19 -43.15 -29.59
N THR I 57 64.49 -42.24 -30.30
CA THR I 57 63.84 -42.54 -31.58
C THR I 57 64.54 -41.68 -32.65
N ASP I 58 63.98 -41.60 -33.86
CA ASP I 58 64.54 -40.77 -34.93
C ASP I 58 64.22 -39.26 -34.73
N ASP I 59 63.21 -38.95 -33.88
CA ASP I 59 62.74 -37.59 -33.61
C ASP I 59 62.49 -37.29 -32.12
N LEU I 60 62.79 -38.22 -31.20
CA LEU I 60 62.52 -37.99 -29.79
C LEU I 60 63.45 -38.73 -28.83
N THR I 61 63.90 -38.02 -27.77
CA THR I 61 64.75 -38.56 -26.71
C THR I 61 64.02 -38.54 -25.37
N THR I 62 64.13 -39.63 -24.60
CA THR I 62 63.47 -39.71 -23.30
C THR I 62 64.44 -40.13 -22.21
N LEU I 63 64.63 -39.26 -21.21
CA LEU I 63 65.49 -39.56 -20.07
C LEU I 63 64.64 -40.19 -18.98
N ILE I 64 65.10 -41.33 -18.45
CA ILE I 64 64.40 -42.07 -17.39
C ILE I 64 65.31 -42.22 -16.19
N ILE I 65 64.88 -41.72 -15.02
CA ILE I 65 65.62 -41.89 -13.78
C ILE I 65 64.65 -42.58 -12.83
N MET I 66 64.90 -43.86 -12.58
CA MET I 66 64.03 -44.67 -11.72
C MET I 66 64.48 -44.51 -10.28
N ASP I 67 63.55 -44.67 -9.30
CA ASP I 67 63.83 -44.56 -7.86
C ASP I 67 64.82 -43.40 -7.60
N VAL I 68 64.40 -42.19 -7.96
CA VAL I 68 65.19 -40.96 -7.84
C VAL I 68 65.77 -40.76 -6.43
N GLN I 69 67.09 -40.54 -6.35
CA GLN I 69 67.84 -40.30 -5.11
C GLN I 69 68.44 -38.90 -5.13
N LYS I 70 68.62 -38.29 -3.94
CA LYS I 70 69.15 -36.93 -3.78
C LYS I 70 70.36 -36.57 -4.67
N GLN I 71 71.32 -37.51 -4.83
CA GLN I 71 72.54 -37.39 -5.63
C GLN I 71 72.29 -37.14 -7.13
N ASP I 72 71.11 -37.57 -7.64
CA ASP I 72 70.72 -37.40 -9.04
C ASP I 72 70.40 -35.94 -9.40
N GLY I 73 70.15 -35.11 -8.38
CA GLY I 73 69.88 -33.69 -8.56
C GLY I 73 71.06 -33.00 -9.22
N GLY I 74 70.78 -32.21 -10.23
CA GLY I 74 71.81 -31.47 -10.97
C GLY I 74 71.39 -30.90 -12.30
N LEU I 75 72.37 -30.33 -13.02
CA LEU I 75 72.15 -29.72 -14.33
C LEU I 75 72.49 -30.70 -15.45
N TYR I 76 71.43 -31.27 -16.04
CA TYR I 76 71.51 -32.23 -17.13
C TYR I 76 71.55 -31.52 -18.47
N THR I 77 72.47 -31.94 -19.36
CA THR I 77 72.63 -31.34 -20.67
C THR I 77 72.35 -32.32 -21.80
N LEU I 78 71.29 -32.05 -22.59
CA LEU I 78 70.96 -32.85 -23.76
C LEU I 78 71.71 -32.23 -24.93
N SER I 79 72.52 -33.03 -25.64
CA SER I 79 73.31 -32.52 -26.75
C SER I 79 73.25 -33.39 -27.98
N LEU I 80 72.73 -32.80 -29.08
CA LEU I 80 72.60 -33.44 -30.40
C LEU I 80 73.73 -33.00 -31.30
N GLY I 81 73.99 -33.82 -32.32
CA GLY I 81 75.01 -33.54 -33.30
C GLY I 81 75.06 -34.51 -34.48
N ASN I 82 75.16 -33.94 -35.67
CA ASN I 82 75.34 -34.68 -36.90
C ASN I 82 76.48 -34.02 -37.66
N GLU I 83 76.60 -34.33 -38.96
CA GLU I 83 77.58 -33.82 -39.90
C GLU I 83 77.51 -32.28 -40.06
N PHE I 84 76.30 -31.70 -39.98
CA PHE I 84 75.97 -30.30 -40.25
C PHE I 84 75.87 -29.33 -39.10
N GLY I 85 76.13 -29.79 -37.90
CA GLY I 85 76.05 -28.93 -36.74
C GLY I 85 75.72 -29.63 -35.45
N SER I 86 75.38 -28.83 -34.43
CA SER I 86 75.07 -29.32 -33.09
C SER I 86 74.20 -28.34 -32.32
N ASP I 87 73.47 -28.87 -31.32
CA ASP I 87 72.63 -28.10 -30.42
C ASP I 87 72.66 -28.71 -29.02
N SER I 88 72.61 -27.85 -28.00
CA SER I 88 72.62 -28.26 -26.60
C SER I 88 71.60 -27.48 -25.82
N ALA I 89 71.05 -28.10 -24.76
CA ALA I 89 70.06 -27.50 -23.88
C ALA I 89 70.19 -28.10 -22.49
N THR I 90 69.85 -27.32 -21.44
CA THR I 90 69.97 -27.80 -20.07
C THR I 90 68.66 -27.84 -19.31
N VAL I 91 68.51 -28.90 -18.49
CA VAL I 91 67.38 -29.13 -17.59
C VAL I 91 67.92 -29.29 -16.17
N ASN I 92 67.50 -28.39 -15.29
CA ASN I 92 67.93 -28.42 -13.90
C ASN I 92 66.95 -29.31 -13.14
N ILE I 93 67.39 -30.54 -12.80
CA ILE I 93 66.58 -31.50 -12.06
C ILE I 93 66.82 -31.31 -10.57
N HIS I 94 65.72 -31.05 -9.83
CA HIS I 94 65.73 -30.82 -8.39
C HIS I 94 65.08 -31.98 -7.68
N ILE I 95 65.67 -32.39 -6.55
CA ILE I 95 65.12 -33.47 -5.74
C ILE I 95 64.60 -32.89 -4.42
N ARG I 96 63.43 -33.40 -3.96
CA ARG I 96 62.79 -33.01 -2.70
C ARG I 96 62.49 -34.23 -1.79
N SER I 97 62.39 -34.00 -0.45
CA SER I 97 62.11 -35.02 0.57
C SER I 97 60.85 -35.87 0.29
N SER J 1 50.69 -48.78 -9.65
CA SER J 1 50.69 -49.65 -10.82
C SER J 1 51.56 -49.15 -12.00
N SER J 2 51.48 -47.86 -12.41
CA SER J 2 52.27 -47.31 -13.55
C SER J 2 52.67 -45.85 -13.39
N ALA J 3 53.91 -45.50 -13.77
CA ALA J 3 54.39 -44.11 -13.74
C ALA J 3 53.84 -43.38 -14.99
N PRO J 4 53.64 -42.03 -14.96
CA PRO J 4 53.10 -41.34 -16.14
C PRO J 4 54.05 -41.32 -17.32
N ARG J 5 53.47 -41.42 -18.52
CA ARG J 5 54.20 -41.38 -19.79
C ARG J 5 53.35 -40.79 -20.91
N PHE J 6 54.01 -39.99 -21.77
CA PHE J 6 53.38 -39.36 -22.91
C PHE J 6 53.33 -40.33 -24.10
N LEU J 7 52.13 -40.56 -24.61
CA LEU J 7 51.87 -41.39 -25.77
C LEU J 7 52.07 -40.51 -27.01
N THR J 8 51.72 -39.23 -26.85
CA THR J 8 51.80 -38.14 -27.81
C THR J 8 52.44 -36.98 -27.05
N ARG J 9 53.47 -36.35 -27.63
CA ARG J 9 54.11 -35.18 -27.02
C ARG J 9 53.18 -33.95 -27.21
N PRO J 10 53.19 -32.94 -26.33
CA PRO J 10 52.28 -31.79 -26.53
C PRO J 10 52.44 -31.19 -27.92
N LYS J 11 51.33 -31.07 -28.64
CA LYS J 11 51.25 -30.54 -29.99
C LYS J 11 50.28 -29.36 -30.03
N ALA J 12 50.70 -28.26 -30.67
CA ALA J 12 49.87 -27.08 -30.73
C ALA J 12 49.06 -26.98 -32.00
N PHE J 13 47.78 -26.59 -31.87
CA PHE J 13 46.89 -26.38 -33.01
C PHE J 13 46.45 -24.93 -33.02
N VAL J 14 46.86 -24.21 -34.06
CA VAL J 14 46.62 -22.79 -34.24
C VAL J 14 45.83 -22.57 -35.51
N VAL J 15 44.80 -21.75 -35.44
CA VAL J 15 44.02 -21.41 -36.63
C VAL J 15 44.57 -20.06 -37.13
N SER J 16 44.54 -19.05 -36.23
CA SER J 16 45.03 -17.69 -36.46
C SER J 16 45.06 -16.98 -35.12
N VAL J 17 45.55 -15.73 -35.15
CA VAL J 17 45.59 -14.82 -34.01
C VAL J 17 44.13 -14.37 -33.83
N GLY J 18 43.68 -14.26 -32.59
CA GLY J 18 42.31 -13.84 -32.31
C GLY J 18 41.34 -15.00 -32.24
N LYS J 19 41.77 -16.18 -32.70
CA LYS J 19 41.00 -17.42 -32.64
C LYS J 19 41.64 -18.31 -31.57
N ASP J 20 40.86 -19.21 -30.95
CA ASP J 20 41.39 -20.13 -29.93
C ASP J 20 42.53 -21.02 -30.48
N ALA J 21 43.43 -21.44 -29.57
CA ALA J 21 44.56 -22.31 -29.89
C ALA J 21 44.64 -23.41 -28.85
N THR J 22 45.07 -24.62 -29.23
CA THR J 22 45.12 -25.73 -28.29
C THR J 22 46.43 -26.49 -28.28
N LEU J 23 46.91 -26.70 -27.05
CA LEU J 23 48.08 -27.51 -26.74
C LEU J 23 47.49 -28.79 -26.18
N SER J 24 47.66 -29.89 -26.91
CA SER J 24 47.07 -31.16 -26.53
C SER J 24 48.07 -32.31 -26.57
N CYS J 25 47.83 -33.35 -25.77
CA CYS J 25 48.67 -34.54 -25.67
C CYS J 25 47.95 -35.73 -25.05
N GLN J 26 48.51 -36.94 -25.28
CA GLN J 26 47.96 -38.18 -24.77
C GLN J 26 48.85 -38.72 -23.65
N ILE J 27 48.31 -38.78 -22.42
CA ILE J 27 49.06 -39.24 -21.25
C ILE J 27 48.40 -40.40 -20.52
N VAL J 28 49.19 -41.47 -20.30
CA VAL J 28 48.75 -42.65 -19.57
C VAL J 28 49.49 -42.78 -18.22
N GLY J 29 48.88 -43.51 -17.30
CA GLY J 29 49.42 -43.77 -15.97
C GLY J 29 48.38 -44.36 -15.04
N ASN J 30 48.84 -45.14 -14.05
CA ASN J 30 47.97 -45.76 -13.07
C ASN J 30 48.58 -45.57 -11.66
N PRO J 31 48.02 -44.72 -10.78
CA PRO J 31 46.81 -43.89 -10.91
C PRO J 31 46.89 -42.94 -12.08
N THR J 32 45.74 -42.47 -12.55
CA THR J 32 45.70 -41.55 -13.65
C THR J 32 46.46 -40.26 -13.26
N PRO J 33 47.33 -39.76 -14.16
CA PRO J 33 48.17 -38.61 -13.79
C PRO J 33 47.46 -37.28 -13.81
N GLN J 34 47.90 -36.38 -12.91
CA GLN J 34 47.45 -35.00 -12.75
C GLN J 34 48.29 -34.15 -13.72
N VAL J 35 47.64 -33.35 -14.57
CA VAL J 35 48.38 -32.54 -15.51
C VAL J 35 48.36 -31.07 -15.21
N SER J 36 49.56 -30.49 -15.17
CA SER J 36 49.85 -29.09 -14.90
C SER J 36 50.65 -28.50 -16.06
N TRP J 37 50.42 -27.22 -16.37
CA TRP J 37 51.10 -26.54 -17.47
C TRP J 37 51.82 -25.28 -17.01
N GLU J 38 53.00 -25.01 -17.57
CA GLU J 38 53.73 -23.79 -17.29
C GLU J 38 54.33 -23.14 -18.54
N LYS J 39 54.03 -21.84 -18.76
CA LYS J 39 54.54 -21.05 -19.88
C LYS J 39 55.75 -20.26 -19.36
N ASP J 40 56.94 -20.58 -19.89
CA ASP J 40 58.22 -19.95 -19.55
C ASP J 40 58.48 -19.96 -18.05
N GLN J 41 58.40 -21.17 -17.44
CA GLN J 41 58.60 -21.41 -16.00
C GLN J 41 57.58 -20.72 -15.03
N GLN J 42 56.54 -20.08 -15.61
CA GLN J 42 55.46 -19.44 -14.89
C GLN J 42 54.23 -20.34 -15.04
N PRO J 43 53.64 -20.86 -13.93
CA PRO J 43 52.48 -21.74 -14.07
C PRO J 43 51.26 -21.06 -14.69
N VAL J 44 50.49 -21.84 -15.44
CA VAL J 44 49.28 -21.39 -16.12
C VAL J 44 48.12 -21.28 -15.14
N ALA J 45 47.55 -20.05 -15.05
CA ALA J 45 46.38 -19.73 -14.22
C ALA J 45 45.17 -19.84 -15.14
N ALA J 46 44.28 -20.80 -14.87
CA ALA J 46 43.07 -21.02 -15.66
C ALA J 46 42.08 -19.88 -15.44
N GLY J 47 41.39 -19.48 -16.50
CA GLY J 47 40.40 -18.41 -16.46
C GLY J 47 40.14 -17.76 -17.80
N ALA J 48 40.48 -16.47 -17.90
CA ALA J 48 40.27 -15.68 -19.12
C ALA J 48 41.17 -16.09 -20.26
N ARG J 49 42.50 -16.16 -20.01
CA ARG J 49 43.48 -16.52 -21.03
C ARG J 49 43.44 -18.02 -21.36
N PHE J 50 43.49 -18.87 -20.32
CA PHE J 50 43.59 -20.30 -20.50
C PHE J 50 42.47 -21.11 -19.91
N ARG J 51 42.23 -22.29 -20.49
CA ARG J 51 41.24 -23.27 -20.04
C ARG J 51 41.79 -24.68 -20.16
N LEU J 52 41.73 -25.43 -19.07
CA LEU J 52 42.23 -26.80 -19.00
C LEU J 52 41.06 -27.79 -19.04
N ALA J 53 41.24 -28.91 -19.78
CA ALA J 53 40.24 -29.97 -19.93
C ALA J 53 40.89 -31.29 -20.30
N GLN J 54 40.19 -32.42 -20.03
CA GLN J 54 40.70 -33.76 -20.36
C GLN J 54 39.63 -34.77 -20.61
N ASP J 55 39.65 -35.40 -21.79
CA ASP J 55 38.72 -36.47 -22.19
C ASP J 55 39.54 -37.74 -22.17
N GLY J 56 39.36 -38.54 -21.11
CA GLY J 56 40.11 -39.77 -20.95
C GLY J 56 41.59 -39.48 -20.91
N ASP J 57 42.40 -40.24 -21.68
CA ASP J 57 43.85 -40.01 -21.69
C ASP J 57 44.31 -38.79 -22.49
N LEU J 58 43.37 -38.00 -23.03
CA LEU J 58 43.65 -36.79 -23.80
C LEU J 58 43.57 -35.59 -22.88
N TYR J 59 44.68 -34.86 -22.74
CA TYR J 59 44.74 -33.66 -21.89
C TYR J 59 44.92 -32.45 -22.81
N ARG J 60 44.19 -31.36 -22.55
CA ARG J 60 44.22 -30.18 -23.42
C ARG J 60 44.17 -28.82 -22.72
N LEU J 61 45.13 -27.94 -23.09
CA LEU J 61 45.18 -26.57 -22.63
C LEU J 61 44.72 -25.70 -23.80
N THR J 62 43.65 -24.93 -23.61
CA THR J 62 43.11 -24.04 -24.64
C THR J 62 43.50 -22.61 -24.33
N ILE J 63 44.11 -21.94 -25.31
CA ILE J 63 44.50 -20.54 -25.17
C ILE J 63 43.44 -19.73 -25.92
N LEU J 64 42.56 -19.05 -25.18
CA LEU J 64 41.49 -18.24 -25.77
C LEU J 64 42.07 -16.99 -26.44
N ASP J 65 41.42 -16.50 -27.52
CA ASP J 65 41.80 -15.31 -28.30
C ASP J 65 43.32 -15.19 -28.37
N LEU J 66 43.96 -16.08 -29.15
CA LEU J 66 45.41 -16.14 -29.31
C LEU J 66 45.98 -14.78 -29.70
N ALA J 67 47.04 -14.38 -28.99
CA ALA J 67 47.74 -13.11 -29.20
C ALA J 67 49.21 -13.40 -29.34
N LEU J 68 50.01 -12.42 -29.84
CA LEU J 68 51.44 -12.62 -29.97
C LEU J 68 52.10 -12.87 -28.60
N GLY J 69 51.52 -12.28 -27.55
CA GLY J 69 51.96 -12.43 -26.16
C GLY J 69 51.91 -13.84 -25.62
N ASP J 70 51.19 -14.76 -26.31
CA ASP J 70 51.04 -16.15 -25.92
C ASP J 70 52.21 -17.04 -26.38
N SER J 71 53.14 -16.48 -27.19
CA SER J 71 54.34 -17.18 -27.65
C SER J 71 55.26 -17.51 -26.45
N GLY J 72 55.84 -18.70 -26.47
CA GLY J 72 56.72 -19.16 -25.41
C GLY J 72 56.83 -20.67 -25.29
N GLN J 73 57.72 -21.15 -24.39
CA GLN J 73 57.94 -22.57 -24.16
C GLN J 73 56.97 -23.07 -23.10
N TYR J 74 56.01 -23.90 -23.51
CA TYR J 74 55.01 -24.45 -22.62
C TYR J 74 55.43 -25.84 -22.20
N VAL J 75 55.47 -26.08 -20.87
CA VAL J 75 55.88 -27.36 -20.30
C VAL J 75 54.71 -28.06 -19.66
N CYS J 76 54.45 -29.31 -20.08
CA CYS J 76 53.37 -30.13 -19.55
C CYS J 76 53.96 -31.11 -18.53
N ARG J 77 53.35 -31.20 -17.35
CA ARG J 77 53.82 -32.07 -16.26
C ARG J 77 52.77 -33.04 -15.83
N ALA J 78 53.00 -34.33 -16.11
CA ALA J 78 52.12 -35.42 -15.71
C ALA J 78 52.70 -36.04 -14.46
N ARG J 79 51.96 -35.93 -13.36
CA ARG J 79 52.40 -36.38 -12.03
C ARG J 79 51.39 -37.33 -11.42
N ASN J 80 51.90 -38.34 -10.71
CA ASN J 80 51.11 -39.34 -10.00
C ASN J 80 51.91 -39.95 -8.85
N ALA J 81 51.26 -40.79 -8.02
CA ALA J 81 51.91 -41.41 -6.86
C ALA J 81 53.22 -42.14 -7.16
N ILE J 82 53.39 -42.67 -8.38
CA ILE J 82 54.57 -43.41 -8.83
C ILE J 82 55.68 -42.54 -9.42
N GLY J 83 55.32 -41.49 -10.17
CA GLY J 83 56.33 -40.61 -10.75
C GLY J 83 55.85 -39.40 -11.50
N GLU J 84 56.79 -38.75 -12.21
CA GLU J 84 56.56 -37.56 -13.03
C GLU J 84 57.07 -37.74 -14.45
N ALA J 85 56.39 -37.10 -15.39
CA ALA J 85 56.72 -37.11 -16.80
C ALA J 85 56.60 -35.70 -17.30
N PHE J 86 57.65 -35.22 -17.97
CA PHE J 86 57.70 -33.88 -18.51
C PHE J 86 57.93 -33.95 -20.01
N ALA J 87 57.32 -32.99 -20.71
CA ALA J 87 57.43 -32.80 -22.15
C ALA J 87 57.06 -31.37 -22.43
N ALA J 88 57.73 -30.76 -23.40
CA ALA J 88 57.48 -29.35 -23.72
C ALA J 88 57.15 -29.10 -25.18
N VAL J 89 56.59 -27.91 -25.46
CA VAL J 89 56.24 -27.47 -26.81
C VAL J 89 56.39 -25.96 -26.90
N GLY J 90 57.07 -25.54 -27.95
CA GLY J 90 57.26 -24.12 -28.24
C GLY J 90 56.17 -23.58 -29.13
N LEU J 91 55.45 -22.57 -28.63
CA LEU J 91 54.37 -21.92 -29.39
C LEU J 91 54.92 -20.59 -29.93
N GLN J 92 54.82 -20.39 -31.25
CA GLN J 92 55.27 -19.16 -31.88
C GLN J 92 54.17 -18.61 -32.78
N VAL J 93 53.52 -17.56 -32.28
CA VAL J 93 52.42 -16.87 -32.96
C VAL J 93 52.90 -15.56 -33.60
N GLY K 1 -9.14 27.95 32.42
CA GLY K 1 -8.79 27.79 33.84
C GLY K 1 -9.31 28.90 34.76
N ILE K 2 -9.78 28.53 35.98
CA ILE K 2 -10.33 29.47 36.97
C ILE K 2 -9.54 29.51 38.28
N PRO K 3 -9.04 30.71 38.70
CA PRO K 3 -8.36 30.80 40.01
C PRO K 3 -9.34 30.57 41.17
N PRO K 4 -8.92 30.07 42.36
CA PRO K 4 -9.91 29.83 43.42
C PRO K 4 -10.30 31.04 44.23
N LYS K 5 -11.52 30.98 44.75
CA LYS K 5 -12.08 32.04 45.58
C LYS K 5 -12.98 31.49 46.69
N ILE K 6 -12.74 31.93 47.94
CA ILE K 6 -13.57 31.57 49.09
C ILE K 6 -14.81 32.48 48.97
N GLU K 7 -16.00 31.85 48.83
CA GLU K 7 -17.27 32.55 48.62
C GLU K 7 -17.66 33.42 49.82
N ALA K 8 -17.93 32.81 50.98
CA ALA K 8 -18.28 33.54 52.20
C ALA K 8 -18.11 32.66 53.41
N LEU K 9 -17.15 33.05 54.25
CA LEU K 9 -16.77 32.43 55.51
C LEU K 9 -16.91 33.48 56.62
N PRO K 10 -17.64 33.15 57.72
CA PRO K 10 -17.81 34.14 58.81
C PRO K 10 -16.50 34.61 59.42
N SER K 11 -16.48 35.86 59.90
CA SER K 11 -15.31 36.47 60.54
C SER K 11 -15.12 35.87 61.93
N ASP K 12 -16.18 35.93 62.77
CA ASP K 12 -16.21 35.38 64.13
C ASP K 12 -17.44 34.52 64.34
N ILE K 13 -17.26 33.39 65.04
CA ILE K 13 -18.33 32.48 65.44
C ILE K 13 -18.08 32.07 66.88
N SER K 14 -19.14 31.98 67.70
CA SER K 14 -18.99 31.59 69.11
C SER K 14 -19.85 30.38 69.40
N ILE K 15 -19.35 29.43 70.19
CA ILE K 15 -20.08 28.20 70.51
C ILE K 15 -19.80 27.72 71.94
N ASP K 16 -20.82 27.16 72.63
CA ASP K 16 -20.67 26.61 73.99
C ASP K 16 -19.87 25.29 73.93
N GLU K 17 -19.18 24.91 75.04
CA GLU K 17 -18.44 23.65 75.13
C GLU K 17 -19.42 22.45 75.03
N GLY K 18 -18.93 21.27 74.60
CA GLY K 18 -19.68 20.03 74.51
C GLY K 18 -20.65 19.89 73.35
N LYS K 19 -20.89 20.99 72.62
CA LYS K 19 -21.78 21.01 71.45
C LYS K 19 -20.97 20.71 70.17
N VAL K 20 -21.67 20.48 69.04
CA VAL K 20 -21.03 20.19 67.76
C VAL K 20 -21.00 21.48 66.98
N LEU K 21 -19.86 21.78 66.35
CA LEU K 21 -19.72 22.98 65.53
C LEU K 21 -19.61 22.63 64.04
N THR K 22 -20.36 23.37 63.20
CA THR K 22 -20.37 23.18 61.76
C THR K 22 -20.12 24.52 61.07
N VAL K 23 -19.12 24.56 60.19
CA VAL K 23 -18.81 25.76 59.42
C VAL K 23 -18.80 25.33 57.97
N ALA K 24 -19.84 25.70 57.23
CA ALA K 24 -19.90 25.36 55.81
C ALA K 24 -19.51 26.56 54.97
N CYS K 25 -18.57 26.34 54.06
CA CYS K 25 -18.10 27.38 53.18
C CYS K 25 -18.05 26.91 51.73
N ALA K 26 -18.59 27.72 50.81
CA ALA K 26 -18.56 27.40 49.39
C ALA K 26 -17.31 27.99 48.76
N PHE K 27 -16.89 27.45 47.61
CA PHE K 27 -15.71 27.93 46.87
C PHE K 27 -15.78 27.69 45.36
N THR K 28 -15.03 28.50 44.60
CA THR K 28 -14.94 28.38 43.15
C THR K 28 -13.51 27.95 42.79
N GLY K 29 -13.29 27.62 41.52
CA GLY K 29 -11.96 27.23 41.07
C GLY K 29 -11.92 26.03 40.15
N GLU K 30 -11.14 26.18 39.06
CA GLU K 30 -10.86 25.16 38.06
C GLU K 30 -9.35 25.18 37.72
N PRO K 31 -8.58 24.10 38.06
CA PRO K 31 -9.02 22.82 38.65
C PRO K 31 -9.64 23.00 40.04
N THR K 32 -10.38 21.99 40.54
CA THR K 32 -10.93 22.05 41.90
C THR K 32 -9.74 22.29 42.88
N PRO K 33 -9.79 23.33 43.73
CA PRO K 33 -8.62 23.61 44.58
C PRO K 33 -8.33 22.61 45.71
N GLU K 34 -7.13 22.67 46.30
CA GLU K 34 -6.79 21.85 47.47
C GLU K 34 -7.29 22.61 48.70
N VAL K 35 -8.25 22.03 49.42
CA VAL K 35 -8.83 22.64 50.62
C VAL K 35 -7.92 22.33 51.81
N THR K 36 -7.44 23.36 52.52
CA THR K 36 -6.56 23.22 53.69
C THR K 36 -7.02 24.08 54.88
N TRP K 37 -7.58 23.41 55.90
CA TRP K 37 -8.01 24.07 57.13
C TRP K 37 -6.84 24.03 58.09
N SER K 38 -6.50 25.17 58.72
CA SER K 38 -5.37 25.23 59.64
C SER K 38 -5.62 26.17 60.80
N CYS K 39 -4.99 25.89 61.93
CA CYS K 39 -5.10 26.70 63.12
C CYS K 39 -3.76 26.80 63.78
N GLY K 40 -3.28 28.04 63.90
CA GLY K 40 -2.00 28.36 64.51
C GLY K 40 -0.81 27.76 63.77
N GLY K 41 -0.92 27.70 62.45
CA GLY K 41 0.11 27.16 61.58
C GLY K 41 0.08 25.65 61.41
N ARG K 42 -0.81 24.97 62.16
CA ARG K 42 -0.94 23.51 62.13
C ARG K 42 -2.18 23.11 61.30
N LYS K 43 -1.98 22.26 60.27
CA LYS K 43 -3.06 21.77 59.40
C LYS K 43 -4.01 20.84 60.18
N ILE K 44 -5.33 21.07 60.05
CA ILE K 44 -6.37 20.25 60.66
C ILE K 44 -6.53 19.00 59.80
N HIS K 45 -6.35 17.82 60.40
CA HIS K 45 -6.46 16.56 59.71
C HIS K 45 -7.76 15.88 60.07
N SER K 46 -8.56 15.51 59.04
CA SER K 46 -9.85 14.85 59.22
C SER K 46 -9.65 13.43 59.78
N GLN K 47 -9.48 13.33 61.11
CA GLN K 47 -9.29 12.06 61.80
C GLN K 47 -10.64 11.41 62.05
N GLU K 48 -10.82 10.19 61.50
CA GLU K 48 -12.04 9.39 61.59
C GLU K 48 -12.45 9.06 63.01
N GLN K 49 -11.47 8.74 63.89
CA GLN K 49 -11.74 8.42 65.30
C GLN K 49 -11.72 9.66 66.21
N GLY K 50 -11.16 10.77 65.71
CA GLY K 50 -11.02 12.03 66.43
C GLY K 50 -12.30 12.86 66.52
N ARG K 51 -12.15 14.11 66.99
CA ARG K 51 -13.27 15.06 67.15
C ARG K 51 -13.42 15.95 65.92
N PHE K 52 -12.29 16.24 65.24
CA PHE K 52 -12.21 17.10 64.06
C PHE K 52 -12.45 16.33 62.77
N HIS K 53 -13.37 16.85 61.93
CA HIS K 53 -13.72 16.27 60.64
C HIS K 53 -13.86 17.35 59.59
N ILE K 54 -13.39 17.07 58.37
CA ILE K 54 -13.51 17.99 57.24
C ILE K 54 -14.18 17.28 56.08
N GLU K 55 -15.39 17.72 55.72
CA GLU K 55 -16.18 17.16 54.61
C GLU K 55 -16.04 18.08 53.39
N ASN K 56 -15.32 17.61 52.36
CA ASN K 56 -15.07 18.41 51.16
C ASN K 56 -15.73 17.88 49.87
N THR K 57 -16.36 18.79 49.09
CA THR K 57 -16.98 18.49 47.80
C THR K 57 -16.19 19.26 46.72
N ASP K 58 -16.72 19.32 45.48
CA ASP K 58 -16.06 20.06 44.39
C ASP K 58 -16.30 21.58 44.51
N ASP K 59 -17.31 21.98 45.33
CA ASP K 59 -17.68 23.38 45.51
C ASP K 59 -17.97 23.77 46.96
N LEU K 60 -17.75 22.87 47.93
CA LEU K 60 -18.04 23.18 49.34
C LEU K 60 -17.18 22.44 50.37
N THR K 61 -16.71 23.18 51.39
CA THR K 61 -15.93 22.64 52.51
C THR K 61 -16.71 22.79 53.82
N THR K 62 -16.69 21.74 54.66
CA THR K 62 -17.37 21.80 55.94
C THR K 62 -16.48 21.36 57.09
N LEU K 63 -16.23 22.29 58.03
CA LEU K 63 -15.44 22.01 59.22
C LEU K 63 -16.37 21.51 60.32
N ILE K 64 -16.01 20.37 60.93
CA ILE K 64 -16.79 19.75 62.00
C ILE K 64 -15.91 19.60 63.21
N ILE K 65 -16.34 20.19 64.34
CA ILE K 65 -15.64 20.04 65.62
C ILE K 65 -16.68 19.49 66.58
N MET K 66 -16.58 18.20 66.89
CA MET K 66 -17.54 17.54 67.77
C MET K 66 -17.12 17.73 69.20
N ASP K 67 -18.08 17.68 70.18
CA ASP K 67 -17.81 17.85 71.61
C ASP K 67 -16.75 18.92 71.84
N VAL K 68 -17.08 20.14 71.43
CA VAL K 68 -16.22 21.31 71.48
C VAL K 68 -15.61 21.56 72.89
N GLN K 69 -14.28 21.70 72.95
CA GLN K 69 -13.54 21.94 74.18
C GLN K 69 -12.83 23.29 74.10
N LYS K 70 -12.65 23.95 75.26
CA LYS K 70 -12.03 25.28 75.39
C LYS K 70 -10.75 25.49 74.53
N GLN K 71 -9.86 24.46 74.45
CA GLN K 71 -8.61 24.48 73.68
C GLN K 71 -8.81 24.68 72.17
N ASP K 72 -10.00 24.30 71.62
CA ASP K 72 -10.35 24.41 70.21
C ASP K 72 -10.52 25.86 69.76
N GLY K 73 -10.74 26.77 70.71
CA GLY K 73 -10.88 28.18 70.44
C GLY K 73 -9.63 28.75 69.80
N GLY K 74 -9.81 29.50 68.71
CA GLY K 74 -8.71 30.11 68.00
C GLY K 74 -9.03 30.63 66.62
N LEU K 75 -7.99 31.08 65.90
CA LEU K 75 -8.13 31.62 64.56
C LEU K 75 -7.84 30.56 63.49
N TYR K 76 -8.92 30.04 62.91
CA TYR K 76 -8.91 29.02 61.87
C TYR K 76 -8.79 29.65 60.51
N THR K 77 -7.90 29.11 59.67
CA THR K 77 -7.66 29.61 58.32
C THR K 77 -8.01 28.59 57.25
N LEU K 78 -9.02 28.90 56.43
CA LEU K 78 -9.39 28.07 55.29
C LEU K 78 -8.57 28.55 54.11
N SER K 79 -7.82 27.65 53.48
CA SER K 79 -6.97 28.04 52.36
C SER K 79 -7.09 27.11 51.15
N LEU K 80 -7.50 27.69 50.02
CA LEU K 80 -7.63 27.01 48.74
C LEU K 80 -6.37 27.32 47.88
N GLY K 81 -6.03 26.37 47.02
CA GLY K 81 -4.93 26.49 46.08
C GLY K 81 -5.10 25.61 44.86
N ASN K 82 -4.86 26.19 43.67
CA ASN K 82 -4.90 25.53 42.36
C ASN K 82 -3.86 26.12 41.39
N GLU K 83 -3.86 25.69 40.13
CA GLU K 83 -2.96 26.13 39.06
C GLU K 83 -2.95 27.67 38.80
N PHE K 84 -4.09 28.33 38.97
CA PHE K 84 -4.22 29.76 38.64
C PHE K 84 -4.02 30.77 39.73
N GLY K 85 -4.14 30.30 40.96
CA GLY K 85 -3.95 31.13 42.13
C GLY K 85 -4.20 30.42 43.44
N SER K 86 -4.60 31.21 44.44
CA SER K 86 -4.88 30.80 45.81
C SER K 86 -5.72 31.84 46.50
N ASP K 87 -6.44 31.43 47.56
CA ASP K 87 -7.25 32.32 48.40
C ASP K 87 -7.25 31.78 49.84
N SER K 88 -7.28 32.69 50.83
CA SER K 88 -7.31 32.34 52.24
C SER K 88 -8.30 33.24 52.94
N ALA K 89 -8.92 32.72 54.01
CA ALA K 89 -9.89 33.43 54.83
C ALA K 89 -9.81 32.92 56.27
N THR K 90 -10.12 33.78 57.24
CA THR K 90 -10.05 33.36 58.64
C THR K 90 -11.36 33.44 59.36
N VAL K 91 -11.61 32.45 60.24
CA VAL K 91 -12.77 32.37 61.11
C VAL K 91 -12.28 32.27 62.57
N ASN K 92 -12.65 33.25 63.37
CA ASN K 92 -12.26 33.27 64.77
C ASN K 92 -13.32 32.50 65.56
N ILE K 93 -12.98 31.27 65.97
CA ILE K 93 -13.88 30.41 66.73
C ILE K 93 -13.67 30.66 68.21
N HIS K 94 -14.79 30.94 68.91
CA HIS K 94 -14.82 31.21 70.33
C HIS K 94 -15.56 30.11 71.06
N ILE K 95 -15.05 29.72 72.24
CA ILE K 95 -15.68 28.70 73.09
C ILE K 95 -16.23 29.34 74.35
N ARG K 96 -17.47 28.99 74.72
CA ARG K 96 -18.14 29.52 75.92
C ARG K 96 -18.59 28.46 76.98
N SER K 97 -18.62 28.86 78.28
CA SER K 97 -19.05 28.06 79.44
C SER K 97 -20.56 27.64 79.35
N SER L 1 -31.39 14.75 69.98
CA SER L 1 -31.43 13.80 68.86
C SER L 1 -30.50 14.11 67.65
N SER L 2 -30.46 15.37 67.12
CA SER L 2 -29.62 15.75 65.97
C SER L 2 -29.08 17.17 66.03
N ALA L 3 -27.81 17.37 65.63
CA ALA L 3 -27.18 18.71 65.55
C ALA L 3 -27.66 19.41 64.27
N PRO L 4 -27.75 20.77 64.21
CA PRO L 4 -28.25 21.44 63.00
C PRO L 4 -27.32 21.33 61.82
N ARG L 5 -27.91 21.33 60.62
CA ARG L 5 -27.16 21.26 59.35
C ARG L 5 -27.88 21.88 58.15
N PHE L 6 -27.08 22.39 57.23
CA PHE L 6 -27.61 23.02 56.05
C PHE L 6 -27.76 22.01 54.92
N LEU L 7 -29.00 21.80 54.42
CA LEU L 7 -29.29 20.94 53.27
C LEU L 7 -28.99 21.78 52.02
N THR L 8 -29.38 23.08 52.11
CA THR L 8 -29.19 24.13 51.12
C THR L 8 -28.41 25.27 51.82
N ARG L 9 -27.34 25.75 51.20
CA ARG L 9 -26.59 26.88 51.77
C ARG L 9 -27.37 28.20 51.53
N PRO L 10 -27.24 29.27 52.34
CA PRO L 10 -28.01 30.48 52.08
C PRO L 10 -27.78 31.01 50.66
N LYS L 11 -28.88 31.22 49.93
CA LYS L 11 -28.89 31.70 48.56
C LYS L 11 -29.73 32.96 48.46
N ALA L 12 -29.20 33.97 47.78
CA ALA L 12 -29.93 35.23 47.67
C ALA L 12 -30.72 35.34 46.38
N PHE L 13 -31.98 35.85 46.47
CA PHE L 13 -32.83 36.09 45.32
C PHE L 13 -33.11 37.56 45.23
N VAL L 14 -32.61 38.19 44.15
CA VAL L 14 -32.72 39.62 43.89
C VAL L 14 -33.47 39.84 42.60
N VAL L 15 -34.44 40.77 42.60
CA VAL L 15 -35.17 41.12 41.39
C VAL L 15 -34.53 42.39 40.83
N SER L 16 -34.43 43.43 41.68
CA SER L 16 -33.81 44.72 41.41
C SER L 16 -33.73 45.49 42.74
N VAL L 17 -33.14 46.68 42.66
CA VAL L 17 -33.03 47.62 43.76
C VAL L 17 -34.45 48.20 43.87
N GLY L 18 -34.92 48.43 45.09
CA GLY L 18 -36.26 48.97 45.31
C GLY L 18 -37.33 47.91 45.43
N LYS L 19 -37.01 46.68 45.03
CA LYS L 19 -37.89 45.52 45.14
C LYS L 19 -37.34 44.64 46.28
N ASP L 20 -38.19 43.84 46.93
CA ASP L 20 -37.75 42.94 48.01
C ASP L 20 -36.69 41.93 47.53
N ALA L 21 -35.83 41.49 48.46
CA ALA L 21 -34.79 40.50 48.20
C ALA L 21 -34.81 39.46 49.29
N THR L 22 -34.48 38.20 48.97
CA THR L 22 -34.54 37.13 49.97
C THR L 22 -33.32 36.26 50.04
N LEU L 23 -32.88 36.05 51.27
CA LEU L 23 -31.80 35.16 51.64
C LEU L 23 -32.50 33.96 52.26
N SER L 24 -32.44 32.82 51.58
CA SER L 24 -33.16 31.62 52.00
C SER L 24 -32.27 30.39 52.00
N CYS L 25 -32.64 29.37 52.83
CA CYS L 25 -31.88 28.10 52.99
C CYS L 25 -32.70 27.02 53.66
N GLN L 26 -32.22 25.78 53.61
CA GLN L 26 -32.88 24.66 54.25
C GLN L 26 -32.04 24.12 55.40
N ILE L 27 -32.63 24.05 56.59
CA ILE L 27 -31.93 23.59 57.78
C ILE L 27 -32.74 22.56 58.54
N VAL L 28 -32.09 21.43 58.87
CA VAL L 28 -32.65 20.32 59.63
C VAL L 28 -31.91 20.15 60.94
N GLY L 29 -32.62 19.61 61.93
CA GLY L 29 -32.09 19.35 63.27
C GLY L 29 -33.18 18.95 64.25
N ASN L 30 -32.81 18.20 65.28
CA ASN L 30 -33.75 17.75 66.31
C ASN L 30 -33.14 17.98 67.70
N PRO L 31 -33.61 18.95 68.52
CA PRO L 31 -34.75 19.86 68.30
C PRO L 31 -34.58 20.74 67.07
N THR L 32 -35.71 21.20 66.51
CA THR L 32 -35.68 22.05 65.33
C THR L 32 -34.88 23.31 65.58
N PRO L 33 -33.94 23.63 64.68
CA PRO L 33 -33.03 24.75 64.93
C PRO L 33 -33.63 26.15 64.98
N GLN L 34 -32.97 27.01 65.78
CA GLN L 34 -33.28 28.44 65.92
C GLN L 34 -32.36 29.16 64.94
N VAL L 35 -32.93 29.97 64.05
CA VAL L 35 -32.10 30.66 63.07
C VAL L 35 -31.97 32.15 63.32
N SER L 36 -30.70 32.60 63.33
CA SER L 36 -30.30 33.97 63.55
C SER L 36 -29.46 34.44 62.37
N TRP L 37 -29.57 35.72 62.02
CA TRP L 37 -28.83 36.31 60.89
C TRP L 37 -28.01 37.51 61.29
N GLU L 38 -26.81 37.66 60.70
CA GLU L 38 -25.97 38.83 60.95
C GLU L 38 -25.29 39.35 59.69
N LYS L 39 -25.45 40.66 59.41
CA LYS L 39 -24.85 41.36 58.27
C LYS L 39 -23.57 42.05 58.76
N ASP L 40 -22.41 41.57 58.28
CA ASP L 40 -21.07 42.08 58.59
C ASP L 40 -20.83 42.12 60.10
N GLN L 41 -21.04 40.95 60.77
CA GLN L 41 -20.90 40.74 62.23
C GLN L 41 -21.85 41.58 63.14
N GLN L 42 -22.78 42.32 62.51
CA GLN L 42 -23.80 43.11 63.19
C GLN L 42 -25.13 42.33 63.06
N PRO L 43 -25.78 41.93 64.18
CA PRO L 43 -27.02 41.15 64.08
C PRO L 43 -28.17 41.90 63.41
N VAL L 44 -29.02 41.14 62.70
CA VAL L 44 -30.15 41.67 61.98
C VAL L 44 -31.32 41.94 62.93
N ALA L 45 -31.79 43.20 62.95
CA ALA L 45 -32.92 43.62 63.76
C ALA L 45 -34.13 43.63 62.82
N ALA L 46 -35.11 42.77 63.12
CA ALA L 46 -36.33 42.65 62.33
C ALA L 46 -37.20 43.92 62.46
N GLY L 47 -37.85 44.30 61.37
CA GLY L 47 -38.72 45.46 61.33
C GLY L 47 -38.92 46.04 59.96
N ALA L 48 -38.48 47.28 59.78
CA ALA L 48 -38.63 48.00 58.52
C ALA L 48 -37.74 47.46 57.41
N ARG L 49 -36.42 47.29 57.70
CA ARG L 49 -35.45 46.79 56.71
C ARG L 49 -35.62 45.29 56.48
N PHE L 50 -35.65 44.50 57.56
CA PHE L 50 -35.68 43.05 57.46
C PHE L 50 -36.87 42.37 58.08
N ARG L 51 -37.22 41.18 57.55
CA ARG L 51 -38.30 40.32 58.02
C ARG L 51 -37.89 38.87 57.98
N LEU L 52 -38.06 38.17 59.10
CA LEU L 52 -37.68 36.77 59.25
C LEU L 52 -38.90 35.88 59.21
N ALA L 53 -38.78 34.69 58.55
CA ALA L 53 -39.85 33.69 58.43
C ALA L 53 -39.28 32.31 58.13
N GLN L 54 -40.02 31.24 58.47
CA GLN L 54 -39.64 29.85 58.18
C GLN L 54 -40.85 28.94 57.97
N ASP L 55 -40.91 28.33 56.78
CA ASP L 55 -41.93 27.37 56.37
C ASP L 55 -41.25 26.01 56.50
N GLY L 56 -41.61 25.27 57.55
CA GLY L 56 -41.01 23.97 57.82
C GLY L 56 -39.53 24.14 58.01
N ASP L 57 -38.71 23.42 57.22
CA ASP L 57 -37.26 23.58 57.36
C ASP L 57 -36.64 24.67 56.48
N LEU L 58 -37.47 25.40 55.72
CA LEU L 58 -37.03 26.50 54.87
C LEU L 58 -37.01 27.73 55.73
N TYR L 59 -35.86 28.37 55.85
CA TYR L 59 -35.71 29.59 56.66
C TYR L 59 -35.49 30.72 55.68
N ARG L 60 -36.05 31.90 55.92
CA ARG L 60 -35.93 33.01 54.98
C ARG L 60 -35.88 34.42 55.60
N LEU L 61 -34.84 35.18 55.23
CA LEU L 61 -34.67 36.57 55.63
C LEU L 61 -35.02 37.42 54.43
N THR L 62 -36.01 38.29 54.57
CA THR L 62 -36.45 39.19 53.48
C THR L 62 -35.93 40.58 53.75
N ILE L 63 -35.24 41.15 52.76
CA ILE L 63 -34.73 42.52 52.83
C ILE L 63 -35.71 43.38 52.01
N LEU L 64 -36.55 44.17 52.69
CA LEU L 64 -37.55 45.02 52.05
C LEU L 64 -36.86 46.18 51.34
N ASP L 65 -37.46 46.67 50.22
CA ASP L 65 -36.97 47.79 49.40
C ASP L 65 -35.44 47.79 49.35
N LEU L 66 -34.86 46.80 48.62
CA LEU L 66 -33.42 46.61 48.48
C LEU L 66 -32.72 47.89 48.06
N ALA L 67 -31.63 48.23 48.75
CA ALA L 67 -30.80 49.42 48.47
C ALA L 67 -29.35 48.97 48.36
N LEU L 68 -28.46 49.84 47.84
CA LEU L 68 -27.03 49.49 47.75
C LEU L 68 -26.42 49.25 49.14
N GLY L 69 -26.96 49.95 50.14
CA GLY L 69 -26.54 49.81 51.53
C GLY L 69 -26.75 48.44 52.15
N ASP L 70 -27.53 47.57 51.48
CA ASP L 70 -27.82 46.21 51.94
C ASP L 70 -26.73 45.21 51.56
N SER L 71 -25.74 45.63 50.75
CA SER L 71 -24.61 44.79 50.34
C SER L 71 -23.75 44.45 51.54
N GLY L 72 -23.28 43.21 51.60
CA GLY L 72 -22.45 42.73 52.70
C GLY L 72 -22.50 41.22 52.90
N GLN L 73 -21.68 40.72 53.83
CA GLN L 73 -21.60 39.28 54.13
C GLN L 73 -22.61 38.93 55.19
N TYR L 74 -23.64 38.19 54.81
CA TYR L 74 -24.70 37.77 55.71
C TYR L 74 -24.40 36.37 56.22
N VAL L 75 -24.39 36.19 57.54
CA VAL L 75 -24.11 34.91 58.17
C VAL L 75 -25.38 34.36 58.82
N CYS L 76 -25.75 33.11 58.47
CA CYS L 76 -26.89 32.39 59.03
C CYS L 76 -26.37 31.42 60.09
N ARG L 77 -27.00 31.44 61.27
CA ARG L 77 -26.61 30.59 62.38
C ARG L 77 -27.77 29.73 62.85
N ALA L 78 -27.65 28.42 62.63
CA ALA L 78 -28.64 27.46 63.06
C ALA L 78 -28.12 26.85 64.36
N ARG L 79 -28.88 27.06 65.44
CA ARG L 79 -28.51 26.63 66.79
C ARG L 79 -29.63 25.79 67.43
N ASN L 80 -29.25 24.79 68.25
CA ASN L 80 -30.11 23.90 69.02
C ASN L 80 -29.31 23.30 70.18
N ALA L 81 -29.99 22.66 71.14
CA ALA L 81 -29.37 22.05 72.34
C ALA L 81 -28.09 21.19 72.10
N ILE L 82 -28.01 20.57 70.90
CA ILE L 82 -26.92 19.69 70.46
C ILE L 82 -25.74 20.44 69.83
N GLY L 83 -26.03 21.46 69.01
CA GLY L 83 -24.93 22.20 68.38
C GLY L 83 -25.30 23.39 67.55
N GLU L 84 -24.30 23.90 66.81
CA GLU L 84 -24.43 25.06 65.92
C GLU L 84 -23.90 24.74 64.52
N ALA L 85 -24.54 25.38 63.53
CA ALA L 85 -24.22 25.27 62.11
C ALA L 85 -24.19 26.67 61.55
N PHE L 86 -23.08 27.01 60.89
CA PHE L 86 -22.90 28.32 60.28
C PHE L 86 -22.67 28.18 58.80
N ALA L 87 -23.20 29.14 58.05
CA ALA L 87 -23.06 29.25 56.61
C ALA L 87 -23.31 30.71 56.24
N ALA L 88 -22.57 31.22 55.27
CA ALA L 88 -22.70 32.62 54.90
C ALA L 88 -22.97 32.82 53.43
N VAL L 89 -23.40 34.03 53.08
CA VAL L 89 -23.70 34.46 51.71
C VAL L 89 -23.42 35.94 51.54
N GLY L 90 -22.70 36.24 50.47
CA GLY L 90 -22.36 37.62 50.13
C GLY L 90 -23.39 38.22 49.20
N LEU L 91 -24.02 39.30 49.64
CA LEU L 91 -25.02 39.99 48.83
C LEU L 91 -24.35 41.23 48.23
N GLN L 92 -24.41 41.37 46.90
CA GLN L 92 -23.82 42.51 46.22
C GLN L 92 -24.82 43.15 45.28
N VAL L 93 -25.41 44.28 45.72
CA VAL L 93 -26.42 45.02 44.99
C VAL L 93 -25.81 46.24 44.30
N GLY M 1 -40.94 9.54 -36.91
CA GLY M 1 -40.60 9.46 -35.50
C GLY M 1 -41.22 10.53 -34.61
N ILE M 2 -41.55 10.16 -33.35
CA ILE M 2 -42.18 11.06 -32.37
C ILE M 2 -41.39 11.04 -31.04
N PRO M 3 -40.92 12.21 -30.52
CA PRO M 3 -40.24 12.21 -29.21
C PRO M 3 -41.25 12.01 -28.09
N PRO M 4 -40.86 11.45 -26.91
CA PRO M 4 -41.85 11.23 -25.86
C PRO M 4 -42.27 12.49 -25.12
N LYS M 5 -43.50 12.46 -24.58
CA LYS M 5 -44.06 13.55 -23.82
C LYS M 5 -44.93 13.02 -22.71
N ILE M 6 -44.69 13.48 -21.47
CA ILE M 6 -45.52 13.12 -20.31
C ILE M 6 -46.77 13.99 -20.45
N GLU M 7 -47.94 13.34 -20.58
CA GLU M 7 -49.22 14.01 -20.80
C GLU M 7 -49.63 14.90 -19.61
N ALA M 8 -49.87 14.32 -18.42
CA ALA M 8 -50.23 15.09 -17.24
C ALA M 8 -50.04 14.26 -15.99
N LEU M 9 -49.12 14.71 -15.15
CA LEU M 9 -48.74 14.08 -13.89
C LEU M 9 -48.92 15.12 -12.76
N PRO M 10 -49.65 14.76 -11.66
CA PRO M 10 -49.83 15.73 -10.58
C PRO M 10 -48.51 16.26 -9.98
N SER M 11 -48.53 17.51 -9.53
CA SER M 11 -47.40 18.21 -8.91
C SER M 11 -47.15 17.62 -7.51
N ASP M 12 -48.20 17.65 -6.65
CA ASP M 12 -48.20 17.14 -5.28
C ASP M 12 -49.41 16.25 -5.05
N ILE M 13 -49.21 15.16 -4.30
CA ILE M 13 -50.25 14.21 -3.90
C ILE M 13 -49.98 13.81 -2.46
N SER M 14 -51.04 13.59 -1.68
CA SER M 14 -50.91 13.18 -0.27
C SER M 14 -51.74 11.96 0.00
N ILE M 15 -51.25 11.08 0.90
CA ILE M 15 -51.92 9.84 1.30
C ILE M 15 -51.62 9.50 2.74
N ASP M 16 -52.53 8.80 3.43
CA ASP M 16 -52.34 8.37 4.82
C ASP M 16 -51.55 7.05 4.86
N GLU M 17 -50.79 6.82 5.93
CA GLU M 17 -50.01 5.60 6.12
C GLU M 17 -50.91 4.38 6.05
N GLY M 18 -50.43 3.29 5.49
CA GLY M 18 -51.14 2.01 5.42
C GLY M 18 -52.12 1.82 4.29
N LYS M 19 -52.40 2.87 3.52
CA LYS M 19 -53.31 2.80 2.39
C LYS M 19 -52.52 2.52 1.08
N VAL M 20 -53.23 2.21 -0.01
CA VAL M 20 -52.62 1.94 -1.32
C VAL M 20 -52.65 3.22 -2.15
N LEU M 21 -51.55 3.55 -2.80
CA LEU M 21 -51.45 4.74 -3.64
C LEU M 21 -51.34 4.36 -5.11
N THR M 22 -52.09 5.07 -5.95
CA THR M 22 -52.11 4.85 -7.40
C THR M 22 -51.90 6.18 -8.11
N VAL M 23 -50.90 6.24 -8.99
CA VAL M 23 -50.63 7.43 -9.79
C VAL M 23 -50.62 7.00 -11.24
N ALA M 24 -51.68 7.35 -11.97
CA ALA M 24 -51.77 7.00 -13.38
C ALA M 24 -51.41 8.19 -14.27
N CYS M 25 -50.49 7.96 -15.17
CA CYS M 25 -50.04 8.99 -16.08
C CYS M 25 -49.99 8.48 -17.51
N ALA M 26 -50.52 9.27 -18.46
CA ALA M 26 -50.48 8.89 -19.87
C ALA M 26 -49.22 9.47 -20.54
N PHE M 27 -48.81 8.90 -21.69
CA PHE M 27 -47.64 9.38 -22.45
C PHE M 27 -47.76 9.14 -23.96
N THR M 28 -46.97 9.90 -24.73
CA THR M 28 -46.86 9.79 -26.19
C THR M 28 -45.43 9.35 -26.53
N GLY M 29 -45.23 8.87 -27.75
CA GLY M 29 -43.92 8.41 -28.17
C GLY M 29 -43.95 7.20 -29.06
N GLU M 30 -43.15 7.29 -30.14
CA GLU M 30 -42.91 6.26 -31.16
C GLU M 30 -41.39 6.35 -31.50
N PRO M 31 -40.54 5.34 -31.19
CA PRO M 31 -40.84 4.03 -30.56
C PRO M 31 -41.39 4.24 -29.16
N THR M 32 -42.33 3.37 -28.70
CA THR M 32 -42.91 3.48 -27.35
C THR M 32 -41.76 3.66 -26.33
N PRO M 33 -41.78 4.75 -25.52
CA PRO M 33 -40.62 5.04 -24.67
C PRO M 33 -40.34 4.17 -23.45
N GLU M 34 -39.08 4.15 -22.99
CA GLU M 34 -38.71 3.42 -21.79
C GLU M 34 -39.20 4.23 -20.58
N VAL M 35 -40.16 3.66 -19.83
CA VAL M 35 -40.72 4.31 -18.64
C VAL M 35 -39.80 4.02 -17.45
N THR M 36 -39.33 5.09 -16.77
CA THR M 36 -38.44 4.98 -15.60
C THR M 36 -38.90 5.85 -14.42
N TRP M 37 -39.43 5.20 -13.37
CA TRP M 37 -39.86 5.87 -12.14
C TRP M 37 -38.68 5.87 -11.20
N SER M 38 -38.37 7.01 -10.59
CA SER M 38 -37.24 7.12 -9.67
C SER M 38 -37.50 8.08 -8.51
N CYS M 39 -36.88 7.81 -7.37
CA CYS M 39 -37.00 8.65 -6.19
C CYS M 39 -35.66 8.76 -5.52
N GLY M 40 -35.19 10.00 -5.38
CA GLY M 40 -33.92 10.32 -4.76
C GLY M 40 -32.73 9.71 -5.46
N GLY M 41 -32.82 9.63 -6.81
CA GLY M 41 -31.79 9.07 -7.67
C GLY M 41 -31.80 7.56 -7.79
N ARG M 42 -32.72 6.89 -7.08
CA ARG M 42 -32.84 5.44 -7.07
C ARG M 42 -34.04 5.03 -7.91
N LYS M 43 -33.83 4.19 -8.96
CA LYS M 43 -34.89 3.69 -9.84
C LYS M 43 -35.82 2.75 -9.06
N ILE M 44 -37.14 2.95 -9.19
CA ILE M 44 -38.16 2.11 -8.57
C ILE M 44 -38.30 0.85 -9.44
N HIS M 45 -38.11 -0.33 -8.83
CA HIS M 45 -38.20 -1.62 -9.52
C HIS M 45 -39.48 -2.30 -9.16
N SER M 46 -40.28 -2.70 -10.17
CA SER M 46 -41.57 -3.36 -9.95
C SER M 46 -41.39 -4.77 -9.39
N GLN M 47 -41.19 -4.84 -8.06
CA GLN M 47 -41.01 -6.11 -7.36
C GLN M 47 -42.37 -6.72 -7.04
N GLU M 48 -42.61 -7.94 -7.54
CA GLU M 48 -43.86 -8.70 -7.37
C GLU M 48 -44.20 -8.97 -5.90
N GLN M 49 -43.20 -9.31 -5.07
CA GLN M 49 -43.42 -9.57 -3.66
C GLN M 49 -43.26 -8.31 -2.77
N GLY M 50 -42.70 -7.23 -3.34
CA GLY M 50 -42.49 -5.96 -2.65
C GLY M 50 -43.74 -5.12 -2.52
N ARG M 51 -43.60 -3.87 -2.06
CA ARG M 51 -44.73 -2.94 -1.89
C ARG M 51 -44.94 -2.09 -3.16
N PHE M 52 -43.85 -1.79 -3.89
CA PHE M 52 -43.81 -0.96 -5.09
C PHE M 52 -44.07 -1.75 -6.35
N HIS M 53 -45.01 -1.24 -7.19
CA HIS M 53 -45.38 -1.88 -8.46
C HIS M 53 -45.58 -0.86 -9.56
N ILE M 54 -45.09 -1.15 -10.77
CA ILE M 54 -45.25 -0.27 -11.93
C ILE M 54 -45.93 -1.03 -13.06
N GLU M 55 -47.15 -0.60 -13.41
CA GLU M 55 -47.95 -1.20 -14.50
C GLU M 55 -47.85 -0.30 -15.73
N ASN M 56 -47.14 -0.78 -16.77
CA ASN M 56 -46.93 0.01 -17.99
C ASN M 56 -47.62 -0.55 -19.23
N THR M 57 -48.26 0.32 -20.02
CA THR M 57 -48.90 -0.01 -21.29
C THR M 57 -48.15 0.76 -22.40
N ASP M 58 -48.70 0.80 -23.62
CA ASP M 58 -48.10 1.52 -24.75
C ASP M 58 -48.35 3.04 -24.65
N ASP M 59 -49.35 3.44 -23.82
CA ASP M 59 -49.74 4.83 -23.66
C ASP M 59 -49.98 5.25 -22.21
N LEU M 60 -49.72 4.36 -21.23
CA LEU M 60 -49.97 4.69 -19.82
C LEU M 60 -49.06 3.99 -18.80
N THR M 61 -48.61 4.75 -17.79
CA THR M 61 -47.81 4.25 -16.67
C THR M 61 -48.56 4.42 -15.35
N THR M 62 -48.52 3.39 -14.50
CA THR M 62 -49.19 3.44 -13.21
C THR M 62 -48.28 3.05 -12.07
N LEU M 63 -48.02 3.98 -11.14
CA LEU M 63 -47.20 3.74 -9.97
C LEU M 63 -48.11 3.24 -8.85
N ILE M 64 -47.73 2.12 -8.21
CA ILE M 64 -48.48 1.52 -7.11
C ILE M 64 -47.59 1.42 -5.90
N ILE M 65 -48.02 2.02 -4.78
CA ILE M 65 -47.29 1.92 -3.51
C ILE M 65 -48.30 1.36 -2.52
N MET M 66 -48.13 0.08 -2.17
CA MET M 66 -49.05 -0.59 -1.25
C MET M 66 -48.60 -0.35 0.17
N ASP M 67 -49.53 -0.41 1.16
CA ASP M 67 -49.24 -0.17 2.59
C ASP M 67 -48.20 0.94 2.76
N VAL M 68 -48.55 2.15 2.30
CA VAL M 68 -47.70 3.33 2.32
C VAL M 68 -47.13 3.61 3.73
N GLN M 69 -45.79 3.78 3.80
CA GLN M 69 -45.06 4.07 5.02
C GLN M 69 -44.40 5.44 4.91
N LYS M 70 -44.22 6.15 6.05
CA LYS M 70 -43.64 7.49 6.11
C LYS M 70 -42.38 7.71 5.23
N GLN M 71 -41.47 6.71 5.17
CA GLN M 71 -40.23 6.73 4.38
C GLN M 71 -40.45 6.88 2.86
N ASP M 72 -41.62 6.46 2.36
CA ASP M 72 -42.01 6.52 0.94
C ASP M 72 -42.23 7.96 0.47
N GLY M 73 -42.46 8.87 1.41
CA GLY M 73 -42.64 10.28 1.11
C GLY M 73 -41.40 10.86 0.44
N GLY M 74 -41.62 11.58 -0.65
CA GLY M 74 -40.53 12.18 -1.41
C GLY M 74 -40.89 12.64 -2.79
N LEU M 75 -39.87 13.08 -3.53
CA LEU M 75 -40.03 13.58 -4.88
C LEU M 75 -39.73 12.50 -5.94
N TYR M 76 -40.81 11.95 -6.49
CA TYR M 76 -40.80 10.90 -7.49
C TYR M 76 -40.72 11.50 -8.88
N THR M 77 -39.82 10.95 -9.72
CA THR M 77 -39.60 11.44 -11.07
C THR M 77 -39.93 10.39 -12.12
N LEU M 78 -40.95 10.68 -12.95
CA LEU M 78 -41.30 9.81 -14.06
C LEU M 78 -40.49 10.30 -15.26
N SER M 79 -39.71 9.39 -15.88
CA SER M 79 -38.88 9.76 -17.02
C SER M 79 -39.00 8.80 -18.20
N LEU M 80 -39.42 9.34 -19.35
CA LEU M 80 -39.57 8.61 -20.61
C LEU M 80 -38.36 8.91 -21.49
N GLY M 81 -38.05 7.97 -22.39
CA GLY M 81 -36.95 8.14 -23.32
C GLY M 81 -37.04 7.17 -24.49
N ASN M 82 -36.83 7.70 -25.71
CA ASN M 82 -36.82 6.93 -26.94
C ASN M 82 -35.77 7.49 -27.90
N GLU M 83 -35.79 7.02 -29.15
CA GLU M 83 -34.88 7.43 -30.21
C GLU M 83 -34.83 8.94 -30.48
N PHE M 84 -35.97 9.62 -30.40
CA PHE M 84 -36.13 11.03 -30.76
C PHE M 84 -35.98 12.09 -29.67
N GLY M 85 -35.97 11.66 -28.42
CA GLY M 85 -35.83 12.55 -27.26
C GLY M 85 -36.18 11.90 -25.95
N SER M 86 -36.47 12.74 -24.93
CA SER M 86 -36.83 12.37 -23.57
C SER M 86 -37.66 13.43 -22.88
N ASP M 87 -38.41 13.03 -21.86
CA ASP M 87 -39.21 13.92 -21.03
C ASP M 87 -39.21 13.43 -19.58
N SER M 88 -39.25 14.36 -18.62
CA SER M 88 -39.29 14.06 -17.20
C SER M 88 -40.30 14.96 -16.49
N ALA M 89 -40.91 14.46 -15.43
CA ALA M 89 -41.88 15.16 -14.61
C ALA M 89 -41.79 14.68 -13.17
N THR M 90 -42.12 15.54 -12.20
CA THR M 90 -42.04 15.15 -10.80
C THR M 90 -43.36 15.21 -10.07
N VAL M 91 -43.59 14.22 -9.20
CA VAL M 91 -44.73 14.14 -8.30
C VAL M 91 -44.23 14.09 -6.84
N ASN M 92 -44.61 15.07 -6.05
CA ASN M 92 -44.19 15.14 -4.67
C ASN M 92 -45.23 14.38 -3.85
N ILE M 93 -44.86 13.16 -3.40
CA ILE M 93 -45.73 12.31 -2.60
C ILE M 93 -45.51 12.64 -1.11
N HIS M 94 -46.59 13.00 -0.42
CA HIS M 94 -46.59 13.35 1.00
C HIS M 94 -47.33 12.29 1.79
N ILE M 95 -46.81 11.95 2.97
CA ILE M 95 -47.43 10.95 3.85
C ILE M 95 -47.97 11.64 5.11
N ARG M 96 -49.17 11.22 5.56
CA ARG M 96 -49.81 11.74 6.77
C ARG M 96 -50.19 10.62 7.77
N SER M 97 -50.32 10.95 9.08
CA SER M 97 -50.66 10.00 10.18
C SER M 97 -51.90 9.13 9.91
N SER N 1 -62.44 -3.84 0.82
CA SER N 1 -62.55 -4.78 -0.28
C SER N 1 -61.71 -4.45 -1.54
N SER N 2 -61.73 -3.19 -2.03
CA SER N 2 -60.97 -2.77 -3.21
C SER N 2 -60.56 -1.32 -3.16
N ALA N 3 -59.32 -1.04 -3.60
CA ALA N 3 -58.80 0.32 -3.67
C ALA N 3 -59.24 0.97 -5.00
N PRO N 4 -59.39 2.32 -5.00
CA PRO N 4 -59.86 3.01 -6.21
C PRO N 4 -58.90 2.94 -7.37
N ARG N 5 -59.44 2.75 -8.57
CA ARG N 5 -58.68 2.70 -9.81
C ARG N 5 -59.47 3.24 -10.98
N PHE N 6 -58.80 3.98 -11.86
CA PHE N 6 -59.44 4.53 -13.03
C PHE N 6 -59.43 3.44 -14.10
N LEU N 7 -60.60 3.21 -14.71
CA LEU N 7 -60.88 2.28 -15.81
C LEU N 7 -60.62 3.06 -17.10
N THR N 8 -60.91 4.37 -17.06
CA THR N 8 -60.73 5.39 -18.07
C THR N 8 -60.02 6.56 -17.38
N ARG N 9 -58.96 7.10 -18.01
CA ARG N 9 -58.25 8.27 -17.49
C ARG N 9 -59.09 9.53 -17.70
N PRO N 10 -58.92 10.64 -16.94
CA PRO N 10 -59.78 11.81 -17.16
C PRO N 10 -59.67 12.36 -18.59
N LYS N 11 -60.81 12.44 -19.31
CA LYS N 11 -60.87 12.91 -20.70
C LYS N 11 -61.73 14.16 -20.77
N ALA N 12 -61.22 15.20 -21.44
CA ALA N 12 -61.99 16.44 -21.57
C ALA N 12 -62.79 16.51 -22.88
N PHE N 13 -64.05 16.96 -22.80
CA PHE N 13 -64.90 17.15 -23.96
C PHE N 13 -65.26 18.62 -24.08
N VAL N 14 -64.74 19.26 -25.14
CA VAL N 14 -64.91 20.69 -25.40
C VAL N 14 -65.69 20.88 -26.69
N VAL N 15 -66.68 21.76 -26.69
CA VAL N 15 -67.42 22.08 -27.90
C VAL N 15 -66.83 23.36 -28.45
N SER N 16 -66.77 24.41 -27.60
CA SER N 16 -66.19 25.73 -27.87
C SER N 16 -66.13 26.52 -26.58
N VAL N 17 -65.59 27.73 -26.67
CA VAL N 17 -65.53 28.71 -25.59
C VAL N 17 -66.96 29.23 -25.47
N GLY N 18 -67.44 29.44 -24.26
CA GLY N 18 -68.80 29.94 -24.03
C GLY N 18 -69.83 28.84 -23.93
N LYS N 19 -69.46 27.61 -24.32
CA LYS N 19 -70.30 26.42 -24.21
C LYS N 19 -69.72 25.56 -23.07
N ASP N 20 -70.55 24.74 -22.41
CA ASP N 20 -70.08 23.86 -21.33
C ASP N 20 -68.98 22.87 -21.80
N ALA N 21 -68.12 22.47 -20.86
CA ALA N 21 -67.04 21.52 -21.13
C ALA N 21 -67.04 20.48 -20.03
N THR N 22 -66.68 19.22 -20.36
CA THR N 22 -66.70 18.17 -19.35
C THR N 22 -65.44 17.37 -19.25
N LEU N 23 -64.98 17.22 -18.01
CA LEU N 23 -63.86 16.37 -17.61
C LEU N 23 -64.54 15.15 -17.00
N SER N 24 -64.36 13.99 -17.62
CA SER N 24 -65.03 12.76 -17.19
C SER N 24 -64.10 11.56 -17.18
N CYS N 25 -64.42 10.55 -16.34
CA CYS N 25 -63.64 9.31 -16.18
C CYS N 25 -64.46 8.19 -15.52
N GLN N 26 -63.98 6.94 -15.66
CA GLN N 26 -64.61 5.76 -15.11
C GLN N 26 -63.78 5.24 -13.94
N ILE N 27 -64.35 5.22 -12.75
CA ILE N 27 -63.62 4.85 -11.55
C ILE N 27 -64.38 3.81 -10.76
N VAL N 28 -63.67 2.71 -10.41
CA VAL N 28 -64.18 1.63 -9.58
C VAL N 28 -63.45 1.58 -8.22
N GLY N 29 -64.06 0.91 -7.25
CA GLY N 29 -63.51 0.76 -5.90
C GLY N 29 -64.54 0.26 -4.92
N ASN N 30 -64.11 -0.53 -3.93
CA ASN N 30 -65.02 -1.04 -2.90
C ASN N 30 -64.49 -0.78 -1.48
N PRO N 31 -65.07 0.18 -0.72
CA PRO N 31 -66.25 1.00 -1.02
C PRO N 31 -66.13 1.90 -2.24
N THR N 32 -67.27 2.42 -2.71
CA THR N 32 -67.30 3.28 -3.88
C THR N 32 -66.54 4.57 -3.59
N PRO N 33 -65.69 5.00 -4.55
CA PRO N 33 -64.84 6.17 -4.29
C PRO N 33 -65.50 7.56 -4.28
N GLN N 34 -64.92 8.43 -3.44
CA GLN N 34 -65.26 9.84 -3.34
C GLN N 34 -64.31 10.54 -4.31
N VAL N 35 -64.88 11.33 -5.23
CA VAL N 35 -64.05 12.01 -6.20
C VAL N 35 -63.95 13.51 -5.99
N SER N 36 -62.71 14.00 -5.92
CA SER N 36 -62.35 15.40 -5.71
C SER N 36 -61.51 15.86 -6.89
N TRP N 37 -61.67 17.14 -7.28
CA TRP N 37 -60.94 17.72 -8.40
C TRP N 37 -60.17 18.98 -8.00
N GLU N 38 -58.96 19.15 -8.56
CA GLU N 38 -58.17 20.34 -8.32
C GLU N 38 -57.49 20.86 -9.58
N LYS N 39 -57.69 22.15 -9.89
CA LYS N 39 -57.10 22.83 -11.04
C LYS N 39 -55.86 23.58 -10.55
N ASP N 40 -54.69 23.14 -11.02
CA ASP N 40 -53.37 23.71 -10.72
C ASP N 40 -53.14 23.78 -9.19
N GLN N 41 -53.31 22.63 -8.52
CA GLN N 41 -53.16 22.45 -7.07
C GLN N 41 -54.14 23.25 -6.17
N GLN N 42 -55.11 23.94 -6.80
CA GLN N 42 -56.17 24.70 -6.13
C GLN N 42 -57.47 23.90 -6.26
N PRO N 43 -58.11 23.48 -5.13
CA PRO N 43 -59.33 22.67 -5.23
C PRO N 43 -60.49 23.36 -5.90
N VAL N 44 -61.31 22.57 -6.61
CA VAL N 44 -62.48 23.03 -7.33
C VAL N 44 -63.65 23.22 -6.37
N ALA N 45 -64.19 24.44 -6.33
CA ALA N 45 -65.37 24.77 -5.53
C ALA N 45 -66.56 24.73 -6.49
N ALA N 46 -67.52 23.85 -6.21
CA ALA N 46 -68.73 23.66 -7.01
C ALA N 46 -69.64 24.87 -6.87
N GLY N 47 -70.26 25.26 -7.98
CA GLY N 47 -71.18 26.39 -8.02
C GLY N 47 -71.38 26.97 -9.41
N ALA N 48 -70.97 28.21 -9.57
CA ALA N 48 -71.15 28.93 -10.83
C ALA N 48 -70.25 28.43 -11.93
N ARG N 49 -68.93 28.31 -11.66
CA ARG N 49 -67.95 27.85 -12.64
C ARG N 49 -68.06 26.35 -12.87
N PHE N 50 -68.07 25.55 -11.79
CA PHE N 50 -68.04 24.10 -11.89
C PHE N 50 -69.22 23.39 -11.26
N ARG N 51 -69.50 22.18 -11.79
CA ARG N 51 -70.56 21.29 -11.32
C ARG N 51 -70.07 19.85 -11.36
N LEU N 52 -70.23 19.15 -10.24
CA LEU N 52 -69.78 17.78 -10.07
C LEU N 52 -70.99 16.85 -10.10
N ALA N 53 -70.86 15.68 -10.76
CA ALA N 53 -71.93 14.67 -10.88
C ALA N 53 -71.36 13.29 -11.16
N GLN N 54 -72.11 12.23 -10.85
CA GLN N 54 -71.68 10.86 -11.14
C GLN N 54 -72.80 9.89 -11.37
N ASP N 55 -72.79 9.19 -12.53
CA ASP N 55 -73.79 8.17 -12.91
C ASP N 55 -73.04 6.85 -12.80
N GLY N 56 -73.29 6.13 -11.71
CA GLY N 56 -72.61 4.86 -11.44
C GLY N 56 -71.12 5.07 -11.36
N ASP N 57 -70.34 4.22 -12.06
CA ASP N 57 -68.88 4.37 -12.04
C ASP N 57 -68.33 5.50 -12.89
N LEU N 58 -69.21 6.32 -13.52
CA LEU N 58 -68.85 7.48 -14.34
C LEU N 58 -68.88 8.73 -13.51
N TYR N 59 -67.72 9.39 -13.35
CA TYR N 59 -67.60 10.63 -12.55
C TYR N 59 -67.33 11.79 -13.52
N ARG N 60 -67.99 12.95 -13.32
CA ARG N 60 -67.89 14.06 -14.26
C ARG N 60 -67.87 15.47 -13.63
N LEU N 61 -66.88 16.27 -14.03
CA LEU N 61 -66.75 17.67 -13.66
C LEU N 61 -67.14 18.48 -14.87
N THR N 62 -68.19 19.33 -14.74
CA THR N 62 -68.66 20.18 -15.83
C THR N 62 -68.17 21.61 -15.59
N ILE N 63 -67.51 22.19 -16.58
CA ILE N 63 -67.06 23.57 -16.50
C ILE N 63 -68.06 24.39 -17.34
N LEU N 64 -68.93 25.15 -16.65
CA LEU N 64 -69.95 25.98 -17.31
C LEU N 64 -69.31 27.15 -18.02
N ASP N 65 -69.92 27.61 -19.13
CA ASP N 65 -69.47 28.76 -19.96
C ASP N 65 -67.93 28.81 -20.02
N LEU N 66 -67.32 27.83 -20.72
CA LEU N 66 -65.88 27.69 -20.83
C LEU N 66 -65.23 28.99 -21.26
N ALA N 67 -64.14 29.38 -20.57
CA ALA N 67 -63.35 30.59 -20.84
C ALA N 67 -61.89 30.20 -20.95
N LEU N 68 -61.03 31.09 -21.49
CA LEU N 68 -59.60 30.79 -21.58
C LEU N 68 -58.97 30.58 -20.18
N GLY N 69 -59.52 31.27 -19.18
CA GLY N 69 -59.09 31.16 -17.80
C GLY N 69 -59.26 29.79 -17.18
N ASP N 70 -60.03 28.90 -17.84
CA ASP N 70 -60.27 27.52 -17.36
C ASP N 70 -59.15 26.55 -17.74
N SER N 71 -58.17 27.00 -18.57
CA SER N 71 -57.01 26.20 -18.96
C SER N 71 -56.13 25.90 -17.75
N GLY N 72 -55.63 24.68 -17.69
CA GLY N 72 -54.78 24.23 -16.58
C GLY N 72 -54.76 22.73 -16.37
N GLN N 73 -53.90 22.25 -15.45
CA GLN N 73 -53.77 20.83 -15.15
C GLN N 73 -54.75 20.45 -14.06
N TYR N 74 -55.76 19.66 -14.42
CA TYR N 74 -56.80 19.22 -13.51
C TYR N 74 -56.44 17.82 -13.02
N VAL N 75 -56.33 17.65 -11.67
CA VAL N 75 -56.04 16.36 -11.02
C VAL N 75 -57.35 15.81 -10.46
N CYS N 76 -57.63 14.52 -10.69
CA CYS N 76 -58.84 13.84 -10.19
C CYS N 76 -58.37 12.85 -9.16
N ARG N 77 -58.92 12.98 -7.96
CA ARG N 77 -58.54 12.13 -6.83
C ARG N 77 -59.69 11.26 -6.40
N ALA N 78 -59.53 9.97 -6.68
CA ALA N 78 -60.47 8.95 -6.28
C ALA N 78 -59.93 8.44 -4.95
N ARG N 79 -60.75 8.54 -3.89
CA ARG N 79 -60.33 8.14 -2.55
C ARG N 79 -61.34 7.25 -1.81
N ASN N 80 -60.85 6.18 -1.17
CA ASN N 80 -61.66 5.29 -0.34
C ASN N 80 -60.82 4.78 0.86
N ALA N 81 -61.46 4.07 1.81
CA ALA N 81 -60.82 3.55 3.04
C ALA N 81 -59.54 2.73 2.82
N ILE N 82 -59.41 2.13 1.63
CA ILE N 82 -58.32 1.27 1.20
C ILE N 82 -57.23 2.02 0.43
N GLY N 83 -57.57 3.14 -0.17
CA GLY N 83 -56.57 3.90 -0.90
C GLY N 83 -57.04 5.06 -1.74
N GLU N 84 -56.08 5.63 -2.46
CA GLU N 84 -56.30 6.77 -3.33
C GLU N 84 -55.72 6.43 -4.67
N ALA N 85 -56.29 7.05 -5.70
CA ALA N 85 -55.89 6.90 -7.08
C ALA N 85 -55.91 8.29 -7.68
N PHE N 86 -54.81 8.68 -8.31
CA PHE N 86 -54.68 9.98 -8.95
C PHE N 86 -54.42 9.77 -10.41
N ALA N 87 -55.10 10.56 -11.22
CA ALA N 87 -54.97 10.63 -12.68
C ALA N 87 -55.35 12.06 -13.05
N ALA N 88 -54.43 12.75 -13.73
CA ALA N 88 -54.67 14.14 -14.09
C ALA N 88 -54.94 14.28 -15.59
N VAL N 89 -55.28 15.52 -16.01
CA VAL N 89 -55.59 15.88 -17.41
C VAL N 89 -55.39 17.39 -17.63
N GLY N 90 -54.75 17.73 -18.75
CA GLY N 90 -54.48 19.11 -19.13
C GLY N 90 -55.55 19.66 -20.06
N LEU N 91 -56.21 20.73 -19.64
CA LEU N 91 -57.23 21.38 -20.46
C LEU N 91 -56.62 22.62 -21.05
N GLN N 92 -56.66 22.76 -22.39
CA GLN N 92 -56.09 23.92 -23.06
C GLN N 92 -57.13 24.51 -24.02
N VAL N 93 -57.74 25.64 -23.58
CA VAL N 93 -58.77 26.34 -24.32
C VAL N 93 -58.20 27.58 -25.00
N GLY O 1 -29.44 5.02 -22.82
CA GLY O 1 -29.82 3.83 -23.58
C GLY O 1 -29.08 3.60 -24.89
N ILE O 2 -28.96 2.32 -25.32
CA ILE O 2 -28.26 1.94 -26.56
C ILE O 2 -29.25 1.43 -27.65
N PRO O 3 -29.16 1.94 -28.91
CA PRO O 3 -30.00 1.40 -30.00
C PRO O 3 -29.51 0.01 -30.43
N PRO O 4 -30.38 -0.88 -30.95
CA PRO O 4 -29.89 -2.19 -31.34
C PRO O 4 -29.11 -2.15 -32.64
N LYS O 5 -28.20 -3.10 -32.81
CA LYS O 5 -27.40 -3.24 -34.02
C LYS O 5 -27.15 -4.72 -34.30
N ILE O 6 -27.40 -5.16 -35.54
CA ILE O 6 -27.13 -6.53 -35.95
C ILE O 6 -25.60 -6.56 -36.18
N GLU O 7 -24.89 -7.42 -35.42
CA GLU O 7 -23.44 -7.54 -35.46
C GLU O 7 -22.94 -8.03 -36.80
N ALA O 8 -23.27 -9.29 -37.19
CA ALA O 8 -22.84 -9.88 -38.46
C ALA O 8 -23.70 -11.06 -38.81
N LEU O 9 -24.47 -10.90 -39.90
CA LEU O 9 -25.38 -11.89 -40.46
C LEU O 9 -24.97 -12.12 -41.92
N PRO O 10 -24.75 -13.39 -42.33
CA PRO O 10 -24.35 -13.65 -43.73
C PRO O 10 -25.33 -13.11 -44.77
N SER O 11 -24.80 -12.71 -45.94
CA SER O 11 -25.58 -12.17 -47.06
C SER O 11 -26.35 -13.30 -47.74
N ASP O 12 -25.64 -14.37 -48.16
CA ASP O 12 -26.18 -15.58 -48.80
C ASP O 12 -25.61 -16.82 -48.12
N ILE O 13 -26.47 -17.82 -47.94
CA ILE O 13 -26.14 -19.12 -47.39
C ILE O 13 -26.85 -20.18 -48.22
N SER O 14 -26.20 -21.35 -48.41
CA SER O 14 -26.79 -22.45 -49.16
C SER O 14 -26.73 -23.74 -48.37
N ILE O 15 -27.78 -24.57 -48.50
CA ILE O 15 -27.89 -25.86 -47.81
C ILE O 15 -28.65 -26.88 -48.68
N ASP O 16 -28.35 -28.18 -48.50
CA ASP O 16 -29.03 -29.24 -49.25
C ASP O 16 -30.33 -29.63 -48.55
N GLU O 17 -31.32 -30.14 -49.32
CA GLU O 17 -32.62 -30.59 -48.81
C GLU O 17 -32.44 -31.67 -47.73
N GLY O 18 -33.25 -31.62 -46.68
CA GLY O 18 -33.25 -32.63 -45.63
C GLY O 18 -32.26 -32.46 -44.50
N LYS O 19 -31.35 -31.49 -44.63
CA LYS O 19 -30.36 -31.20 -43.59
C LYS O 19 -30.87 -30.12 -42.63
N VAL O 20 -30.17 -29.92 -41.49
CA VAL O 20 -30.54 -28.90 -40.48
C VAL O 20 -29.74 -27.64 -40.73
N LEU O 21 -30.39 -26.48 -40.73
CA LEU O 21 -29.73 -25.20 -40.93
C LEU O 21 -29.71 -24.38 -39.64
N THR O 22 -28.56 -23.79 -39.32
CA THR O 22 -28.38 -22.96 -38.13
C THR O 22 -27.77 -21.64 -38.54
N VAL O 23 -28.40 -20.53 -38.15
CA VAL O 23 -27.88 -19.19 -38.47
C VAL O 23 -27.78 -18.47 -37.15
N ALA O 24 -26.58 -18.29 -36.64
CA ALA O 24 -26.38 -17.60 -35.38
C ALA O 24 -25.91 -16.18 -35.61
N CYS O 25 -26.64 -15.23 -35.01
CA CYS O 25 -26.31 -13.83 -35.16
C CYS O 25 -26.29 -13.12 -33.82
N ALA O 26 -25.22 -12.34 -33.56
CA ALA O 26 -25.10 -11.57 -32.32
C ALA O 26 -25.68 -10.17 -32.51
N PHE O 27 -25.98 -9.47 -31.41
CA PHE O 27 -26.57 -8.13 -31.44
C PHE O 27 -26.41 -7.32 -30.15
N THR O 28 -26.43 -5.99 -30.30
CA THR O 28 -26.35 -5.04 -29.19
C THR O 28 -27.74 -4.42 -28.99
N GLY O 29 -27.85 -3.56 -27.97
CA GLY O 29 -29.07 -2.85 -27.62
C GLY O 29 -29.41 -3.02 -26.16
N GLU O 30 -29.76 -1.91 -25.50
CA GLU O 30 -30.18 -1.87 -24.10
C GLU O 30 -31.27 -0.82 -24.04
N PRO O 31 -32.53 -1.17 -23.65
CA PRO O 31 -33.04 -2.49 -23.26
C PRO O 31 -32.89 -3.53 -24.37
N THR O 32 -32.92 -4.83 -24.00
CA THR O 32 -32.77 -5.95 -24.95
C THR O 32 -33.80 -5.87 -26.09
N PRO O 33 -33.34 -5.81 -27.38
CA PRO O 33 -34.30 -5.63 -28.47
C PRO O 33 -35.20 -6.82 -28.73
N GLU O 34 -36.36 -6.56 -29.36
CA GLU O 34 -37.31 -7.59 -29.76
C GLU O 34 -36.69 -8.19 -31.04
N VAL O 35 -36.48 -9.51 -31.05
CA VAL O 35 -35.92 -10.23 -32.20
C VAL O 35 -37.08 -10.73 -33.07
N THR O 36 -37.12 -10.32 -34.35
CA THR O 36 -38.17 -10.72 -35.28
C THR O 36 -37.62 -11.25 -36.61
N TRP O 37 -37.71 -12.56 -36.82
CA TRP O 37 -37.27 -13.21 -38.05
C TRP O 37 -38.49 -13.26 -38.97
N SER O 38 -38.33 -12.87 -40.22
CA SER O 38 -39.43 -12.86 -41.19
C SER O 38 -39.00 -13.24 -42.60
N CYS O 39 -39.90 -13.83 -43.36
CA CYS O 39 -39.64 -14.21 -44.75
C CYS O 39 -40.86 -13.92 -45.57
N GLY O 40 -40.66 -13.10 -46.59
CA GLY O 40 -41.71 -12.66 -47.51
C GLY O 40 -42.83 -11.88 -46.85
N GLY O 41 -42.47 -11.10 -45.82
CA GLY O 41 -43.39 -10.29 -45.05
C GLY O 41 -44.11 -11.02 -43.94
N ARG O 42 -43.88 -12.34 -43.82
CA ARG O 42 -44.53 -13.19 -42.81
C ARG O 42 -43.53 -13.54 -41.70
N LYS O 43 -43.91 -13.25 -40.43
CA LYS O 43 -43.07 -13.52 -39.25
C LYS O 43 -42.91 -15.03 -39.01
N ILE O 44 -41.65 -15.46 -38.76
CA ILE O 44 -41.32 -16.85 -38.44
C ILE O 44 -41.64 -17.06 -36.96
N HIS O 45 -42.50 -18.05 -36.67
CA HIS O 45 -42.91 -18.37 -35.31
C HIS O 45 -42.21 -19.63 -34.84
N SER O 46 -41.53 -19.58 -33.69
CA SER O 46 -40.82 -20.71 -33.11
C SER O 46 -41.81 -21.79 -32.63
N GLN O 47 -42.27 -22.64 -33.58
CA GLN O 47 -43.20 -23.73 -33.30
C GLN O 47 -42.42 -24.93 -32.79
N GLU O 48 -42.71 -25.39 -31.56
CA GLU O 48 -42.05 -26.52 -30.91
C GLU O 48 -42.21 -27.84 -31.67
N GLN O 49 -43.39 -28.06 -32.26
CA GLN O 49 -43.68 -29.27 -33.04
C GLN O 49 -43.31 -29.14 -34.53
N GLY O 50 -43.08 -27.90 -34.98
CA GLY O 50 -42.72 -27.58 -36.36
C GLY O 50 -41.26 -27.80 -36.70
N ARG O 51 -40.86 -27.31 -37.87
CA ARG O 51 -39.49 -27.44 -38.36
C ARG O 51 -38.64 -26.23 -37.99
N PHE O 52 -39.28 -25.04 -37.92
CA PHE O 52 -38.66 -23.76 -37.62
C PHE O 52 -38.60 -23.47 -36.12
N HIS O 53 -37.41 -23.11 -35.61
CA HIS O 53 -37.20 -22.78 -34.19
C HIS O 53 -36.29 -21.57 -34.11
N ILE O 54 -36.58 -20.66 -33.16
CA ILE O 54 -35.78 -19.45 -32.93
C ILE O 54 -35.34 -19.45 -31.46
N GLU O 55 -34.02 -19.59 -31.24
CA GLU O 55 -33.39 -19.59 -29.91
C GLU O 55 -32.77 -18.22 -29.66
N ASN O 56 -33.38 -17.44 -28.74
CA ASN O 56 -32.90 -16.08 -28.43
C ASN O 56 -32.35 -15.92 -27.02
N THR O 57 -31.21 -15.20 -26.91
CA THR O 57 -30.56 -14.82 -25.64
C THR O 57 -30.62 -13.29 -25.51
N ASP O 58 -29.88 -12.70 -24.56
CA ASP O 58 -29.87 -11.24 -24.39
C ASP O 58 -28.96 -10.56 -25.44
N ASP O 59 -28.07 -11.34 -26.09
CA ASP O 59 -27.11 -10.85 -27.07
C ASP O 59 -26.97 -11.71 -28.32
N LEU O 60 -27.80 -12.77 -28.48
CA LEU O 60 -27.68 -13.65 -29.64
C LEU O 60 -29.00 -14.34 -30.06
N THR O 61 -29.27 -14.36 -31.40
CA THR O 61 -30.43 -15.00 -32.03
C THR O 61 -29.96 -16.13 -32.93
N THR O 62 -30.65 -17.27 -32.86
CA THR O 62 -30.33 -18.43 -33.67
C THR O 62 -31.54 -18.96 -34.40
N LEU O 63 -31.49 -18.95 -35.74
CA LEU O 63 -32.55 -19.48 -36.59
C LEU O 63 -32.24 -20.96 -36.85
N ILE O 64 -33.24 -21.82 -36.63
CA ILE O 64 -33.12 -23.26 -36.89
C ILE O 64 -34.16 -23.65 -37.91
N ILE O 65 -33.72 -24.33 -38.97
CA ILE O 65 -34.63 -24.87 -39.97
C ILE O 65 -34.26 -26.33 -40.09
N MET O 66 -35.07 -27.21 -39.52
CA MET O 66 -34.82 -28.64 -39.53
C MET O 66 -35.39 -29.22 -40.81
N ASP O 67 -34.83 -30.36 -41.29
CA ASP O 67 -35.28 -31.05 -42.51
C ASP O 67 -35.68 -30.02 -43.59
N VAL O 68 -34.69 -29.21 -44.00
CA VAL O 68 -34.86 -28.14 -45.00
C VAL O 68 -35.52 -28.66 -46.29
N GLN O 69 -36.60 -27.99 -46.71
CA GLN O 69 -37.34 -28.30 -47.92
C GLN O 69 -37.25 -27.14 -48.90
N LYS O 70 -37.33 -27.43 -50.22
CA LYS O 70 -37.19 -26.44 -51.29
C LYS O 70 -37.95 -25.10 -51.07
N GLN O 71 -39.18 -25.17 -50.52
CA GLN O 71 -40.05 -24.03 -50.23
C GLN O 71 -39.47 -23.03 -49.22
N ASP O 72 -38.56 -23.51 -48.33
CA ASP O 72 -37.88 -22.70 -47.30
C ASP O 72 -36.88 -21.71 -47.90
N GLY O 73 -36.47 -21.93 -49.14
CA GLY O 73 -35.56 -21.04 -49.85
C GLY O 73 -36.20 -19.67 -50.01
N GLY O 74 -35.43 -18.63 -49.67
CA GLY O 74 -35.90 -17.26 -49.79
C GLY O 74 -35.09 -16.22 -49.05
N LEU O 75 -35.60 -14.97 -49.02
CA LEU O 75 -34.93 -13.87 -48.36
C LEU O 75 -35.47 -13.64 -46.95
N TYR O 76 -34.70 -14.10 -45.96
CA TYR O 76 -35.03 -13.99 -44.55
C TYR O 76 -34.51 -12.68 -43.97
N THR O 77 -35.36 -11.98 -43.20
CA THR O 77 -35.02 -10.70 -42.60
C THR O 77 -35.01 -10.76 -41.09
N LEU O 78 -33.83 -10.56 -40.48
CA LEU O 78 -33.70 -10.47 -39.03
C LEU O 78 -33.88 -9.00 -38.66
N SER O 79 -34.85 -8.71 -37.78
CA SER O 79 -35.11 -7.34 -37.39
C SER O 79 -35.24 -7.15 -35.89
N LEU O 80 -34.35 -6.30 -35.34
CA LEU O 80 -34.30 -5.94 -33.93
C LEU O 80 -35.02 -4.62 -33.76
N GLY O 81 -35.68 -4.48 -32.63
CA GLY O 81 -36.40 -3.27 -32.26
C GLY O 81 -36.40 -3.08 -30.77
N ASN O 82 -35.92 -1.91 -30.34
CA ASN O 82 -35.79 -1.51 -28.94
C ASN O 82 -36.25 -0.04 -28.82
N GLU O 83 -36.53 0.44 -27.63
CA GLU O 83 -37.03 1.81 -27.45
C GLU O 83 -36.14 2.91 -28.11
N PHE O 84 -34.85 2.62 -28.32
CA PHE O 84 -33.88 3.57 -28.89
C PHE O 84 -33.55 3.42 -30.40
N GLY O 85 -34.36 2.66 -31.11
CA GLY O 85 -34.18 2.46 -32.54
C GLY O 85 -34.36 1.04 -33.02
N SER O 86 -34.00 0.79 -34.27
CA SER O 86 -34.15 -0.52 -34.86
C SER O 86 -33.09 -0.78 -35.91
N ASP O 87 -32.85 -2.06 -36.21
CA ASP O 87 -31.91 -2.50 -37.24
C ASP O 87 -32.47 -3.75 -37.93
N SER O 88 -32.20 -3.87 -39.23
CA SER O 88 -32.64 -5.02 -40.04
C SER O 88 -31.52 -5.46 -40.94
N ALA O 89 -31.49 -6.76 -41.24
CA ALA O 89 -30.49 -7.38 -42.10
C ALA O 89 -31.10 -8.58 -42.82
N THR O 90 -30.63 -8.87 -44.03
CA THR O 90 -31.19 -9.98 -44.79
C THR O 90 -30.19 -11.09 -45.10
N VAL O 91 -30.68 -12.35 -45.03
CA VAL O 91 -29.94 -13.54 -45.36
C VAL O 91 -30.71 -14.30 -46.45
N ASN O 92 -30.07 -14.46 -47.61
CA ASN O 92 -30.67 -15.16 -48.74
C ASN O 92 -30.35 -16.63 -48.59
N ILE O 93 -31.33 -17.44 -48.15
CA ILE O 93 -31.16 -18.88 -47.97
C ILE O 93 -31.50 -19.58 -49.27
N HIS O 94 -30.53 -20.36 -49.80
CA HIS O 94 -30.66 -21.12 -51.04
C HIS O 94 -30.72 -22.60 -50.75
N ILE O 95 -31.62 -23.33 -51.46
CA ILE O 95 -31.78 -24.77 -51.28
C ILE O 95 -31.25 -25.48 -52.52
N ARG O 96 -30.52 -26.59 -52.32
CA ARG O 96 -29.99 -27.41 -53.40
C ARG O 96 -30.44 -28.90 -53.31
N SER O 97 -30.55 -29.57 -54.51
CA SER O 97 -30.95 -30.96 -54.75
C SER O 97 -30.27 -31.96 -53.81
N SER P 1 -25.41 -38.50 -35.88
CA SER P 1 -25.71 -38.25 -34.48
C SER P 1 -26.11 -36.78 -34.14
N SER P 2 -25.32 -35.75 -34.58
CA SER P 2 -25.59 -34.32 -34.27
C SER P 2 -25.25 -33.36 -35.41
N ALA P 3 -26.11 -32.38 -35.63
CA ALA P 3 -25.88 -31.32 -36.62
C ALA P 3 -24.99 -30.27 -35.93
N PRO P 4 -24.04 -29.59 -36.66
CA PRO P 4 -23.15 -28.62 -36.00
C PRO P 4 -23.82 -27.43 -35.35
N ARG P 5 -23.16 -26.91 -34.30
CA ARG P 5 -23.56 -25.73 -33.53
C ARG P 5 -22.37 -25.02 -32.90
N PHE P 6 -22.42 -23.70 -32.89
CA PHE P 6 -21.36 -22.87 -32.33
C PHE P 6 -21.55 -22.74 -30.81
N LEU P 7 -20.50 -23.10 -30.04
CA LEU P 7 -20.52 -22.98 -28.58
C LEU P 7 -20.05 -21.57 -28.23
N THR P 8 -19.13 -21.06 -29.08
CA THR P 8 -18.51 -19.74 -29.09
C THR P 8 -18.70 -19.21 -30.50
N ARG P 9 -19.22 -18.00 -30.63
CA ARG P 9 -19.38 -17.41 -31.95
C ARG P 9 -17.97 -16.94 -32.45
N PRO P 10 -17.71 -16.85 -33.77
CA PRO P 10 -16.40 -16.38 -34.23
C PRO P 10 -16.00 -15.03 -33.62
N LYS P 11 -14.84 -14.98 -32.95
CA LYS P 11 -14.29 -13.80 -32.28
C LYS P 11 -12.92 -13.48 -32.86
N ALA P 12 -12.69 -12.20 -33.17
CA ALA P 12 -11.40 -11.80 -33.74
C ALA P 12 -10.40 -11.32 -32.69
N PHE P 13 -9.13 -11.70 -32.84
CA PHE P 13 -8.06 -11.22 -31.96
C PHE P 13 -7.04 -10.50 -32.81
N VAL P 14 -6.93 -9.18 -32.59
CA VAL P 14 -6.07 -8.30 -33.35
C VAL P 14 -5.05 -7.68 -32.42
N VAL P 15 -3.78 -7.66 -32.82
CA VAL P 15 -2.75 -6.99 -32.02
C VAL P 15 -2.56 -5.61 -32.64
N SER P 16 -2.23 -5.58 -33.96
CA SER P 16 -2.01 -4.40 -34.77
C SER P 16 -1.92 -4.81 -36.22
N VAL P 17 -1.77 -3.82 -37.10
CA VAL P 17 -1.57 -3.98 -38.53
C VAL P 17 -0.13 -4.47 -38.66
N GLY P 18 0.12 -5.41 -39.56
CA GLY P 18 1.46 -5.95 -39.75
C GLY P 18 1.76 -7.14 -38.86
N LYS P 19 0.92 -7.37 -37.85
CA LYS P 19 1.01 -8.50 -36.93
C LYS P 19 -0.13 -9.47 -37.28
N ASP P 20 0.04 -10.77 -37.01
CA ASP P 20 -1.00 -11.77 -37.28
C ASP P 20 -2.31 -11.47 -36.52
N ALA P 21 -3.45 -11.91 -37.09
CA ALA P 21 -4.78 -11.73 -36.51
C ALA P 21 -5.51 -13.05 -36.60
N THR P 22 -6.36 -13.37 -35.60
CA THR P 22 -7.07 -14.64 -35.59
C THR P 22 -8.54 -14.55 -35.34
N LEU P 23 -9.28 -15.25 -36.18
CA LEU P 23 -10.72 -15.42 -36.10
C LEU P 23 -10.89 -16.85 -35.59
N SER P 24 -11.40 -16.99 -34.37
CA SER P 24 -11.50 -18.28 -33.73
C SER P 24 -12.88 -18.52 -33.11
N CYS P 25 -13.29 -19.81 -33.04
CA CYS P 25 -14.60 -20.23 -32.49
C CYS P 25 -14.62 -21.68 -32.06
N GLN P 26 -15.63 -22.04 -31.27
CA GLN P 26 -15.81 -23.37 -30.78
C GLN P 26 -17.00 -24.01 -31.49
N ILE P 27 -16.77 -25.15 -32.15
CA ILE P 27 -17.84 -25.85 -32.87
C ILE P 27 -17.89 -27.36 -32.55
N VAL P 28 -19.07 -27.80 -32.14
CA VAL P 28 -19.40 -29.20 -31.85
C VAL P 28 -20.37 -29.78 -32.90
N GLY P 29 -20.25 -31.08 -33.15
CA GLY P 29 -21.06 -31.83 -34.11
C GLY P 29 -20.59 -33.26 -34.22
N ASN P 30 -21.53 -34.19 -34.53
CA ASN P 30 -21.19 -35.60 -34.66
C ASN P 30 -21.83 -36.15 -35.94
N PRO P 31 -21.08 -36.48 -37.02
CA PRO P 31 -19.61 -36.47 -37.19
C PRO P 31 -19.03 -35.08 -37.07
N THR P 32 -17.77 -35.00 -36.63
CA THR P 32 -17.10 -33.72 -36.41
C THR P 32 -17.16 -32.76 -37.63
N PRO P 33 -17.51 -31.48 -37.42
CA PRO P 33 -17.70 -30.58 -38.57
C PRO P 33 -16.49 -30.16 -39.40
N GLN P 34 -16.75 -29.90 -40.69
CA GLN P 34 -15.79 -29.35 -41.63
C GLN P 34 -16.02 -27.82 -41.61
N VAL P 35 -14.96 -27.05 -41.37
CA VAL P 35 -15.12 -25.61 -41.31
C VAL P 35 -14.50 -24.88 -42.48
N SER P 36 -15.31 -24.03 -43.11
CA SER P 36 -14.96 -23.21 -44.27
C SER P 36 -15.19 -21.74 -43.91
N TRP P 37 -14.36 -20.84 -44.45
CA TRP P 37 -14.48 -19.41 -44.19
C TRP P 37 -14.64 -18.61 -45.47
N GLU P 38 -15.43 -17.53 -45.42
CA GLU P 38 -15.59 -16.64 -46.57
C GLU P 38 -15.62 -15.17 -46.17
N LYS P 39 -14.75 -14.36 -46.79
CA LYS P 39 -14.68 -12.92 -46.56
C LYS P 39 -15.48 -12.22 -47.66
N ASP P 40 -16.59 -11.58 -47.26
CA ASP P 40 -17.50 -10.83 -48.14
C ASP P 40 -17.99 -11.70 -49.31
N GLN P 41 -18.55 -12.88 -48.97
CA GLN P 41 -19.09 -13.89 -49.90
C GLN P 41 -18.07 -14.53 -50.88
N GLN P 42 -16.78 -14.19 -50.71
CA GLN P 42 -15.66 -14.74 -51.48
C GLN P 42 -14.92 -15.73 -50.57
N PRO P 43 -14.84 -17.03 -50.97
CA PRO P 43 -14.18 -18.02 -50.09
C PRO P 43 -12.71 -17.74 -49.85
N VAL P 44 -12.24 -18.09 -48.65
CA VAL P 44 -10.87 -17.89 -48.22
C VAL P 44 -9.97 -18.96 -48.83
N ALA P 45 -8.94 -18.53 -49.58
CA ALA P 45 -7.95 -19.42 -50.17
C ALA P 45 -6.75 -19.41 -49.20
N ALA P 46 -6.44 -20.59 -48.62
CA ALA P 46 -5.35 -20.76 -47.68
C ALA P 46 -4.00 -20.62 -48.39
N GLY P 47 -3.04 -20.00 -47.73
CA GLY P 47 -1.70 -19.79 -48.28
C GLY P 47 -0.95 -18.65 -47.64
N ALA P 48 -0.65 -17.63 -48.43
CA ALA P 48 0.12 -16.47 -47.99
C ALA P 48 -0.66 -15.57 -47.02
N ARG P 49 -1.88 -15.19 -47.41
CA ARG P 49 -2.73 -14.31 -46.60
C ARG P 49 -3.32 -15.05 -45.41
N PHE P 50 -3.93 -16.23 -45.65
CA PHE P 50 -4.63 -16.97 -44.62
C PHE P 50 -4.12 -18.37 -44.34
N ARG P 51 -4.35 -18.83 -43.10
CA ARG P 51 -4.00 -20.16 -42.62
C ARG P 51 -5.09 -20.71 -41.70
N LEU P 52 -5.53 -21.93 -41.99
CA LEU P 52 -6.59 -22.58 -41.24
C LEU P 52 -6.02 -23.68 -40.34
N ALA P 53 -6.55 -23.82 -39.11
CA ALA P 53 -6.14 -24.84 -38.13
C ALA P 53 -7.24 -25.13 -37.10
N GLN P 54 -7.18 -26.31 -36.47
CA GLN P 54 -8.16 -26.69 -35.45
C GLN P 54 -7.63 -27.66 -34.41
N ASP P 55 -7.72 -27.27 -33.11
CA ASP P 55 -7.33 -28.11 -31.98
C ASP P 55 -8.63 -28.52 -31.32
N GLY P 56 -9.03 -29.77 -31.55
CA GLY P 56 -10.27 -30.31 -31.02
C GLY P 56 -11.45 -29.51 -31.52
N ASP P 57 -12.37 -29.12 -30.62
CA ASP P 57 -13.53 -28.32 -31.03
C ASP P 57 -13.24 -26.83 -31.29
N LEU P 58 -11.95 -26.41 -31.22
CA LEU P 58 -11.51 -25.04 -31.47
C LEU P 58 -11.05 -24.92 -32.91
N TYR P 59 -11.70 -24.06 -33.70
CA TYR P 59 -11.38 -23.85 -35.11
C TYR P 59 -10.83 -22.45 -35.24
N ARG P 60 -9.75 -22.25 -36.03
CA ARG P 60 -9.11 -20.94 -36.15
C ARG P 60 -8.58 -20.56 -37.54
N LEU P 61 -8.95 -19.35 -38.00
CA LEU P 61 -8.47 -18.77 -39.24
C LEU P 61 -7.47 -17.68 -38.88
N THR P 62 -6.23 -17.81 -39.34
CA THR P 62 -5.18 -16.83 -39.06
C THR P 62 -4.94 -15.97 -40.28
N ILE P 63 -5.01 -14.64 -40.10
CA ILE P 63 -4.73 -13.70 -41.16
C ILE P 63 -3.31 -13.18 -40.90
N LEU P 64 -2.35 -13.63 -41.74
CA LEU P 64 -0.94 -13.24 -41.62
C LEU P 64 -0.77 -11.80 -42.05
N ASP P 65 0.21 -11.07 -41.42
CA ASP P 65 0.57 -9.67 -41.68
C ASP P 65 -0.69 -8.86 -42.01
N LEU P 66 -1.54 -8.64 -40.97
CA LEU P 66 -2.80 -7.92 -41.10
C LEU P 66 -2.62 -6.59 -41.82
N ALA P 67 -3.49 -6.32 -42.79
CA ALA P 67 -3.50 -5.09 -43.57
C ALA P 67 -4.90 -4.49 -43.51
N LEU P 68 -5.08 -3.21 -43.88
CA LEU P 68 -6.41 -2.61 -43.87
C LEU P 68 -7.36 -3.37 -44.82
N GLY P 69 -6.80 -3.88 -45.92
CA GLY P 69 -7.51 -4.67 -46.93
C GLY P 69 -8.16 -5.94 -46.43
N ASP P 70 -7.80 -6.37 -45.20
CA ASP P 70 -8.38 -7.57 -44.57
C ASP P 70 -9.72 -7.31 -43.88
N SER P 71 -10.15 -6.02 -43.79
CA SER P 71 -11.42 -5.63 -43.21
C SER P 71 -12.58 -6.18 -44.06
N GLY P 72 -13.62 -6.68 -43.37
CA GLY P 72 -14.80 -7.24 -44.01
C GLY P 72 -15.57 -8.21 -43.16
N GLN P 73 -16.72 -8.68 -43.68
CA GLN P 73 -17.58 -9.63 -42.98
C GLN P 73 -17.15 -11.05 -43.28
N TYR P 74 -16.59 -11.72 -42.27
CA TYR P 74 -16.11 -13.10 -42.40
C TYR P 74 -17.19 -14.05 -41.91
N VAL P 75 -17.56 -15.02 -42.76
CA VAL P 75 -18.59 -15.99 -42.44
C VAL P 75 -17.98 -17.37 -42.26
N CYS P 76 -18.25 -17.99 -41.11
CA CYS P 76 -17.77 -19.33 -40.79
C CYS P 76 -18.91 -20.32 -41.05
N ARG P 77 -18.60 -21.40 -41.78
CA ARG P 77 -19.57 -22.43 -42.12
C ARG P 77 -19.14 -23.80 -41.60
N ALA P 78 -19.88 -24.32 -40.60
CA ALA P 78 -19.65 -25.62 -40.02
C ALA P 78 -20.62 -26.56 -40.69
N ARG P 79 -20.09 -27.54 -41.41
CA ARG P 79 -20.89 -28.50 -42.19
C ARG P 79 -20.52 -29.94 -41.84
N ASN P 80 -21.52 -30.83 -41.85
CA ASN P 80 -21.41 -32.27 -41.66
C ASN P 80 -22.60 -32.97 -42.36
N ALA P 81 -22.69 -34.31 -42.28
CA ALA P 81 -23.77 -35.05 -42.93
C ALA P 81 -25.16 -34.63 -42.52
N ILE P 82 -25.38 -34.36 -41.21
CA ILE P 82 -26.69 -33.95 -40.65
C ILE P 82 -27.11 -32.52 -40.99
N GLY P 83 -26.16 -31.58 -41.04
CA GLY P 83 -26.51 -30.20 -41.35
C GLY P 83 -25.42 -29.16 -41.36
N GLU P 84 -25.83 -27.89 -41.48
CA GLU P 84 -24.94 -26.74 -41.53
C GLU P 84 -25.27 -25.71 -40.45
N ALA P 85 -24.22 -25.02 -39.98
CA ALA P 85 -24.29 -23.97 -38.97
C ALA P 85 -23.46 -22.81 -39.50
N PHE P 86 -24.07 -21.63 -39.50
CA PHE P 86 -23.41 -20.42 -39.96
C PHE P 86 -23.39 -19.40 -38.86
N ALA P 87 -22.31 -18.63 -38.81
CA ALA P 87 -22.08 -17.55 -37.86
C ALA P 87 -21.05 -16.62 -38.50
N ALA P 88 -21.18 -15.33 -38.26
CA ALA P 88 -20.27 -14.37 -38.88
C ALA P 88 -19.63 -13.43 -37.90
N VAL P 89 -18.54 -12.76 -38.34
CA VAL P 89 -17.82 -11.76 -37.57
C VAL P 89 -17.27 -10.66 -38.49
N GLY P 90 -17.46 -9.42 -38.09
CA GLY P 90 -16.95 -8.28 -38.83
C GLY P 90 -15.58 -7.88 -38.32
N LEU P 91 -14.60 -7.89 -39.20
CA LEU P 91 -13.24 -7.47 -38.86
C LEU P 91 -13.03 -6.04 -39.40
N GLN P 92 -12.62 -5.10 -38.52
CA GLN P 92 -12.39 -3.72 -38.95
C GLN P 92 -11.02 -3.24 -38.49
N VAL P 93 -10.10 -3.16 -39.47
CA VAL P 93 -8.72 -2.75 -39.24
C VAL P 93 -8.48 -1.30 -39.65
N GLY Q 1 2.28 23.75 46.10
CA GLY Q 1 1.90 22.56 45.33
C GLY Q 1 2.70 22.32 44.06
N ILE Q 2 2.85 21.05 43.67
CA ILE Q 2 3.60 20.65 42.47
C ILE Q 2 2.68 20.16 41.35
N PRO Q 3 2.73 20.79 40.14
CA PRO Q 3 1.91 20.28 39.02
C PRO Q 3 2.45 18.93 38.58
N PRO Q 4 1.63 18.00 38.05
CA PRO Q 4 2.17 16.70 37.65
C PRO Q 4 2.95 16.71 36.35
N LYS Q 5 3.97 15.82 36.26
CA LYS Q 5 4.79 15.66 35.06
C LYS Q 5 5.05 14.18 34.74
N ILE Q 6 4.80 13.76 33.48
CA ILE Q 6 5.08 12.39 33.06
C ILE Q 6 6.58 12.37 32.80
N GLU Q 7 7.30 11.50 33.54
CA GLU Q 7 8.76 11.40 33.47
C GLU Q 7 9.24 10.93 32.10
N ALA Q 8 8.94 9.67 31.71
CA ALA Q 8 9.38 9.10 30.45
C ALA Q 8 8.56 7.88 30.12
N LEU Q 9 7.79 8.02 29.04
CA LEU Q 9 6.90 7.00 28.50
C LEU Q 9 7.30 6.77 27.03
N PRO Q 10 7.52 5.51 26.61
CA PRO Q 10 7.92 5.26 25.20
C PRO Q 10 6.93 5.80 24.17
N SER Q 11 7.45 6.21 23.01
CA SER Q 11 6.64 6.73 21.89
C SER Q 11 5.88 5.59 21.24
N ASP Q 12 6.61 4.53 20.80
CA ASP Q 12 6.06 3.33 20.17
C ASP Q 12 6.64 2.08 20.81
N ILE Q 13 5.79 1.06 20.98
CA ILE Q 13 6.17 -0.25 21.53
C ILE Q 13 5.48 -1.32 20.71
N SER Q 14 6.13 -2.49 20.51
CA SER Q 14 5.54 -3.59 19.75
C SER Q 14 5.62 -4.89 20.52
N ILE Q 15 4.61 -5.74 20.38
CA ILE Q 15 4.51 -7.03 21.07
C ILE Q 15 3.75 -8.06 20.20
N ASP Q 16 4.06 -9.35 20.37
CA ASP Q 16 3.40 -10.42 19.63
C ASP Q 16 2.10 -10.83 20.34
N GLU Q 17 1.11 -11.33 19.57
CA GLU Q 17 -0.18 -11.79 20.08
C GLU Q 17 0.01 -12.88 21.15
N GLY Q 18 -0.81 -12.83 22.20
CA GLY Q 18 -0.82 -13.85 23.25
C GLY Q 18 0.17 -13.67 24.38
N LYS Q 19 1.07 -12.70 24.26
CA LYS Q 19 2.06 -12.41 25.29
C LYS Q 19 1.52 -11.33 26.27
N VAL Q 20 2.21 -11.12 27.41
CA VAL Q 20 1.82 -10.13 28.41
C VAL Q 20 2.62 -8.88 28.16
N LEU Q 21 1.97 -7.71 28.17
CA LEU Q 21 2.65 -6.43 27.97
C LEU Q 21 2.67 -5.61 29.25
N THR Q 22 3.83 -5.01 29.54
CA THR Q 22 4.03 -4.17 30.73
C THR Q 22 4.62 -2.84 30.30
N VAL Q 23 3.98 -1.74 30.69
CA VAL Q 23 4.49 -0.39 30.40
C VAL Q 23 4.60 0.35 31.71
N ALA Q 24 5.81 0.54 32.21
CA ALA Q 24 6.01 1.24 33.47
C ALA Q 24 6.45 2.68 33.23
N CYS Q 25 5.73 3.60 33.85
CA CYS Q 25 6.03 5.02 33.72
C CYS Q 25 6.04 5.73 35.06
N ALA Q 26 7.09 6.52 35.32
CA ALA Q 26 7.21 7.28 36.56
C ALA Q 26 6.58 8.66 36.38
N PHE Q 27 6.22 9.31 37.47
CA PHE Q 27 5.60 10.62 37.38
C PHE Q 27 5.89 11.48 38.61
N THR Q 28 5.60 12.79 38.50
CA THR Q 28 5.74 13.75 39.59
C THR Q 28 4.35 14.36 39.93
N GLY Q 29 4.32 15.24 40.94
CA GLY Q 29 3.11 15.93 41.37
C GLY Q 29 2.73 15.73 42.82
N GLU Q 30 2.42 16.86 43.49
CA GLU Q 30 1.97 16.92 44.88
C GLU Q 30 0.83 17.94 44.94
N PRO Q 31 -0.40 17.55 45.35
CA PRO Q 31 -0.83 16.21 45.82
C PRO Q 31 -0.63 15.14 44.77
N THR Q 32 -0.63 13.87 45.18
CA THR Q 32 -0.44 12.74 44.27
C THR Q 32 -1.50 12.83 43.14
N PRO Q 33 -1.10 12.80 41.85
CA PRO Q 33 -2.08 12.98 40.76
C PRO Q 33 -2.95 11.78 40.38
N GLU Q 34 -4.09 12.06 39.72
CA GLU Q 34 -5.09 11.07 39.27
C GLU Q 34 -4.65 10.48 37.92
N VAL Q 35 -4.11 9.25 37.97
CA VAL Q 35 -3.62 8.52 36.79
C VAL Q 35 -4.80 8.01 35.96
N THR Q 36 -4.84 8.37 34.68
CA THR Q 36 -5.90 7.97 33.75
C THR Q 36 -5.34 7.46 32.41
N TRP Q 37 -5.41 6.14 32.20
CA TRP Q 37 -4.98 5.51 30.96
C TRP Q 37 -6.18 5.44 30.05
N SER Q 38 -6.02 5.85 28.78
CA SER Q 38 -7.13 5.85 27.81
C SER Q 38 -6.69 5.50 26.41
N CYS Q 39 -7.60 4.91 25.63
CA CYS Q 39 -7.34 4.54 24.25
C CYS Q 39 -8.57 4.84 23.41
N GLY Q 40 -8.37 5.66 22.39
CA GLY Q 40 -9.40 6.11 21.48
C GLY Q 40 -10.52 6.88 22.16
N GLY Q 41 -10.16 7.65 23.19
CA GLY Q 41 -11.10 8.46 23.98
C GLY Q 41 -11.80 7.73 25.10
N ARG Q 42 -11.60 6.40 25.19
CA ARG Q 42 -12.22 5.54 26.19
C ARG Q 42 -11.22 5.17 27.31
N LYS Q 43 -11.58 5.45 28.59
CA LYS Q 43 -10.75 5.16 29.76
C LYS Q 43 -10.58 3.66 29.97
N ILE Q 44 -9.33 3.21 30.21
CA ILE Q 44 -8.98 1.82 30.49
C ILE Q 44 -9.30 1.57 31.98
N HIS Q 45 -10.13 0.58 32.27
CA HIS Q 45 -10.53 0.26 33.63
C HIS Q 45 -9.82 -0.99 34.10
N SER Q 46 -9.14 -0.91 35.26
CA SER Q 46 -8.41 -2.05 35.83
C SER Q 46 -9.38 -3.13 36.34
N GLN Q 47 -9.84 -3.98 35.40
CA GLN Q 47 -10.77 -5.07 35.70
C GLN Q 47 -9.98 -6.27 36.19
N GLU Q 48 -10.26 -6.73 37.42
CA GLU Q 48 -9.60 -7.88 38.07
C GLU Q 48 -9.76 -9.19 37.30
N GLN Q 49 -10.95 -9.41 36.72
CA GLN Q 49 -11.23 -10.62 35.94
C GLN Q 49 -10.90 -10.47 34.44
N GLY Q 50 -10.67 -9.23 33.98
CA GLY Q 50 -10.33 -8.89 32.60
C GLY Q 50 -8.88 -9.10 32.23
N ARG Q 51 -8.50 -8.60 31.05
CA ARG Q 51 -7.13 -8.72 30.54
C ARG Q 51 -6.27 -7.51 30.91
N PHE Q 52 -6.92 -6.33 31.00
CA PHE Q 52 -6.28 -5.04 31.29
C PHE Q 52 -6.20 -4.77 32.78
N HIS Q 53 -5.00 -4.38 33.25
CA HIS Q 53 -4.73 -4.08 34.66
C HIS Q 53 -3.86 -2.84 34.77
N ILE Q 54 -4.14 -1.98 35.75
CA ILE Q 54 -3.36 -0.77 35.99
C ILE Q 54 -2.90 -0.76 37.45
N GLU Q 55 -1.57 -0.87 37.66
CA GLU Q 55 -0.93 -0.85 38.99
C GLU Q 55 -0.35 0.54 39.24
N ASN Q 56 -0.97 1.32 40.16
CA ASN Q 56 -0.53 2.69 40.47
C ASN Q 56 0.03 2.87 41.87
N THR Q 57 1.17 3.58 41.97
CA THR Q 57 1.82 3.94 43.23
C THR Q 57 1.75 5.49 43.38
N ASP Q 58 2.48 6.05 44.35
CA ASP Q 58 2.50 7.50 44.54
C ASP Q 58 3.42 8.19 43.51
N ASP Q 59 4.31 7.42 42.84
CA ASP Q 59 5.23 7.94 41.84
C ASP Q 59 5.36 7.09 40.58
N LEU Q 60 4.55 6.03 40.41
CA LEU Q 60 4.66 5.17 39.23
C LEU Q 60 3.37 4.48 38.80
N THR Q 61 3.12 4.46 37.48
CA THR Q 61 1.98 3.80 36.86
C THR Q 61 2.44 2.64 35.97
N THR Q 62 1.74 1.49 36.05
CA THR Q 62 2.08 0.34 35.22
C THR Q 62 0.85 -0.21 34.50
N LEU Q 63 0.90 -0.17 33.15
CA LEU Q 63 -0.17 -0.71 32.31
C LEU Q 63 0.14 -2.17 32.02
N ILE Q 64 -0.85 -3.05 32.23
CA ILE Q 64 -0.71 -4.49 32.01
C ILE Q 64 -1.76 -4.94 31.02
N ILE Q 65 -1.34 -5.55 29.93
CA ILE Q 65 -2.26 -6.11 28.94
C ILE Q 65 -1.89 -7.57 28.82
N MET Q 66 -2.71 -8.45 29.39
CA MET Q 66 -2.45 -9.89 29.36
C MET Q 66 -3.02 -10.48 28.08
N ASP Q 67 -2.45 -11.61 27.60
CA ASP Q 67 -2.88 -12.29 26.38
C ASP Q 67 -3.27 -11.27 25.30
N VAL Q 68 -2.29 -10.44 24.90
CA VAL Q 68 -2.46 -9.37 23.91
C VAL Q 68 -3.11 -9.88 22.60
N GLN Q 69 -4.19 -9.22 22.19
CA GLN Q 69 -4.93 -9.53 20.97
C GLN Q 69 -4.83 -8.36 19.99
N LYS Q 70 -4.89 -8.64 18.66
CA LYS Q 70 -4.77 -7.64 17.59
C LYS Q 70 -5.55 -6.32 17.83
N GLN Q 71 -6.79 -6.42 18.37
CA GLN Q 71 -7.66 -5.28 18.66
C GLN Q 71 -7.09 -4.28 19.68
N ASP Q 72 -6.16 -4.75 20.57
CA ASP Q 72 -5.51 -3.95 21.61
C ASP Q 72 -4.55 -2.92 21.03
N GLY Q 73 -4.12 -3.13 19.78
CA GLY Q 73 -3.23 -2.22 19.09
C GLY Q 73 -3.87 -0.86 18.95
N GLY Q 74 -3.12 0.20 19.30
CA GLY Q 74 -3.62 1.56 19.22
C GLY Q 74 -2.81 2.59 19.96
N LEU Q 75 -3.33 3.83 20.00
CA LEU Q 75 -2.65 4.94 20.66
C LEU Q 75 -3.18 5.17 22.06
N TYR Q 76 -2.42 4.70 23.04
CA TYR Q 76 -2.74 4.80 24.47
C TYR Q 76 -2.23 6.12 25.06
N THR Q 77 -3.08 6.79 25.83
CA THR Q 77 -2.75 8.09 26.43
C THR Q 77 -2.76 8.04 27.94
N LEU Q 78 -1.58 8.26 28.55
CA LEU Q 78 -1.45 8.34 29.99
C LEU Q 78 -1.67 9.79 30.38
N SER Q 79 -2.63 10.05 31.28
CA SER Q 79 -2.92 11.44 31.68
C SER Q 79 -3.06 11.62 33.17
N LEU Q 80 -2.17 12.45 33.76
CA LEU Q 80 -2.19 12.76 35.18
C LEU Q 80 -2.88 14.09 35.41
N GLY Q 81 -3.70 14.14 36.44
CA GLY Q 81 -4.47 15.32 36.81
C GLY Q 81 -4.27 15.59 38.28
N ASN Q 82 -4.32 16.86 38.68
CA ASN Q 82 -3.99 17.35 40.01
C ASN Q 82 -4.61 18.74 40.23
N GLU Q 83 -4.75 19.18 41.48
CA GLU Q 83 -5.25 20.51 41.81
C GLU Q 83 -4.37 21.59 41.14
N PHE Q 84 -3.10 21.26 40.87
CA PHE Q 84 -2.11 22.16 40.27
C PHE Q 84 -1.87 22.03 38.78
N GLY Q 85 -2.65 21.20 38.09
CA GLY Q 85 -2.55 21.07 36.64
C GLY Q 85 -2.59 19.66 36.08
N SER Q 86 -2.12 19.52 34.85
CA SER Q 86 -2.12 18.22 34.21
C SER Q 86 -0.96 18.07 33.26
N ASP Q 87 -0.78 16.84 32.76
CA ASP Q 87 0.19 16.38 31.79
C ASP Q 87 -0.41 15.14 31.13
N SER Q 88 -0.04 14.91 29.86
CA SER Q 88 -0.48 13.77 29.04
C SER Q 88 0.67 13.36 28.14
N ALA Q 89 0.70 12.08 27.81
CA ALA Q 89 1.71 11.48 26.94
C ALA Q 89 1.11 10.28 26.21
N THR Q 90 1.58 9.99 25.00
CA THR Q 90 1.05 8.86 24.24
C THR Q 90 2.06 7.77 23.93
N VAL Q 91 1.59 6.50 23.98
CA VAL Q 91 2.34 5.30 23.62
C VAL Q 91 1.58 4.53 22.52
N ASN Q 92 2.21 4.37 21.34
CA ASN Q 92 1.57 3.68 20.23
C ASN Q 92 1.91 2.21 20.30
N ILE Q 93 0.97 1.40 20.83
CA ILE Q 93 1.15 -0.05 20.99
C ILE Q 93 0.81 -0.75 19.68
N HIS Q 94 1.77 -1.52 19.15
CA HIS Q 94 1.64 -2.27 17.91
C HIS Q 94 1.61 -3.75 18.19
N ILE Q 95 0.74 -4.49 17.47
CA ILE Q 95 0.63 -5.95 17.63
C ILE Q 95 1.15 -6.64 16.37
N ARG Q 96 1.87 -7.76 16.56
CA ARG Q 96 2.42 -8.57 15.47
C ARG Q 96 1.99 -10.08 15.58
N SER Q 97 1.98 -10.83 14.44
CA SER Q 97 1.62 -12.26 14.36
C SER Q 97 2.42 -13.16 15.34
N SER R 1 7.13 -19.53 32.94
CA SER R 1 6.88 -19.30 34.36
C SER R 1 6.52 -17.84 34.76
N SER R 2 7.29 -16.81 34.32
CA SER R 2 7.06 -15.39 34.68
C SER R 2 7.34 -14.41 33.54
N ALA R 3 6.46 -13.40 33.38
CA ALA R 3 6.65 -12.35 32.39
C ALA R 3 7.65 -11.33 33.00
N PRO R 4 8.43 -10.60 32.17
CA PRO R 4 9.41 -9.66 32.73
C PRO R 4 8.76 -8.46 33.43
N ARG R 5 9.42 -8.00 34.49
CA ARG R 5 9.00 -6.83 35.26
C ARG R 5 10.17 -6.14 35.89
N PHE R 6 10.09 -4.80 35.93
CA PHE R 6 11.13 -3.94 36.49
C PHE R 6 10.92 -3.81 37.98
N LEU R 7 11.94 -4.18 38.75
CA LEU R 7 11.98 -4.07 40.20
C LEU R 7 12.43 -2.65 40.55
N THR R 8 13.32 -2.10 39.71
CA THR R 8 13.88 -0.77 39.72
C THR R 8 13.72 -0.23 38.30
N ARG R 9 13.18 0.99 38.16
CA ARG R 9 13.00 1.63 36.85
CA ARG R 9 13.00 1.58 36.84
C ARG R 9 14.38 2.08 36.33
N PRO R 10 14.67 2.14 34.99
CA PRO R 10 16.00 2.60 34.55
C PRO R 10 16.36 3.96 35.15
N LYS R 11 17.55 4.02 35.77
CA LYS R 11 18.08 5.20 36.43
C LYS R 11 19.45 5.54 35.85
N ALA R 12 19.65 6.81 35.52
CA ALA R 12 20.92 7.22 34.94
C ALA R 12 21.92 7.75 35.97
N PHE R 13 23.20 7.34 35.85
CA PHE R 13 24.25 7.84 36.72
C PHE R 13 25.29 8.56 35.88
N VAL R 14 25.39 9.87 36.10
CA VAL R 14 26.26 10.77 35.36
C VAL R 14 27.28 11.36 36.30
N VAL R 15 28.56 11.38 35.89
CA VAL R 15 29.60 12.01 36.71
C VAL R 15 29.79 13.40 36.12
N SER R 16 30.11 13.46 34.82
CA SER R 16 30.32 14.67 34.02
C SER R 16 30.39 14.26 32.56
N VAL R 17 30.54 15.26 31.69
CA VAL R 17 30.72 15.09 30.25
C VAL R 17 32.17 14.63 30.12
N GLY R 18 32.42 13.69 29.22
CA GLY R 18 33.77 13.15 29.01
C GLY R 18 34.08 11.95 29.89
N LYS R 19 33.27 11.72 30.91
CA LYS R 19 33.38 10.58 31.82
C LYS R 19 32.23 9.61 31.49
N ASP R 20 32.42 8.30 31.77
CA ASP R 20 31.38 7.30 31.50
C ASP R 20 30.06 7.57 32.26
N ALA R 21 28.94 7.14 31.68
CA ALA R 21 27.60 7.30 32.26
C ALA R 21 26.86 5.98 32.16
N THR R 22 26.00 5.67 33.14
CA THR R 22 25.31 4.39 33.13
C THR R 22 23.83 4.48 33.37
N LEU R 23 23.09 3.76 32.53
CA LEU R 23 21.66 3.57 32.62
C LEU R 23 21.51 2.16 33.13
N SER R 24 20.99 2.02 34.34
CA SER R 24 20.88 0.72 35.00
C SER R 24 19.51 0.48 35.62
N CYS R 25 19.13 -0.80 35.74
CA CYS R 25 17.84 -1.24 36.30
C CYS R 25 17.87 -2.69 36.82
N GLN R 26 16.84 -3.10 37.58
CA GLN R 26 16.68 -4.45 38.12
C GLN R 26 15.49 -5.12 37.45
N ILE R 27 15.73 -6.19 36.68
CA ILE R 27 14.69 -6.92 35.94
C ILE R 27 14.62 -8.41 36.25
N VAL R 28 13.42 -8.85 36.65
CA VAL R 28 13.14 -10.26 36.92
C VAL R 28 12.25 -10.88 35.84
N GLY R 29 12.30 -12.19 35.72
CA GLY R 29 11.54 -12.94 34.74
C GLY R 29 12.01 -14.37 34.60
N ASN R 30 11.09 -15.28 34.25
CA ASN R 30 11.42 -16.68 34.05
C ASN R 30 10.72 -17.14 32.78
N PRO R 31 11.43 -17.40 31.67
CA PRO R 31 12.90 -17.38 31.47
C PRO R 31 13.51 -16.01 31.73
N THR R 32 14.81 -16.00 32.07
CA THR R 32 15.47 -14.73 32.37
C THR R 32 15.40 -13.76 31.18
N PRO R 33 14.97 -12.49 31.38
CA PRO R 33 14.77 -11.60 30.23
C PRO R 33 16.00 -11.30 29.37
N GLN R 34 15.70 -10.91 28.11
CA GLN R 34 16.65 -10.40 27.12
C GLN R 34 16.41 -8.89 27.14
N VAL R 35 17.48 -8.12 27.38
CA VAL R 35 17.33 -6.68 27.45
C VAL R 35 17.92 -5.94 26.26
N SER R 36 17.09 -5.09 25.66
CA SER R 36 17.42 -4.26 24.50
C SER R 36 17.20 -2.80 24.87
N TRP R 37 18.01 -1.90 24.31
CA TRP R 37 17.90 -0.47 24.57
C TRP R 37 17.75 0.32 23.28
N GLU R 38 16.94 1.39 23.32
CA GLU R 38 16.77 2.28 22.18
C GLU R 38 16.72 3.75 22.58
N LYS R 39 17.58 4.56 21.95
CA LYS R 39 17.66 6.00 22.18
C LYS R 39 16.85 6.69 21.05
N ASP R 40 15.73 7.33 21.45
CA ASP R 40 14.82 8.07 20.58
C ASP R 40 14.32 7.20 19.42
N GLN R 41 13.78 5.99 19.77
CA GLN R 41 13.26 4.98 18.83
C GLN R 41 14.28 4.35 17.85
N GLN R 42 15.57 4.70 18.02
CA GLN R 42 16.70 4.18 17.24
C GLN R 42 17.45 3.20 18.15
N PRO R 43 17.56 1.91 17.78
CA PRO R 43 18.23 0.95 18.66
C PRO R 43 19.70 1.25 18.92
N VAL R 44 20.16 0.88 20.12
CA VAL R 44 21.54 1.11 20.55
C VAL R 44 22.46 0.04 19.94
N ALA R 45 23.49 0.49 19.20
CA ALA R 45 24.49 -0.37 18.61
C ALA R 45 25.69 -0.38 19.57
N ALA R 46 26.00 -1.57 20.14
CA ALA R 46 27.11 -1.75 21.09
C ALA R 46 28.44 -1.61 20.37
N GLY R 47 29.40 -0.98 21.04
CA GLY R 47 30.75 -0.77 20.50
C GLY R 47 31.51 0.36 21.15
N ALA R 48 31.81 1.39 20.34
CA ALA R 48 32.57 2.54 20.79
C ALA R 48 31.78 3.44 21.75
N ARG R 49 30.55 3.84 21.36
CA ARG R 49 29.70 4.71 22.18
C ARG R 49 29.10 3.95 23.37
N PHE R 50 28.51 2.78 23.13
CA PHE R 50 27.80 2.05 24.17
C PHE R 50 28.31 0.65 24.43
N ARG R 51 28.09 0.18 25.67
CA ARG R 51 28.45 -1.16 26.14
C ARG R 51 27.35 -1.72 27.05
N LEU R 52 26.91 -2.94 26.77
CA LEU R 52 25.84 -3.60 27.51
C LEU R 52 26.44 -4.68 28.40
N ALA R 53 25.93 -4.80 29.64
CA ALA R 53 26.38 -5.81 30.64
C ALA R 53 25.28 -6.11 31.68
N GLN R 54 25.29 -7.33 32.25
CA GLN R 54 24.32 -7.72 33.27
C GLN R 54 24.83 -8.69 34.32
N ASP R 55 24.75 -8.27 35.62
CA ASP R 55 25.12 -9.09 36.78
C ASP R 55 23.79 -9.49 37.40
N GLY R 56 23.41 -10.76 37.21
CA GLY R 56 22.16 -11.31 37.72
C GLY R 56 20.96 -10.54 37.20
N ASP R 57 20.10 -10.05 38.10
CA ASP R 57 18.93 -9.28 37.71
C ASP R 57 19.23 -7.81 37.46
N LEU R 58 20.48 -7.40 37.64
CA LEU R 58 20.96 -6.04 37.35
C LEU R 58 21.48 -5.96 35.90
N TYR R 59 20.80 -5.17 35.07
CA TYR R 59 21.15 -4.94 33.67
C TYR R 59 21.77 -3.54 33.61
N ARG R 60 22.69 -3.27 32.66
CA ARG R 60 23.32 -1.95 32.59
C ARG R 60 23.87 -1.57 31.21
N LEU R 61 23.47 -0.36 30.75
CA LEU R 61 23.97 0.23 29.50
C LEU R 61 24.95 1.32 29.87
N THR R 62 26.21 1.19 29.44
CA THR R 62 27.25 2.17 29.72
C THR R 62 27.48 3.04 28.50
N ILE R 63 27.41 4.35 28.68
CA ILE R 63 27.67 5.30 27.62
C ILE R 63 29.11 5.83 27.88
N LEU R 64 30.08 5.40 27.05
CA LEU R 64 31.48 5.82 27.16
C LEU R 64 31.61 7.28 26.74
N ASP R 65 32.58 8.01 27.35
CA ASP R 65 32.91 9.42 27.08
C ASP R 65 31.62 10.21 26.78
N LEU R 66 30.80 10.43 27.83
CA LEU R 66 29.50 11.13 27.70
C LEU R 66 29.66 12.46 27.00
N ALA R 67 28.78 12.71 26.01
CA ALA R 67 28.75 13.95 25.24
C ALA R 67 27.35 14.53 25.26
N LEU R 68 27.18 15.81 24.88
CA LEU R 68 25.84 16.40 24.85
C LEU R 68 24.92 15.65 23.85
N GLY R 69 25.52 15.09 22.81
CA GLY R 69 24.83 14.31 21.79
C GLY R 69 24.16 13.04 22.30
N ASP R 70 24.51 12.61 23.53
CA ASP R 70 23.96 11.40 24.15
C ASP R 70 22.59 11.64 24.82
N SER R 71 22.15 12.93 24.91
CA SER R 71 20.87 13.31 25.50
C SER R 71 19.73 12.75 24.65
N GLY R 72 18.70 12.25 25.33
CA GLY R 72 17.54 11.67 24.68
C GLY R 72 16.76 10.70 25.54
N GLN R 73 15.63 10.22 25.02
CA GLN R 73 14.76 9.29 25.75
C GLN R 73 15.21 7.88 25.44
N TYR R 74 15.76 7.21 26.45
CA TYR R 74 16.25 5.84 26.32
C TYR R 74 15.17 4.89 26.83
N VAL R 75 14.79 3.90 26.00
CA VAL R 75 13.77 2.93 26.34
C VAL R 75 14.42 1.57 26.53
N CYS R 76 14.16 0.94 27.69
CA CYS R 76 14.66 -0.39 28.03
C CYS R 76 13.54 -1.39 27.78
N ARG R 77 13.84 -2.46 27.03
CA ARG R 77 12.85 -3.49 26.70
C ARG R 77 13.29 -4.85 27.21
N ALA R 78 12.58 -5.36 28.22
CA ALA R 78 12.82 -6.67 28.79
C ALA R 78 11.83 -7.60 28.14
N ARG R 79 12.33 -8.59 27.41
CA ARG R 79 11.53 -9.54 26.65
C ARG R 79 11.90 -10.98 26.99
N ASN R 80 10.91 -11.90 26.94
CA ASN R 80 11.01 -13.35 27.18
C ASN R 80 9.79 -14.02 26.59
N ALA R 81 9.84 -15.33 26.47
CA ALA R 81 8.77 -16.16 25.89
C ALA R 81 7.32 -15.84 26.34
N ILE R 82 7.16 -15.35 27.58
CA ILE R 82 5.88 -15.00 28.20
C ILE R 82 5.42 -13.58 27.86
N GLY R 83 6.36 -12.64 27.81
CA GLY R 83 5.99 -11.26 27.50
C GLY R 83 7.07 -10.20 27.49
N GLU R 84 6.63 -8.94 27.46
CA GLU R 84 7.51 -7.79 27.38
C GLU R 84 7.19 -6.78 28.44
N ALA R 85 8.24 -6.08 28.88
CA ALA R 85 8.19 -5.02 29.87
C ALA R 85 8.99 -3.87 29.36
N PHE R 86 8.39 -2.69 29.35
CA PHE R 86 9.04 -1.48 28.88
C PHE R 86 9.06 -0.47 29.99
N ALA R 87 10.13 0.29 30.04
CA ALA R 87 10.36 1.39 30.97
C ALA R 87 11.36 2.32 30.31
N ALA R 88 11.18 3.61 30.50
CA ALA R 88 12.08 4.57 29.85
C ALA R 88 12.74 5.51 30.84
N VAL R 89 13.81 6.18 30.38
CA VAL R 89 14.55 7.17 31.16
C VAL R 89 15.08 8.27 30.23
N GLY R 90 14.85 9.50 30.62
CA GLY R 90 15.32 10.66 29.88
C GLY R 90 16.69 11.08 30.38
N LEU R 91 17.69 11.07 29.49
CA LEU R 91 19.05 11.50 29.83
C LEU R 91 19.25 12.91 29.28
N GLN R 92 19.59 13.87 30.15
CA GLN R 92 19.82 15.25 29.73
C GLN R 92 21.17 15.73 30.23
N VAL R 93 22.15 15.76 29.31
CA VAL R 93 23.53 16.14 29.59
C VAL R 93 23.80 17.57 29.13
N GLY S 1 71.07 68.03 48.39
CA GLY S 1 69.92 67.79 47.52
C GLY S 1 69.84 66.35 47.02
N ILE S 2 68.62 65.85 46.77
CA ILE S 2 68.39 64.46 46.30
C ILE S 2 67.48 64.45 45.04
N PRO S 3 67.91 63.82 43.92
CA PRO S 3 67.03 63.72 42.74
C PRO S 3 65.90 62.71 43.01
N PRO S 4 64.73 62.84 42.34
CA PRO S 4 63.63 61.90 42.61
C PRO S 4 63.80 60.53 42.00
N LYS S 5 63.17 59.52 42.62
CA LYS S 5 63.19 58.15 42.15
C LYS S 5 61.85 57.46 42.44
N ILE S 6 61.26 56.83 41.39
CA ILE S 6 60.03 56.06 41.53
C ILE S 6 60.47 54.74 42.15
N GLU S 7 59.93 54.43 43.35
CA GLU S 7 60.29 53.22 44.11
C GLU S 7 59.91 51.93 43.39
N ALA S 8 58.59 51.67 43.20
CA ALA S 8 58.11 50.47 42.52
C ALA S 8 56.70 50.66 42.05
N LEU S 9 56.53 50.65 40.72
CA LEU S 9 55.26 50.80 40.03
C LEU S 9 55.04 49.58 39.13
N PRO S 10 53.86 48.90 39.20
CA PRO S 10 53.64 47.71 38.35
C PRO S 10 53.76 48.00 36.85
N SER S 11 54.20 47.00 36.07
CA SER S 11 54.38 47.09 34.62
C SER S 11 53.02 47.07 33.94
N ASP S 12 52.19 46.03 34.23
CA ASP S 12 50.83 45.82 33.70
C ASP S 12 49.87 45.52 34.84
N ILE S 13 48.67 46.08 34.76
CA ILE S 13 47.57 45.86 35.71
C ILE S 13 46.28 45.75 34.90
N SER S 14 45.35 44.91 35.36
CA SER S 14 44.09 44.71 34.70
C SER S 14 42.94 44.85 35.69
N ILE S 15 41.82 45.39 35.22
CA ILE S 15 40.60 45.58 36.02
C ILE S 15 39.34 45.44 35.14
N ASP S 16 38.22 45.01 35.74
CA ASP S 16 36.94 44.86 35.04
C ASP S 16 36.22 46.21 34.99
N GLU S 17 35.45 46.42 33.90
CA GLU S 17 34.66 47.62 33.62
C GLU S 17 33.70 47.93 34.77
N GLY S 18 33.76 49.16 35.27
CA GLY S 18 32.86 49.68 36.29
C GLY S 18 33.35 49.65 37.72
N LYS S 19 34.45 48.91 37.99
CA LYS S 19 35.03 48.79 39.32
C LYS S 19 35.98 49.99 39.60
N VAL S 20 36.45 50.14 40.85
CA VAL S 20 37.37 51.22 41.25
C VAL S 20 38.81 50.70 41.17
N LEU S 21 39.71 51.49 40.58
CA LEU S 21 41.10 51.11 40.47
C LEU S 21 41.98 51.99 41.34
N THR S 22 42.92 51.36 42.05
CA THR S 22 43.86 52.05 42.93
C THR S 22 45.28 51.62 42.58
N VAL S 23 46.16 52.59 42.31
CA VAL S 23 47.57 52.31 42.04
C VAL S 23 48.38 53.15 42.99
N ALA S 24 48.96 52.51 44.02
CA ALA S 24 49.77 53.23 44.98
C ALA S 24 51.26 53.04 44.69
N CYS S 25 51.97 54.16 44.59
CA CYS S 25 53.40 54.15 44.31
C CYS S 25 54.17 55.07 45.25
N ALA S 26 55.28 54.56 45.83
CA ALA S 26 56.11 55.37 46.71
C ALA S 26 57.21 56.06 45.91
N PHE S 27 57.81 57.14 46.47
CA PHE S 27 58.88 57.89 45.82
C PHE S 27 59.81 58.59 46.79
N THR S 28 61.05 58.88 46.31
CA THR S 28 62.08 59.58 47.08
C THR S 28 62.38 60.93 46.41
N GLY S 29 63.20 61.75 47.06
CA GLY S 29 63.59 63.05 46.55
C GLY S 29 63.42 64.19 47.53
N GLU S 30 64.46 65.03 47.61
CA GLU S 30 64.50 66.24 48.45
C GLU S 30 65.06 67.39 47.59
N PRO S 31 64.27 68.47 47.35
CA PRO S 31 62.92 68.75 47.87
C PRO S 31 61.90 67.81 47.27
N THR S 32 60.75 67.63 47.96
CA THR S 32 59.65 66.76 47.54
C THR S 32 59.26 67.05 46.05
N PRO S 33 59.32 66.04 45.17
CA PRO S 33 59.07 66.28 43.74
C PRO S 33 57.62 66.52 43.30
N GLU S 34 57.44 67.11 42.09
CA GLU S 34 56.12 67.36 41.50
C GLU S 34 55.64 66.05 40.87
N VAL S 35 54.55 65.51 41.38
CA VAL S 35 53.96 64.27 40.87
C VAL S 35 53.06 64.58 39.67
N THR S 36 53.33 63.96 38.51
CA THR S 36 52.56 64.16 37.28
C THR S 36 52.16 62.85 36.62
N TRP S 37 50.87 62.51 36.72
CA TRP S 37 50.30 61.32 36.10
C TRP S 37 49.84 61.72 34.73
N SER S 38 50.22 60.94 33.74
CA SER S 38 49.92 61.23 32.35
C SER S 38 49.57 59.98 31.56
N CYS S 39 48.70 60.13 30.55
CA CYS S 39 48.30 58.99 29.72
C CYS S 39 48.29 59.37 28.25
N GLY S 40 49.14 58.69 27.47
CA GLY S 40 49.31 58.87 26.03
C GLY S 40 49.48 60.30 25.53
N GLY S 41 50.04 61.17 26.38
CA GLY S 41 50.29 62.58 26.08
C GLY S 41 49.67 63.59 27.02
N ARG S 42 48.46 63.30 27.52
CA ARG S 42 47.76 64.23 28.42
C ARG S 42 47.98 64.02 29.90
N LYS S 43 48.04 65.13 30.65
CA LYS S 43 48.18 65.10 32.10
C LYS S 43 46.80 64.78 32.72
N ILE S 44 46.77 63.84 33.68
CA ILE S 44 45.57 63.46 34.41
C ILE S 44 45.34 64.51 35.50
N HIS S 45 44.16 65.12 35.52
CA HIS S 45 43.81 66.12 36.53
C HIS S 45 42.93 65.51 37.60
N SER S 46 43.23 65.78 38.88
CA SER S 46 42.43 65.28 40.01
C SER S 46 41.13 66.09 40.20
N GLN S 47 40.11 65.77 39.39
CA GLN S 47 38.81 66.43 39.43
C GLN S 47 37.95 65.81 40.51
N GLU S 48 37.50 66.63 41.48
CA GLU S 48 36.65 66.25 42.61
C GLU S 48 35.31 65.63 42.19
N GLN S 49 34.68 66.17 41.14
CA GLN S 49 33.41 65.66 40.64
C GLN S 49 33.57 64.57 39.56
N GLY S 50 34.78 64.46 39.01
CA GLY S 50 35.13 63.49 37.97
C GLY S 50 35.33 62.07 38.47
N ARG S 51 35.82 61.20 37.58
CA ARG S 51 36.11 59.79 37.89
C ARG S 51 37.55 59.60 38.35
N PHE S 52 38.47 60.42 37.81
CA PHE S 52 39.92 60.37 38.08
C PHE S 52 40.30 61.22 39.28
N HIS S 53 41.07 60.62 40.21
CA HIS S 53 41.55 61.26 41.42
C HIS S 53 43.01 60.88 41.67
N ILE S 54 43.80 61.85 42.12
CA ILE S 54 45.21 61.63 42.46
C ILE S 54 45.46 62.11 43.90
N GLU S 55 45.76 61.16 44.81
CA GLU S 55 46.05 61.43 46.23
C GLU S 55 47.57 61.40 46.44
N ASN S 56 48.18 62.58 46.70
CA ASN S 56 49.63 62.70 46.87
C ASN S 56 50.07 63.10 48.27
N THR S 57 51.11 62.42 48.79
CA THR S 57 51.75 62.72 50.08
C THR S 57 53.19 63.18 49.80
N ASP S 58 54.03 63.29 50.84
CA ASP S 58 55.43 63.68 50.68
C ASP S 58 56.30 62.51 50.16
N ASP S 59 55.78 61.25 50.28
CA ASP S 59 56.49 60.05 49.87
C ASP S 59 55.63 59.03 49.11
N LEU S 60 54.37 59.37 48.78
CA LEU S 60 53.48 58.42 48.08
C LEU S 60 52.41 59.05 47.19
N THR S 61 52.23 58.48 46.00
CA THR S 61 51.22 58.89 45.02
C THR S 61 50.20 57.77 44.80
N THR S 62 48.91 58.13 44.74
CA THR S 62 47.85 57.13 44.50
C THR S 62 46.91 57.56 43.38
N LEU S 63 46.86 56.77 42.30
CA LEU S 63 45.96 57.01 41.17
C LEU S 63 44.64 56.29 41.45
N ILE S 64 43.53 57.01 41.30
CA ILE S 64 42.19 56.47 41.52
C ILE S 64 41.37 56.66 40.25
N ILE S 65 40.85 55.55 39.70
CA ILE S 65 39.95 55.61 38.54
C ILE S 65 38.68 54.92 38.98
N MET S 66 37.63 55.72 39.22
CA MET S 66 36.35 55.20 39.69
C MET S 66 35.50 54.79 38.50
N ASP S 67 34.51 53.86 38.69
CA ASP S 67 33.65 53.37 37.60
C ASP S 67 34.44 53.32 36.29
N VAL S 68 35.43 52.43 36.24
CA VAL S 68 36.33 52.23 35.11
C VAL S 68 35.55 51.92 33.81
N GLN S 69 35.94 52.59 32.73
CA GLN S 69 35.35 52.41 31.41
C GLN S 69 36.43 52.02 30.41
N LYS S 70 36.06 51.26 29.36
CA LYS S 70 36.98 50.76 28.34
C LYS S 70 38.01 51.78 27.81
N GLN S 71 37.58 53.05 27.60
CA GLN S 71 38.42 54.15 27.12
C GLN S 71 39.62 54.49 28.02
N ASP S 72 39.50 54.18 29.35
CA ASP S 72 40.55 54.42 30.36
C ASP S 72 41.77 53.52 30.17
N GLY S 73 41.61 52.42 29.44
CA GLY S 73 42.69 51.51 29.13
C GLY S 73 43.79 52.20 28.34
N GLY S 74 45.02 52.01 28.79
CA GLY S 74 46.18 52.62 28.14
C GLY S 74 47.45 52.62 28.96
N LEU S 75 48.48 53.29 28.41
CA LEU S 75 49.80 53.37 29.05
C LEU S 75 49.96 54.67 29.85
N TYR S 76 49.82 54.54 31.17
CA TYR S 76 49.91 55.62 32.14
C TYR S 76 51.34 55.82 32.57
N THR S 77 51.81 57.08 32.60
CA THR S 77 53.16 57.43 33.00
C THR S 77 53.17 58.29 34.24
N LEU S 78 53.79 57.79 35.29
CA LEU S 78 53.99 58.54 36.53
C LEU S 78 55.34 59.23 36.39
N SER S 79 55.35 60.57 36.53
CA SER S 79 56.58 61.33 36.38
C SER S 79 56.83 62.33 37.50
N LEU S 80 57.95 62.16 38.20
CA LEU S 80 58.40 63.02 39.29
C LEU S 80 59.46 63.96 38.76
N GLY S 81 59.57 65.13 39.38
CA GLY S 81 60.55 66.13 39.01
C GLY S 81 60.82 67.14 40.09
N ASN S 82 62.09 67.47 40.30
CA ASN S 82 62.50 68.45 41.27
C ASN S 82 63.64 69.29 40.71
N GLU S 83 64.26 70.14 41.56
CA GLU S 83 65.38 71.01 41.21
C GLU S 83 66.62 70.21 40.73
N PHE S 84 66.80 68.96 41.23
CA PHE S 84 67.96 68.10 40.97
C PHE S 84 67.78 66.98 39.94
N GLY S 85 66.62 66.89 39.32
CA GLY S 85 66.38 65.84 38.33
C GLY S 85 64.95 65.38 38.18
N SER S 86 64.77 64.22 37.52
CA SER S 86 63.47 63.66 37.23
C SER S 86 63.52 62.14 37.01
N ASP S 87 62.36 61.48 37.21
CA ASP S 87 62.19 60.04 36.98
C ASP S 87 60.79 59.78 36.43
N SER S 88 60.67 58.78 35.53
CA SER S 88 59.40 58.40 34.93
C SER S 88 59.29 56.88 34.89
N ALA S 89 58.05 56.38 34.96
CA ALA S 89 57.73 54.96 34.94
C ALA S 89 56.37 54.76 34.31
N THR S 90 56.15 53.60 33.68
CA THR S 90 54.86 53.33 33.04
C THR S 90 54.12 52.14 33.57
N VAL S 91 52.79 52.27 33.66
CA VAL S 91 51.85 51.22 34.05
C VAL S 91 50.81 51.04 32.93
N ASN S 92 50.78 49.83 32.35
CA ASN S 92 49.85 49.52 31.29
C ASN S 92 48.56 49.01 31.93
N ILE S 93 47.52 49.89 31.95
CA ILE S 93 46.22 49.55 32.52
C ILE S 93 45.35 48.92 31.44
N HIS S 94 44.86 47.70 31.70
CA HIS S 94 44.01 46.94 30.79
C HIS S 94 42.60 46.82 31.34
N ILE S 95 41.60 46.95 30.47
CA ILE S 95 40.19 46.84 30.88
C ILE S 95 39.60 45.55 30.30
N ARG S 96 38.77 44.85 31.10
CA ARG S 96 38.10 43.61 30.72
C ARG S 96 36.57 43.65 30.95
N SER S 97 35.81 42.74 30.28
CA SER S 97 34.35 42.56 30.36
C SER S 97 33.83 42.38 31.82
N SER T 1 30.15 47.62 49.90
CA SER T 1 30.38 48.67 50.89
C SER T 1 31.67 49.50 50.70
N SER T 2 32.86 48.87 50.49
CA SER T 2 34.15 49.59 50.35
C SER T 2 35.11 48.95 49.36
N ALA T 3 35.79 49.77 48.54
CA ALA T 3 36.80 49.31 47.60
C ALA T 3 38.12 49.04 48.38
N PRO T 4 39.02 48.12 47.93
CA PRO T 4 40.24 47.88 48.69
C PRO T 4 41.22 49.03 48.65
N ARG T 5 41.95 49.23 49.76
CA ARG T 5 42.97 50.27 49.90
C ARG T 5 44.04 49.88 50.89
N PHE T 6 45.29 50.23 50.57
CA PHE T 6 46.44 49.91 51.40
C PHE T 6 46.59 50.95 52.49
N LEU T 7 46.58 50.50 53.75
CA LEU T 7 46.79 51.35 54.92
C LEU T 7 48.30 51.53 55.13
N THR T 8 49.05 50.46 54.77
CA THR T 8 50.50 50.30 54.80
C THR T 8 50.86 49.72 53.43
N ARG T 9 51.85 50.31 52.76
CA ARG T 9 52.32 49.80 51.47
C ARG T 9 53.16 48.52 51.71
N PRO T 10 53.26 47.55 50.77
CA PRO T 10 54.06 46.34 51.04
C PRO T 10 55.50 46.69 51.44
N LYS T 11 55.92 46.16 52.60
CA LYS T 11 57.25 46.40 53.18
C LYS T 11 57.96 45.07 53.39
N ALA T 12 59.23 45.00 52.99
CA ALA T 12 59.99 43.75 53.11
C ALA T 12 60.83 43.69 54.38
N PHE T 13 60.85 42.53 55.04
CA PHE T 13 61.68 42.31 56.23
C PHE T 13 62.62 41.16 55.94
N VAL T 14 63.91 41.48 55.91
CA VAL T 14 64.99 40.55 55.57
C VAL T 14 65.93 40.45 56.76
N VAL T 15 66.34 39.23 57.10
CA VAL T 15 67.32 39.04 58.17
C VAL T 15 68.66 38.84 57.45
N SER T 16 68.72 37.81 56.59
CA SER T 16 69.87 37.44 55.76
C SER T 16 69.41 36.45 54.71
N VAL T 17 70.36 36.05 53.84
CA VAL T 17 70.19 35.03 52.81
C VAL T 17 70.18 33.70 53.59
N GLY T 18 69.31 32.78 53.21
CA GLY T 18 69.20 31.50 53.89
C GLY T 18 68.22 31.50 55.06
N LYS T 19 67.79 32.71 55.49
CA LYS T 19 66.78 32.91 56.53
C LYS T 19 65.50 33.39 55.85
N ASP T 20 64.31 33.12 56.46
CA ASP T 20 63.03 33.58 55.89
C ASP T 20 62.96 35.10 55.73
N ALA T 21 62.15 35.56 54.76
CA ALA T 21 61.93 36.98 54.48
C ALA T 21 60.43 37.22 54.30
N THR T 22 59.95 38.41 54.70
CA THR T 22 58.52 38.69 54.60
C THR T 22 58.17 39.99 53.97
N LEU T 23 57.22 39.92 53.03
CA LEU T 23 56.60 41.04 52.37
C LEU T 23 55.22 41.15 53.00
N SER T 24 55.00 42.24 53.74
CA SER T 24 53.75 42.43 54.50
C SER T 24 53.14 43.79 54.29
N CYS T 25 51.81 43.89 54.46
CA CYS T 25 51.03 45.12 54.30
C CYS T 25 49.66 45.07 54.98
N GLN T 26 49.06 46.25 55.22
CA GLN T 26 47.76 46.39 55.84
C GLN T 26 46.72 46.80 54.80
N ILE T 27 45.73 45.91 54.52
CA ILE T 27 44.71 46.18 53.50
C ILE T 27 43.31 46.10 54.05
N VAL T 28 42.52 47.16 53.82
CA VAL T 28 41.11 47.22 54.22
C VAL T 28 40.19 47.16 53.02
N GLY T 29 38.97 46.71 53.25
CA GLY T 29 37.92 46.61 52.23
C GLY T 29 36.70 45.85 52.70
N ASN T 30 35.52 46.20 52.16
CA ASN T 30 34.27 45.53 52.48
C ASN T 30 33.51 45.21 51.18
N PRO T 31 33.39 43.92 50.77
CA PRO T 31 33.89 42.68 51.41
C PRO T 31 35.40 42.67 51.55
N THR T 32 35.90 41.88 52.50
CA THR T 32 37.33 41.80 52.77
C THR T 32 38.12 41.35 51.54
N PRO T 33 39.24 42.04 51.20
CA PRO T 33 39.93 41.72 49.95
C PRO T 33 40.56 40.35 49.85
N GLN T 34 40.73 39.90 48.59
CA GLN T 34 41.47 38.72 48.18
C GLN T 34 42.85 39.24 47.74
N VAL T 35 43.91 38.72 48.35
CA VAL T 35 45.24 39.19 48.01
C VAL T 35 46.06 38.20 47.22
N SER T 36 46.60 38.68 46.09
CA SER T 36 47.43 37.94 45.15
C SER T 36 48.75 38.65 45.01
N TRP T 37 49.83 37.89 44.81
CA TRP T 37 51.19 38.44 44.65
C TRP T 37 51.84 38.00 43.35
N GLU T 38 52.58 38.89 42.71
CA GLU T 38 53.33 38.54 41.51
C GLU T 38 54.74 39.13 41.49
N LYS T 39 55.76 38.26 41.28
CA LYS T 39 57.16 38.64 41.21
C LYS T 39 57.51 38.78 39.73
N ASP T 40 57.81 40.03 39.30
CA ASP T 40 58.20 40.39 37.94
C ASP T 40 57.17 39.88 36.92
N GLN T 41 55.90 40.25 37.13
CA GLN T 41 54.75 39.89 36.28
C GLN T 41 54.40 38.38 36.20
N GLN T 42 55.12 37.55 36.99
CA GLN T 42 54.90 36.10 37.10
C GLN T 42 54.22 35.85 38.43
N PRO T 43 52.99 35.28 38.46
CA PRO T 43 52.30 35.07 39.76
C PRO T 43 53.03 34.11 40.69
N VAL T 44 52.90 34.38 41.98
CA VAL T 44 53.53 33.60 43.04
C VAL T 44 52.75 32.32 43.29
N ALA T 45 53.43 31.16 43.17
CA ALA T 45 52.85 29.85 43.43
C ALA T 45 53.30 29.47 44.84
N ALA T 46 52.32 29.32 45.74
CA ALA T 46 52.56 28.96 47.15
C ALA T 46 53.05 27.53 47.24
N GLY T 47 53.97 27.30 48.18
CA GLY T 47 54.53 25.98 48.43
C GLY T 47 55.88 26.00 49.10
N ALA T 48 56.90 25.51 48.37
CA ALA T 48 58.27 25.43 48.87
C ALA T 48 58.94 26.80 49.01
N ARG T 49 58.90 27.62 47.95
CA ARG T 49 59.51 28.95 47.94
C ARG T 49 58.71 29.96 48.78
N PHE T 50 57.39 30.04 48.52
CA PHE T 50 56.54 31.03 49.16
C PHE T 50 55.40 30.49 49.96
N ARG T 51 54.95 31.28 50.96
CA ARG T 51 53.81 30.99 51.83
C ARG T 51 53.00 32.24 52.09
N LEU T 52 51.69 32.15 51.88
CA LEU T 52 50.76 33.26 52.04
C LEU T 52 49.96 33.11 53.33
N ALA T 53 49.74 34.21 54.07
CA ALA T 53 48.99 34.22 55.34
C ALA T 53 48.41 35.60 55.65
N GLN T 54 47.36 35.67 56.48
CA GLN T 54 46.75 36.94 56.86
C GLN T 54 46.05 36.93 58.21
N ASP T 55 46.44 37.86 59.10
CA ASP T 55 45.86 38.05 60.43
C ASP T 55 45.05 39.33 60.33
N GLY T 56 43.73 39.19 60.21
CA GLY T 56 42.84 40.34 60.06
C GLY T 56 43.21 41.14 58.84
N ASP T 57 43.34 42.47 58.98
CA ASP T 57 43.71 43.32 57.85
C ASP T 57 45.20 43.27 57.46
N LEU T 58 46.00 42.43 58.13
CA LEU T 58 47.43 42.25 57.85
C LEU T 58 47.62 41.08 56.91
N TYR T 59 48.16 41.32 55.71
CA TYR T 59 48.41 40.29 54.69
C TYR T 59 49.93 40.10 54.57
N ARG T 60 50.41 38.85 54.49
CA ARG T 60 51.84 38.58 54.45
C ARG T 60 52.28 37.43 53.54
N LEU T 61 53.28 37.72 52.67
CA LEU T 61 53.93 36.73 51.81
C LEU T 61 55.29 36.41 52.42
N THR T 62 55.53 35.14 52.78
CA THR T 62 56.80 34.71 53.37
C THR T 62 57.63 34.00 52.31
N ILE T 63 58.88 34.45 52.11
CA ILE T 63 59.80 33.84 51.18
C ILE T 63 60.75 32.98 52.02
N LEU T 64 60.58 31.65 51.95
CA LEU T 64 61.40 30.70 52.71
C LEU T 64 62.81 30.65 52.15
N ASP T 65 63.83 30.40 53.03
CA ASP T 65 65.26 30.26 52.69
C ASP T 65 65.63 31.25 51.57
N LEU T 66 65.64 32.56 51.92
CA LEU T 66 65.92 33.64 50.97
C LEU T 66 67.19 33.39 50.18
N ALA T 67 67.12 33.56 48.85
CA ALA T 67 68.22 33.38 47.91
C ALA T 67 68.35 34.63 47.05
N LEU T 68 69.49 34.78 46.34
CA LEU T 68 69.65 35.94 45.46
C LEU T 68 68.58 35.95 44.34
N GLY T 69 68.15 34.75 43.93
CA GLY T 69 67.14 34.59 42.91
C GLY T 69 65.78 35.15 43.25
N ASP T 70 65.55 35.49 44.54
CA ASP T 70 64.28 36.04 45.04
C ASP T 70 64.15 37.55 44.80
N SER T 71 65.24 38.21 44.33
CA SER T 71 65.26 39.64 44.03
C SER T 71 64.31 39.93 42.86
N GLY T 72 63.59 41.04 42.96
CA GLY T 72 62.65 41.45 41.92
C GLY T 72 61.55 42.37 42.43
N GLN T 73 60.72 42.86 41.51
CA GLN T 73 59.60 43.74 41.84
C GLN T 73 58.37 42.89 42.12
N TYR T 74 57.96 42.89 43.39
CA TYR T 74 56.79 42.13 43.84
C TYR T 74 55.58 43.05 43.87
N VAL T 75 54.51 42.66 43.19
CA VAL T 75 53.27 43.44 43.13
C VAL T 75 52.16 42.75 43.92
N CYS T 76 51.56 43.50 44.85
CA CYS T 76 50.45 43.00 45.65
C CYS T 76 49.14 43.52 45.06
N ARG T 77 48.15 42.63 44.87
CA ARG T 77 46.87 42.98 44.30
C ARG T 77 45.73 42.63 45.24
N ALA T 78 45.07 43.67 45.77
CA ALA T 78 43.92 43.52 46.67
C ALA T 78 42.69 43.72 45.82
N ARG T 79 41.87 42.67 45.72
CA ARG T 79 40.68 42.67 44.87
C ARG T 79 39.44 42.27 45.66
N ASN T 80 38.30 42.93 45.34
CA ASN T 80 36.96 42.65 45.87
C ASN T 80 35.86 43.03 44.84
N ALA T 81 34.57 42.78 45.16
CA ALA T 81 33.43 43.07 44.27
C ALA T 81 33.31 44.52 43.81
N ILE T 82 33.82 45.47 44.62
CA ILE T 82 33.83 46.92 44.36
C ILE T 82 35.04 47.39 43.54
N GLY T 83 36.20 46.79 43.74
CA GLY T 83 37.38 47.19 42.98
C GLY T 83 38.69 46.52 43.30
N GLU T 84 39.78 47.12 42.77
CA GLU T 84 41.15 46.63 42.91
C GLU T 84 42.08 47.71 43.40
N ALA T 85 43.10 47.28 44.15
CA ALA T 85 44.16 48.14 44.69
C ALA T 85 45.46 47.46 44.45
N PHE T 86 46.40 48.19 43.86
CA PHE T 86 47.74 47.69 43.55
C PHE T 86 48.77 48.54 44.24
N ALA T 87 49.85 47.88 44.67
CA ALA T 87 51.01 48.49 45.31
C ALA T 87 52.17 47.51 45.14
N ALA T 88 53.37 48.04 44.94
CA ALA T 88 54.52 47.18 44.71
C ALA T 88 55.68 47.44 45.66
N VAL T 89 56.61 46.48 45.73
CA VAL T 89 57.82 46.54 46.55
C VAL T 89 58.97 45.84 45.87
N GLY T 90 60.11 46.51 45.81
CA GLY T 90 61.31 45.98 45.22
C GLY T 90 62.18 45.30 46.28
N LEU T 91 62.41 43.98 46.09
CA LEU T 91 63.25 43.21 46.99
C LEU T 91 64.63 43.03 46.32
N GLN T 92 65.69 43.45 47.03
CA GLN T 92 67.05 43.30 46.50
C GLN T 92 67.94 42.62 47.53
N VAL T 93 68.20 41.33 47.29
CA VAL T 93 69.01 40.47 48.16
C VAL T 93 70.42 40.30 47.58
N GLY U 1 39.22 48.81 -20.94
CA GLY U 1 38.06 48.57 -21.80
C GLY U 1 38.00 47.16 -22.33
N ILE U 2 36.78 46.61 -22.53
CA ILE U 2 36.55 45.24 -23.03
C ILE U 2 35.58 45.24 -24.23
N PRO U 3 35.96 44.68 -25.39
CA PRO U 3 35.00 44.60 -26.52
C PRO U 3 33.90 43.54 -26.24
N PRO U 4 32.67 43.68 -26.80
CA PRO U 4 31.61 42.71 -26.49
C PRO U 4 31.79 41.35 -27.13
N LYS U 5 31.19 40.31 -26.51
CA LYS U 5 31.18 38.93 -26.99
C LYS U 5 29.86 38.21 -26.64
N ILE U 6 29.20 37.59 -27.63
CA ILE U 6 27.98 36.82 -27.44
C ILE U 6 28.43 35.48 -26.85
N GLU U 7 27.93 35.17 -25.65
CA GLU U 7 28.31 33.95 -24.91
C GLU U 7 27.90 32.64 -25.61
N ALA U 8 26.58 32.41 -25.79
CA ALA U 8 26.04 31.21 -26.46
C ALA U 8 24.61 31.42 -26.86
N LEU U 9 24.41 31.47 -28.18
CA LEU U 9 23.13 31.64 -28.86
C LEU U 9 22.90 30.43 -29.77
N PRO U 10 21.73 29.75 -29.67
CA PRO U 10 21.50 28.57 -30.53
C PRO U 10 21.57 28.88 -32.02
N SER U 11 22.01 27.88 -32.80
CA SER U 11 22.16 27.98 -34.26
C SER U 11 20.77 27.98 -34.91
N ASP U 12 19.96 26.93 -34.61
CA ASP U 12 18.60 26.72 -35.09
C ASP U 12 17.66 26.40 -33.93
N ILE U 13 16.45 26.96 -33.97
CA ILE U 13 15.39 26.72 -32.99
C ILE U 13 14.08 26.58 -33.75
N SER U 14 13.17 25.72 -33.28
CA SER U 14 11.88 25.52 -33.92
C SER U 14 10.75 25.66 -32.91
N ILE U 15 9.61 26.20 -33.35
CA ILE U 15 8.42 26.39 -32.53
C ILE U 15 7.14 26.25 -33.36
N ASP U 16 6.02 25.82 -32.74
CA ASP U 16 4.72 25.68 -33.41
C ASP U 16 3.99 27.04 -33.42
N GLU U 17 3.13 27.28 -34.44
CA GLU U 17 2.34 28.50 -34.58
C GLU U 17 1.46 28.75 -33.34
N GLY U 18 1.32 30.01 -32.92
CA GLY U 18 0.47 30.42 -31.81
C GLY U 18 1.04 30.32 -30.40
N LYS U 19 2.25 29.74 -30.28
CA LYS U 19 2.93 29.60 -29.00
C LYS U 19 3.87 30.81 -28.78
N VAL U 20 4.39 30.97 -27.54
CA VAL U 20 5.30 32.06 -27.19
C VAL U 20 6.73 31.54 -27.30
N LEU U 21 7.61 32.31 -27.93
CA LEU U 21 9.01 31.93 -28.08
C LEU U 21 9.91 32.82 -27.23
N THR U 22 10.87 32.21 -26.52
CA THR U 22 11.82 32.88 -25.66
C THR U 22 13.22 32.44 -26.04
N VAL U 23 14.10 33.40 -26.33
CA VAL U 23 15.50 33.11 -26.63
C VAL U 23 16.34 33.94 -25.67
N ALA U 24 16.92 33.29 -24.66
CA ALA U 24 17.75 34.00 -23.70
C ALA U 24 19.24 33.78 -24.04
N CYS U 25 19.94 34.90 -24.26
CA CYS U 25 21.34 34.89 -24.62
C CYS U 25 22.12 35.79 -23.69
N ALA U 26 23.29 35.31 -23.24
CA ALA U 26 24.18 36.07 -22.35
C ALA U 26 25.27 36.80 -23.14
N PHE U 27 25.81 37.88 -22.58
CA PHE U 27 26.88 38.63 -23.23
C PHE U 27 27.90 39.19 -22.24
N THR U 28 29.03 39.71 -22.76
CA THR U 28 30.10 40.33 -21.99
C THR U 28 30.49 41.66 -22.66
N GLY U 29 31.44 42.39 -22.07
CA GLY U 29 31.88 43.68 -22.57
C GLY U 29 31.70 44.79 -21.56
N GLU U 30 32.70 45.67 -21.48
CA GLU U 30 32.73 46.84 -20.63
C GLU U 30 33.20 48.04 -21.47
N PRO U 31 32.37 49.09 -21.65
CA PRO U 31 31.03 49.32 -21.07
C PRO U 31 30.01 48.36 -21.65
N THR U 32 28.91 48.11 -20.92
CA THR U 32 27.82 47.22 -21.32
C THR U 32 27.35 47.52 -22.76
N PRO U 33 27.35 46.51 -23.64
CA PRO U 33 27.02 46.77 -25.06
C PRO U 33 25.56 47.09 -25.43
N GLU U 34 25.38 47.71 -26.62
CA GLU U 34 24.07 48.03 -27.16
C GLU U 34 23.61 46.76 -27.82
N VAL U 35 22.48 46.23 -27.36
CA VAL U 35 21.86 45.02 -27.86
C VAL U 35 20.93 45.38 -29.03
N THR U 36 21.18 44.76 -30.20
CA THR U 36 20.40 44.99 -31.42
C THR U 36 19.97 43.68 -32.09
N TRP U 37 18.68 43.33 -31.97
CA TRP U 37 18.11 42.14 -32.60
C TRP U 37 17.58 42.58 -33.95
N SER U 38 17.89 41.83 -35.02
CA SER U 38 17.45 42.16 -36.36
C SER U 38 17.13 40.94 -37.19
N CYS U 39 16.20 41.09 -38.14
CA CYS U 39 15.81 40.02 -39.04
C CYS U 39 15.62 40.58 -40.42
N GLY U 40 16.38 40.03 -41.37
CA GLY U 40 16.35 40.45 -42.77
C GLY U 40 16.77 41.89 -42.99
N GLY U 41 17.70 42.37 -42.16
CA GLY U 41 18.22 43.74 -42.23
C GLY U 41 17.39 44.76 -41.48
N ARG U 42 16.25 44.35 -40.93
CA ARG U 42 15.32 45.22 -40.22
C ARG U 42 15.42 44.98 -38.71
N LYS U 43 15.70 46.05 -37.93
CA LYS U 43 15.85 46.01 -36.47
C LYS U 43 14.50 45.70 -35.80
N ILE U 44 14.52 44.76 -34.85
CA ILE U 44 13.35 44.37 -34.07
C ILE U 44 13.20 45.42 -32.96
N HIS U 45 12.03 46.06 -32.90
CA HIS U 45 11.74 47.09 -31.89
C HIS U 45 10.79 46.53 -30.84
N SER U 46 11.19 46.64 -29.56
CA SER U 46 10.38 46.14 -28.43
C SER U 46 9.11 46.96 -28.24
N GLN U 47 8.07 46.63 -29.04
CA GLN U 47 6.78 47.31 -28.99
C GLN U 47 5.93 46.70 -27.90
N GLU U 48 5.50 47.54 -26.92
CA GLU U 48 4.69 47.16 -25.77
C GLU U 48 3.33 46.56 -26.15
N GLN U 49 2.69 47.11 -27.20
CA GLN U 49 1.40 46.60 -27.67
C GLN U 49 1.53 45.50 -28.75
N GLY U 50 2.73 45.36 -29.32
CA GLY U 50 3.02 44.38 -30.35
C GLY U 50 3.21 42.96 -29.85
N ARG U 51 3.68 42.07 -30.76
CA ARG U 51 3.96 40.67 -30.46
C ARG U 51 5.41 40.47 -30.03
N PHE U 52 6.32 41.30 -30.59
CA PHE U 52 7.76 41.24 -30.36
C PHE U 52 8.19 42.08 -29.15
N HIS U 53 8.98 41.46 -28.24
CA HIS U 53 9.49 42.10 -27.04
C HIS U 53 10.95 41.72 -26.81
N ILE U 54 11.76 42.69 -26.36
CA ILE U 54 13.17 42.44 -26.06
C ILE U 54 13.44 42.91 -24.63
N GLU U 55 13.75 41.96 -23.74
CA GLU U 55 14.07 42.22 -22.33
C GLU U 55 15.59 42.18 -22.14
N ASN U 56 16.20 43.35 -21.88
CA ASN U 56 17.65 43.43 -21.74
C ASN U 56 18.15 43.75 -20.33
N THR U 57 19.18 43.02 -19.88
CA THR U 57 19.86 43.26 -18.60
C THR U 57 21.29 43.72 -18.89
N ASP U 58 22.13 43.85 -17.85
CA ASP U 58 23.53 44.25 -18.04
C ASP U 58 24.42 43.10 -18.56
N ASP U 59 23.88 41.87 -18.60
CA ASP U 59 24.62 40.69 -19.03
C ASP U 59 23.79 39.68 -19.81
N LEU U 60 22.52 39.99 -20.10
CA LEU U 60 21.67 39.02 -20.76
C LEU U 60 20.53 39.68 -21.53
N THR U 61 20.27 39.17 -22.75
CA THR U 61 19.21 39.62 -23.63
C THR U 61 18.19 38.53 -23.84
N THR U 62 16.90 38.90 -23.91
CA THR U 62 15.83 37.93 -24.13
C THR U 62 14.88 38.36 -25.23
N LEU U 63 14.81 37.57 -26.31
CA LEU U 63 13.90 37.83 -27.42
C LEU U 63 12.59 37.12 -27.12
N ILE U 64 11.47 37.85 -27.23
CA ILE U 64 10.13 37.31 -26.99
C ILE U 64 9.28 37.50 -28.24
N ILE U 65 8.75 36.40 -28.78
CA ILE U 65 7.84 36.46 -29.92
C ILE U 65 6.56 35.78 -29.45
N MET U 66 5.52 36.57 -29.18
CA MET U 66 4.26 36.05 -28.70
C MET U 66 3.40 35.63 -29.86
N ASP U 67 2.47 34.66 -29.67
CA ASP U 67 1.55 34.15 -30.70
C ASP U 67 2.30 34.08 -32.04
N VAL U 68 3.37 33.27 -32.08
CA VAL U 68 4.24 33.07 -33.24
C VAL U 68 3.42 32.72 -34.48
N GLN U 69 3.69 33.43 -35.58
CA GLN U 69 3.04 33.24 -36.87
C GLN U 69 4.10 32.84 -37.91
N LYS U 70 3.68 32.08 -38.96
CA LYS U 70 4.57 31.57 -40.02
C LYS U 70 5.59 32.61 -40.58
N GLN U 71 5.14 33.88 -40.76
CA GLN U 71 5.95 34.99 -41.27
C GLN U 71 7.18 35.34 -40.40
N ASP U 72 7.11 35.02 -39.09
CA ASP U 72 8.18 35.28 -38.11
C ASP U 72 9.40 34.39 -38.34
N GLY U 73 9.22 33.28 -39.06
CA GLY U 73 10.31 32.36 -39.39
C GLY U 73 11.36 33.05 -40.22
N GLY U 74 12.62 32.87 -39.81
CA GLY U 74 13.76 33.48 -40.49
C GLY U 74 15.06 33.50 -39.72
N LEU U 75 16.06 34.18 -40.28
CA LEU U 75 17.38 34.29 -39.68
C LEU U 75 17.54 35.57 -38.88
N TYR U 76 17.46 35.43 -37.56
CA TYR U 76 17.57 36.52 -36.60
C TYR U 76 19.03 36.74 -36.21
N THR U 77 19.46 38.01 -36.18
CA THR U 77 20.84 38.37 -35.84
C THR U 77 20.92 39.20 -34.58
N LEU U 78 21.55 38.65 -33.52
CA LEU U 78 21.79 39.38 -32.29
C LEU U 78 23.14 40.07 -32.46
N SER U 79 23.16 41.40 -32.28
CA SER U 79 24.40 42.16 -32.45
C SER U 79 24.67 43.14 -31.31
N LEU U 80 25.80 42.95 -30.64
CA LEU U 80 26.28 43.77 -29.53
C LEU U 80 27.32 44.72 -30.02
N GLY U 81 27.40 45.86 -29.36
CA GLY U 81 28.40 46.86 -29.70
C GLY U 81 28.63 47.89 -28.63
N ASN U 82 29.89 48.13 -28.32
CA ASN U 82 30.31 49.17 -27.39
C ASN U 82 31.41 50.02 -28.06
N GLU U 83 31.99 50.96 -27.32
CA GLU U 83 33.07 51.87 -27.71
C GLU U 83 34.30 51.11 -28.28
N PHE U 84 34.52 49.85 -27.84
CA PHE U 84 35.70 49.04 -28.18
C PHE U 84 35.55 47.94 -29.23
N GLY U 85 34.36 47.80 -29.81
CA GLY U 85 34.15 46.76 -30.82
C GLY U 85 32.74 46.19 -30.88
N SER U 86 32.57 45.09 -31.62
CA SER U 86 31.27 44.48 -31.82
C SER U 86 31.33 42.97 -32.03
N ASP U 87 30.20 42.29 -31.76
CA ASP U 87 30.01 40.87 -31.98
C ASP U 87 28.59 40.61 -32.51
N SER U 88 28.47 39.63 -33.42
CA SER U 88 27.19 39.26 -33.99
C SER U 88 27.07 37.74 -34.04
N ALA U 89 25.83 37.24 -33.95
CA ALA U 89 25.51 35.82 -33.99
C ALA U 89 24.11 35.64 -34.60
N THR U 90 23.88 34.49 -35.25
CA THR U 90 22.57 34.24 -35.86
C THR U 90 21.84 33.03 -35.32
N VAL U 91 20.52 33.17 -35.17
CA VAL U 91 19.59 32.12 -34.75
C VAL U 91 18.54 31.93 -35.83
N ASN U 92 18.49 30.74 -36.41
CA ASN U 92 17.53 30.42 -37.46
C ASN U 92 16.26 29.90 -36.79
N ILE U 93 15.23 30.75 -36.73
CA ILE U 93 13.94 30.42 -36.13
C ILE U 93 13.05 29.78 -37.20
N HIS U 94 12.56 28.55 -36.92
CA HIS U 94 11.71 27.78 -37.81
C HIS U 94 10.32 27.67 -37.22
N ILE U 95 9.29 27.80 -38.07
CA ILE U 95 7.90 27.68 -37.64
C ILE U 95 7.29 26.40 -38.20
N ARG U 96 6.49 25.70 -37.39
CA ARG U 96 5.79 24.46 -37.78
C ARG U 96 4.27 24.54 -37.52
N SER U 97 3.46 23.73 -38.26
CA SER U 97 2.00 23.67 -38.17
C SER U 97 1.46 23.38 -36.74
N SER V 1 -1.75 28.47 -18.44
CA SER V 1 -1.49 29.49 -17.42
C SER V 1 -0.20 30.33 -17.61
N SER V 2 0.97 29.71 -17.90
CA SER V 2 2.27 30.41 -18.07
C SER V 2 3.21 29.77 -19.09
N ALA V 3 3.85 30.58 -19.93
CA ALA V 3 4.84 30.11 -20.90
C ALA V 3 6.17 29.86 -20.17
N PRO V 4 7.05 28.92 -20.63
CA PRO V 4 8.31 28.68 -19.93
C PRO V 4 9.30 29.84 -19.98
N ARG V 5 10.02 30.04 -18.88
CA ARG V 5 11.04 31.08 -18.75
C ARG V 5 12.14 30.68 -17.79
N PHE V 6 13.38 31.04 -18.14
CA PHE V 6 14.55 30.73 -17.35
C PHE V 6 14.73 31.77 -16.25
N LEU V 7 14.76 31.31 -14.99
CA LEU V 7 14.99 32.14 -13.82
C LEU V 7 16.51 32.31 -13.66
N THR V 8 17.24 31.25 -14.03
CA THR V 8 18.69 31.09 -14.05
C THR V 8 19.03 30.51 -15.42
N ARG V 9 20.00 31.11 -16.10
CA ARG V 9 20.44 30.58 -17.40
C ARG V 9 21.29 29.31 -17.17
N PRO V 10 21.36 28.35 -18.12
CA PRO V 10 22.16 27.15 -17.86
C PRO V 10 23.60 27.48 -17.48
N LYS V 11 24.06 26.95 -16.33
CA LYS V 11 25.38 27.16 -15.76
C LYS V 11 26.09 25.83 -15.57
N ALA V 12 27.35 25.76 -16.00
CA ALA V 12 28.10 24.51 -15.91
C ALA V 12 28.97 24.44 -14.67
N PHE V 13 28.97 23.29 -14.00
CA PHE V 13 29.82 23.05 -12.84
C PHE V 13 30.77 21.90 -13.14
N VAL V 14 32.06 22.22 -13.19
CA VAL V 14 33.13 21.29 -13.52
C VAL V 14 34.08 21.15 -12.34
N VAL V 15 34.46 19.92 -11.98
CA VAL V 15 35.44 19.71 -10.92
C VAL V 15 36.78 19.50 -11.62
N SER V 16 36.82 18.50 -12.52
CA SER V 16 37.96 18.13 -13.35
C SER V 16 37.49 17.16 -14.42
N VAL V 17 38.44 16.77 -15.29
CA VAL V 17 38.25 15.77 -16.34
C VAL V 17 38.23 14.44 -15.56
N GLY V 18 37.35 13.52 -15.95
CA GLY V 18 37.25 12.23 -15.27
C GLY V 18 36.27 12.22 -14.12
N LYS V 19 35.85 13.42 -13.66
CA LYS V 19 34.84 13.60 -12.62
C LYS V 19 33.56 14.09 -13.29
N ASP V 20 32.38 13.82 -12.69
CA ASP V 20 31.11 14.28 -13.25
C ASP V 20 31.03 15.81 -13.37
N ALA V 21 30.25 16.30 -14.35
CA ALA V 21 30.04 17.72 -14.62
C ALA V 21 28.56 17.96 -14.79
N THR V 22 28.07 19.14 -14.36
CA THR V 22 26.64 19.43 -14.43
C THR V 22 26.28 20.74 -15.04
N LEU V 23 25.33 20.67 -15.95
CA LEU V 23 24.70 21.80 -16.61
C LEU V 23 23.34 21.90 -15.96
N SER V 24 23.12 22.98 -15.23
CA SER V 24 21.90 23.16 -14.45
C SER V 24 21.28 24.54 -14.64
N CYS V 25 19.96 24.65 -14.45
CA CYS V 25 19.20 25.89 -14.57
C CYS V 25 17.86 25.84 -13.86
N GLN V 26 17.27 27.02 -13.60
CA GLN V 26 15.98 27.16 -12.93
C GLN V 26 14.93 27.58 -13.96
N ILE V 27 13.93 26.71 -14.20
CA ILE V 27 12.87 26.98 -15.18
C ILE V 27 11.48 26.90 -14.60
N VAL V 28 10.70 27.94 -14.81
CA VAL V 28 9.30 27.99 -14.39
C VAL V 28 8.35 27.96 -15.57
N GLY V 29 7.12 27.53 -15.32
CA GLY V 29 6.07 27.45 -16.31
C GLY V 29 4.87 26.65 -15.82
N ASN V 30 3.68 26.99 -16.35
CA ASN V 30 2.44 26.32 -16.00
C ASN V 30 1.64 26.02 -17.27
N PRO V 31 1.51 24.75 -17.73
CA PRO V 31 2.02 23.50 -17.13
C PRO V 31 3.53 23.49 -16.99
N THR V 32 4.04 22.71 -16.03
CA THR V 32 5.47 22.62 -15.78
C THR V 32 6.23 22.19 -17.05
N PRO V 33 7.31 22.89 -17.41
CA PRO V 33 7.99 22.59 -18.68
C PRO V 33 8.73 21.27 -18.78
N GLN V 34 8.79 20.78 -20.03
CA GLN V 34 9.53 19.58 -20.43
C GLN V 34 10.89 20.10 -20.91
N VAL V 35 11.98 19.58 -20.33
CA VAL V 35 13.29 20.05 -20.73
C VAL V 35 14.08 19.05 -21.53
N SER V 36 14.59 19.52 -22.67
CA SER V 36 15.38 18.76 -23.64
C SER V 36 16.71 19.47 -23.83
N TRP V 37 17.78 18.69 -24.06
CA TRP V 37 19.12 19.25 -24.25
C TRP V 37 19.73 18.82 -25.55
N GLU V 38 20.49 19.72 -26.20
CA GLU V 38 21.21 19.38 -27.43
C GLU V 38 22.63 19.96 -27.46
N LYS V 39 23.64 19.08 -27.69
CA LYS V 39 25.04 19.46 -27.80
C LYS V 39 25.36 19.60 -29.28
N ASP V 40 25.65 20.84 -29.71
CA ASP V 40 26.01 21.21 -31.08
C ASP V 40 24.98 20.72 -32.08
N GLN V 41 23.70 21.11 -31.85
CA GLN V 41 22.52 20.76 -32.66
C GLN V 41 22.14 19.25 -32.74
N GLN V 42 22.88 18.41 -31.98
CA GLN V 42 22.65 16.98 -31.88
C GLN V 42 22.01 16.71 -30.53
N PRO V 43 20.77 16.14 -30.48
CA PRO V 43 20.11 15.92 -29.19
C PRO V 43 20.87 14.95 -28.28
N VAL V 44 20.78 15.21 -26.98
CA VAL V 44 21.43 14.42 -25.95
C VAL V 44 20.67 13.12 -25.70
N ALA V 45 21.38 11.98 -25.86
CA ALA V 45 20.84 10.64 -25.62
C ALA V 45 21.29 10.27 -24.21
N ALA V 46 20.32 10.10 -23.29
CA ALA V 46 20.57 9.75 -21.90
C ALA V 46 21.07 8.32 -21.82
N GLY V 47 22.02 8.08 -20.92
CA GLY V 47 22.59 6.75 -20.72
C GLY V 47 23.96 6.78 -20.09
N ALA V 48 24.96 6.31 -20.83
CA ALA V 48 26.33 6.23 -20.36
C ALA V 48 27.01 7.59 -20.21
N ARG V 49 26.94 8.42 -21.25
CA ARG V 49 27.55 9.76 -21.24
C ARG V 49 26.75 10.75 -20.38
N PHE V 50 25.44 10.82 -20.61
CA PHE V 50 24.60 11.81 -19.95
C PHE V 50 23.46 11.26 -19.13
N ARG V 51 23.03 12.04 -18.13
CA ARG V 51 21.92 11.73 -17.23
C ARG V 51 21.11 12.98 -16.93
N LEU V 52 19.80 12.87 -17.13
CA LEU V 52 18.88 14.00 -16.93
C LEU V 52 18.10 13.81 -15.64
N ALA V 53 17.88 14.92 -14.89
CA ALA V 53 17.13 14.93 -13.63
C ALA V 53 16.57 16.32 -13.31
N GLN V 54 15.53 16.38 -12.45
CA GLN V 54 14.94 17.66 -12.05
C GLN V 54 14.30 17.62 -10.66
N ASP V 55 14.72 18.54 -9.78
CA ASP V 55 14.19 18.70 -8.42
C ASP V 55 13.42 19.99 -8.45
N GLY V 56 12.10 19.89 -8.55
CA GLY V 56 11.23 21.05 -8.62
C GLY V 56 11.56 21.88 -9.84
N ASP V 57 11.67 23.21 -9.69
CA ASP V 57 12.01 24.07 -10.83
C ASP V 57 13.49 24.02 -11.26
N LEU V 58 14.30 23.15 -10.63
CA LEU V 58 15.73 22.97 -10.95
C LEU V 58 15.87 21.80 -11.92
N TYR V 59 16.39 22.06 -13.13
CA TYR V 59 16.59 21.04 -14.16
C TYR V 59 18.09 20.84 -14.32
N ARG V 60 18.56 19.58 -14.43
CA ARG V 60 19.99 19.29 -14.50
C ARG V 60 20.42 18.17 -15.44
N LEU V 61 21.41 18.46 -16.30
CA LEU V 61 22.03 17.49 -17.20
C LEU V 61 23.40 17.16 -16.62
N THR V 62 23.65 15.90 -16.29
CA THR V 62 24.93 15.46 -15.73
C THR V 62 25.74 14.77 -16.80
N ILE V 63 26.98 15.21 -17.01
CA ILE V 63 27.89 14.60 -17.96
C ILE V 63 28.84 13.73 -17.12
N LEU V 64 28.67 12.39 -17.20
CA LEU V 64 29.48 11.42 -16.45
C LEU V 64 30.88 11.38 -17.02
N ASP V 65 31.91 11.11 -16.15
CA ASP V 65 33.34 11.00 -16.49
C ASP V 65 33.69 11.99 -17.60
N LEU V 66 33.71 13.30 -17.24
CA LEU V 66 33.98 14.39 -18.19
C LEU V 66 35.24 14.14 -18.98
N ALA V 67 35.14 14.34 -20.30
CA ALA V 67 36.24 14.16 -21.24
C ALA V 67 36.36 15.41 -22.12
N LEU V 68 37.50 15.58 -22.82
CA LEU V 68 37.62 16.75 -23.71
C LEU V 68 36.56 16.74 -24.82
N GLY V 69 36.14 15.54 -25.23
CA GLY V 69 35.11 15.36 -26.24
C GLY V 69 33.74 15.92 -25.89
N ASP V 70 33.53 16.27 -24.59
CA ASP V 70 32.26 16.82 -24.09
C ASP V 70 32.14 18.32 -24.32
N SER V 71 33.22 18.98 -24.80
CA SER V 71 33.22 20.41 -25.09
C SER V 71 32.27 20.71 -26.24
N GLY V 72 31.53 21.80 -26.12
CA GLY V 72 30.56 22.22 -27.13
C GLY V 72 29.46 23.12 -26.61
N GLN V 73 28.62 23.62 -27.51
CA GLN V 73 27.52 24.51 -27.17
C GLN V 73 26.29 23.68 -26.85
N TYR V 74 25.90 23.68 -25.59
CA TYR V 74 24.74 22.94 -25.12
C TYR V 74 23.53 23.86 -25.06
N VAL V 75 22.43 23.47 -25.74
CA VAL V 75 21.21 24.27 -25.78
C VAL V 75 20.12 23.57 -24.97
N CYS V 76 19.52 24.31 -24.04
CA CYS V 76 18.44 23.82 -23.20
C CYS V 76 17.12 24.34 -23.78
N ARG V 77 16.13 23.45 -23.95
CA ARG V 77 14.82 23.79 -24.49
C ARG V 77 13.71 23.45 -23.51
N ALA V 78 13.08 24.50 -22.94
CA ALA V 78 11.95 24.35 -22.02
C ALA V 78 10.68 24.54 -22.84
N ARG V 79 9.86 23.50 -22.92
CA ARG V 79 8.64 23.47 -23.74
C ARG V 79 7.43 23.07 -22.92
N ASN V 80 6.27 23.70 -23.18
CA ASN V 80 4.94 23.39 -22.62
C ASN V 80 3.81 23.71 -23.62
N ALA V 81 2.55 23.56 -23.19
CA ALA V 81 1.40 23.84 -24.05
C ALA V 81 1.28 25.31 -24.53
N ILE V 82 1.81 26.27 -23.74
CA ILE V 82 1.78 27.70 -24.02
C ILE V 82 2.96 28.19 -24.87
N GLY V 83 4.17 27.66 -24.65
CA GLY V 83 5.32 28.07 -25.43
C GLY V 83 6.63 27.33 -25.22
N GLU V 84 7.70 27.91 -25.78
CA GLU V 84 9.08 27.42 -25.71
C GLU V 84 10.02 28.50 -25.25
N ALA V 85 11.07 28.10 -24.53
CA ALA V 85 12.12 28.96 -24.01
C ALA V 85 13.43 28.28 -24.29
N PHE V 86 14.36 29.01 -24.90
CA PHE V 86 15.68 28.51 -25.24
C PHE V 86 16.74 29.36 -24.58
N ALA V 87 17.81 28.70 -24.17
CA ALA V 87 18.99 29.29 -23.54
C ALA V 87 20.14 28.33 -23.73
N ALA V 88 21.34 28.84 -23.94
CA ALA V 88 22.49 27.98 -24.19
C ALA V 88 23.66 28.24 -23.26
N VAL V 89 24.60 27.28 -23.22
CA VAL V 89 25.83 27.35 -22.43
C VAL V 89 26.97 26.62 -23.12
N GLY V 90 28.10 27.28 -23.19
CA GLY V 90 29.30 26.72 -23.81
C GLY V 90 30.17 26.04 -22.77
N LEU V 91 30.42 24.74 -22.97
CA LEU V 91 31.27 23.97 -22.09
C LEU V 91 32.62 23.79 -22.75
N GLN V 92 33.69 24.19 -22.06
CA GLN V 92 35.06 24.07 -22.58
C GLN V 92 35.96 23.37 -21.58
N VAL V 93 36.21 22.08 -21.82
CA VAL V 93 37.03 21.22 -20.96
C VAL V 93 38.43 21.06 -21.54
N GLY W 1 -54.68 -8.71 -1.64
CA GLY W 1 -54.54 -8.50 -0.20
C GLY W 1 -54.57 -7.05 0.24
N ILE W 2 -55.12 -6.79 1.44
CA ILE W 2 -55.24 -5.44 2.03
C ILE W 2 -54.68 -5.41 3.47
N PRO W 3 -53.69 -4.54 3.81
CA PRO W 3 -53.22 -4.46 5.21
C PRO W 3 -54.28 -3.79 6.10
N PRO W 4 -54.34 -4.08 7.42
CA PRO W 4 -55.39 -3.44 8.24
C PRO W 4 -55.10 -1.99 8.59
N LYS W 5 -56.18 -1.22 8.81
CA LYS W 5 -56.09 0.18 9.18
C LYS W 5 -57.22 0.54 10.12
N ILE W 6 -56.87 1.18 11.26
CA ILE W 6 -57.86 1.67 12.23
C ILE W 6 -58.38 2.97 11.62
N GLU W 7 -59.71 3.01 11.33
CA GLU W 7 -60.37 4.15 10.69
C GLU W 7 -60.31 5.42 11.55
N ALA W 8 -60.98 5.43 12.73
CA ALA W 8 -60.95 6.58 13.63
C ALA W 8 -61.38 6.17 15.02
N LEU W 9 -60.43 6.27 15.94
CA LEU W 9 -60.58 5.96 17.36
C LEU W 9 -60.24 7.21 18.18
N PRO W 10 -61.13 7.65 19.11
CA PRO W 10 -60.84 8.87 19.89
C PRO W 10 -59.53 8.79 20.67
N SER W 11 -58.87 9.95 20.86
CA SER W 11 -57.60 10.07 21.60
C SER W 11 -57.86 9.91 23.10
N ASP W 12 -58.79 10.73 23.66
CA ASP W 12 -59.21 10.72 25.06
C ASP W 12 -60.72 10.70 25.15
N ILE W 13 -61.24 9.92 26.11
CA ILE W 13 -62.66 9.82 26.42
C ILE W 13 -62.82 9.82 27.93
N SER W 14 -63.89 10.46 28.43
CA SER W 14 -64.14 10.53 29.86
C SER W 14 -65.57 10.08 30.17
N ILE W 15 -65.74 9.36 31.29
CA ILE W 15 -67.05 8.86 31.74
C ILE W 15 -67.14 8.85 33.26
N ASP W 16 -68.35 8.98 33.82
CA ASP W 16 -68.59 8.95 35.27
C ASP W 16 -68.73 7.49 35.76
N GLU W 17 -68.39 7.23 37.03
CA GLU W 17 -68.48 5.91 37.66
C GLU W 17 -69.92 5.39 37.59
N GLY W 18 -70.06 4.08 37.35
CA GLY W 18 -71.36 3.41 37.34
C GLY W 18 -72.15 3.45 36.05
N LYS W 19 -71.67 4.22 35.07
CA LYS W 19 -72.31 4.33 33.75
C LYS W 19 -71.72 3.29 32.78
N VAL W 20 -72.37 3.09 31.62
CA VAL W 20 -71.90 2.15 30.61
C VAL W 20 -71.11 2.92 29.56
N LEU W 21 -69.95 2.39 29.17
CA LEU W 21 -69.11 3.01 28.15
C LEU W 21 -69.11 2.19 26.86
N THR W 22 -69.25 2.87 25.72
CA THR W 22 -69.24 2.26 24.39
C THR W 22 -68.25 2.99 23.51
N VAL W 23 -67.31 2.25 22.91
CA VAL W 23 -66.33 2.84 21.99
C VAL W 23 -66.43 2.06 20.71
N ALA W 24 -67.03 2.67 19.68
CA ALA W 24 -67.16 2.00 18.39
C ALA W 24 -66.11 2.51 17.41
N CYS W 25 -65.37 1.57 16.82
CA CYS W 25 -64.31 1.88 15.88
C CYS W 25 -64.41 1.01 14.66
N ALA W 26 -64.32 1.64 13.47
CA ALA W 26 -64.36 0.90 12.20
C ALA W 26 -62.94 0.56 11.78
N PHE W 27 -62.78 -0.46 10.94
CA PHE W 27 -61.47 -0.89 10.43
C PHE W 27 -61.55 -1.54 9.03
N THR W 28 -60.42 -1.49 8.32
CA THR W 28 -60.26 -2.08 6.99
C THR W 28 -59.30 -3.27 7.09
N GLY W 29 -59.20 -4.02 5.99
CA GLY W 29 -58.29 -5.16 5.93
C GLY W 29 -58.91 -6.44 5.41
N GLU W 30 -58.21 -7.06 4.44
CA GLU W 30 -58.58 -8.33 3.83
C GLU W 30 -57.30 -9.19 3.77
N PRO W 31 -57.26 -10.38 4.42
CA PRO W 31 -58.35 -11.04 5.19
C PRO W 31 -58.70 -10.26 6.45
N THR W 32 -59.93 -10.47 6.98
CA THR W 32 -60.43 -9.75 8.18
C THR W 32 -59.39 -9.87 9.32
N PRO W 33 -58.89 -8.72 9.85
CA PRO W 33 -57.83 -8.79 10.87
C PRO W 33 -58.25 -9.26 12.27
N GLU W 34 -57.26 -9.68 13.06
CA GLU W 34 -57.51 -10.11 14.43
C GLU W 34 -57.60 -8.85 15.28
N VAL W 35 -58.79 -8.60 15.88
CA VAL W 35 -59.04 -7.45 16.76
C VAL W 35 -58.56 -7.79 18.17
N THR W 36 -57.64 -6.97 18.73
CA THR W 36 -57.09 -7.16 20.07
C THR W 36 -57.08 -5.88 20.91
N TRP W 37 -57.98 -5.81 21.89
CA TRP W 37 -58.09 -4.67 22.80
C TRP W 37 -57.23 -5.00 24.01
N SER W 38 -56.37 -4.07 24.43
CA SER W 38 -55.47 -4.29 25.56
C SER W 38 -55.25 -3.04 26.41
N CYS W 39 -55.02 -3.23 27.70
CA CYS W 39 -54.76 -2.15 28.63
C CYS W 39 -53.67 -2.55 29.59
N GLY W 40 -52.61 -1.75 29.60
CA GLY W 40 -51.43 -1.99 30.43
C GLY W 40 -50.71 -3.29 30.12
N GLY W 41 -50.72 -3.66 28.83
CA GLY W 41 -50.09 -4.88 28.32
C GLY W 41 -50.93 -6.13 28.47
N ARG W 42 -52.11 -6.02 29.11
CA ARG W 42 -53.02 -7.12 29.37
C ARG W 42 -54.19 -7.08 28.40
N LYS W 43 -54.41 -8.18 27.66
CA LYS W 43 -55.50 -8.29 26.68
C LYS W 43 -56.86 -8.31 27.38
N ILE W 44 -57.81 -7.52 26.88
CA ILE W 44 -59.19 -7.45 27.38
C ILE W 44 -59.93 -8.66 26.79
N HIS W 45 -60.50 -9.50 27.66
CA HIS W 45 -61.22 -10.71 27.25
C HIS W 45 -62.70 -10.48 27.41
N SER W 46 -63.46 -10.67 26.33
CA SER W 46 -64.92 -10.47 26.33
C SER W 46 -65.62 -11.54 27.19
N GLN W 47 -65.66 -11.29 28.51
CA GLN W 47 -66.29 -12.20 29.47
C GLN W 47 -67.78 -11.93 29.50
N GLU W 48 -68.59 -12.96 29.18
CA GLU W 48 -70.05 -12.88 29.13
C GLU W 48 -70.67 -12.52 30.48
N GLN W 49 -70.12 -13.04 31.58
CA GLN W 49 -70.63 -12.76 32.93
C GLN W 49 -69.99 -11.52 33.57
N GLY W 50 -68.86 -11.06 33.00
CA GLY W 50 -68.11 -9.90 33.47
C GLY W 50 -68.68 -8.55 33.08
N ARG W 51 -67.88 -7.48 33.29
CA ARG W 51 -68.24 -6.11 32.97
C ARG W 51 -67.79 -5.70 31.59
N PHE W 52 -66.64 -6.25 31.14
CA PHE W 52 -66.02 -5.97 29.85
C PHE W 52 -66.54 -6.86 28.73
N HIS W 53 -66.95 -6.24 27.61
CA HIS W 53 -67.47 -6.93 26.43
C HIS W 53 -66.89 -6.33 25.15
N ILE W 54 -66.57 -7.17 24.17
CA ILE W 54 -66.05 -6.73 22.88
C ILE W 54 -66.91 -7.32 21.78
N GLU W 55 -67.65 -6.45 21.05
CA GLU W 55 -68.52 -6.86 19.93
C GLU W 55 -67.79 -6.59 18.60
N ASN W 56 -67.38 -7.66 17.90
CA ASN W 56 -66.63 -7.52 16.64
C ASN W 56 -67.39 -8.00 15.40
N THR W 57 -67.32 -7.20 14.32
CA THR W 57 -67.89 -7.53 13.01
C THR W 57 -66.72 -7.66 12.02
N ASP W 58 -67.01 -7.75 10.71
CA ASP W 58 -65.97 -7.83 9.68
C ASP W 58 -65.32 -6.46 9.41
N ASP W 59 -65.99 -5.35 9.83
CA ASP W 59 -65.54 -3.97 9.61
C ASP W 59 -65.67 -3.06 10.82
N LEU W 60 -66.09 -3.58 12.00
CA LEU W 60 -66.26 -2.75 13.20
C LEU W 60 -66.04 -3.46 14.53
N THR W 61 -65.35 -2.79 15.46
CA THR W 61 -65.10 -3.27 16.82
C THR W 61 -65.76 -2.35 17.84
N THR W 62 -66.40 -2.92 18.85
CA THR W 62 -67.05 -2.13 19.90
C THR W 62 -66.64 -2.58 21.29
N LEU W 63 -65.98 -1.67 22.05
CA LEU W 63 -65.57 -1.94 23.42
C LEU W 63 -66.72 -1.52 24.34
N ILE W 64 -67.09 -2.42 25.26
CA ILE W 64 -68.17 -2.17 26.23
C ILE W 64 -67.63 -2.34 27.63
N ILE W 65 -67.75 -1.30 28.47
CA ILE W 65 -67.35 -1.38 29.87
C ILE W 65 -68.60 -1.00 30.66
N MET W 66 -69.24 -2.00 31.27
CA MET W 66 -70.46 -1.77 32.02
C MET W 66 -70.12 -1.39 33.45
N ASP W 67 -71.01 -0.63 34.16
CA ASP W 67 -70.80 -0.16 35.54
C ASP W 67 -69.33 0.21 35.74
N VAL W 68 -68.87 1.22 35.00
CA VAL W 68 -67.51 1.73 35.00
C VAL W 68 -67.02 2.06 36.42
N GLN W 69 -65.85 1.51 36.78
CA GLN W 69 -65.21 1.71 38.08
C GLN W 69 -63.87 2.41 37.89
N LYS W 70 -63.43 3.18 38.90
CA LYS W 70 -62.20 3.97 38.87
C LYS W 70 -60.97 3.23 38.30
N GLN W 71 -60.81 1.94 38.64
CA GLN W 71 -59.70 1.07 38.20
C GLN W 71 -59.62 0.88 36.68
N ASP W 72 -60.77 1.02 35.98
CA ASP W 72 -60.89 0.86 34.52
C ASP W 72 -60.20 1.98 33.76
N GLY W 73 -59.95 3.11 34.41
CA GLY W 73 -59.25 4.24 33.82
C GLY W 73 -57.86 3.84 33.40
N GLY W 74 -57.51 4.09 32.14
CA GLY W 74 -56.19 3.74 31.61
C GLY W 74 -56.02 3.98 30.13
N LEU W 75 -54.87 3.56 29.59
CA LEU W 75 -54.60 3.72 28.16
C LEU W 75 -54.89 2.42 27.43
N TYR W 76 -56.03 2.39 26.73
CA TYR W 76 -56.50 1.23 25.99
C TYR W 76 -55.95 1.25 24.58
N THR W 77 -55.43 0.10 24.11
CA THR W 77 -54.83 -0.03 22.78
C THR W 77 -55.59 -1.02 21.91
N LEU W 78 -56.19 -0.51 20.82
CA LEU W 78 -56.87 -1.35 19.83
C LEU W 78 -55.81 -1.73 18.81
N SER W 79 -55.62 -3.04 18.59
CA SER W 79 -54.62 -3.51 17.65
C SER W 79 -55.11 -4.59 16.70
N LEU W 80 -55.07 -4.27 15.40
CA LEU W 80 -55.46 -5.15 14.29
C LEU W 80 -54.21 -5.78 13.69
N GLY W 81 -54.38 -6.96 13.10
CA GLY W 81 -53.29 -7.67 12.44
C GLY W 81 -53.76 -8.72 11.48
N ASN W 82 -53.11 -8.76 10.30
CA ASN W 82 -53.33 -9.74 9.23
C ASN W 82 -52.02 -10.15 8.54
N GLU W 83 -52.12 -11.09 7.59
CA GLU W 83 -51.02 -11.60 6.77
C GLU W 83 -50.17 -10.46 6.13
N PHE W 84 -50.80 -9.30 5.83
CA PHE W 84 -50.21 -8.16 5.11
C PHE W 84 -49.78 -6.96 5.96
N GLY W 85 -49.92 -7.06 7.28
CA GLY W 85 -49.54 -5.97 8.16
C GLY W 85 -50.31 -5.86 9.45
N SER W 86 -50.18 -4.70 10.11
CA SER W 86 -50.81 -4.41 11.39
C SER W 86 -50.95 -2.91 11.65
N ASP W 87 -51.92 -2.55 12.50
CA ASP W 87 -52.17 -1.18 12.93
C ASP W 87 -52.59 -1.16 14.40
N SER W 88 -52.18 -0.11 15.13
CA SER W 88 -52.52 0.08 16.53
C SER W 88 -52.90 1.53 16.76
N ALA W 89 -53.79 1.76 17.74
CA ALA W 89 -54.27 3.09 18.12
C ALA W 89 -54.62 3.08 19.60
N THR W 90 -54.48 4.24 20.28
CA THR W 90 -54.78 4.30 21.71
C THR W 90 -55.88 5.25 22.06
N VAL W 91 -56.70 4.86 23.05
CA VAL W 91 -57.78 5.65 23.63
C VAL W 91 -57.56 5.76 25.14
N ASN W 92 -57.44 7.00 25.63
CA ASN W 92 -57.24 7.22 27.04
C ASN W 92 -58.58 7.44 27.70
N ILE W 93 -59.07 6.40 28.39
CA ILE W 93 -60.32 6.37 29.15
C ILE W 93 -60.02 6.96 30.54
N HIS W 94 -60.77 7.98 30.92
CA HIS W 94 -60.63 8.66 32.21
C HIS W 94 -61.94 8.48 32.96
N ILE W 95 -61.85 8.27 34.26
CA ILE W 95 -63.03 8.08 35.10
C ILE W 95 -63.19 9.27 36.04
N ARG W 96 -64.45 9.72 36.25
CA ARG W 96 -64.80 10.83 37.14
C ARG W 96 -65.87 10.44 38.20
N SER W 97 -65.91 11.13 39.36
CA SER W 97 -66.85 10.90 40.48
C SER W 97 -68.34 10.89 40.06
N SER X 1 -83.76 3.65 31.28
CA SER X 1 -84.24 2.54 30.46
C SER X 1 -83.16 1.92 29.54
N SER X 2 -82.39 2.73 28.79
CA SER X 2 -81.37 2.22 27.84
C SER X 2 -80.16 3.14 27.73
N ALA X 3 -78.96 2.56 27.61
CA ALA X 3 -77.73 3.33 27.43
C ALA X 3 -77.62 3.80 25.95
N PRO X 4 -76.89 4.91 25.61
CA PRO X 4 -76.83 5.34 24.21
C PRO X 4 -76.01 4.37 23.37
N ARG X 5 -76.43 4.20 22.10
CA ARG X 5 -75.77 3.36 21.11
C ARG X 5 -75.98 3.85 19.69
N PHE X 6 -74.93 3.75 18.88
CA PHE X 6 -74.94 4.18 17.49
C PHE X 6 -75.53 3.06 16.62
N LEU X 7 -76.58 3.39 15.89
CA LEU X 7 -77.24 2.48 14.95
C LEU X 7 -76.46 2.54 13.63
N THR X 8 -75.93 3.74 13.35
CA THR X 8 -75.11 4.14 12.21
C THR X 8 -73.92 4.91 12.79
N ARG X 9 -72.71 4.58 12.36
CA ARG X 9 -71.51 5.30 12.80
C ARG X 9 -71.45 6.66 12.07
N PRO X 10 -70.83 7.73 12.64
CA PRO X 10 -70.78 9.02 11.93
C PRO X 10 -70.17 8.86 10.54
N LYS X 11 -70.90 9.35 9.54
CA LYS X 11 -70.55 9.27 8.11
C LYS X 11 -70.54 10.67 7.54
N ALA X 12 -69.46 10.99 6.81
CA ALA X 12 -69.34 12.33 6.25
C ALA X 12 -69.81 12.44 4.81
N PHE X 13 -70.55 13.52 4.50
CA PHE X 13 -71.00 13.77 3.15
C PHE X 13 -70.43 15.08 2.68
N VAL X 14 -69.56 15.01 1.66
CA VAL X 14 -68.84 16.14 1.10
C VAL X 14 -69.23 16.31 -0.35
N VAL X 15 -69.50 17.54 -0.75
CA VAL X 15 -69.82 17.81 -2.16
C VAL X 15 -68.54 18.32 -2.80
N SER X 16 -67.98 19.39 -2.21
CA SER X 16 -66.74 20.04 -2.61
C SER X 16 -66.36 21.04 -1.54
N VAL X 17 -65.21 21.68 -1.74
CA VAL X 17 -64.69 22.74 -0.89
C VAL X 17 -65.57 23.96 -1.24
N GLY X 18 -65.95 24.75 -0.23
CA GLY X 18 -66.79 25.92 -0.46
C GLY X 18 -68.28 25.64 -0.39
N LYS X 19 -68.65 24.35 -0.44
CA LYS X 19 -70.02 23.87 -0.29
C LYS X 19 -70.15 23.23 1.10
N ASP X 20 -71.36 23.23 1.69
CA ASP X 20 -71.60 22.63 3.00
C ASP X 20 -71.25 21.12 3.03
N ALA X 21 -70.86 20.62 4.22
CA ALA X 21 -70.51 19.22 4.43
C ALA X 21 -71.19 18.73 5.70
N THR X 22 -71.56 17.45 5.75
CA THR X 22 -72.29 16.93 6.91
C THR X 22 -71.77 15.64 7.46
N LEU X 23 -71.63 15.62 8.78
CA LEU X 23 -71.27 14.47 9.58
C LEU X 23 -72.57 14.08 10.26
N SER X 24 -73.09 12.92 9.89
CA SER X 24 -74.39 12.45 10.37
C SER X 24 -74.35 11.01 10.88
N CYS X 25 -75.27 10.66 11.81
CA CYS X 25 -75.34 9.34 12.43
C CYS X 25 -76.66 9.11 13.15
N GLN X 26 -77.04 7.83 13.33
CA GLN X 26 -78.26 7.42 13.98
C GLN X 26 -77.99 6.94 15.41
N ILE X 27 -78.52 7.65 16.42
CA ILE X 27 -78.28 7.32 17.82
C ILE X 27 -79.57 7.14 18.61
N VAL X 28 -79.65 6.02 19.32
CA VAL X 28 -80.79 5.70 20.18
C VAL X 28 -80.36 5.72 21.65
N GLY X 29 -81.35 5.90 22.52
CA GLY X 29 -81.16 5.93 23.96
C GLY X 29 -82.42 6.33 24.70
N ASN X 30 -82.55 5.84 25.95
CA ASN X 30 -83.67 6.15 26.81
C ASN X 30 -83.19 6.40 28.23
N PRO X 31 -83.05 7.68 28.67
CA PRO X 31 -83.39 8.94 27.97
C PRO X 31 -82.66 9.18 26.68
N THR X 32 -83.22 10.06 25.84
CA THR X 32 -82.68 10.44 24.54
C THR X 32 -81.29 11.05 24.70
N PRO X 33 -80.30 10.56 23.94
CA PRO X 33 -78.92 11.07 24.10
C PRO X 33 -78.67 12.54 23.73
N GLN X 34 -77.75 13.16 24.50
CA GLN X 34 -77.23 14.50 24.28
C GLN X 34 -75.98 14.28 23.42
N VAL X 35 -75.93 14.93 22.24
CA VAL X 35 -74.82 14.75 21.32
C VAL X 35 -73.86 15.93 21.20
N SER X 36 -72.60 15.67 21.55
CA SER X 36 -71.51 16.62 21.52
C SER X 36 -70.49 16.16 20.47
N TRP X 37 -69.84 17.12 19.79
CA TRP X 37 -68.85 16.83 18.76
C TRP X 37 -67.54 17.53 19.07
N GLU X 38 -66.41 16.86 18.77
CA GLU X 38 -65.08 17.45 18.95
C GLU X 38 -64.14 17.12 17.81
N LYS X 39 -63.53 18.17 17.22
CA LYS X 39 -62.56 18.04 16.13
C LYS X 39 -61.16 18.11 16.73
N ASP X 40 -60.43 16.98 16.66
CA ASP X 40 -59.07 16.84 17.15
C ASP X 40 -58.96 17.21 18.61
N GLN X 41 -59.82 16.60 19.46
CA GLN X 41 -59.91 16.83 20.92
C GLN X 41 -60.30 18.28 21.37
N GLN X 42 -60.64 19.15 20.41
CA GLN X 42 -61.11 20.50 20.63
C GLN X 42 -62.63 20.51 20.36
N PRO X 43 -63.48 20.87 21.36
CA PRO X 43 -64.93 20.83 21.13
C PRO X 43 -65.42 21.79 20.05
N VAL X 44 -66.48 21.38 19.34
CA VAL X 44 -67.09 22.16 18.27
C VAL X 44 -67.99 23.26 18.85
N ALA X 45 -67.67 24.51 18.49
CA ALA X 45 -68.45 25.68 18.89
C ALA X 45 -69.36 26.00 17.70
N ALA X 46 -70.67 25.90 17.94
CA ALA X 46 -71.68 26.16 16.93
C ALA X 46 -71.72 27.65 16.58
N GLY X 47 -71.98 27.94 15.31
CA GLY X 47 -72.06 29.31 14.82
C GLY X 47 -71.78 29.44 13.33
N ALA X 48 -70.70 30.15 13.02
CA ALA X 48 -70.31 30.42 11.65
C ALA X 48 -69.81 29.19 10.90
N ARG X 49 -68.84 28.48 11.50
CA ARG X 49 -68.25 27.28 10.90
C ARG X 49 -69.20 26.08 10.99
N PHE X 50 -69.74 25.81 12.18
CA PHE X 50 -70.56 24.64 12.39
C PHE X 50 -71.98 24.88 12.85
N ARG X 51 -72.87 23.94 12.53
CA ARG X 51 -74.29 23.94 12.92
C ARG X 51 -74.73 22.54 13.31
N LEU X 52 -75.35 22.42 14.47
CA LEU X 52 -75.81 21.14 15.00
C LEU X 52 -77.32 21.08 14.90
N ALA X 53 -77.86 19.90 14.50
CA ALA X 53 -79.29 19.64 14.34
C ALA X 53 -79.62 18.15 14.50
N GLN X 54 -80.85 17.84 14.89
CA GLN X 54 -81.27 16.45 15.02
C GLN X 54 -82.75 16.24 14.76
N ASP X 55 -83.07 15.33 13.81
CA ASP X 55 -84.43 14.95 13.42
C ASP X 55 -84.60 13.55 13.96
N GLY X 56 -85.31 13.43 15.10
CA GLY X 56 -85.54 12.17 15.79
C GLY X 56 -84.23 11.56 16.20
N ASP X 57 -84.03 10.26 15.88
CA ASP X 57 -82.77 9.59 16.20
C ASP X 57 -81.57 9.92 15.27
N LEU X 58 -81.77 10.85 14.32
CA LEU X 58 -80.74 11.29 13.37
C LEU X 58 -80.09 12.51 13.90
N TYR X 59 -78.76 12.46 14.03
CA TYR X 59 -77.97 13.59 14.53
C TYR X 59 -77.04 14.07 13.46
N ARG X 60 -76.93 15.40 13.30
CA ARG X 60 -76.13 15.94 12.21
C ARG X 60 -75.36 17.22 12.53
N LEU X 61 -74.04 17.17 12.26
CA LEU X 61 -73.15 18.32 12.36
C LEU X 61 -72.89 18.80 10.96
N THR X 62 -73.25 20.06 10.65
CA THR X 62 -73.04 20.66 9.33
C THR X 62 -71.85 21.60 9.39
N ILE X 63 -70.90 21.40 8.48
CA ILE X 63 -69.73 22.26 8.38
C ILE X 63 -70.00 23.18 7.19
N LEU X 64 -70.30 24.45 7.47
CA LEU X 64 -70.60 25.45 6.44
C LEU X 64 -69.32 25.81 5.67
N ASP X 65 -69.46 26.16 4.37
CA ASP X 65 -68.37 26.56 3.47
C ASP X 65 -67.09 25.77 3.79
N LEU X 66 -67.11 24.45 3.46
CA LEU X 66 -66.01 23.53 3.73
C LEU X 66 -64.68 24.09 3.21
N ALA X 67 -63.64 24.02 4.05
CA ALA X 67 -62.29 24.48 3.74
C ALA X 67 -61.32 23.37 4.08
N LEU X 68 -60.05 23.46 3.60
CA LEU X 68 -59.06 22.44 3.93
C LEU X 68 -58.80 22.37 5.45
N GLY X 69 -58.94 23.52 6.13
CA GLY X 69 -58.77 23.62 7.57
C GLY X 69 -59.74 22.80 8.38
N ASP X 70 -60.82 22.31 7.76
CA ASP X 70 -61.86 21.50 8.42
C ASP X 70 -61.47 20.01 8.53
N SER X 71 -60.34 19.60 7.91
CA SER X 71 -59.83 18.23 7.96
C SER X 71 -59.42 17.90 9.39
N GLY X 72 -59.74 16.68 9.81
CA GLY X 72 -59.42 16.19 11.15
C GLY X 72 -60.30 15.07 11.64
N GLN X 73 -59.95 14.52 12.81
CA GLN X 73 -60.69 13.44 13.43
C GLN X 73 -61.81 14.00 14.29
N TYR X 74 -63.06 13.80 13.85
CA TYR X 74 -64.24 14.29 14.55
C TYR X 74 -64.81 13.18 15.39
N VAL X 75 -65.01 13.47 16.69
CA VAL X 75 -65.51 12.49 17.64
C VAL X 75 -66.91 12.88 18.08
N CYS X 76 -67.86 11.97 17.95
CA CYS X 76 -69.25 12.16 18.37
C CYS X 76 -69.45 11.45 19.71
N ARG X 77 -70.04 12.17 20.68
CA ARG X 77 -70.29 11.64 22.02
C ARG X 77 -71.77 11.71 22.36
N ALA X 78 -72.40 10.52 22.51
CA ALA X 78 -73.80 10.36 22.87
C ALA X 78 -73.83 9.98 24.30
N ARG X 79 -74.35 10.89 25.12
CA ARG X 79 -74.41 10.75 26.57
C ARG X 79 -75.83 10.85 27.07
N ASN X 80 -76.19 10.00 28.03
CA ASN X 80 -77.49 10.00 28.73
C ASN X 80 -77.28 9.50 30.16
N ALA X 81 -78.31 9.63 31.02
CA ALA X 81 -78.25 9.26 32.44
C ALA X 81 -77.68 7.85 32.76
N ILE X 82 -77.80 6.91 31.81
CA ILE X 82 -77.35 5.52 31.90
C ILE X 82 -75.90 5.31 31.44
N GLY X 83 -75.47 6.01 30.38
CA GLY X 83 -74.11 5.84 29.89
C GLY X 83 -73.66 6.74 28.76
N GLU X 84 -72.51 6.39 28.16
CA GLU X 84 -71.89 7.10 27.05
C GLU X 84 -71.53 6.15 25.91
N ALA X 85 -71.57 6.69 24.69
CA ALA X 85 -71.24 5.99 23.44
C ALA X 85 -70.42 6.95 22.61
N PHE X 86 -69.27 6.47 22.16
CA PHE X 86 -68.34 7.24 21.36
C PHE X 86 -68.12 6.55 20.06
N ALA X 87 -67.97 7.35 19.01
CA ALA X 87 -67.69 6.91 17.65
C ALA X 87 -67.03 8.08 16.94
N ALA X 88 -66.08 7.80 16.08
CA ALA X 88 -65.37 8.88 15.39
C ALA X 88 -65.39 8.72 13.88
N VAL X 89 -65.03 9.81 13.16
CA VAL X 89 -64.94 9.85 11.71
C VAL X 89 -63.86 10.85 11.29
N GLY X 90 -63.01 10.40 10.38
CA GLY X 90 -61.94 11.22 9.84
C GLY X 90 -62.41 11.93 8.58
N LEU X 91 -62.35 13.27 8.62
CA LEU X 91 -62.71 14.09 7.46
C LEU X 91 -61.42 14.58 6.80
N GLN X 92 -61.26 14.29 5.49
CA GLN X 92 -60.08 14.72 4.76
C GLN X 92 -60.49 15.45 3.49
N VAL X 93 -60.38 16.79 3.53
CA VAL X 93 -60.74 17.67 2.44
C VAL X 93 -59.50 18.14 1.67
N GLY Y 1 -24.22 8.89 67.97
CA GLY Y 1 -24.00 9.10 69.39
C GLY Y 1 -23.89 10.57 69.78
N ILE Y 2 -24.42 10.93 70.96
CA ILE Y 2 -24.41 12.30 71.51
C ILE Y 2 -23.88 12.32 72.96
N PRO Y 3 -22.82 13.11 73.28
CA PRO Y 3 -22.37 13.21 74.68
C PRO Y 3 -23.36 14.00 75.54
N PRO Y 4 -23.43 13.78 76.87
CA PRO Y 4 -24.43 14.52 77.66
C PRO Y 4 -24.05 15.96 77.99
N LYS Y 5 -25.08 16.81 78.19
CA LYS Y 5 -24.89 18.21 78.55
C LYS Y 5 -26.00 18.67 79.50
N ILE Y 6 -25.62 19.30 80.62
CA ILE Y 6 -26.56 19.87 81.58
C ILE Y 6 -26.99 21.20 80.97
N GLU Y 7 -28.31 21.32 80.69
CA GLU Y 7 -28.90 22.49 80.03
C GLU Y 7 -28.78 23.78 80.86
N ALA Y 8 -29.45 23.83 82.03
CA ALA Y 8 -29.40 25.00 82.89
C ALA Y 8 -29.82 24.64 84.28
N LEU Y 9 -28.86 24.73 85.21
CA LEU Y 9 -29.03 24.44 86.63
C LEU Y 9 -28.61 25.69 87.44
N PRO Y 10 -29.47 26.20 88.36
CA PRO Y 10 -29.08 27.39 89.14
C PRO Y 10 -27.80 27.22 89.94
N SER Y 11 -27.06 28.34 90.13
CA SER Y 11 -25.80 28.39 90.86
C SER Y 11 -26.08 28.25 92.36
N ASP Y 12 -26.94 29.15 92.90
CA ASP Y 12 -27.37 29.20 94.30
C ASP Y 12 -28.89 29.29 94.39
N ILE Y 13 -29.47 28.57 95.36
CA ILE Y 13 -30.90 28.57 95.66
C ILE Y 13 -31.06 28.57 97.17
N SER Y 14 -32.11 29.22 97.69
CA SER Y 14 -32.36 29.29 99.13
C SER Y 14 -33.78 28.92 99.43
N ILE Y 15 -34.00 28.27 100.57
CA ILE Y 15 -35.33 27.83 101.03
C ILE Y 15 -35.41 27.86 102.57
N ASP Y 16 -36.61 28.05 103.12
CA ASP Y 16 -36.84 28.06 104.57
C ASP Y 16 -37.03 26.62 105.07
N GLU Y 17 -36.66 26.35 106.35
CA GLU Y 17 -36.82 25.05 107.01
C GLU Y 17 -38.29 24.59 106.96
N GLY Y 18 -38.52 23.29 106.72
CA GLY Y 18 -39.84 22.69 106.73
C GLY Y 18 -40.64 22.74 105.45
N LYS Y 19 -40.13 23.47 104.45
CA LYS Y 19 -40.78 23.58 103.15
C LYS Y 19 -40.26 22.51 102.18
N VAL Y 20 -40.93 22.33 101.02
CA VAL Y 20 -40.53 21.36 100.00
C VAL Y 20 -39.69 22.07 98.95
N LEU Y 21 -38.57 21.48 98.55
CA LEU Y 21 -37.70 22.06 97.54
C LEU Y 21 -37.73 21.24 96.25
N THR Y 22 -37.82 21.93 95.10
CA THR Y 22 -37.87 21.32 93.78
C THR Y 22 -36.82 21.99 92.90
N VAL Y 23 -35.94 21.19 92.30
CA VAL Y 23 -34.94 21.70 91.37
C VAL Y 23 -35.10 20.92 90.09
N ALA Y 24 -35.66 21.55 89.06
CA ALA Y 24 -35.83 20.88 87.78
C ALA Y 24 -34.75 21.31 86.79
N CYS Y 25 -34.07 20.31 86.22
CA CYS Y 25 -32.99 20.55 85.28
C CYS Y 25 -33.14 19.68 84.03
N ALA Y 26 -33.02 20.29 82.84
CA ALA Y 26 -33.10 19.54 81.60
C ALA Y 26 -31.70 19.09 81.18
N PHE Y 27 -31.61 18.05 80.33
CA PHE Y 27 -30.34 17.52 79.83
C PHE Y 27 -30.45 16.88 78.44
N THR Y 28 -29.32 16.82 77.73
CA THR Y 28 -29.22 16.22 76.41
C THR Y 28 -28.33 14.97 76.50
N GLY Y 29 -28.28 14.18 75.42
CA GLY Y 29 -27.46 12.99 75.37
C GLY Y 29 -28.19 11.75 74.88
N GLU Y 30 -27.56 11.05 73.93
CA GLU Y 30 -28.04 9.80 73.34
C GLU Y 30 -26.85 8.81 73.29
N PRO Y 31 -26.93 7.64 73.97
CA PRO Y 31 -28.06 7.11 74.75
C PRO Y 31 -28.31 7.94 75.99
N THR Y 32 -29.54 7.88 76.54
CA THR Y 32 -29.95 8.63 77.73
C THR Y 32 -28.92 8.46 78.87
N PRO Y 33 -28.31 9.56 79.35
CA PRO Y 33 -27.25 9.41 80.37
C PRO Y 33 -27.71 9.01 81.78
N GLU Y 34 -26.76 8.51 82.58
CA GLU Y 34 -27.06 8.11 83.96
C GLU Y 34 -27.07 9.37 84.80
N VAL Y 35 -28.22 9.70 85.40
CA VAL Y 35 -28.38 10.88 86.25
C VAL Y 35 -27.92 10.52 87.67
N THR Y 36 -26.94 11.28 88.21
CA THR Y 36 -26.39 11.05 89.55
C THR Y 36 -26.30 12.36 90.36
N TRP Y 37 -27.20 12.52 91.33
CA TRP Y 37 -27.21 13.67 92.22
C TRP Y 37 -26.37 13.30 93.41
N SER Y 38 -25.46 14.19 93.83
CA SER Y 38 -24.57 13.93 94.97
C SER Y 38 -24.27 15.17 95.79
N CYS Y 39 -24.04 14.97 97.08
CA CYS Y 39 -23.73 16.06 98.00
C CYS Y 39 -22.68 15.60 98.97
N GLY Y 40 -21.56 16.32 98.98
CA GLY Y 40 -20.42 16.03 99.84
C GLY Y 40 -19.79 14.66 99.58
N GLY Y 41 -19.79 14.28 98.30
CA GLY Y 41 -19.24 13.01 97.81
C GLY Y 41 -20.19 11.83 97.94
N ARG Y 42 -21.35 12.02 98.59
CA ARG Y 42 -22.32 10.97 98.81
C ARG Y 42 -23.47 11.08 97.82
N LYS Y 43 -23.74 9.99 97.08
CA LYS Y 43 -24.83 9.92 96.09
C LYS Y 43 -26.19 9.97 96.79
N ILE Y 44 -27.09 10.83 96.26
CA ILE Y 44 -28.45 10.98 96.76
C ILE Y 44 -29.27 9.81 96.18
N HIS Y 45 -29.88 9.02 97.06
CA HIS Y 45 -30.68 7.86 96.66
C HIS Y 45 -32.16 8.20 96.81
N SER Y 46 -32.94 8.04 95.73
CA SER Y 46 -34.37 8.34 95.74
C SER Y 46 -35.13 7.31 96.60
N GLN Y 47 -35.15 7.55 97.92
CA GLN Y 47 -35.85 6.69 98.86
C GLN Y 47 -37.31 7.10 98.89
N GLU Y 48 -38.22 6.15 98.53
CA GLU Y 48 -39.66 6.41 98.43
C GLU Y 48 -40.27 6.87 99.75
N GLN Y 49 -39.81 6.26 100.87
CA GLN Y 49 -40.31 6.60 102.21
C GLN Y 49 -39.52 7.71 102.92
N GLY Y 50 -38.35 8.06 102.35
CA GLY Y 50 -37.47 9.12 102.86
C GLY Y 50 -37.90 10.53 102.50
N ARG Y 51 -37.01 11.54 102.74
CA ARG Y 51 -37.30 12.95 102.42
C ARG Y 51 -36.84 13.33 101.03
N PHE Y 52 -35.73 12.71 100.57
CA PHE Y 52 -35.10 12.95 99.27
C PHE Y 52 -35.69 12.08 98.17
N HIS Y 53 -36.12 12.73 97.05
CA HIS Y 53 -36.71 12.07 95.89
C HIS Y 53 -36.14 12.61 94.58
N ILE Y 54 -35.81 11.72 93.63
CA ILE Y 54 -35.28 12.12 92.32
C ILE Y 54 -36.19 11.57 91.23
N GLU Y 55 -36.86 12.47 90.49
CA GLU Y 55 -37.77 12.12 89.39
C GLU Y 55 -37.04 12.35 88.06
N ASN Y 56 -36.69 11.27 87.37
CA ASN Y 56 -35.95 11.35 86.11
C ASN Y 56 -36.73 10.90 84.87
N THR Y 57 -36.63 11.69 83.79
CA THR Y 57 -37.21 11.39 82.48
C THR Y 57 -36.04 11.16 81.50
N ASP Y 58 -36.34 11.10 80.19
CA ASP Y 58 -35.31 10.93 79.17
C ASP Y 58 -34.55 12.24 78.89
N ASP Y 59 -35.14 13.39 79.30
CA ASP Y 59 -34.59 14.73 79.07
C ASP Y 59 -34.66 15.66 80.26
N LEU Y 60 -35.11 15.18 81.44
CA LEU Y 60 -35.24 16.05 82.62
C LEU Y 60 -35.09 15.33 83.96
N THR Y 61 -34.34 15.97 84.88
CA THR Y 61 -34.12 15.50 86.25
C THR Y 61 -34.71 16.46 87.25
N THR Y 62 -35.39 15.93 88.28
CA THR Y 62 -36.00 16.76 89.32
C THR Y 62 -35.61 16.30 90.71
N LEU Y 63 -34.90 17.17 91.46
CA LEU Y 63 -34.49 16.89 92.83
C LEU Y 63 -35.59 17.37 93.75
N ILE Y 64 -36.04 16.50 94.68
CA ILE Y 64 -37.08 16.82 95.66
C ILE Y 64 -36.54 16.63 97.05
N ILE Y 65 -36.58 17.69 97.87
CA ILE Y 65 -36.19 17.60 99.28
C ILE Y 65 -37.40 18.06 100.07
N MET Y 66 -38.08 17.11 100.69
CA MET Y 66 -39.29 17.39 101.46
C MET Y 66 -38.90 17.78 102.88
N ASP Y 67 -39.74 18.59 103.58
CA ASP Y 67 -39.49 19.05 104.96
C ASP Y 67 -37.99 19.36 105.16
N VAL Y 68 -37.50 20.33 104.40
CA VAL Y 68 -36.10 20.77 104.39
C VAL Y 68 -35.58 21.09 105.82
N GLN Y 69 -34.45 20.48 106.19
CA GLN Y 69 -33.80 20.67 107.47
C GLN Y 69 -32.42 21.30 107.28
N LYS Y 70 -31.93 22.08 108.26
CA LYS Y 70 -30.65 22.79 108.20
C LYS Y 70 -29.46 21.97 107.64
N GLN Y 71 -29.36 20.67 108.00
CA GLN Y 71 -28.31 19.74 107.55
C GLN Y 71 -28.26 19.51 106.02
N ASP Y 72 -29.43 19.71 105.33
CA ASP Y 72 -29.57 19.55 103.88
C ASP Y 72 -28.84 20.62 103.10
N GLY Y 73 -28.52 21.73 103.76
CA GLY Y 73 -27.77 22.83 103.15
C GLY Y 73 -26.40 22.37 102.71
N GLY Y 74 -26.04 22.67 101.47
CA GLY Y 74 -24.75 22.27 100.92
C GLY Y 74 -24.63 22.40 99.41
N LEU Y 75 -23.50 21.91 98.89
CA LEU Y 75 -23.21 21.96 97.46
C LEU Y 75 -23.56 20.65 96.77
N TYR Y 76 -24.70 20.67 96.08
CA TYR Y 76 -25.24 19.53 95.34
C TYR Y 76 -24.70 19.49 93.93
N THR Y 77 -24.27 18.29 93.49
CA THR Y 77 -23.68 18.11 92.16
C THR Y 77 -24.50 17.17 91.30
N LEU Y 78 -25.05 17.69 90.22
CA LEU Y 78 -25.79 16.88 89.26
C LEU Y 78 -24.75 16.40 88.23
N SER Y 79 -24.67 15.08 88.04
CA SER Y 79 -23.70 14.52 87.09
C SER Y 79 -24.29 13.48 86.15
N LEU Y 80 -24.20 13.77 84.84
CA LEU Y 80 -24.65 12.91 83.75
C LEU Y 80 -23.45 12.19 83.16
N GLY Y 81 -23.71 11.03 82.60
CA GLY Y 81 -22.68 10.23 81.95
C GLY Y 81 -23.23 9.17 81.04
N ASN Y 82 -22.63 9.04 79.86
CA ASN Y 82 -22.97 8.03 78.86
C ASN Y 82 -21.71 7.52 78.18
N GLU Y 83 -21.90 6.57 77.26
CA GLU Y 83 -20.87 5.93 76.46
C GLU Y 83 -19.91 6.95 75.78
N PHE Y 84 -20.43 8.17 75.45
CA PHE Y 84 -19.72 9.22 74.71
C PHE Y 84 -19.19 10.42 75.52
N GLY Y 85 -19.32 10.41 76.83
CA GLY Y 85 -18.83 11.50 77.65
C GLY Y 85 -19.55 11.72 78.96
N SER Y 86 -19.34 12.90 79.58
CA SER Y 86 -19.94 13.27 80.86
C SER Y 86 -19.98 14.78 81.09
N ASP Y 87 -20.92 15.23 81.94
CA ASP Y 87 -21.08 16.62 82.34
C ASP Y 87 -21.50 16.70 83.82
N SER Y 88 -21.03 17.73 84.52
CA SER Y 88 -21.35 17.97 85.92
C SER Y 88 -21.62 19.44 86.14
N ALA Y 89 -22.50 19.73 87.11
CA ALA Y 89 -22.91 21.09 87.48
C ALA Y 89 -23.24 21.14 88.96
N THR Y 90 -23.02 22.30 89.62
CA THR Y 90 -23.31 22.41 91.04
C THR Y 90 -24.35 23.46 91.37
N VAL Y 91 -25.21 23.13 92.36
CA VAL Y 91 -26.24 23.99 92.92
C VAL Y 91 -26.00 24.11 94.43
N ASN Y 92 -25.74 25.34 94.88
CA ASN Y 92 -25.51 25.59 96.29
C ASN Y 92 -26.87 25.85 96.95
N ILE Y 93 -27.37 24.86 97.70
CA ILE Y 93 -28.65 24.97 98.41
C ILE Y 93 -28.40 25.54 99.79
N HIS Y 94 -29.07 26.65 100.11
CA HIS Y 94 -28.97 27.36 101.39
C HIS Y 94 -30.27 27.23 102.17
N ILE Y 95 -30.15 27.05 103.49
CA ILE Y 95 -31.33 26.92 104.36
C ILE Y 95 -31.42 28.16 105.27
N ARG Y 96 -32.65 28.67 105.49
CA ARG Y 96 -32.91 29.83 106.36
C ARG Y 96 -33.99 29.50 107.44
N SER Y 97 -33.99 30.24 108.57
CA SER Y 97 -34.93 30.08 109.69
C SER Y 97 -36.43 30.13 109.28
N SER Z 1 -52.09 22.92 100.97
CA SER Z 1 -52.70 22.20 99.86
C SER Z 1 -51.71 21.56 98.84
N SER Z 2 -50.84 22.38 98.18
CA SER Z 2 -49.87 21.91 97.16
C SER Z 2 -48.61 22.76 97.13
N ALA Z 3 -47.48 22.12 96.93
CA ALA Z 3 -46.21 22.81 96.74
C ALA Z 3 -46.09 23.19 95.24
N PRO Z 4 -45.35 24.27 94.87
CA PRO Z 4 -45.25 24.63 93.45
C PRO Z 4 -44.49 23.61 92.60
N ARG Z 5 -44.92 23.47 91.36
CA ARG Z 5 -44.28 22.61 90.37
C ARG Z 5 -44.45 23.13 88.94
N PHE Z 6 -43.40 22.96 88.13
CA PHE Z 6 -43.39 23.37 86.74
C PHE Z 6 -44.03 22.29 85.87
N LEU Z 7 -45.05 22.67 85.12
CA LEU Z 7 -45.76 21.80 84.18
C LEU Z 7 -44.98 21.83 82.87
N THR Z 8 -44.39 23.01 82.59
CA THR Z 8 -43.54 23.36 81.46
C THR Z 8 -42.33 24.08 82.04
N ARG Z 9 -41.12 23.68 81.62
CA ARG Z 9 -39.91 24.35 82.08
C ARG Z 9 -39.77 25.70 81.36
N PRO Z 10 -39.09 26.72 81.94
CA PRO Z 10 -38.98 28.01 81.23
C PRO Z 10 -38.36 27.82 79.84
N LYS Z 11 -39.07 28.35 78.83
CA LYS Z 11 -38.71 28.28 77.42
C LYS Z 11 -38.63 29.69 76.85
N ALA Z 12 -37.53 29.98 76.14
CA ALA Z 12 -37.34 31.30 75.56
C ALA Z 12 -37.82 31.41 74.13
N PHE Z 13 -38.51 32.52 73.80
CA PHE Z 13 -38.96 32.79 72.44
C PHE Z 13 -38.33 34.09 71.98
N VAL Z 14 -37.47 33.98 70.96
CA VAL Z 14 -36.70 35.09 70.41
C VAL Z 14 -37.08 35.28 68.95
N VAL Z 15 -37.30 36.53 68.53
CA VAL Z 15 -37.58 36.80 67.12
C VAL Z 15 -36.26 37.25 66.51
N SER Z 16 -35.68 38.31 67.08
CA SER Z 16 -34.40 38.92 66.68
C SER Z 16 -34.00 39.91 67.75
N VAL Z 17 -32.82 40.51 67.56
CA VAL Z 17 -32.27 41.55 68.42
C VAL Z 17 -33.10 42.79 68.06
N GLY Z 18 -33.43 43.59 69.06
CA GLY Z 18 -34.22 44.80 68.85
C GLY Z 18 -35.72 44.58 68.93
N LYS Z 19 -36.14 43.30 68.88
CA LYS Z 19 -37.54 42.89 69.02
C LYS Z 19 -37.68 42.25 70.41
N ASP Z 20 -38.90 42.28 70.99
CA ASP Z 20 -39.14 41.68 72.31
C ASP Z 20 -38.86 40.16 72.33
N ALA Z 21 -38.52 39.64 73.51
CA ALA Z 21 -38.23 38.22 73.73
C ALA Z 21 -38.94 37.76 74.99
N THR Z 22 -39.40 36.50 75.03
CA THR Z 22 -40.15 36.01 76.19
C THR Z 22 -39.68 34.69 76.74
N LEU Z 23 -39.54 34.68 78.06
CA LEU Z 23 -39.21 33.51 78.86
C LEU Z 23 -40.53 33.17 79.55
N SER Z 24 -41.11 32.04 79.18
CA SER Z 24 -42.42 31.63 79.66
C SER Z 24 -42.45 30.19 80.14
N CYS Z 25 -43.37 29.89 81.08
CA CYS Z 25 -43.56 28.57 81.69
C CYS Z 25 -44.92 28.40 82.36
N GLN Z 26 -45.31 27.13 82.59
CA GLN Z 26 -46.57 26.78 83.22
C GLN Z 26 -46.30 26.29 84.65
N ILE Z 27 -46.79 27.03 85.66
CA ILE Z 27 -46.56 26.69 87.07
C ILE Z 27 -47.86 26.56 87.87
N VAL Z 28 -48.01 25.43 88.56
CA VAL Z 28 -49.16 25.17 89.41
C VAL Z 28 -48.76 25.14 90.88
N GLY Z 29 -49.75 25.35 91.74
CA GLY Z 29 -49.57 25.34 93.19
C GLY Z 29 -50.77 25.95 93.88
N ASN Z 30 -51.11 25.42 95.06
CA ASN Z 30 -52.22 25.88 95.89
C ASN Z 30 -51.63 26.12 97.28
N PRO Z 31 -51.38 27.37 97.73
CA PRO Z 31 -51.70 28.69 97.12
C PRO Z 31 -50.99 28.94 95.81
N THR Z 32 -51.59 29.79 94.98
CA THR Z 32 -51.02 30.16 93.70
C THR Z 32 -49.59 30.63 93.93
N PRO Z 33 -48.61 30.01 93.27
CA PRO Z 33 -47.21 30.39 93.50
C PRO Z 33 -46.82 31.80 93.07
N GLN Z 34 -45.88 32.41 93.83
CA GLN Z 34 -45.27 33.72 93.55
C GLN Z 34 -44.09 33.45 92.62
N VAL Z 35 -44.01 34.12 91.46
CA VAL Z 35 -42.88 33.89 90.58
C VAL Z 35 -41.91 35.05 90.49
N SER Z 36 -40.65 34.73 90.74
CA SER Z 36 -39.52 35.65 90.74
C SER Z 36 -38.48 35.18 89.72
N TRP Z 37 -37.80 36.11 89.08
CA TRP Z 37 -36.79 35.79 88.06
C TRP Z 37 -35.44 36.41 88.40
N GLU Z 38 -34.34 35.69 88.10
CA GLU Z 38 -33.00 36.23 88.30
C GLU Z 38 -32.06 35.88 87.16
N LYS Z 39 -31.40 36.89 86.57
CA LYS Z 39 -30.42 36.73 85.50
C LYS Z 39 -29.03 36.74 86.13
N ASP Z 40 -28.35 35.59 86.07
CA ASP Z 40 -27.00 35.37 86.57
C ASP Z 40 -26.88 35.77 88.05
N GLN Z 41 -27.77 35.19 88.89
CA GLN Z 41 -27.88 35.42 90.33
C GLN Z 41 -28.24 36.87 90.78
N GLN Z 42 -28.53 37.75 89.80
CA GLN Z 42 -28.95 39.12 90.04
C GLN Z 42 -30.46 39.19 89.75
N PRO Z 43 -31.30 39.57 90.75
CA PRO Z 43 -32.75 39.61 90.49
C PRO Z 43 -33.18 40.60 89.41
N VAL Z 44 -34.22 40.24 88.67
CA VAL Z 44 -34.80 41.03 87.59
C VAL Z 44 -35.65 42.17 88.16
N ALA Z 45 -35.29 43.41 87.79
CA ALA Z 45 -35.99 44.62 88.18
C ALA Z 45 -36.89 44.96 87.00
N ALA Z 46 -38.22 44.92 87.23
CA ALA Z 46 -39.22 45.21 86.21
C ALA Z 46 -39.21 46.70 85.87
N GLY Z 47 -39.38 47.02 84.59
CA GLY Z 47 -39.41 48.39 84.10
C GLY Z 47 -39.12 48.50 82.63
N ALA Z 48 -38.01 49.17 82.32
CA ALA Z 48 -37.59 49.43 80.95
C ALA Z 48 -37.13 48.17 80.22
N ARG Z 49 -36.20 47.41 80.83
CA ARG Z 49 -35.65 46.19 80.24
C ARG Z 49 -36.65 45.04 80.32
N PHE Z 50 -37.22 44.79 81.50
CA PHE Z 50 -38.09 43.65 81.69
C PHE Z 50 -39.51 43.96 82.13
N ARG Z 51 -40.44 43.06 81.81
CA ARG Z 51 -41.85 43.13 82.17
C ARG Z 51 -42.37 41.75 82.54
N LEU Z 52 -43.02 41.67 83.71
CA LEU Z 52 -43.55 40.41 84.23
C LEU Z 52 -45.06 40.39 84.08
N ALA Z 53 -45.62 39.22 83.69
CA ALA Z 53 -47.07 39.01 83.53
C ALA Z 53 -47.44 37.55 83.72
N GLN Z 54 -48.71 37.28 84.09
CA GLN Z 54 -49.21 35.91 84.27
C GLN Z 54 -50.70 35.77 84.01
N ASP Z 55 -51.05 34.87 83.05
CA ASP Z 55 -52.44 34.54 82.68
C ASP Z 55 -52.64 33.17 83.25
N GLY Z 56 -53.35 33.11 84.38
CA GLY Z 56 -53.62 31.86 85.09
C GLY Z 56 -52.33 31.16 85.45
N ASP Z 57 -52.19 29.87 85.14
CA ASP Z 57 -50.96 29.14 85.45
C ASP Z 57 -49.77 29.42 84.52
N LEU Z 58 -49.94 30.35 83.56
CA LEU Z 58 -48.90 30.74 82.61
C LEU Z 58 -48.19 31.97 83.14
N TYR Z 59 -46.87 31.87 83.38
CA TYR Z 59 -46.06 32.98 83.90
C TYR Z 59 -45.07 33.37 82.80
N ARG Z 60 -44.89 34.68 82.58
CA ARG Z 60 -44.04 35.17 81.49
C ARG Z 60 -43.21 36.43 81.79
N LEU Z 61 -41.89 36.33 81.52
CA LEU Z 61 -40.97 37.44 81.63
C LEU Z 61 -40.66 37.93 80.22
N THR Z 62 -40.96 39.20 79.93
CA THR Z 62 -40.71 39.78 78.61
C THR Z 62 -39.48 40.66 78.68
N ILE Z 63 -38.52 40.42 77.78
CA ILE Z 63 -37.31 41.22 77.69
C ILE Z 63 -37.52 42.15 76.50
N LEU Z 64 -37.78 43.44 76.78
CA LEU Z 64 -38.03 44.47 75.75
C LEU Z 64 -36.75 44.76 75.01
N ASP Z 65 -36.87 45.12 73.70
CA ASP Z 65 -35.77 45.48 72.80
C ASP Z 65 -34.52 44.63 73.10
N LEU Z 66 -34.61 43.32 72.78
CA LEU Z 66 -33.54 42.36 73.04
C LEU Z 66 -32.19 42.86 72.52
N ALA Z 67 -31.16 42.75 73.35
CA ALA Z 67 -29.79 43.14 73.05
C ALA Z 67 -28.87 42.00 73.37
N LEU Z 68 -27.61 42.05 72.90
CA LEU Z 68 -26.66 40.98 73.21
C LEU Z 68 -26.40 40.89 74.74
N GLY Z 69 -26.51 42.03 75.41
CA GLY Z 69 -26.34 42.15 76.86
C GLY Z 69 -27.35 41.37 77.69
N ASP Z 70 -28.43 40.90 77.06
CA ASP Z 70 -29.49 40.14 77.74
C ASP Z 70 -29.17 38.64 77.87
N SER Z 71 -28.06 38.20 77.22
CA SER Z 71 -27.61 36.80 77.28
C SER Z 71 -27.23 36.44 78.73
N GLY Z 72 -27.69 35.29 79.19
CA GLY Z 72 -27.43 34.83 80.55
C GLY Z 72 -28.30 33.68 80.99
N GLN Z 73 -27.97 33.13 82.19
CA GLN Z 73 -28.74 32.05 82.78
C GLN Z 73 -29.85 32.66 83.64
N TYR Z 74 -31.08 32.52 83.19
CA TYR Z 74 -32.24 33.06 83.88
C TYR Z 74 -32.86 31.97 84.72
N VAL Z 75 -33.05 32.26 86.01
CA VAL Z 75 -33.61 31.30 86.96
C VAL Z 75 -35.00 31.75 87.38
N CYS Z 76 -35.98 30.87 87.24
CA CYS Z 76 -37.36 31.12 87.64
C CYS Z 76 -37.59 30.43 88.99
N ARG Z 77 -38.16 31.16 89.95
CA ARG Z 77 -38.43 30.65 91.28
C ARG Z 77 -39.90 30.76 91.61
N ALA Z 78 -40.57 29.61 91.72
CA ALA Z 78 -41.98 29.54 92.08
C ALA Z 78 -42.05 29.23 93.54
N ARG Z 79 -42.66 30.13 94.29
CA ARG Z 79 -42.72 30.01 95.73
C ARG Z 79 -44.12 30.19 96.25
N ASN Z 80 -44.51 29.32 97.17
CA ASN Z 80 -45.78 29.43 97.87
C ASN Z 80 -45.59 29.07 99.35
N ALA Z 81 -46.62 29.23 100.19
CA ALA Z 81 -46.51 28.93 101.63
C ALA Z 81 -45.99 27.51 101.96
N ILE Z 82 -46.19 26.54 101.04
CA ILE Z 82 -45.79 25.13 101.16
C ILE Z 82 -44.37 24.85 100.69
N GLY Z 83 -43.93 25.50 99.63
CA GLY Z 83 -42.56 25.27 99.16
C GLY Z 83 -42.06 26.12 98.01
N GLU Z 84 -40.92 25.69 97.45
CA GLU Z 84 -40.27 26.36 96.33
C GLU Z 84 -39.95 25.37 95.22
N ALA Z 85 -40.00 25.86 93.98
CA ALA Z 85 -39.69 25.12 92.77
C ALA Z 85 -38.78 26.00 91.93
N PHE Z 86 -37.65 25.47 91.51
CA PHE Z 86 -36.69 26.18 90.69
C PHE Z 86 -36.50 25.47 89.38
N ALA Z 87 -36.29 26.26 88.33
CA ALA Z 87 -36.01 25.82 86.98
C ALA Z 87 -35.31 26.96 86.27
N ALA Z 88 -34.34 26.64 85.42
CA ALA Z 88 -33.60 27.68 84.72
C ALA Z 88 -33.62 27.53 83.21
N VAL Z 89 -33.22 28.62 82.52
CA VAL Z 89 -33.13 28.69 81.06
C VAL Z 89 -32.02 29.63 80.62
N GLY Z 90 -31.20 29.14 79.70
CA GLY Z 90 -30.07 29.90 79.18
C GLY Z 90 -30.47 30.64 77.93
N LEU Z 91 -30.32 31.97 77.95
CA LEU Z 91 -30.65 32.80 76.79
C LEU Z 91 -29.35 33.21 76.12
N GLN Z 92 -29.22 32.92 74.81
CA GLN Z 92 -28.02 33.29 74.06
C GLN Z 92 -28.41 34.03 72.79
N VAL Z 93 -28.25 35.36 72.82
CA VAL Z 93 -28.58 36.26 71.72
C VAL Z 93 -27.32 36.69 70.94
N GLY AA 1 -14.87 58.14 3.65
CA GLY AA 1 -14.22 57.97 4.94
C GLY AA 1 -15.10 58.30 6.13
N ILE AA 2 -14.90 57.58 7.26
CA ILE AA 2 -15.68 57.77 8.50
C ILE AA 2 -14.75 57.94 9.73
N PRO AA 3 -14.89 59.04 10.53
CA PRO AA 3 -14.07 59.17 11.75
C PRO AA 3 -14.55 58.19 12.83
N PRO AA 4 -13.68 57.75 13.78
CA PRO AA 4 -14.14 56.78 14.79
C PRO AA 4 -14.97 57.39 15.91
N LYS AA 5 -15.83 56.55 16.50
CA LYS AA 5 -16.68 56.93 17.62
C LYS AA 5 -16.89 55.75 18.57
N ILE AA 6 -16.65 55.98 19.88
CA ILE AA 6 -16.88 54.98 20.92
C ILE AA 6 -18.40 54.99 21.15
N GLU AA 7 -19.06 53.84 20.91
CA GLU AA 7 -20.51 53.69 21.02
C GLU AA 7 -21.03 53.89 22.42
N ALA AA 8 -20.65 53.02 23.38
CA ALA AA 8 -21.09 53.15 24.77
C ALA AA 8 -20.18 52.35 25.67
N LEU AA 9 -19.45 53.08 26.52
CA LEU AA 9 -18.52 52.54 27.50
C LEU AA 9 -18.94 53.01 28.89
N PRO AA 10 -19.09 52.09 29.88
CA PRO AA 10 -19.49 52.52 31.23
C PRO AA 10 -18.54 53.52 31.88
N SER AA 11 -19.09 54.42 32.70
CA SER AA 11 -18.35 55.45 33.42
C SER AA 11 -17.55 54.81 34.55
N ASP AA 12 -18.23 54.07 35.45
CA ASP AA 12 -17.66 53.35 36.59
C ASP AA 12 -18.17 51.92 36.63
N ILE AA 13 -17.27 50.99 36.97
CA ILE AA 13 -17.57 49.56 37.12
C ILE AA 13 -16.80 49.07 38.35
N SER AA 14 -17.38 48.12 39.08
CA SER AA 14 -16.74 47.56 40.27
C SER AA 14 -16.73 46.05 40.22
N ILE AA 15 -15.68 45.43 40.75
CA ILE AA 15 -15.52 43.98 40.77
C ILE AA 15 -14.75 43.54 42.03
N ASP AA 16 -15.00 42.31 42.51
CA ASP AA 16 -14.30 41.76 43.68
C ASP AA 16 -12.96 41.14 43.25
N GLU AA 17 -11.97 41.11 44.17
CA GLU AA 17 -10.65 40.52 43.93
C GLU AA 17 -10.77 39.05 43.53
N GLY AA 18 -9.93 38.60 42.60
CA GLY AA 18 -9.88 37.21 42.17
C GLY AA 18 -10.87 36.76 41.12
N LYS AA 19 -11.80 37.63 40.73
CA LYS AA 19 -12.78 37.33 39.69
C LYS AA 19 -12.28 37.84 38.31
N VAL AA 20 -12.96 37.46 37.23
CA VAL AA 20 -12.61 37.87 35.87
C VAL AA 20 -13.48 39.07 35.49
N LEU AA 21 -12.87 40.10 34.90
CA LEU AA 21 -13.60 41.27 34.46
C LEU AA 21 -13.64 41.35 32.93
N THR AA 22 -14.83 41.65 32.38
CA THR AA 22 -15.06 41.79 30.96
C THR AA 22 -15.74 43.13 30.69
N VAL AA 23 -15.14 43.94 29.79
CA VAL AA 23 -15.72 45.21 29.39
C VAL AA 23 -15.83 45.19 27.89
N ALA AA 24 -17.04 45.02 27.36
CA ALA AA 24 -17.26 45.01 25.92
C ALA AA 24 -17.77 46.36 25.43
N CYS AA 25 -17.07 46.91 24.44
CA CYS AA 25 -17.44 48.20 23.89
C CYS AA 25 -17.46 48.16 22.36
N ALA AA 26 -18.54 48.67 21.75
CA ALA AA 26 -18.64 48.72 20.30
C ALA AA 26 -18.07 50.04 19.78
N PHE AA 27 -17.70 50.09 18.49
CA PHE AA 27 -17.18 51.31 17.87
C PHE AA 27 -17.44 51.39 16.36
N THR AA 28 -17.43 52.62 15.83
CA THR AA 28 -17.63 52.91 14.41
C THR AA 28 -16.31 53.46 13.83
N GLY AA 29 -16.26 53.59 12.51
CA GLY AA 29 -15.08 54.11 11.83
C GLY AA 29 -14.60 53.27 10.66
N GLU AA 30 -14.35 53.95 9.53
CA GLU AA 30 -13.83 53.36 8.30
C GLU AA 30 -12.72 54.29 7.76
N PRO AA 31 -11.45 53.82 7.61
CA PRO AA 31 -10.96 52.46 7.86
C PRO AA 31 -11.01 52.11 9.33
N THR AA 32 -11.05 50.79 9.66
CA THR AA 32 -11.14 50.28 11.02
C THR AA 32 -10.07 50.96 11.92
N PRO AA 33 -10.50 51.65 13.00
CA PRO AA 33 -9.52 52.39 13.81
C PRO AA 33 -8.60 51.55 14.70
N GLU AA 34 -7.47 52.15 15.13
CA GLU AA 34 -6.53 51.48 16.00
C GLU AA 34 -7.08 51.55 17.43
N VAL AA 35 -7.39 50.38 18.01
CA VAL AA 35 -7.90 50.28 19.38
C VAL AA 35 -6.73 50.31 20.35
N THR AA 36 -6.72 51.26 21.30
CA THR AA 36 -5.67 51.43 22.30
C THR AA 36 -6.22 51.59 23.72
N TRP AA 37 -6.09 50.55 24.54
CA TRP AA 37 -6.51 50.59 25.94
C TRP AA 37 -5.33 51.05 26.77
N SER AA 38 -5.52 52.01 27.67
CA SER AA 38 -4.44 52.54 28.50
C SER AA 38 -4.88 52.90 29.91
N CYS AA 39 -3.96 52.80 30.86
CA CYS AA 39 -4.23 53.13 32.25
C CYS AA 39 -3.03 53.85 32.81
N GLY AA 40 -3.27 55.07 33.28
CA GLY AA 40 -2.24 55.92 33.87
C GLY AA 40 -1.14 56.29 32.90
N GLY AA 41 -1.51 56.47 31.63
CA GLY AA 41 -0.61 56.83 30.54
C GLY AA 41 0.14 55.66 29.92
N ARG AA 42 -0.03 54.46 30.50
CA ARG AA 42 0.65 53.23 30.05
C ARG AA 42 -0.32 52.36 29.25
N LYS AA 43 0.05 52.02 27.99
CA LYS AA 43 -0.75 51.18 27.10
C LYS AA 43 -0.85 49.74 27.63
N ILE AA 44 -2.08 49.19 27.65
CA ILE AA 44 -2.34 47.81 28.07
C ILE AA 44 -1.99 46.92 26.87
N HIS AA 45 -1.08 45.97 27.07
CA HIS AA 45 -0.65 45.05 26.02
C HIS AA 45 -1.28 43.68 26.26
N SER AA 46 -1.97 43.13 25.23
CA SER AA 46 -2.63 41.83 25.32
C SER AA 46 -1.59 40.70 25.41
N GLN AA 47 -1.09 40.46 26.63
CA GLN AA 47 -0.10 39.42 26.91
C GLN AA 47 -0.81 38.09 27.09
N GLU AA 48 -0.48 37.11 26.22
CA GLU AA 48 -1.05 35.75 26.22
C GLU AA 48 -0.79 34.99 27.52
N GLN AA 49 0.38 35.19 28.12
CA GLN AA 49 0.75 34.54 29.39
C GLN AA 49 0.35 35.36 30.64
N GLY AA 50 -0.02 36.63 30.44
CA GLY AA 50 -0.40 37.55 31.51
C GLY AA 50 -1.85 37.44 31.94
N ARG AA 51 -2.28 38.41 32.76
CA ARG AA 51 -3.67 38.50 33.27
C ARG AA 51 -4.56 39.35 32.37
N PHE AA 52 -3.96 40.37 31.71
CA PHE AA 52 -4.64 41.32 30.82
C PHE AA 52 -4.71 40.83 29.38
N HIS AA 53 -5.92 40.87 28.80
CA HIS AA 53 -6.20 40.43 27.42
C HIS AA 53 -7.13 41.40 26.73
N ILE AA 54 -6.89 41.66 25.43
CA ILE AA 54 -7.73 42.56 24.65
C ILE AA 54 -8.17 41.83 23.37
N GLU AA 55 -9.48 41.56 23.25
CA GLU AA 55 -10.09 40.89 22.10
C GLU AA 55 -10.75 41.96 21.20
N ASN AA 56 -10.15 42.21 20.02
CA ASN AA 56 -10.64 43.22 19.09
C ASN AA 56 -11.18 42.67 17.77
N THR AA 57 -12.34 43.19 17.33
CA THR AA 57 -12.98 42.85 16.05
C THR AA 57 -12.97 44.14 15.19
N ASP AA 58 -13.71 44.14 14.06
CA ASP AA 58 -13.81 45.31 13.19
C ASP AA 58 -14.78 46.37 13.78
N ASP AA 59 -15.64 45.96 14.74
CA ASP AA 59 -16.65 46.83 15.36
C ASP AA 59 -16.77 46.69 16.88
N LEU AA 60 -15.89 45.89 17.52
CA LEU AA 60 -15.98 45.69 18.97
C LEU AA 60 -14.66 45.38 19.68
N THR AA 61 -14.44 46.03 20.84
CA THR AA 61 -13.27 45.84 21.70
C THR AA 61 -13.69 45.25 23.05
N THR AA 62 -12.94 44.24 23.54
CA THR AA 62 -13.23 43.62 24.83
C THR AA 62 -12.00 43.56 25.72
N LEU AA 63 -12.08 44.25 26.87
CA LEU AA 63 -11.00 44.25 27.85
C LEU AA 63 -11.24 43.10 28.82
N ILE AA 64 -10.20 42.29 29.06
CA ILE AA 64 -10.25 41.14 29.96
C ILE AA 64 -9.19 41.29 31.02
N ILE AA 65 -9.60 41.29 32.29
CA ILE AA 65 -8.67 41.33 33.43
C ILE AA 65 -8.99 40.10 34.26
N MET AA 66 -8.12 39.09 34.18
CA MET AA 66 -8.33 37.83 34.88
C MET AA 66 -7.77 37.95 36.28
N ASP AA 67 -8.31 37.16 37.25
CA ASP AA 67 -7.86 37.15 38.66
C ASP AA 67 -7.51 38.58 39.11
N VAL AA 68 -8.53 39.45 39.07
CA VAL AA 68 -8.43 40.87 39.41
C VAL AA 68 -7.78 41.10 40.78
N GLN AA 69 -6.76 41.94 40.82
CA GLN AA 69 -6.04 42.30 42.03
C GLN AA 69 -6.19 43.79 42.31
N LYS AA 70 -6.14 44.20 43.61
CA LYS AA 70 -6.31 45.58 44.05
C LYS AA 70 -5.58 46.65 43.20
N GLN AA 71 -4.34 46.36 42.77
CA GLN AA 71 -3.50 47.26 41.96
C GLN AA 71 -4.09 47.61 40.58
N ASP AA 72 -4.97 46.73 40.04
CA ASP AA 72 -5.65 46.91 38.74
C ASP AA 72 -6.68 48.04 38.75
N GLY AA 73 -7.11 48.44 39.95
CA GLY AA 73 -8.05 49.53 40.11
C GLY AA 73 -7.47 50.82 39.56
N GLY AA 74 -8.28 51.53 38.77
CA GLY AA 74 -7.88 52.79 38.16
C GLY AA 74 -8.73 53.28 37.01
N LEU AA 75 -8.29 54.37 36.37
CA LEU AA 75 -9.00 54.99 35.26
C LEU AA 75 -8.44 54.54 33.91
N TYR AA 76 -9.18 53.62 33.29
CA TYR AA 76 -8.84 53.02 32.00
C TYR AA 76 -9.39 53.85 30.87
N THR AA 77 -8.57 54.11 29.84
CA THR AA 77 -8.94 54.94 28.69
C THR AA 77 -8.92 54.14 27.39
N LEU AA 78 -10.09 53.97 26.77
CA LEU AA 78 -10.20 53.32 25.46
C LEU AA 78 -10.06 54.42 24.43
N SER AA 79 -9.10 54.27 23.50
CA SER AA 79 -8.86 55.28 22.48
C SER AA 79 -8.72 54.73 21.07
N LEU AA 80 -9.62 55.19 20.18
CA LEU AA 80 -9.66 54.83 18.76
C LEU AA 80 -9.04 55.95 17.95
N GLY AA 81 -8.50 55.59 16.80
CA GLY AA 81 -7.90 56.54 15.88
C GLY AA 81 -7.72 56.00 14.48
N ASN AA 82 -8.06 56.82 13.49
CA ASN AA 82 -7.90 56.51 12.08
C ASN AA 82 -7.49 57.75 11.27
N GLU AA 83 -7.33 57.60 9.94
CA GLU AA 83 -6.94 58.65 9.01
C GLU AA 83 -7.81 59.92 9.14
N PHE AA 84 -9.10 59.75 9.53
CA PHE AA 84 -10.10 60.81 9.60
C PHE AA 84 -10.44 61.40 10.99
N GLY AA 85 -9.77 60.93 12.04
CA GLY AA 85 -10.02 61.44 13.39
C GLY AA 85 -9.74 60.48 14.52
N SER AA 86 -10.27 60.80 15.72
CA SER AA 86 -10.06 60.01 16.94
C SER AA 86 -11.14 60.26 17.99
N ASP AA 87 -11.31 59.28 18.89
CA ASP AA 87 -12.22 59.34 20.02
C ASP AA 87 -11.63 58.62 21.23
N SER AA 88 -11.91 59.13 22.44
CA SER AA 88 -11.44 58.53 23.69
C SER AA 88 -12.57 58.53 24.71
N ALA AA 89 -12.57 57.55 25.59
CA ALA AA 89 -13.56 57.39 26.66
C ALA AA 89 -12.91 56.72 27.86
N THR AA 90 -13.41 57.03 29.08
CA THR AA 90 -12.82 56.45 30.29
C THR AA 90 -13.77 55.62 31.10
N VAL AA 91 -13.25 54.51 31.65
CA VAL AA 91 -13.94 53.59 32.55
C VAL AA 91 -13.16 53.50 33.85
N ASN AA 92 -13.81 53.90 34.95
CA ASN AA 92 -13.19 53.85 36.26
C ASN AA 92 -13.46 52.49 36.87
N ILE AA 93 -12.44 51.61 36.87
CA ILE AA 93 -12.53 50.25 37.43
C ILE AA 93 -12.17 50.31 38.91
N HIS AA 94 -13.10 49.83 39.76
CA HIS AA 94 -12.96 49.80 41.22
C HIS AA 94 -12.85 48.37 41.68
N ILE AA 95 -11.97 48.11 42.67
CA ILE AA 95 -11.79 46.76 43.22
C ILE AA 95 -12.29 46.73 44.66
N ARG AA 96 -12.95 45.64 45.06
CA ARG AA 96 -13.47 45.43 46.42
C ARG AA 96 -13.00 44.08 47.04
N SER AA 97 -12.99 43.98 48.39
CA SER AA 97 -12.57 42.77 49.15
C SER AA 97 -13.29 41.47 48.73
N SER BA 1 -17.56 26.99 36.78
CA SER BA 1 -17.35 26.48 35.44
C SER BA 1 -17.04 27.53 34.34
N SER BA 2 -17.80 28.66 34.25
CA SER BA 2 -17.60 29.70 33.23
C SER BA 2 -17.92 31.12 33.71
N ALA BA 3 -17.10 32.10 33.33
CA ALA BA 3 -17.34 33.52 33.65
C ALA BA 3 -18.37 34.08 32.66
N PRO BA 4 -19.18 35.11 33.03
CA PRO BA 4 -20.19 35.61 32.10
C PRO BA 4 -19.63 36.33 30.89
N ARG BA 5 -20.29 36.16 29.75
CA ARG BA 5 -19.91 36.80 28.49
C ARG BA 5 -21.11 37.07 27.60
N PHE BA 6 -21.08 38.23 26.93
CA PHE BA 6 -22.13 38.66 26.02
C PHE BA 6 -21.94 38.02 24.64
N LEU BA 7 -22.96 37.29 24.19
CA LEU BA 7 -23.01 36.67 22.86
C LEU BA 7 -23.50 37.73 21.89
N THR BA 8 -24.41 38.58 22.39
CA THR BA 8 -25.05 39.71 21.72
C THR BA 8 -24.90 40.88 22.68
N ARG BA 9 -24.42 42.04 22.18
CA ARG BA 9 -24.30 43.25 23.00
C ARG BA 9 -25.72 43.85 23.20
N PRO BA 10 -26.01 44.56 24.31
CA PRO BA 10 -27.36 45.11 24.49
C PRO BA 10 -27.79 45.95 23.28
N LYS BA 11 -28.97 45.62 22.74
CA LYS BA 11 -29.55 46.28 21.58
C LYS BA 11 -30.92 46.81 21.94
N ALA BA 12 -31.20 48.07 21.57
CA ALA BA 12 -32.49 48.68 21.90
C ALA BA 12 -33.49 48.57 20.77
N PHE BA 13 -34.75 48.25 21.10
CA PHE BA 13 -35.83 48.18 20.12
C PHE BA 13 -36.88 49.18 20.53
N VAL BA 14 -37.07 50.19 19.67
CA VAL BA 14 -38.00 51.30 19.90
C VAL BA 14 -39.03 51.30 18.79
N VAL BA 15 -40.31 51.48 19.16
CA VAL BA 15 -41.37 51.59 18.14
C VAL BA 15 -41.63 53.09 17.97
N SER BA 16 -41.96 53.76 19.09
CA SER BA 16 -42.22 55.19 19.20
C SER BA 16 -42.28 55.55 20.67
N VAL BA 17 -42.49 56.85 20.94
CA VAL BA 17 -42.70 57.41 22.28
C VAL BA 17 -44.12 56.97 22.64
N GLY BA 18 -44.34 56.60 23.89
CA GLY BA 18 -45.65 56.15 24.34
C GLY BA 18 -45.89 54.67 24.19
N LYS BA 19 -45.04 54.00 23.40
CA LYS BA 19 -45.07 52.56 23.19
C LYS BA 19 -43.89 51.96 23.96
N ASP BA 20 -44.00 50.68 24.38
CA ASP BA 20 -42.90 50.00 25.11
C ASP BA 20 -41.61 49.94 24.29
N ALA BA 21 -40.47 49.88 24.97
CA ALA BA 21 -39.16 49.79 24.36
C ALA BA 21 -38.35 48.72 25.08
N THR BA 22 -37.48 48.01 24.36
CA THR BA 22 -36.73 46.93 24.97
C THR BA 22 -35.24 46.95 24.68
N LEU BA 23 -34.48 46.80 25.77
CA LEU BA 23 -33.04 46.65 25.76
C LEU BA 23 -32.82 45.17 26.03
N SER BA 24 -32.30 44.45 25.04
CA SER BA 24 -32.13 43.00 25.10
C SER BA 24 -30.75 42.56 24.67
N CYS BA 25 -30.30 41.41 25.19
CA CYS BA 25 -28.98 40.79 24.92
C CYS BA 25 -28.93 39.29 25.28
N GLN BA 26 -27.91 38.61 24.73
CA GLN BA 26 -27.69 37.19 24.94
C GLN BA 26 -26.47 36.99 25.82
N ILE BA 27 -26.66 36.44 27.03
CA ILE BA 27 -25.57 36.24 27.98
C ILE BA 27 -25.44 34.80 28.45
N VAL BA 28 -24.23 34.27 28.34
CA VAL BA 28 -23.93 32.92 28.78
C VAL BA 28 -22.98 32.92 30.00
N GLY BA 29 -22.99 31.83 30.75
CA GLY BA 29 -22.16 31.66 31.95
C GLY BA 29 -22.61 30.50 32.81
N ASN BA 30 -21.67 29.91 33.54
CA ASN BA 30 -21.94 28.79 34.43
C ASN BA 30 -21.25 29.01 35.80
N PRO BA 31 -21.97 29.30 36.91
CA PRO BA 31 -23.44 29.41 37.06
C PRO BA 31 -24.05 30.48 36.17
N THR BA 32 -25.35 30.31 35.84
CA THR BA 32 -26.04 31.25 34.97
C THR BA 32 -25.99 32.66 35.55
N PRO BA 33 -25.63 33.67 34.73
CA PRO BA 33 -25.45 35.02 35.25
C PRO BA 33 -26.68 35.77 35.72
N GLN BA 34 -26.46 36.62 36.76
CA GLN BA 34 -27.44 37.53 37.33
C GLN BA 34 -27.27 38.84 36.57
N VAL BA 35 -28.36 39.34 35.99
CA VAL BA 35 -28.26 40.57 35.23
C VAL BA 35 -28.90 41.76 35.91
N SER BA 36 -28.13 42.84 36.01
CA SER BA 36 -28.50 44.11 36.62
C SER BA 36 -28.33 45.22 35.57
N TRP BA 37 -29.19 46.24 35.61
CA TRP BA 37 -29.15 47.36 34.67
C TRP BA 37 -29.05 48.69 35.37
N GLU BA 38 -28.31 49.63 34.78
CA GLU BA 38 -28.19 50.98 35.32
C GLU BA 38 -28.21 52.05 34.24
N LYS BA 39 -29.11 53.03 34.39
CA LYS BA 39 -29.24 54.16 33.47
C LYS BA 39 -28.48 55.34 34.07
N ASP BA 40 -27.38 55.74 33.39
CA ASP BA 40 -26.51 56.86 33.75
C ASP BA 40 -26.00 56.72 35.19
N GLN BA 41 -25.39 55.55 35.48
CA GLN BA 41 -24.83 55.17 36.81
C GLN BA 41 -25.84 55.06 37.99
N GLN BA 42 -27.15 55.21 37.68
CA GLN BA 42 -28.25 55.08 38.63
C GLN BA 42 -28.93 53.74 38.35
N PRO BA 43 -28.98 52.80 39.33
CA PRO BA 43 -29.59 51.50 39.06
C PRO BA 43 -31.07 51.57 38.74
N VAL BA 44 -31.52 50.66 37.88
CA VAL BA 44 -32.90 50.55 37.44
C VAL BA 44 -33.74 49.85 38.51
N ALA BA 45 -34.80 50.54 38.98
CA ALA BA 45 -35.76 50.01 39.95
C ALA BA 45 -36.95 49.51 39.15
N ALA BA 46 -37.18 48.19 39.21
CA ALA BA 46 -38.27 47.51 38.49
C ALA BA 46 -39.62 47.92 39.08
N GLY BA 47 -40.61 48.11 38.22
CA GLY BA 47 -41.96 48.49 38.61
C GLY BA 47 -42.75 49.16 37.52
N ALA BA 48 -43.08 50.43 37.73
CA ALA BA 48 -43.88 51.21 36.79
C ALA BA 48 -43.16 51.54 35.48
N ARG BA 49 -41.94 52.11 35.60
CA ARG BA 49 -41.14 52.50 34.44
C ARG BA 49 -40.51 51.28 33.75
N PHE BA 50 -39.86 50.41 34.53
CA PHE BA 50 -39.13 49.28 33.99
C PHE BA 50 -39.58 47.91 34.44
N ARG BA 51 -39.34 46.90 33.58
CA ARG BA 51 -39.64 45.49 33.84
C ARG BA 51 -38.54 44.60 33.32
N LEU BA 52 -38.06 43.70 34.18
CA LEU BA 52 -36.96 42.81 33.86
C LEU BA 52 -37.48 41.40 33.61
N ALA BA 53 -36.91 40.68 32.63
CA ALA BA 53 -37.29 39.30 32.28
C ALA BA 53 -36.17 38.59 31.53
N GLN BA 54 -36.16 37.26 31.56
CA GLN BA 54 -35.19 36.44 30.82
C GLN BA 54 -35.70 35.08 30.40
N ASP BA 55 -35.61 34.77 29.09
CA ASP BA 55 -35.98 33.49 28.50
C ASP BA 55 -34.67 32.85 28.15
N GLY BA 56 -34.25 31.88 28.97
CA GLY BA 56 -32.98 31.20 28.78
C GLY BA 56 -31.82 32.17 28.78
N ASP BA 57 -30.90 32.08 27.81
CA ASP BA 57 -29.77 33.00 27.75
C ASP BA 57 -30.10 34.40 27.23
N LEU BA 58 -31.40 34.68 26.96
CA LEU BA 58 -31.89 35.99 26.50
C LEU BA 58 -32.35 36.82 27.70
N TYR BA 59 -31.71 37.96 27.94
CA TYR BA 59 -32.06 38.85 29.06
C TYR BA 59 -32.65 40.14 28.49
N ARG BA 60 -33.73 40.66 29.09
CA ARG BA 60 -34.43 41.82 28.56
C ARG BA 60 -35.00 42.81 29.59
N LEU BA 61 -34.66 44.09 29.40
CA LEU BA 61 -35.19 45.20 30.18
C LEU BA 61 -36.23 45.92 29.33
N THR BA 62 -37.48 45.97 29.79
CA THR BA 62 -38.56 46.65 29.07
C THR BA 62 -38.84 47.99 29.72
N ILE BA 63 -38.82 49.07 28.90
CA ILE BA 63 -39.14 50.41 29.36
C ILE BA 63 -40.58 50.69 28.92
N LEU BA 64 -41.53 50.67 29.87
CA LEU BA 64 -42.94 50.90 29.59
C LEU BA 64 -43.19 52.36 29.23
N ASP BA 65 -44.19 52.62 28.36
CA ASP BA 65 -44.61 53.95 27.89
C ASP BA 65 -43.38 54.86 27.73
N LEU BA 66 -42.54 54.57 26.70
CA LEU BA 66 -41.31 55.31 26.43
C LEU BA 66 -41.54 56.81 26.39
N ALA BA 67 -40.69 57.56 27.09
CA ALA BA 67 -40.73 59.00 27.16
C ALA BA 67 -39.35 59.55 26.81
N LEU BA 68 -39.26 60.85 26.49
CA LEU BA 68 -37.96 61.44 26.17
C LEU BA 68 -36.99 61.34 27.39
N GLY BA 69 -37.54 61.35 28.59
CA GLY BA 69 -36.80 61.21 29.84
C GLY BA 69 -36.08 59.89 30.02
N ASP BA 70 -36.39 58.88 29.17
CA ASP BA 70 -35.77 57.56 29.22
C ASP BA 70 -34.43 57.52 28.47
N SER BA 71 -34.06 58.61 27.75
CA SER BA 71 -32.80 58.71 27.03
C SER BA 71 -31.62 58.70 28.01
N GLY BA 72 -30.53 58.05 27.61
CA GLY BA 72 -29.29 57.93 28.38
C GLY BA 72 -28.50 56.68 28.08
N GLN BA 73 -27.41 56.48 28.82
CA GLN BA 73 -26.52 55.32 28.66
C GLN BA 73 -26.90 54.23 29.64
N TYR BA 74 -27.45 53.12 29.12
CA TYR BA 74 -27.85 51.99 29.96
C TYR BA 74 -26.72 51.00 29.96
N VAL BA 75 -26.32 50.53 31.15
CA VAL BA 75 -25.22 49.59 31.32
C VAL BA 75 -25.78 48.30 31.87
N CYS BA 76 -25.46 47.20 31.19
CA CYS BA 76 -25.88 45.86 31.59
C CYS BA 76 -24.70 45.18 32.29
N ARG BA 77 -24.96 44.58 33.47
CA ARG BA 77 -23.94 43.89 34.26
C ARG BA 77 -24.31 42.44 34.50
N ALA BA 78 -23.56 41.53 33.88
CA ALA BA 78 -23.74 40.09 34.03
C ALA BA 78 -22.71 39.63 35.04
N ARG BA 79 -23.20 39.12 36.16
CA ARG BA 79 -22.36 38.70 37.27
C ARG BA 79 -22.67 37.27 37.67
N ASN BA 80 -21.62 36.51 38.00
CA ASN BA 80 -21.75 35.16 38.54
C ASN BA 80 -20.64 34.92 39.54
N ALA BA 81 -20.62 33.76 40.21
CA ALA BA 81 -19.55 33.43 41.18
C ALA BA 81 -18.11 33.56 40.64
N ILE BA 82 -17.93 33.37 39.29
CA ILE BA 82 -16.63 33.41 38.59
C ILE BA 82 -16.19 34.79 38.17
N GLY BA 83 -17.12 35.61 37.70
CA GLY BA 83 -16.76 36.96 37.27
C GLY BA 83 -17.90 37.88 36.85
N GLU BA 84 -17.51 39.02 36.24
CA GLU BA 84 -18.42 40.05 35.76
C GLU BA 84 -18.13 40.39 34.31
N ALA BA 85 -19.20 40.75 33.59
CA ALA BA 85 -19.18 41.16 32.20
C ALA BA 85 -20.04 42.39 32.10
N PHE BA 86 -19.48 43.46 31.51
CA PHE BA 86 -20.19 44.72 31.32
C PHE BA 86 -20.25 45.03 29.86
N ALA BA 87 -21.36 45.64 29.45
CA ALA BA 87 -21.63 46.10 28.09
C ALA BA 87 -22.68 47.19 28.19
N ALA BA 88 -22.57 48.23 27.37
CA ALA BA 88 -23.52 49.33 27.42
C ALA BA 88 -24.19 49.63 26.08
N VAL BA 89 -25.29 50.40 26.15
CA VAL BA 89 -26.09 50.82 25.00
C VAL BA 89 -26.71 52.19 25.27
N GLY BA 90 -26.57 53.07 24.30
CA GLY BA 90 -27.13 54.41 24.39
C GLY BA 90 -28.51 54.46 23.78
N LEU BA 91 -29.49 54.88 24.58
CA LEU BA 91 -30.86 55.05 24.11
C LEU BA 91 -31.13 56.54 23.89
N GLN BA 92 -31.56 56.90 22.68
CA GLN BA 92 -31.86 58.30 22.37
C GLN BA 92 -33.24 58.40 21.73
N VAL BA 93 -34.22 58.83 22.53
CA VAL BA 93 -35.62 58.96 22.13
C VAL BA 93 -35.97 60.42 21.84
N GLY CA 1 -47.53 39.73 -65.52
CA GLY CA 1 -46.88 39.63 -64.22
C GLY CA 1 -47.78 39.94 -63.04
N ILE CA 2 -47.57 39.23 -61.90
CA ILE CA 2 -48.35 39.39 -60.66
C ILE CA 2 -47.43 39.57 -59.44
N PRO CA 3 -47.58 40.65 -58.62
CA PRO CA 3 -46.76 40.81 -57.41
C PRO CA 3 -47.19 39.81 -56.32
N PRO CA 4 -46.31 39.41 -55.39
CA PRO CA 4 -46.74 38.42 -54.39
C PRO CA 4 -47.59 38.99 -53.25
N LYS CA 5 -48.42 38.13 -52.67
CA LYS CA 5 -49.27 38.48 -51.55
C LYS CA 5 -49.44 37.30 -50.60
N ILE CA 6 -49.21 37.53 -49.30
CA ILE CA 6 -49.42 36.52 -48.27
C ILE CA 6 -50.93 36.51 -48.04
N GLU CA 7 -51.57 35.35 -48.28
CA GLU CA 7 -53.01 35.19 -48.17
C GLU CA 7 -53.53 35.39 -46.73
N ALA CA 8 -53.14 34.49 -45.79
CA ALA CA 8 -53.56 34.59 -44.40
C ALA CA 8 -52.65 33.78 -43.51
N LEU CA 9 -51.93 34.49 -42.63
CA LEU CA 9 -50.98 33.96 -41.67
C LEU CA 9 -51.41 34.43 -40.28
N PRO CA 10 -51.56 33.50 -39.29
CA PRO CA 10 -51.98 33.91 -37.95
C PRO CA 10 -51.04 34.93 -37.29
N SER CA 11 -51.62 35.81 -36.47
CA SER CA 11 -50.91 36.87 -35.74
C SER CA 11 -50.08 36.24 -34.61
N ASP CA 12 -50.74 35.46 -33.72
CA ASP CA 12 -50.14 34.73 -32.60
C ASP CA 12 -50.60 33.29 -32.60
N ILE CA 13 -49.67 32.39 -32.27
CA ILE CA 13 -49.92 30.95 -32.13
C ILE CA 13 -49.14 30.46 -30.91
N SER CA 14 -49.72 29.48 -30.19
CA SER CA 14 -49.06 28.93 -29.00
C SER CA 14 -49.02 27.42 -29.06
N ILE CA 15 -47.94 26.82 -28.53
CA ILE CA 15 -47.73 25.37 -28.51
C ILE CA 15 -46.94 24.96 -27.26
N ASP CA 16 -47.16 23.72 -26.77
CA ASP CA 16 -46.44 23.19 -25.61
C ASP CA 16 -45.09 22.59 -26.05
N GLU CA 17 -44.11 22.57 -25.13
CA GLU CA 17 -42.77 22.03 -25.37
C GLU CA 17 -42.86 20.55 -25.79
N GLY CA 18 -42.03 20.16 -26.74
CA GLY CA 18 -41.93 18.77 -27.19
C GLY CA 18 -42.90 18.31 -28.26
N LYS CA 19 -43.86 19.15 -28.61
CA LYS CA 19 -44.83 18.84 -29.65
C LYS CA 19 -44.35 19.39 -31.02
N VAL CA 20 -45.00 18.98 -32.12
CA VAL CA 20 -44.67 19.42 -33.47
C VAL CA 20 -45.57 20.59 -33.83
N LEU CA 21 -45.00 21.64 -34.42
CA LEU CA 21 -45.78 22.81 -34.85
C LEU CA 21 -45.82 22.90 -36.38
N THR CA 22 -47.01 23.19 -36.93
CA THR CA 22 -47.22 23.34 -38.35
C THR CA 22 -47.93 24.67 -38.62
N VAL CA 23 -47.36 25.50 -39.49
CA VAL CA 23 -47.97 26.77 -39.87
C VAL CA 23 -48.08 26.77 -41.38
N ALA CA 24 -49.29 26.57 -41.90
CA ALA CA 24 -49.52 26.56 -43.34
C ALA CA 24 -50.09 27.88 -43.81
N CYS CA 25 -49.42 28.46 -44.79
CA CYS CA 25 -49.82 29.74 -45.34
C CYS CA 25 -49.85 29.71 -46.87
N ALA CA 26 -50.94 30.19 -47.46
CA ALA CA 26 -51.06 30.25 -48.92
C ALA CA 26 -50.55 31.58 -49.43
N PHE CA 27 -50.17 31.65 -50.71
CA PHE CA 27 -49.67 32.87 -51.35
C PHE CA 27 -49.94 32.94 -52.85
N THR CA 28 -49.95 34.17 -53.38
CA THR CA 28 -50.16 34.46 -54.80
C THR CA 28 -48.86 35.03 -55.37
N GLY CA 29 -48.81 35.17 -56.69
CA GLY CA 29 -47.65 35.73 -57.38
C GLY CA 29 -47.16 34.91 -58.54
N GLU CA 30 -46.95 35.60 -59.67
CA GLU CA 30 -46.40 35.03 -60.90
C GLU CA 30 -45.31 35.99 -61.43
N PRO CA 31 -44.05 35.54 -61.59
CA PRO CA 31 -43.52 34.18 -61.35
C PRO CA 31 -43.55 33.82 -59.87
N THR CA 32 -43.58 32.52 -59.55
CA THR CA 32 -43.64 32.01 -58.17
C THR CA 32 -42.59 32.72 -57.29
N PRO CA 33 -43.02 33.39 -56.19
CA PRO CA 33 -42.06 34.16 -55.39
C PRO CA 33 -41.11 33.36 -54.52
N GLU CA 34 -40.00 33.99 -54.08
CA GLU CA 34 -39.02 33.34 -53.21
C GLU CA 34 -39.56 33.41 -51.79
N VAL CA 35 -39.84 32.24 -51.19
CA VAL CA 35 -40.34 32.13 -49.82
C VAL CA 35 -39.16 32.17 -48.85
N THR CA 36 -39.18 33.13 -47.90
CA THR CA 36 -38.12 33.31 -46.91
C THR CA 36 -38.68 33.47 -45.49
N TRP CA 37 -38.51 32.42 -44.68
CA TRP CA 37 -38.94 32.42 -43.28
C TRP CA 37 -37.76 32.89 -42.46
N SER CA 38 -37.97 33.83 -41.54
CA SER CA 38 -36.89 34.37 -40.71
C SER CA 38 -37.34 34.71 -39.29
N CYS CA 39 -36.42 34.60 -38.34
CA CYS CA 39 -36.69 34.93 -36.95
C CYS CA 39 -35.51 35.69 -36.39
N GLY CA 40 -35.79 36.91 -35.92
CA GLY CA 40 -34.79 37.80 -35.35
C GLY CA 40 -33.70 38.22 -36.33
N GLY CA 41 -34.06 38.35 -37.60
CA GLY CA 41 -33.17 38.73 -38.67
C GLY CA 41 -32.38 37.58 -39.28
N ARG CA 42 -32.53 36.37 -38.72
CA ARG CA 42 -31.84 35.15 -39.15
C ARG CA 42 -32.78 34.26 -39.96
N LYS CA 43 -32.40 33.94 -41.22
CA LYS CA 43 -33.18 33.10 -42.12
C LYS CA 43 -33.25 31.66 -41.61
N ILE CA 44 -34.47 31.08 -41.59
CA ILE CA 44 -34.72 29.69 -41.19
C ILE CA 44 -34.35 28.81 -42.39
N HIS CA 45 -33.43 27.85 -42.19
CA HIS CA 45 -32.98 26.94 -43.24
C HIS CA 45 -33.59 25.56 -43.03
N SER CA 46 -34.26 25.02 -44.07
CA SER CA 46 -34.88 23.69 -44.01
C SER CA 46 -33.84 22.56 -43.92
N GLN CA 47 -33.31 22.34 -42.71
CA GLN CA 47 -32.30 21.31 -42.48
C GLN CA 47 -32.96 19.96 -42.28
N GLU CA 48 -32.57 18.97 -43.12
CA GLU CA 48 -33.05 17.58 -43.11
C GLU CA 48 -32.78 16.86 -41.77
N GLN CA 49 -31.61 17.11 -41.16
CA GLN CA 49 -31.27 16.50 -39.87
C GLN CA 49 -31.73 17.34 -38.65
N GLY CA 50 -32.07 18.60 -38.90
CA GLY CA 50 -32.51 19.54 -37.87
C GLY CA 50 -33.96 19.36 -37.43
N ARG CA 51 -34.43 20.30 -36.62
CA ARG CA 51 -35.81 20.32 -36.10
C ARG CA 51 -36.73 21.15 -37.00
N PHE CA 52 -36.16 22.18 -37.65
CA PHE CA 52 -36.87 23.13 -38.51
C PHE CA 52 -36.94 22.64 -39.96
N HIS CA 53 -38.17 22.67 -40.53
CA HIS CA 53 -38.46 22.26 -41.91
C HIS CA 53 -39.42 23.21 -42.60
N ILE CA 54 -39.11 23.54 -43.87
CA ILE CA 54 -39.96 24.41 -44.68
C ILE CA 54 -40.37 23.69 -45.96
N GLU CA 55 -41.66 23.37 -46.07
CA GLU CA 55 -42.23 22.69 -47.23
C GLU CA 55 -42.93 23.73 -48.11
N ASN CA 56 -42.35 24.03 -49.29
CA ASN CA 56 -42.89 25.02 -50.21
C ASN CA 56 -43.44 24.44 -51.53
N THR CA 57 -44.62 24.92 -51.94
CA THR CA 57 -45.27 24.56 -53.20
C THR CA 57 -45.32 25.84 -54.07
N ASP CA 58 -46.08 25.81 -55.18
CA ASP CA 58 -46.23 26.98 -56.04
C ASP CA 58 -47.21 28.03 -55.44
N ASP CA 59 -48.05 27.59 -54.48
CA ASP CA 59 -49.07 28.42 -53.85
C ASP CA 59 -49.17 28.27 -52.34
N LEU CA 60 -48.26 27.50 -51.70
CA LEU CA 60 -48.32 27.29 -50.25
C LEU CA 60 -46.98 27.03 -49.56
N THR CA 61 -46.78 27.66 -48.40
CA THR CA 61 -45.60 27.51 -47.56
C THR CA 61 -45.98 26.91 -46.22
N THR CA 62 -45.19 25.94 -45.74
CA THR CA 62 -45.45 25.29 -44.45
C THR CA 62 -44.23 25.27 -43.57
N LEU CA 63 -44.32 25.93 -42.42
CA LEU CA 63 -43.24 25.95 -41.43
C LEU CA 63 -43.44 24.78 -40.48
N ILE CA 64 -42.38 24.01 -40.23
CA ILE CA 64 -42.44 22.84 -39.34
C ILE CA 64 -41.39 23.01 -38.27
N ILE CA 65 -41.80 22.98 -37.00
CA ILE CA 65 -40.87 23.02 -35.87
C ILE CA 65 -41.14 21.77 -35.06
N MET CA 66 -40.25 20.79 -35.15
CA MET CA 66 -40.41 19.52 -34.46
C MET CA 66 -39.84 19.63 -33.06
N ASP CA 67 -40.34 18.82 -32.10
CA ASP CA 67 -39.91 18.80 -30.69
C ASP CA 67 -39.60 20.24 -30.23
N VAL CA 68 -40.63 21.08 -30.24
CA VAL CA 68 -40.58 22.50 -29.89
C VAL CA 68 -39.92 22.73 -28.52
N GLN CA 69 -38.91 23.60 -28.49
CA GLN CA 69 -38.18 23.97 -27.28
C GLN CA 69 -38.37 25.46 -26.99
N LYS CA 70 -38.33 25.86 -25.70
CA LYS CA 70 -38.55 27.24 -25.25
C LYS CA 70 -37.87 28.35 -26.10
N GLN CA 71 -36.61 28.10 -26.53
CA GLN CA 71 -35.81 29.02 -27.36
C GLN CA 71 -36.42 29.36 -28.71
N ASP CA 72 -37.28 28.46 -29.24
CA ASP CA 72 -37.97 28.62 -30.54
C ASP CA 72 -39.01 29.73 -30.51
N GLY CA 73 -39.46 30.10 -29.32
CA GLY CA 73 -40.43 31.17 -29.14
C GLY CA 73 -39.89 32.49 -29.67
N GLY CA 74 -40.71 33.19 -30.44
CA GLY CA 74 -40.36 34.48 -31.03
C GLY CA 74 -41.22 34.95 -32.18
N LEU CA 75 -40.79 36.05 -32.81
CA LEU CA 75 -41.52 36.66 -33.91
C LEU CA 75 -40.94 36.23 -35.27
N TYR CA 76 -41.66 35.29 -35.90
CA TYR CA 76 -41.30 34.72 -37.20
C TYR CA 76 -41.88 35.54 -38.33
N THR CA 77 -41.06 35.84 -39.34
CA THR CA 77 -41.46 36.66 -40.49
C THR CA 77 -41.41 35.89 -41.80
N LEU CA 78 -42.59 35.70 -42.42
CA LEU CA 78 -42.69 35.06 -43.72
C LEU CA 78 -42.59 36.18 -44.76
N SER CA 79 -41.63 36.06 -45.69
CA SER CA 79 -41.41 37.09 -46.70
C SER CA 79 -41.25 36.56 -48.11
N LEU CA 80 -42.18 36.97 -48.99
CA LEU CA 80 -42.23 36.60 -50.41
C LEU CA 80 -41.63 37.74 -51.23
N GLY CA 81 -41.08 37.40 -52.38
CA GLY CA 81 -40.49 38.37 -53.28
C GLY CA 81 -40.34 37.83 -54.68
N ASN CA 82 -40.76 38.63 -55.66
CA ASN CA 82 -40.65 38.30 -57.08
C ASN CA 82 -40.24 39.54 -57.87
N GLU CA 83 -40.06 39.38 -59.18
CA GLU CA 83 -39.67 40.44 -60.10
C GLU CA 83 -40.56 41.69 -59.99
N PHE CA 84 -41.84 41.51 -59.59
CA PHE CA 84 -42.87 42.56 -59.53
C PHE CA 84 -43.21 43.13 -58.14
N GLY CA 85 -42.53 42.70 -57.10
CA GLY CA 85 -42.79 43.21 -55.76
C GLY CA 85 -42.47 42.27 -54.62
N SER CA 86 -42.99 42.57 -53.41
CA SER CA 86 -42.76 41.77 -52.20
C SER CA 86 -43.84 41.98 -51.14
N ASP CA 87 -43.98 40.98 -50.26
CA ASP CA 87 -44.91 41.01 -49.13
C ASP CA 87 -44.28 40.31 -47.92
N SER CA 88 -44.57 40.81 -46.71
CA SER CA 88 -44.09 40.24 -45.47
C SER CA 88 -45.21 40.22 -44.43
N ALA CA 89 -45.18 39.21 -43.55
CA ALA CA 89 -46.16 39.02 -42.50
C ALA CA 89 -45.49 38.37 -41.30
N THR CA 90 -45.99 38.63 -40.08
CA THR CA 90 -45.39 38.06 -38.88
C THR CA 90 -46.33 37.20 -38.07
N VAL CA 91 -45.77 36.09 -37.54
CA VAL CA 91 -46.44 35.15 -36.64
C VAL CA 91 -45.65 35.07 -35.33
N ASN CA 92 -46.30 35.45 -34.25
CA ASN CA 92 -45.68 35.40 -32.94
C ASN CA 92 -45.91 34.01 -32.34
N ILE CA 93 -44.86 33.17 -32.34
CA ILE CA 93 -44.92 31.81 -31.80
C ILE CA 93 -44.56 31.84 -30.33
N HIS CA 94 -45.48 31.32 -29.49
CA HIS CA 94 -45.33 31.27 -28.03
C HIS CA 94 -45.18 29.83 -27.58
N ILE CA 95 -44.28 29.60 -26.60
CA ILE CA 95 -44.05 28.26 -26.05
C ILE CA 95 -44.56 28.22 -24.62
N ARG CA 96 -45.20 27.10 -24.23
CA ARG CA 96 -45.71 26.87 -22.87
C ARG CA 96 -45.18 25.53 -22.26
N SER CA 97 -45.14 25.43 -20.91
CA SER CA 97 -44.67 24.25 -20.16
C SER CA 97 -45.40 22.92 -20.54
N SER DA 1 -49.30 8.46 -32.56
CA SER DA 1 -49.08 7.95 -33.91
C SER DA 1 -48.81 9.02 -35.01
N SER DA 2 -49.61 10.13 -35.08
CA SER DA 2 -49.45 11.17 -36.11
C SER DA 2 -49.79 12.58 -35.61
N ALA DA 3 -48.99 13.56 -36.01
CA ALA DA 3 -49.23 14.98 -35.69
C ALA DA 3 -50.29 15.52 -36.68
N PRO DA 4 -51.12 16.54 -36.29
CA PRO DA 4 -52.15 17.02 -37.22
C PRO DA 4 -51.61 17.75 -38.43
N ARG DA 5 -52.30 17.58 -39.56
CA ARG DA 5 -51.95 18.22 -40.83
C ARG DA 5 -53.15 18.43 -41.72
N PHE DA 6 -53.17 19.59 -42.40
CA PHE DA 6 -54.24 19.98 -43.29
C PHE DA 6 -54.04 19.35 -44.68
N LEU DA 7 -55.04 18.58 -45.13
CA LEU DA 7 -55.07 17.96 -46.45
C LEU DA 7 -55.60 19.01 -47.42
N THR DA 8 -56.54 19.84 -46.92
CA THR DA 8 -57.20 20.97 -47.57
C THR DA 8 -57.07 22.13 -46.60
N ARG DA 9 -56.63 23.30 -47.09
CA ARG DA 9 -56.53 24.50 -46.26
C ARG DA 9 -57.95 25.08 -46.05
N PRO DA 10 -58.26 25.77 -44.94
CA PRO DA 10 -59.63 26.30 -44.77
C PRO DA 10 -60.07 27.15 -45.95
N LYS DA 11 -61.24 26.82 -46.50
CA LYS DA 11 -61.83 27.48 -47.66
C LYS DA 11 -63.22 27.93 -47.30
N ALA DA 12 -63.55 29.18 -47.63
CA ALA DA 12 -64.88 29.72 -47.31
C ALA DA 12 -65.90 29.58 -48.44
N PHE DA 13 -67.13 29.18 -48.11
CA PHE DA 13 -68.21 29.10 -49.08
C PHE DA 13 -69.31 30.04 -48.65
N VAL DA 14 -69.54 31.07 -49.47
CA VAL DA 14 -70.52 32.13 -49.20
C VAL DA 14 -71.55 32.12 -50.30
N VAL DA 15 -72.83 32.22 -49.95
CA VAL DA 15 -73.90 32.30 -50.96
C VAL DA 15 -74.22 33.77 -51.13
N SER DA 16 -74.59 34.42 -50.01
CA SER DA 16 -74.91 35.83 -49.89
C SER DA 16 -74.97 36.17 -48.43
N VAL DA 17 -75.15 37.46 -48.14
CA VAL DA 17 -75.37 37.97 -46.82
C VAL DA 17 -76.79 37.47 -46.44
N GLY DA 18 -77.02 37.17 -45.17
CA GLY DA 18 -78.30 36.69 -44.71
C GLY DA 18 -78.50 35.19 -44.89
N LYS DA 19 -77.64 34.55 -45.68
CA LYS DA 19 -77.64 33.09 -45.90
C LYS DA 19 -76.42 32.53 -45.18
N ASP DA 20 -76.48 31.24 -44.78
CA ASP DA 20 -75.36 30.60 -44.07
C ASP DA 20 -74.06 30.60 -44.90
N ALA DA 21 -72.91 30.56 -44.20
CA ALA DA 21 -71.59 30.54 -44.82
C ALA DA 21 -70.73 29.51 -44.11
N THR DA 22 -69.83 28.83 -44.84
CA THR DA 22 -69.01 27.78 -44.22
C THR DA 22 -67.52 27.86 -44.53
N LEU DA 23 -66.69 27.73 -43.45
CA LEU DA 23 -65.23 27.59 -43.50
C LEU DA 23 -64.99 26.10 -43.25
N SER DA 24 -64.52 25.40 -44.27
CA SER DA 24 -64.34 23.96 -44.21
C SER DA 24 -62.96 23.55 -44.67
N CYS DA 25 -62.46 22.46 -44.09
CA CYS DA 25 -61.14 21.91 -44.36
C CYS DA 25 -61.04 20.41 -44.00
N GLN DA 26 -60.04 19.75 -44.58
CA GLN DA 26 -59.77 18.33 -44.38
C GLN DA 26 -58.54 18.18 -43.49
N ILE DA 27 -58.71 17.62 -42.28
CA ILE DA 27 -57.60 17.45 -41.34
C ILE DA 27 -57.44 16.01 -40.87
N VAL DA 28 -56.21 15.52 -40.95
CA VAL DA 28 -55.84 14.18 -40.49
C VAL DA 28 -54.91 14.27 -39.28
N GLY DA 29 -54.90 13.19 -38.50
CA GLY DA 29 -54.09 13.05 -37.29
C GLY DA 29 -54.49 11.86 -36.46
N ASN DA 30 -53.51 11.28 -35.74
CA ASN DA 30 -53.74 10.12 -34.86
C ASN DA 30 -53.05 10.37 -33.50
N PRO DA 31 -53.77 10.64 -32.40
CA PRO DA 31 -55.23 10.70 -32.22
C PRO DA 31 -55.91 11.72 -33.10
N THR DA 32 -57.19 11.51 -33.41
CA THR DA 32 -57.93 12.41 -34.28
C THR DA 32 -57.96 13.83 -33.69
N PRO DA 33 -57.64 14.87 -34.50
CA PRO DA 33 -57.55 16.22 -33.94
C PRO DA 33 -58.85 16.91 -33.52
N GLN DA 34 -58.69 17.79 -32.51
CA GLN DA 34 -59.70 18.70 -31.97
C GLN DA 34 -59.49 19.99 -32.75
N VAL DA 35 -60.56 20.46 -33.37
CA VAL DA 35 -60.51 21.68 -34.15
C VAL DA 35 -61.00 22.90 -33.34
N SER DA 36 -60.20 23.97 -33.33
CA SER DA 36 -60.52 25.23 -32.63
C SER DA 36 -60.55 26.34 -33.68
N TRP DA 37 -61.40 27.33 -33.49
CA TRP DA 37 -61.47 28.42 -34.48
C TRP DA 37 -61.39 29.74 -33.77
N GLU DA 38 -60.72 30.72 -34.39
CA GLU DA 38 -60.64 32.07 -33.83
C GLU DA 38 -60.68 33.13 -34.91
N LYS DA 39 -61.60 34.08 -34.76
CA LYS DA 39 -61.79 35.22 -35.66
C LYS DA 39 -61.07 36.43 -35.06
N ASP DA 40 -60.00 36.88 -35.75
CA ASP DA 40 -59.16 38.02 -35.37
C ASP DA 40 -58.63 37.88 -33.94
N GLN DA 41 -57.97 36.72 -33.66
CA GLN DA 41 -57.40 36.35 -32.36
C GLN DA 41 -58.41 36.22 -31.18
N GLN DA 42 -59.71 36.33 -31.47
CA GLN DA 42 -60.80 36.18 -30.51
C GLN DA 42 -61.45 34.82 -30.79
N PRO DA 43 -61.49 33.89 -29.81
CA PRO DA 43 -62.06 32.56 -30.08
C PRO DA 43 -63.55 32.58 -30.44
N VAL DA 44 -63.95 31.62 -31.28
CA VAL DA 44 -65.32 31.46 -31.73
C VAL DA 44 -66.14 30.76 -30.66
N ALA DA 45 -67.22 31.42 -30.23
CA ALA DA 45 -68.16 30.87 -29.25
C ALA DA 45 -69.33 30.31 -30.07
N ALA DA 46 -69.52 28.98 -29.98
CA ALA DA 46 -70.60 28.30 -30.71
C ALA DA 46 -71.96 28.67 -30.11
N GLY DA 47 -72.95 28.82 -30.97
CA GLY DA 47 -74.30 29.17 -30.57
C GLY DA 47 -75.13 29.76 -31.68
N ALA DA 48 -75.53 31.03 -31.48
CA ALA DA 48 -76.37 31.76 -32.42
C ALA DA 48 -75.65 32.11 -33.72
N ARG DA 49 -74.47 32.73 -33.60
CA ARG DA 49 -73.66 33.13 -34.75
C ARG DA 49 -72.99 31.94 -35.44
N PHE DA 50 -72.31 31.09 -34.67
CA PHE DA 50 -71.54 29.98 -35.22
C PHE DA 50 -71.94 28.61 -34.77
N ARG DA 51 -71.66 27.61 -35.62
CA ARG DA 51 -71.90 26.20 -35.37
C ARG DA 51 -70.77 25.34 -35.89
N LEU DA 52 -70.26 24.46 -35.04
CA LEU DA 52 -69.14 23.59 -35.38
C LEU DA 52 -69.66 22.18 -35.57
N ALA DA 53 -69.10 21.47 -36.59
CA ALA DA 53 -69.43 20.07 -36.92
C ALA DA 53 -68.28 19.40 -37.70
N GLN DA 54 -68.18 18.07 -37.64
CA GLN DA 54 -67.16 17.34 -38.40
C GLN DA 54 -67.61 15.95 -38.83
N ASP DA 55 -67.51 15.66 -40.14
CA ASP DA 55 -67.86 14.36 -40.71
C ASP DA 55 -66.54 13.76 -41.11
N GLY DA 56 -66.07 12.80 -40.31
CA GLY DA 56 -64.78 12.14 -40.51
C GLY DA 56 -63.66 13.17 -40.50
N ASP DA 57 -62.77 13.11 -41.51
CA ASP DA 57 -61.67 14.08 -41.59
C ASP DA 57 -62.07 15.48 -42.09
N LEU DA 58 -63.37 15.71 -42.33
CA LEU DA 58 -63.89 17.00 -42.76
C LEU DA 58 -64.37 17.79 -41.56
N TYR DA 59 -63.81 18.99 -41.37
CA TYR DA 59 -64.18 19.85 -40.24
C TYR DA 59 -64.86 21.12 -40.78
N ARG DA 60 -65.96 21.56 -40.14
CA ARG DA 60 -66.73 22.70 -40.63
C ARG DA 60 -67.35 23.70 -39.62
N LEU DA 61 -66.89 24.96 -39.73
CA LEU DA 61 -67.49 26.07 -38.99
C LEU DA 61 -68.51 26.70 -39.90
N THR DA 62 -69.76 26.80 -39.41
CA THR DA 62 -70.87 27.41 -40.14
C THR DA 62 -71.20 28.72 -39.50
N ILE DA 63 -71.23 29.79 -40.30
CA ILE DA 63 -71.60 31.11 -39.82
C ILE DA 63 -73.05 31.33 -40.26
N LEU DA 64 -74.00 31.26 -39.31
CA LEU DA 64 -75.43 31.44 -39.58
C LEU DA 64 -75.72 32.89 -39.92
N ASP DA 65 -76.73 33.14 -40.79
CA ASP DA 65 -77.20 34.46 -41.23
C ASP DA 65 -76.00 35.42 -41.35
N LEU DA 66 -75.13 35.14 -42.36
CA LEU DA 66 -73.93 35.93 -42.62
C LEU DA 66 -74.24 37.43 -42.64
N ALA DA 67 -73.37 38.21 -41.99
CA ALA DA 67 -73.46 39.66 -41.88
C ALA DA 67 -72.10 40.27 -42.25
N LEU DA 68 -72.04 41.59 -42.50
CA LEU DA 68 -70.76 42.22 -42.80
C LEU DA 68 -69.79 42.13 -41.59
N GLY DA 69 -70.36 42.10 -40.40
CA GLY DA 69 -69.60 41.98 -39.16
C GLY DA 69 -68.83 40.68 -39.00
N ASP DA 70 -69.12 39.67 -39.85
CA ASP DA 70 -68.46 38.36 -39.84
C ASP DA 70 -67.13 38.36 -40.59
N SER DA 71 -66.78 39.47 -41.28
CA SER DA 71 -65.53 39.62 -42.00
C SER DA 71 -64.36 39.62 -41.02
N GLY DA 72 -63.28 38.96 -41.41
CA GLY DA 72 -62.07 38.87 -40.59
C GLY DA 72 -61.21 37.67 -40.90
N GLN DA 73 -60.02 37.62 -40.26
CA GLN DA 73 -59.08 36.52 -40.43
C GLN DA 73 -59.41 35.39 -39.46
N TYR DA 74 -59.90 34.26 -40.00
CA TYR DA 74 -60.28 33.09 -39.21
C TYR DA 74 -59.13 32.12 -39.20
N VAL DA 75 -58.71 31.69 -38.00
CA VAL DA 75 -57.60 30.76 -37.83
C VAL DA 75 -58.12 29.43 -37.31
N CYS DA 76 -57.79 28.37 -38.01
CA CYS DA 76 -58.16 27.02 -37.64
C CYS DA 76 -56.97 26.36 -36.94
N ARG DA 77 -57.21 25.79 -35.73
CA ARG DA 77 -56.18 25.16 -34.91
C ARG DA 77 -56.50 23.68 -34.63
N ALA DA 78 -55.79 22.80 -35.34
CA ALA DA 78 -55.93 21.37 -35.15
C ALA DA 78 -54.84 20.95 -34.19
N ARG DA 79 -55.24 20.42 -33.05
CA ARG DA 79 -54.31 19.98 -32.03
C ARG DA 79 -54.68 18.57 -31.61
N ASN DA 80 -53.65 17.80 -31.21
CA ASN DA 80 -53.75 16.46 -30.64
C ASN DA 80 -52.61 16.31 -29.63
N ALA DA 81 -52.38 15.09 -29.14
CA ALA DA 81 -51.31 14.81 -28.17
C ALA DA 81 -49.87 14.96 -28.74
N ILE DA 82 -49.72 14.79 -30.07
CA ILE DA 82 -48.43 14.86 -30.78
C ILE DA 82 -48.04 16.28 -31.21
N GLY DA 83 -49.00 17.08 -31.66
CA GLY DA 83 -48.70 18.44 -32.10
C GLY DA 83 -49.85 19.32 -32.52
N GLU DA 84 -49.51 20.46 -33.15
CA GLU DA 84 -50.44 21.48 -33.63
C GLU DA 84 -50.21 21.83 -35.10
N ALA DA 85 -51.29 22.19 -35.76
CA ALA DA 85 -51.31 22.57 -37.14
C ALA DA 85 -52.22 23.77 -37.21
N PHE DA 86 -51.73 24.84 -37.81
CA PHE DA 86 -52.45 26.09 -37.98
C PHE DA 86 -52.54 26.40 -39.44
N ALA DA 87 -53.67 26.97 -39.82
CA ALA DA 87 -53.96 27.42 -41.17
C ALA DA 87 -55.05 28.48 -41.04
N ALA DA 88 -54.96 29.53 -41.83
CA ALA DA 88 -55.94 30.60 -41.74
C ALA DA 88 -56.63 30.89 -43.06
N VAL DA 89 -57.75 31.62 -42.97
CA VAL DA 89 -58.56 32.04 -44.10
C VAL DA 89 -59.22 33.40 -43.81
N GLY DA 90 -59.10 34.30 -44.77
CA GLY DA 90 -59.71 35.60 -44.67
C GLY DA 90 -61.09 35.60 -45.27
N LEU DA 91 -62.10 35.95 -44.47
CA LEU DA 91 -63.48 36.06 -44.94
C LEU DA 91 -63.80 37.53 -45.15
N GLN DA 92 -64.22 37.91 -46.37
CA GLN DA 92 -64.55 39.29 -46.66
C GLN DA 92 -65.92 39.39 -47.30
N VAL DA 93 -66.92 39.80 -46.49
CA VAL DA 93 -68.32 39.92 -46.88
C VAL DA 93 -68.69 41.36 -47.15
N GLY EA 1 -2.28 37.74 -20.98
CA GLY EA 1 -3.23 37.08 -21.87
C GLY EA 1 -2.61 35.99 -22.72
N ILE EA 2 -3.41 34.96 -23.07
CA ILE EA 2 -2.96 33.81 -23.88
C ILE EA 2 -3.91 33.56 -25.08
N PRO EA 3 -3.40 33.52 -26.35
CA PRO EA 3 -4.30 33.21 -27.48
C PRO EA 3 -4.68 31.74 -27.50
N PRO EA 4 -5.82 31.33 -28.07
CA PRO EA 4 -6.16 29.90 -28.04
C PRO EA 4 -5.40 29.06 -29.05
N LYS EA 5 -5.23 27.77 -28.72
CA LYS EA 5 -4.59 26.79 -29.59
C LYS EA 5 -5.24 25.42 -29.46
N ILE EA 6 -5.62 24.80 -30.59
CA ILE EA 6 -6.19 23.45 -30.62
C ILE EA 6 -4.99 22.52 -30.48
N GLU EA 7 -4.98 21.73 -29.39
CA GLU EA 7 -3.87 20.82 -29.05
C GLU EA 7 -3.66 19.72 -30.10
N ALA EA 8 -4.63 18.81 -30.27
CA ALA EA 8 -4.52 17.74 -31.25
C ALA EA 8 -5.89 17.17 -31.54
N LEU EA 9 -6.32 17.36 -32.79
CA LEU EA 9 -7.60 16.89 -33.31
C LEU EA 9 -7.34 15.99 -34.53
N PRO EA 10 -7.90 14.76 -34.58
CA PRO EA 10 -7.64 13.87 -35.74
C PRO EA 10 -8.05 14.47 -37.08
N SER EA 11 -7.30 14.11 -38.15
CA SER EA 11 -7.54 14.58 -39.52
C SER EA 11 -8.80 13.90 -40.07
N ASP EA 12 -8.82 12.55 -40.06
CA ASP EA 12 -9.93 11.71 -40.51
C ASP EA 12 -10.26 10.67 -39.46
N ILE EA 13 -11.55 10.39 -39.29
CA ILE EA 13 -12.08 9.38 -38.38
C ILE EA 13 -13.24 8.70 -39.09
N SER EA 14 -13.41 7.39 -38.87
CA SER EA 14 -14.48 6.60 -39.48
C SER EA 14 -15.21 5.82 -38.43
N ILE EA 15 -16.53 5.65 -38.63
CA ILE EA 15 -17.41 4.91 -37.71
C ILE EA 15 -18.55 4.25 -38.49
N ASP EA 16 -19.10 3.14 -38.00
CA ASP EA 16 -20.22 2.45 -38.63
C ASP EA 16 -21.56 3.07 -38.18
N GLU EA 17 -22.60 2.95 -39.02
CA GLU EA 17 -23.95 3.45 -38.73
C GLU EA 17 -24.50 2.85 -37.41
N GLY EA 18 -25.20 3.67 -36.64
CA GLY EA 18 -25.86 3.26 -35.41
C GLY EA 18 -25.02 3.22 -34.15
N LYS EA 19 -23.71 3.45 -34.27
CA LYS EA 19 -22.79 3.49 -33.13
C LYS EA 19 -22.64 4.93 -32.60
N VAL EA 20 -22.04 5.08 -31.40
CA VAL EA 20 -21.81 6.39 -30.76
C VAL EA 20 -20.39 6.85 -31.08
N LEU EA 21 -20.24 8.11 -31.49
CA LEU EA 21 -18.94 8.67 -31.82
C LEU EA 21 -18.51 9.72 -30.78
N THR EA 22 -17.25 9.66 -30.36
CA THR EA 22 -16.66 10.57 -29.39
C THR EA 22 -15.36 11.14 -29.96
N VAL EA 23 -15.24 12.47 -29.97
CA VAL EA 23 -14.02 13.13 -30.42
C VAL EA 23 -13.61 14.08 -29.30
N ALA EA 24 -12.56 13.71 -28.56
CA ALA EA 24 -12.09 14.57 -27.47
C ALA EA 24 -10.87 15.35 -27.91
N CYS EA 25 -10.94 16.66 -27.72
CA CYS EA 25 -9.86 17.55 -28.11
C CYS EA 25 -9.53 18.52 -26.99
N ALA EA 26 -8.23 18.64 -26.66
CA ALA EA 26 -7.78 19.58 -25.63
C ALA EA 26 -7.45 20.93 -26.27
N PHE EA 27 -7.45 21.99 -25.46
CA PHE EA 27 -7.14 23.35 -25.93
C PHE EA 27 -6.55 24.26 -24.84
N THR EA 28 -5.81 25.28 -25.28
CA THR EA 28 -5.19 26.27 -24.41
C THR EA 28 -5.86 27.63 -24.65
N GLY EA 29 -5.55 28.61 -23.81
CA GLY EA 29 -6.09 29.95 -23.93
C GLY EA 29 -6.65 30.52 -22.65
N GLU EA 30 -6.25 31.77 -22.36
CA GLU EA 30 -6.71 32.55 -21.21
C GLU EA 30 -7.04 33.98 -21.72
N PRO EA 31 -8.30 34.46 -21.61
CA PRO EA 31 -9.48 33.82 -20.98
C PRO EA 31 -9.92 32.60 -21.76
N THR EA 32 -10.65 31.67 -21.10
CA THR EA 32 -11.14 30.43 -21.72
C THR EA 32 -11.87 30.75 -23.04
N PRO EA 33 -11.41 30.17 -24.19
CA PRO EA 33 -12.01 30.53 -25.48
C PRO EA 33 -13.42 29.98 -25.75
N GLU EA 34 -14.13 30.60 -26.71
CA GLU EA 34 -15.47 30.14 -27.10
C GLU EA 34 -15.29 28.96 -28.05
N VAL EA 35 -15.77 27.78 -27.63
CA VAL EA 35 -15.68 26.55 -28.42
C VAL EA 35 -16.86 26.52 -29.40
N THR EA 36 -16.55 26.39 -30.71
CA THR EA 36 -17.57 26.36 -31.77
C THR EA 36 -17.33 25.22 -32.77
N TRP EA 37 -18.17 24.18 -32.69
CA TRP EA 37 -18.12 23.05 -33.61
C TRP EA 37 -19.06 23.36 -34.76
N SER EA 38 -18.61 23.16 -36.00
CA SER EA 38 -19.43 23.45 -37.18
C SER EA 38 -19.21 22.48 -38.32
N CYS EA 39 -20.25 22.26 -39.13
CA CYS EA 39 -20.18 21.38 -40.28
C CYS EA 39 -20.95 22.00 -41.44
N GLY EA 40 -20.25 22.18 -42.55
CA GLY EA 40 -20.79 22.79 -43.76
C GLY EA 40 -21.23 24.23 -43.57
N GLY EA 41 -20.52 24.96 -42.69
CA GLY EA 41 -20.79 26.35 -42.36
C GLY EA 41 -21.86 26.55 -41.31
N ARG EA 42 -22.50 25.45 -40.86
CA ARG EA 42 -23.58 25.47 -39.88
C ARG EA 42 -23.08 25.00 -38.51
N LYS EA 43 -23.29 25.84 -37.47
CA LYS EA 43 -22.86 25.56 -36.09
C LYS EA 43 -23.65 24.38 -35.50
N ILE EA 44 -22.92 23.44 -34.86
CA ILE EA 44 -23.50 22.28 -34.18
C ILE EA 44 -23.96 22.77 -32.81
N HIS EA 45 -25.25 22.57 -32.51
CA HIS EA 45 -25.83 23.00 -31.24
C HIS EA 45 -26.05 21.79 -30.35
N SER EA 46 -25.54 21.83 -29.10
CA SER EA 46 -25.70 20.72 -28.15
C SER EA 46 -27.16 20.59 -27.70
N GLN EA 47 -27.96 19.89 -28.53
CA GLN EA 47 -29.38 19.68 -28.26
C GLN EA 47 -29.53 18.48 -27.34
N GLU EA 48 -30.15 18.69 -26.15
CA GLU EA 48 -30.39 17.69 -25.12
C GLU EA 48 -31.27 16.53 -25.62
N GLN EA 49 -32.28 16.85 -26.45
CA GLN EA 49 -33.20 15.86 -27.02
C GLN EA 49 -32.70 15.28 -28.37
N GLY EA 50 -31.68 15.90 -28.95
CA GLY EA 50 -31.09 15.49 -30.22
C GLY EA 50 -30.06 14.37 -30.11
N ARG EA 51 -29.37 14.12 -31.23
CA ARG EA 51 -28.31 13.09 -31.30
C ARG EA 51 -26.93 13.69 -31.02
N PHE EA 52 -26.74 14.98 -31.37
CA PHE EA 52 -25.49 15.73 -31.22
C PHE EA 52 -25.37 16.39 -29.86
N HIS EA 53 -24.23 16.18 -29.20
CA HIS EA 53 -23.92 16.73 -27.88
C HIS EA 53 -22.48 17.23 -27.84
N ILE EA 54 -22.27 18.38 -27.20
CA ILE EA 54 -20.94 18.97 -27.06
C ILE EA 54 -20.67 19.22 -25.58
N GLU EA 55 -19.71 18.48 -25.01
CA GLU EA 55 -19.30 18.58 -23.60
C GLU EA 55 -18.01 19.41 -23.52
N ASN EA 56 -18.12 20.63 -22.98
CA ASN EA 56 -16.97 21.54 -22.87
C ASN EA 56 -16.51 21.81 -21.44
N THR EA 57 -15.18 21.80 -21.23
CA THR EA 57 -14.55 22.13 -19.94
C THR EA 57 -13.71 23.40 -20.17
N ASP EA 58 -12.84 23.76 -19.21
CA ASP EA 58 -11.96 24.93 -19.34
C ASP EA 58 -10.75 24.63 -20.25
N ASP EA 59 -10.45 23.33 -20.47
CA ASP EA 59 -9.30 22.87 -21.27
C ASP EA 59 -9.62 21.73 -22.24
N LEU EA 60 -10.90 21.31 -22.38
CA LEU EA 60 -11.24 20.19 -23.26
C LEU EA 60 -12.65 20.24 -23.84
N THR EA 61 -12.77 19.92 -25.13
CA THR EA 61 -14.03 19.83 -25.87
C THR EA 61 -14.29 18.43 -26.34
N THR EA 62 -15.53 17.94 -26.19
CA THR EA 62 -15.89 16.60 -26.64
C THR EA 62 -17.13 16.59 -27.51
N LEU EA 63 -16.98 16.16 -28.76
CA LEU EA 63 -18.08 16.05 -29.70
C LEU EA 63 -18.69 14.66 -29.56
N ILE EA 64 -20.02 14.59 -29.40
CA ILE EA 64 -20.76 13.33 -29.26
C ILE EA 64 -21.80 13.25 -30.36
N ILE EA 65 -21.76 12.18 -31.16
CA ILE EA 65 -22.76 11.92 -32.19
C ILE EA 65 -23.31 10.54 -31.89
N MET EA 66 -24.52 10.49 -31.35
CA MET EA 66 -25.17 9.23 -30.97
C MET EA 66 -25.89 8.66 -32.17
N ASP EA 67 -26.07 7.32 -32.23
CA ASP EA 67 -26.77 6.62 -33.33
C ASP EA 67 -26.42 7.26 -34.66
N VAL EA 68 -25.13 7.23 -35.02
CA VAL EA 68 -24.55 7.80 -36.22
C VAL EA 68 -25.30 7.35 -37.51
N GLN EA 69 -25.73 8.32 -38.32
CA GLN EA 69 -26.41 8.14 -39.59
C GLN EA 69 -25.55 8.68 -40.74
N LYS EA 70 -25.65 8.03 -41.92
CA LYS EA 70 -24.88 8.32 -43.14
C LYS EA 70 -24.67 9.81 -43.44
N GLN EA 71 -25.73 10.61 -43.28
CA GLN EA 71 -25.72 12.05 -43.54
C GLN EA 71 -24.91 12.87 -42.54
N ASP EA 72 -24.53 12.28 -41.39
CA ASP EA 72 -23.68 12.92 -40.36
C ASP EA 72 -22.25 13.05 -40.85
N GLY EA 73 -21.87 12.22 -41.82
CA GLY EA 73 -20.56 12.25 -42.46
C GLY EA 73 -20.30 13.60 -43.10
N GLY EA 74 -19.08 14.11 -42.91
CA GLY EA 74 -18.66 15.39 -43.43
C GLY EA 74 -17.45 15.99 -42.76
N LEU EA 75 -17.12 17.23 -43.13
CA LEU EA 75 -15.97 17.94 -42.60
C LEU EA 75 -16.35 18.87 -41.46
N TYR EA 76 -16.06 18.42 -40.25
CA TYR EA 76 -16.34 19.14 -39.01
C TYR EA 76 -15.19 20.07 -38.64
N THR EA 77 -15.52 21.32 -38.27
CA THR EA 77 -14.51 22.31 -37.92
C THR EA 77 -14.65 22.77 -36.47
N LEU EA 78 -13.62 22.48 -35.65
CA LEU EA 78 -13.56 22.95 -34.27
C LEU EA 78 -12.89 24.30 -34.29
N SER EA 79 -13.54 25.33 -33.75
CA SER EA 79 -12.98 26.67 -33.75
C SER EA 79 -13.07 27.40 -32.42
N LEU EA 80 -11.90 27.76 -31.87
CA LEU EA 80 -11.74 28.49 -30.62
C LEU EA 80 -11.50 29.95 -30.92
N GLY EA 81 -11.87 30.80 -29.98
CA GLY EA 81 -11.68 32.23 -30.10
C GLY EA 81 -11.79 32.95 -28.78
N ASN EA 82 -10.83 33.84 -28.52
CA ASN EA 82 -10.80 34.69 -27.34
C ASN EA 82 -10.34 36.11 -27.71
N GLU EA 83 -10.25 36.99 -26.70
CA GLU EA 83 -9.84 38.40 -26.85
C GLU EA 83 -8.48 38.56 -27.58
N PHE EA 84 -7.59 37.54 -27.46
CA PHE EA 84 -6.23 37.55 -27.99
C PHE EA 84 -5.95 36.76 -29.29
N GLY EA 85 -6.99 36.20 -29.90
CA GLY EA 85 -6.82 35.44 -31.13
C GLY EA 85 -7.81 34.32 -31.35
N SER EA 86 -7.50 33.43 -32.31
CA SER EA 86 -8.35 32.31 -32.68
C SER EA 86 -7.56 31.18 -33.35
N ASP EA 87 -8.11 29.96 -33.28
CA ASP EA 87 -7.56 28.77 -33.91
C ASP EA 87 -8.69 27.87 -34.42
N SER EA 88 -8.46 27.20 -35.56
CA SER EA 88 -9.43 26.29 -36.16
C SER EA 88 -8.73 25.04 -36.64
N ALA EA 89 -9.45 23.92 -36.64
CA ALA EA 89 -8.96 22.61 -37.07
C ALA EA 89 -10.10 21.79 -37.65
N THR EA 90 -9.82 20.89 -38.61
CA THR EA 90 -10.88 20.08 -39.21
C THR EA 90 -10.71 18.58 -39.02
N VAL EA 91 -11.84 17.89 -38.78
CA VAL EA 91 -11.95 16.45 -38.65
C VAL EA 91 -12.95 15.93 -39.68
N ASN EA 92 -12.46 15.09 -40.59
CA ASN EA 92 -13.30 14.52 -41.62
C ASN EA 92 -13.91 13.23 -41.07
N ILE EA 93 -15.20 13.29 -40.72
CA ILE EA 93 -15.94 12.15 -40.18
C ILE EA 93 -16.55 11.36 -41.33
N HIS EA 94 -16.22 10.07 -41.41
CA HIS EA 94 -16.70 9.15 -42.43
C HIS EA 94 -17.64 8.13 -41.82
N ILE EA 95 -18.75 7.83 -42.50
CA ILE EA 95 -19.70 6.83 -42.05
C ILE EA 95 -19.54 5.64 -42.99
N ARG EA 96 -19.70 4.41 -42.45
CA ARG EA 96 -19.66 3.15 -43.20
C ARG EA 96 -20.90 2.27 -42.87
N SER EA 97 -21.29 1.33 -43.79
CA SER EA 97 -22.42 0.38 -43.64
C SER EA 97 -22.34 -0.48 -42.37
N SER FA 1 -23.54 -2.62 -23.11
CA SER FA 1 -23.67 -1.88 -21.86
C SER FA 1 -23.16 -0.41 -21.88
N SER FA 2 -21.93 -0.13 -22.40
CA SER FA 2 -21.34 1.23 -22.43
C SER FA 2 -20.46 1.51 -23.64
N ALA FA 3 -20.56 2.72 -24.21
CA ALA FA 3 -19.69 3.14 -25.31
C ALA FA 3 -18.31 3.57 -24.74
N PRO FA 4 -17.19 3.44 -25.50
CA PRO FA 4 -15.88 3.84 -24.95
C PRO FA 4 -15.74 5.34 -24.70
N ARG FA 5 -14.99 5.69 -23.64
CA ARG FA 5 -14.70 7.06 -23.27
C ARG FA 5 -13.37 7.18 -22.56
N PHE FA 6 -12.63 8.26 -22.86
CA PHE FA 6 -11.33 8.54 -22.28
C PHE FA 6 -11.50 9.19 -20.91
N LEU FA 7 -10.91 8.57 -19.89
CA LEU FA 7 -10.90 9.06 -18.52
C LEU FA 7 -9.74 10.06 -18.42
N THR FA 8 -8.66 9.74 -19.13
CA THR FA 8 -7.41 10.48 -19.29
C THR FA 8 -7.15 10.55 -20.79
N ARG FA 9 -6.85 11.74 -21.31
CA ARG FA 9 -6.52 11.91 -22.73
C ARG FA 9 -5.08 11.37 -22.98
N PRO FA 10 -4.72 10.86 -24.19
CA PRO FA 10 -3.36 10.35 -24.37
C PRO FA 10 -2.31 11.37 -23.99
N LYS FA 11 -1.36 10.95 -23.13
CA LYS FA 11 -0.28 11.78 -22.62
C LYS FA 11 1.05 11.13 -22.91
N ALA FA 12 2.00 11.90 -23.43
CA ALA FA 12 3.30 11.35 -23.77
C ALA FA 12 4.35 11.53 -22.69
N PHE FA 13 5.14 10.48 -22.42
CA PHE FA 13 6.24 10.53 -21.46
C PHE FA 13 7.54 10.27 -22.17
N VAL FA 14 8.40 11.29 -22.21
CA VAL FA 14 9.68 11.27 -22.91
C VAL FA 14 10.80 11.46 -21.92
N VAL FA 15 11.85 10.65 -22.01
CA VAL FA 15 13.02 10.84 -21.13
C VAL FA 15 14.05 11.61 -21.95
N SER FA 16 14.41 11.07 -23.12
CA SER FA 16 15.35 11.62 -24.09
C SER FA 16 15.25 10.81 -25.35
N VAL FA 17 16.02 11.23 -26.36
CA VAL FA 17 16.20 10.55 -27.65
C VAL FA 17 17.06 9.33 -27.31
N GLY FA 18 16.74 8.19 -27.91
CA GLY FA 18 17.49 6.96 -27.68
C GLY FA 18 16.98 6.15 -26.52
N LYS FA 19 16.12 6.75 -25.69
CA LYS FA 19 15.46 6.09 -24.57
C LYS FA 19 13.99 5.85 -24.97
N ASP FA 20 13.33 4.84 -24.40
CA ASP FA 20 11.92 4.57 -24.69
C ASP FA 20 11.00 5.76 -24.32
N ALA FA 21 9.87 5.88 -25.03
CA ALA FA 21 8.88 6.92 -24.82
C ALA FA 21 7.49 6.27 -24.81
N THR FA 22 6.57 6.80 -23.99
CA THR FA 22 5.25 6.19 -23.90
C THR FA 22 4.10 7.15 -24.02
N LEU FA 23 3.14 6.74 -24.84
CA LEU FA 23 1.87 7.41 -25.06
C LEU FA 23 0.88 6.53 -24.32
N SER FA 24 0.31 7.07 -23.25
CA SER FA 24 -0.60 6.33 -22.37
C SER FA 24 -1.88 7.09 -22.04
N CYS FA 25 -2.96 6.35 -21.77
CA CYS FA 25 -4.30 6.90 -21.45
C CYS FA 25 -5.19 5.89 -20.73
N GLN FA 26 -6.24 6.40 -20.07
CA GLN FA 26 -7.19 5.59 -19.33
C GLN FA 26 -8.53 5.52 -20.09
N ILE FA 27 -8.92 4.33 -20.53
CA ILE FA 27 -10.15 4.15 -21.31
C ILE FA 27 -11.10 3.12 -20.71
N VAL FA 28 -12.35 3.51 -20.55
CA VAL FA 28 -13.40 2.64 -20.03
C VAL FA 28 -14.45 2.35 -21.09
N GLY FA 29 -15.16 1.23 -20.94
CA GLY FA 29 -16.22 0.81 -21.84
C GLY FA 29 -16.65 -0.62 -21.57
N ASN FA 30 -17.91 -0.93 -21.87
CA ASN FA 30 -18.46 -2.26 -21.67
C ASN FA 30 -19.22 -2.70 -22.95
N PRO FA 31 -18.71 -3.68 -23.75
CA PRO FA 31 -17.51 -4.49 -23.59
C PRO FA 31 -16.24 -3.66 -23.54
N THR FA 32 -15.19 -4.21 -22.91
CA THR FA 32 -13.93 -3.50 -22.75
C THR FA 32 -13.35 -3.10 -24.10
N PRO FA 33 -12.95 -1.80 -24.28
CA PRO FA 33 -12.51 -1.35 -25.60
C PRO FA 33 -11.22 -1.94 -26.16
N GLN FA 34 -11.16 -1.98 -27.51
CA GLN FA 34 -10.02 -2.36 -28.32
C GLN FA 34 -9.32 -1.05 -28.71
N VAL FA 35 -8.03 -0.95 -28.41
CA VAL FA 35 -7.30 0.26 -28.72
C VAL FA 35 -6.30 0.13 -29.87
N SER FA 36 -6.42 1.04 -30.85
CA SER FA 36 -5.60 1.11 -32.07
C SER FA 36 -4.95 2.50 -32.13
N TRP FA 37 -3.74 2.57 -32.67
CA TRP FA 37 -3.00 3.82 -32.75
C TRP FA 37 -2.57 4.15 -34.16
N GLU FA 38 -2.59 5.44 -34.53
CA GLU FA 38 -2.11 5.89 -35.83
C GLU FA 38 -1.30 7.19 -35.77
N LYS FA 39 -0.07 7.15 -36.33
CA LYS FA 39 0.82 8.31 -36.40
C LYS FA 39 0.66 8.95 -37.79
N ASP FA 40 0.13 10.18 -37.81
CA ASP FA 40 -0.11 10.99 -39.02
C ASP FA 40 -0.93 10.22 -40.04
N GLN FA 41 -2.11 9.70 -39.60
CA GLN FA 41 -3.06 8.91 -40.40
C GLN FA 41 -2.55 7.56 -40.94
N GLN FA 42 -1.32 7.18 -40.55
CA GLN FA 42 -0.69 5.91 -40.91
C GLN FA 42 -0.75 5.01 -39.67
N PRO FA 43 -1.42 3.83 -39.74
CA PRO FA 43 -1.52 2.97 -38.55
C PRO FA 43 -0.18 2.45 -38.06
N VAL FA 44 -0.08 2.30 -36.74
CA VAL FA 44 1.11 1.84 -36.07
C VAL FA 44 1.24 0.32 -36.20
N ALA FA 45 2.38 -0.14 -36.77
CA ALA FA 45 2.67 -1.56 -36.89
C ALA FA 45 3.59 -1.91 -35.72
N ALA FA 46 3.11 -2.81 -34.83
CA ALA FA 46 3.84 -3.26 -33.65
C ALA FA 46 5.06 -4.09 -34.05
N GLY FA 47 6.16 -3.90 -33.35
CA GLY FA 47 7.40 -4.63 -33.60
C GLY FA 47 8.63 -3.95 -33.05
N ALA FA 48 9.53 -3.56 -33.96
CA ALA FA 48 10.80 -2.94 -33.62
C ALA FA 48 10.63 -1.53 -33.07
N ARG FA 49 9.89 -0.68 -33.81
CA ARG FA 49 9.64 0.72 -33.41
C ARG FA 49 8.65 0.83 -32.25
N PHE FA 50 7.48 0.17 -32.37
CA PHE FA 50 6.43 0.29 -31.40
C PHE FA 50 5.99 -1.00 -30.72
N ARG FA 51 5.45 -0.87 -29.49
CA ARG FA 51 4.93 -1.96 -28.68
C ARG FA 51 3.67 -1.52 -27.96
N LEU FA 52 2.61 -2.32 -28.08
CA LEU FA 52 1.31 -2.03 -27.47
C LEU FA 52 1.09 -2.93 -26.25
N ALA FA 53 0.50 -2.34 -25.18
CA ALA FA 53 0.21 -3.03 -23.92
C ALA FA 53 -0.93 -2.35 -23.14
N GLN FA 54 -1.60 -3.11 -22.24
CA GLN FA 54 -2.68 -2.57 -21.41
C GLN FA 54 -2.85 -3.28 -20.08
N ASP FA 55 -2.79 -2.52 -18.97
CA ASP FA 55 -2.97 -3.01 -17.61
C ASP FA 55 -4.34 -2.47 -17.18
N GLY FA 56 -5.35 -3.32 -17.20
CA GLY FA 56 -6.72 -2.93 -16.86
C GLY FA 56 -7.20 -1.83 -17.77
N ASP FA 57 -7.79 -0.75 -17.23
CA ASP FA 57 -8.26 0.37 -18.05
C ASP FA 57 -7.14 1.32 -18.56
N LEU FA 58 -5.85 0.98 -18.29
CA LEU FA 58 -4.69 1.74 -18.73
C LEU FA 58 -4.16 1.16 -20.02
N TYR FA 59 -4.16 1.94 -21.12
CA TYR FA 59 -3.68 1.50 -22.43
C TYR FA 59 -2.41 2.26 -22.76
N ARG FA 60 -1.38 1.58 -23.33
CA ARG FA 60 -0.08 2.22 -23.57
C ARG FA 60 0.66 1.80 -24.86
N LEU FA 61 1.12 2.79 -25.63
CA LEU FA 61 1.93 2.59 -26.82
C LEU FA 61 3.34 3.01 -26.45
N THR FA 62 4.30 2.09 -26.57
CA THR FA 62 5.70 2.38 -26.24
C THR FA 62 6.48 2.54 -27.53
N ILE FA 63 7.19 3.67 -27.65
CA ILE FA 63 8.03 3.93 -28.81
C ILE FA 63 9.46 3.63 -28.36
N LEU FA 64 10.02 2.51 -28.84
CA LEU FA 64 11.38 2.07 -28.49
C LEU FA 64 12.41 2.99 -29.15
N ASP FA 65 13.57 3.19 -28.48
CA ASP FA 65 14.70 4.01 -28.95
C ASP FA 65 14.18 5.23 -29.71
N LEU FA 66 13.57 6.19 -28.96
CA LEU FA 66 12.99 7.41 -29.53
C LEU FA 66 13.96 8.14 -30.44
N ALA FA 67 13.47 8.54 -31.61
CA ALA FA 67 14.24 9.27 -32.63
C ALA FA 67 13.46 10.51 -33.04
N LEU FA 68 14.10 11.46 -33.73
CA LEU FA 68 13.38 12.65 -34.18
C LEU FA 68 12.26 12.30 -35.18
N GLY FA 69 12.47 11.22 -35.94
CA GLY FA 69 11.50 10.69 -36.89
C GLY FA 69 10.19 10.22 -36.30
N ASP FA 70 10.12 10.05 -34.95
CA ASP FA 70 8.93 9.63 -34.23
C ASP FA 70 7.95 10.79 -33.95
N SER FA 71 8.37 12.05 -34.24
CA SER FA 71 7.53 13.23 -34.05
C SER FA 71 6.32 13.17 -34.99
N GLY FA 72 5.16 13.57 -34.49
CA GLY FA 72 3.92 13.59 -35.26
C GLY FA 72 2.68 13.53 -34.41
N GLN FA 73 1.49 13.62 -35.07
CA GLN FA 73 0.20 13.57 -34.39
C GLN FA 73 -0.27 12.12 -34.28
N TYR FA 74 -0.30 11.60 -33.05
CA TYR FA 74 -0.70 10.23 -32.77
C TYR FA 74 -2.16 10.22 -32.35
N VAL FA 75 -2.98 9.39 -33.02
CA VAL FA 75 -4.40 9.29 -32.74
C VAL FA 75 -4.72 7.94 -32.12
N CYS FA 76 -5.37 7.94 -30.95
CA CYS FA 76 -5.79 6.74 -30.23
C CYS FA 76 -7.27 6.51 -30.52
N ARG FA 77 -7.62 5.27 -30.91
CA ARG FA 77 -9.00 4.88 -31.23
C ARG FA 77 -9.48 3.75 -30.33
N ALA FA 78 -10.44 4.08 -29.44
CA ALA FA 78 -11.06 3.12 -28.54
C ALA FA 78 -12.37 2.73 -29.17
N ARG FA 79 -12.48 1.44 -29.51
CA ARG FA 79 -13.65 0.89 -30.18
C ARG FA 79 -14.20 -0.33 -29.43
N ASN FA 80 -15.52 -0.49 -29.45
CA ASN FA 80 -16.21 -1.65 -28.90
C ASN FA 80 -17.48 -1.89 -29.74
N ALA FA 81 -18.40 -2.75 -29.28
CA ALA FA 81 -19.62 -3.03 -30.03
C ALA FA 81 -20.64 -1.86 -30.06
N ILE FA 82 -20.60 -0.98 -29.04
CA ILE FA 82 -21.50 0.17 -28.87
C ILE FA 82 -21.10 1.46 -29.62
N GLY FA 83 -19.82 1.81 -29.60
CA GLY FA 83 -19.35 3.00 -30.27
C GLY FA 83 -17.85 3.12 -30.33
N GLU FA 84 -17.37 4.30 -30.77
CA GLU FA 84 -15.95 4.64 -30.89
C GLU FA 84 -15.67 5.96 -30.16
N ALA FA 85 -14.43 6.08 -29.66
CA ALA FA 85 -13.91 7.25 -28.97
C ALA FA 85 -12.54 7.53 -29.53
N PHE FA 86 -12.31 8.77 -29.95
CA PHE FA 86 -11.05 9.21 -30.52
C PHE FA 86 -10.50 10.34 -29.71
N ALA FA 87 -9.17 10.37 -29.57
CA ALA FA 87 -8.40 11.40 -28.87
C ALA FA 87 -7.00 11.35 -29.42
N ALA FA 88 -6.38 12.52 -29.55
CA ALA FA 88 -5.05 12.59 -30.13
C ALA FA 88 -4.04 13.28 -29.25
N VAL FA 89 -2.73 13.06 -29.56
CA VAL FA 89 -1.61 13.68 -28.87
C VAL FA 89 -0.45 13.93 -29.84
N GLY FA 90 0.10 15.12 -29.76
CA GLY FA 90 1.23 15.52 -30.58
C GLY FA 90 2.53 15.25 -29.87
N LEU FA 91 3.38 14.44 -30.50
CA LEU FA 91 4.70 14.14 -29.96
C LEU FA 91 5.74 14.96 -30.71
N GLN FA 92 6.56 15.74 -29.98
CA GLN FA 92 7.59 16.54 -30.60
C GLN FA 92 8.94 16.30 -29.91
N VAL FA 93 9.79 15.51 -30.56
CA VAL FA 93 11.11 15.13 -30.07
C VAL FA 93 12.21 15.97 -30.73
N GLY GA 1 29.62 56.87 47.38
CA GLY GA 1 28.73 56.23 46.43
C GLY GA 1 29.37 55.14 45.58
N ILE GA 2 28.59 54.10 45.23
CA ILE GA 2 29.06 52.95 44.43
C ILE GA 2 28.10 52.68 43.24
N PRO GA 3 28.60 52.64 41.97
CA PRO GA 3 27.72 52.32 40.84
C PRO GA 3 27.35 50.83 40.85
N PRO GA 4 26.19 50.40 40.27
CA PRO GA 4 25.85 48.98 40.32
C PRO GA 4 26.61 48.13 39.30
N LYS GA 5 26.79 46.85 39.65
CA LYS GA 5 27.45 45.87 38.79
C LYS GA 5 26.80 44.48 38.95
N ILE GA 6 26.43 43.85 37.82
CA ILE GA 6 25.89 42.50 37.81
C ILE GA 6 27.10 41.60 37.98
N GLU GA 7 27.10 40.80 39.05
CA GLU GA 7 28.21 39.90 39.40
C GLU GA 7 28.42 38.80 38.37
N ALA GA 8 27.45 37.87 38.24
CA ALA GA 8 27.55 36.78 37.29
C ALA GA 8 26.18 36.18 37.03
N LEU GA 9 25.74 36.31 35.79
CA LEU GA 9 24.46 35.81 35.29
C LEU GA 9 24.74 34.90 34.09
N PRO GA 10 24.17 33.68 34.06
CA PRO GA 10 24.43 32.77 32.92
C PRO GA 10 24.04 33.35 31.55
N SER GA 11 24.77 32.96 30.51
CA SER GA 11 24.56 33.41 29.12
C SER GA 11 23.30 32.74 28.56
N ASP GA 12 23.26 31.39 28.60
CA ASP GA 12 22.16 30.56 28.13
C ASP GA 12 21.83 29.52 29.19
N ILE GA 13 20.53 29.26 29.36
CA ILE GA 13 20.01 28.26 30.27
C ILE GA 13 18.85 27.56 29.58
N SER GA 14 18.70 26.26 29.82
CA SER GA 14 17.62 25.47 29.22
C SER GA 14 16.87 24.71 30.30
N ILE GA 15 15.56 24.56 30.13
CA ILE GA 15 14.67 23.83 31.05
C ILE GA 15 13.52 23.16 30.28
N ASP GA 16 12.99 22.06 30.79
CA ASP GA 16 11.86 21.35 30.17
C ASP GA 16 10.53 21.96 30.61
N GLU GA 17 9.49 21.83 29.76
CA GLU GA 17 8.13 22.35 30.02
C GLU GA 17 7.59 21.77 31.35
N GLY GA 18 6.89 22.61 32.12
CA GLY GA 18 6.22 22.19 33.34
C GLY GA 18 7.06 22.16 34.60
N LYS GA 19 8.36 22.41 34.48
CA LYS GA 19 9.26 22.44 35.64
C LYS GA 19 9.40 23.90 36.17
N VAL GA 20 10.00 24.09 37.34
CA VAL GA 20 10.22 25.40 37.95
C VAL GA 20 11.63 25.87 37.59
N LEU GA 21 11.77 27.12 37.17
CA LEU GA 21 13.07 27.69 36.84
C LEU GA 21 13.50 28.75 37.87
N THR GA 22 14.77 28.66 38.30
CA THR GA 22 15.34 29.60 39.25
C THR GA 22 16.65 30.14 38.68
N VAL GA 23 16.75 31.48 38.61
CA VAL GA 23 17.98 32.15 38.17
C VAL GA 23 18.42 33.09 39.26
N ALA GA 24 19.47 32.74 39.99
CA ALA GA 24 19.95 33.60 41.07
C ALA GA 24 21.17 34.38 40.63
N CYS GA 25 21.11 35.71 40.82
CA CYS GA 25 22.19 36.59 40.44
C CYS GA 25 22.54 37.57 41.54
N ALA GA 26 23.84 37.71 41.85
CA ALA GA 26 24.31 38.66 42.86
C ALA GA 26 24.63 40.00 42.20
N PHE GA 27 24.64 41.09 43.00
CA PHE GA 27 24.93 42.43 42.51
C PHE GA 27 25.52 43.36 43.58
N THR GA 28 26.26 44.37 43.12
CA THR GA 28 26.87 45.39 43.97
C THR GA 28 26.18 46.74 43.72
N GLY GA 29 26.50 47.73 44.56
CA GLY GA 29 25.95 49.06 44.43
C GLY GA 29 25.39 49.63 45.72
N GLU GA 30 25.79 50.90 46.00
CA GLU GA 30 25.33 51.70 47.14
C GLU GA 30 24.99 53.11 46.61
N PRO GA 31 23.72 53.58 46.72
CA PRO GA 31 22.55 52.94 47.35
C PRO GA 31 22.12 51.71 46.59
N THR GA 32 21.40 50.78 47.27
CA THR GA 32 20.91 49.54 46.67
C THR GA 32 20.18 49.83 45.34
N PRO GA 33 20.63 49.25 44.21
CA PRO GA 33 20.01 49.59 42.91
C PRO GA 33 18.61 49.03 42.64
N GLU GA 34 17.87 49.64 41.70
CA GLU GA 34 16.54 49.17 41.33
C GLU GA 34 16.73 47.97 40.38
N VAL GA 35 16.24 46.79 40.81
CA VAL GA 35 16.34 45.56 40.03
C VAL GA 35 15.16 45.51 39.05
N THR GA 36 15.46 45.38 37.74
CA THR GA 36 14.43 45.32 36.69
C THR GA 36 14.67 44.17 35.69
N TRP GA 37 13.84 43.13 35.78
CA TRP GA 37 13.91 41.98 34.88
C TRP GA 37 12.97 42.27 33.73
N SER GA 38 13.43 42.07 32.49
CA SER GA 38 12.62 42.35 31.30
C SER GA 38 12.85 41.37 30.16
N CYS GA 39 11.82 41.14 29.36
CA CYS GA 39 11.90 40.23 28.22
C CYS GA 39 11.17 40.84 27.05
N GLY GA 40 11.89 41.01 25.93
CA GLY GA 40 11.37 41.60 24.71
C GLY GA 40 10.88 43.03 24.87
N GLY GA 41 11.57 43.78 25.74
CA GLY GA 41 11.28 45.18 26.06
C GLY GA 41 10.21 45.37 27.11
N ARG GA 42 9.57 44.28 27.57
CA ARG GA 42 8.48 44.30 28.56
C ARG GA 42 8.97 43.87 29.94
N LYS GA 43 8.75 44.72 30.97
CA LYS GA 43 9.16 44.46 32.35
C LYS GA 43 8.39 43.28 32.96
N ILE GA 44 9.11 42.35 33.61
CA ILE GA 44 8.53 41.20 34.30
C ILE GA 44 8.06 41.69 35.67
N HIS GA 45 6.77 41.49 35.97
CA HIS GA 45 6.18 41.94 37.22
C HIS GA 45 6.01 40.75 38.15
N SER GA 46 6.61 40.81 39.34
CA SER GA 46 6.48 39.74 40.32
C SER GA 46 5.00 39.63 40.68
N GLN GA 47 4.31 38.64 40.07
CA GLN GA 47 2.89 38.42 40.30
C GLN GA 47 2.75 37.36 41.39
N GLU GA 48 2.01 37.66 42.49
CA GLU GA 48 1.81 36.72 43.59
C GLU GA 48 0.94 35.53 43.19
N GLN GA 49 -0.13 35.79 42.41
CA GLN GA 49 -1.02 34.74 41.94
C GLN GA 49 -0.61 34.13 40.57
N GLY GA 50 0.34 34.79 39.90
CA GLY GA 50 0.88 34.37 38.61
C GLY GA 50 1.96 33.30 38.69
N ARG GA 51 2.65 33.06 37.56
CA ARG GA 51 3.71 32.06 37.46
C ARG GA 51 5.08 32.66 37.70
N PHE GA 52 5.26 33.96 37.35
CA PHE GA 52 6.51 34.72 37.46
C PHE GA 52 6.64 35.39 38.82
N HIS GA 53 7.77 35.16 39.49
CA HIS GA 53 8.08 35.72 40.81
C HIS GA 53 9.52 36.23 40.82
N ILE GA 54 9.76 37.43 41.37
CA ILE GA 54 11.09 37.99 41.49
C ILE GA 54 11.38 38.25 42.97
N GLU GA 55 12.36 37.53 43.55
CA GLU GA 55 12.77 37.66 44.95
C GLU GA 55 14.05 38.50 45.01
N ASN GA 56 13.94 39.73 45.55
CA ASN GA 56 15.09 40.64 45.62
C ASN GA 56 15.56 40.96 47.04
N THR GA 57 16.88 40.92 47.26
CA THR GA 57 17.54 41.28 48.53
C THR GA 57 18.38 42.53 48.29
N ASP GA 58 19.26 42.90 49.24
CA ASP GA 58 20.13 44.07 49.09
C ASP GA 58 21.34 43.76 48.18
N ASP GA 59 21.63 42.45 47.97
CA ASP GA 59 22.77 42.00 47.17
C ASP GA 59 22.46 40.84 46.22
N LEU GA 60 21.18 40.42 46.09
CA LEU GA 60 20.83 39.29 45.23
C LEU GA 60 19.42 39.33 44.65
N THR GA 61 19.30 38.99 43.36
CA THR GA 61 18.03 38.90 42.63
C THR GA 61 17.77 37.47 42.17
N THR GA 62 16.52 37.00 42.33
CA THR GA 62 16.15 35.65 41.91
C THR GA 62 14.90 35.64 41.05
N LEU GA 63 15.05 35.18 39.81
CA LEU GA 63 13.93 35.06 38.87
C LEU GA 63 13.33 33.68 39.04
N ILE GA 64 11.99 33.61 39.20
CA ILE GA 64 11.26 32.35 39.37
C ILE GA 64 10.21 32.25 38.29
N ILE GA 65 10.25 31.18 37.50
CA ILE GA 65 9.23 30.92 36.49
C ILE GA 65 8.70 29.52 36.81
N MET GA 66 7.49 29.47 37.37
CA MET GA 66 6.87 28.21 37.77
C MET GA 66 6.13 27.62 36.59
N ASP GA 67 5.95 26.26 36.55
CA ASP GA 67 5.26 25.54 35.47
C ASP GA 67 5.62 26.19 34.13
N VAL GA 68 6.92 26.17 33.84
CA VAL GA 68 7.55 26.72 32.65
C VAL GA 68 6.79 26.27 31.39
N GLN GA 69 6.34 27.24 30.60
CA GLN GA 69 5.60 27.04 29.35
C GLN GA 69 6.51 27.43 28.20
N LYS GA 70 6.38 26.77 27.03
CA LYS GA 70 7.27 27.01 25.87
C LYS GA 70 7.48 28.48 25.47
N GLN GA 71 6.41 29.29 25.51
CA GLN GA 71 6.44 30.70 25.16
C GLN GA 71 7.18 31.59 26.18
N ASP GA 72 7.47 31.07 27.41
CA ASP GA 72 8.25 31.75 28.44
C ASP GA 72 9.64 32.06 27.95
N GLY GA 73 10.21 31.14 27.17
CA GLY GA 73 11.53 31.24 26.56
C GLY GA 73 11.75 32.53 25.78
N GLY GA 74 13.00 32.96 25.77
CA GLY GA 74 13.44 34.19 25.14
C GLY GA 74 14.65 34.81 25.81
N LEU GA 75 14.99 36.05 25.42
CA LEU GA 75 16.13 36.77 25.95
C LEU GA 75 15.74 37.71 27.07
N TYR GA 76 16.01 37.27 28.31
CA TYR GA 76 15.72 38.00 29.54
C TYR GA 76 16.88 38.93 29.90
N THR GA 77 16.56 40.18 30.23
CA THR GA 77 17.55 41.20 30.58
C THR GA 77 17.40 41.67 32.03
N LEU GA 78 18.42 41.40 32.85
CA LEU GA 78 18.46 41.89 34.23
C LEU GA 78 19.14 43.25 34.17
N SER GA 79 18.47 44.28 34.71
CA SER GA 79 19.02 45.63 34.69
C SER GA 79 18.93 46.35 36.03
N LEU GA 80 20.11 46.74 36.55
CA LEU GA 80 20.26 47.48 37.80
C LEU GA 80 20.49 48.95 37.49
N GLY GA 81 20.10 49.82 38.41
CA GLY GA 81 20.28 51.25 38.26
C GLY GA 81 20.17 51.97 39.58
N ASN GA 82 21.10 52.91 39.82
CA ASN GA 82 21.09 53.74 41.01
C ASN GA 82 21.44 55.21 40.64
N GLU GA 83 21.71 56.04 41.65
CA GLU GA 83 22.08 57.44 41.48
C GLU GA 83 23.43 57.61 40.72
N PHE GA 84 24.34 56.61 40.84
CA PHE GA 84 25.70 56.62 40.31
C PHE GA 84 25.98 55.83 39.03
N GLY GA 85 24.96 55.24 38.42
CA GLY GA 85 25.13 54.49 37.18
C GLY GA 85 24.15 53.37 36.96
N SER GA 86 24.45 52.48 36.02
CA SER GA 86 23.60 51.33 35.67
C SER GA 86 24.38 50.20 35.01
N ASP GA 87 23.85 48.96 35.10
CA ASP GA 87 24.42 47.77 34.48
C ASP GA 87 23.30 46.85 33.99
N SER GA 88 23.54 46.16 32.87
CA SER GA 88 22.58 45.23 32.29
C SER GA 88 23.30 43.97 31.83
N ALA GA 89 22.57 42.84 31.82
CA ALA GA 89 23.08 41.54 31.41
C ALA GA 89 21.94 40.69 30.86
N THR GA 90 22.24 39.77 29.94
CA THR GA 90 21.19 38.93 29.34
C THR GA 90 21.37 37.44 29.54
N VAL GA 91 20.24 36.76 29.78
CA VAL GA 91 20.13 35.31 29.94
C VAL GA 91 19.14 34.78 28.90
N ASN GA 92 19.63 33.93 28.00
CA ASN GA 92 18.79 33.35 26.97
C ASN GA 92 18.18 32.07 27.52
N ILE GA 93 16.89 32.14 27.88
CA ILE GA 93 16.16 30.99 28.43
C ILE GA 93 15.55 30.19 27.29
N HIS GA 94 15.87 28.89 27.23
CA HIS GA 94 15.40 27.97 26.21
C HIS GA 94 14.46 26.95 26.84
N ILE GA 95 13.35 26.63 26.16
CA ILE GA 95 12.39 25.65 26.65
C ILE GA 95 12.39 24.41 25.73
N ARG GA 96 12.40 23.22 26.32
CA ARG GA 96 12.40 21.95 25.59
C ARG GA 96 11.19 21.06 25.94
N SER GA 97 10.84 20.09 25.05
CA SER GA 97 9.72 19.14 25.22
C SER GA 97 9.78 18.29 26.51
N SER HA 1 8.81 16.33 45.69
CA SER HA 1 8.66 17.08 46.93
C SER HA 1 9.16 18.56 46.91
N SER HA 2 10.41 18.84 46.41
CA SER HA 2 10.98 20.20 46.36
C SER HA 2 11.82 20.48 45.13
N ALA HA 3 11.70 21.70 44.56
CA ALA HA 3 12.52 22.13 43.42
C ALA HA 3 13.90 22.54 43.95
N PRO HA 4 15.00 22.42 43.16
CA PRO HA 4 16.32 22.82 43.69
C PRO HA 4 16.44 24.33 43.94
N ARG HA 5 17.16 24.68 45.01
CA ARG HA 5 17.42 26.07 45.38
C ARG HA 5 18.74 26.18 46.11
N PHE HA 6 19.46 27.28 45.84
CA PHE HA 6 20.77 27.55 46.43
C PHE HA 6 20.58 28.24 47.79
N LEU HA 7 21.25 27.73 48.83
CA LEU HA 7 21.25 28.27 50.20
C LEU HA 7 22.42 29.25 50.32
N THR HA 8 23.56 28.81 49.75
CA THR HA 8 24.84 29.48 49.59
C THR HA 8 25.03 29.51 48.07
N ARG HA 9 25.21 30.71 47.48
CA ARG HA 9 25.49 30.87 46.03
C ARG HA 9 26.94 30.37 45.76
N PRO HA 10 27.31 29.91 44.54
CA PRO HA 10 28.69 29.41 44.35
C PRO HA 10 29.73 30.44 44.74
N LYS HA 11 30.66 30.03 45.61
CA LYS HA 11 31.74 30.87 46.14
C LYS HA 11 33.09 30.24 45.85
N ALA HA 12 34.01 31.02 45.31
CA ALA HA 12 35.33 30.49 44.95
C ALA HA 12 36.38 30.70 46.04
N PHE HA 13 37.20 29.67 46.30
CA PHE HA 13 38.28 29.76 47.27
C PHE HA 13 39.58 29.50 46.57
N VAL HA 14 40.42 30.51 46.53
CA VAL HA 14 41.71 30.48 45.83
C VAL HA 14 42.83 30.69 46.83
N VAL HA 15 43.89 29.89 46.74
CA VAL HA 15 45.05 30.08 47.62
C VAL HA 15 46.07 30.88 46.83
N SER HA 16 46.46 30.33 45.66
CA SER HA 16 47.40 30.89 44.70
C SER HA 16 47.33 30.06 43.44
N VAL HA 17 48.09 30.49 42.43
CA VAL HA 17 48.25 29.81 41.14
C VAL HA 17 49.14 28.60 41.46
N GLY HA 18 48.86 27.46 40.87
CA GLY HA 18 49.62 26.25 41.10
C GLY HA 18 49.12 25.41 42.26
N LYS HA 19 48.24 26.01 43.10
CA LYS HA 19 47.57 25.35 44.23
C LYS HA 19 46.11 25.13 43.84
N ASP HA 20 45.45 24.11 44.41
CA ASP HA 20 44.04 23.82 44.13
C ASP HA 20 43.11 24.99 44.47
N ALA HA 21 41.96 25.07 43.79
CA ALA HA 21 40.95 26.12 43.98
C ALA HA 21 39.57 25.46 43.99
N THR HA 22 38.65 25.98 44.80
CA THR HA 22 37.34 25.36 44.91
C THR HA 22 36.16 26.30 44.78
N LEU HA 23 35.23 25.87 43.95
CA LEU HA 23 33.95 26.52 43.72
C LEU HA 23 32.96 25.64 44.46
N SER HA 24 32.37 26.18 45.52
CA SER HA 24 31.47 25.42 46.40
C SER HA 24 30.19 26.16 46.69
N CYS HA 25 29.13 25.40 46.99
CA CYS HA 25 27.78 25.93 47.32
C CYS HA 25 26.89 24.92 48.06
N GLN HA 26 25.85 25.44 48.73
CA GLN HA 26 24.88 24.64 49.45
C GLN HA 26 23.61 24.55 48.62
N ILE HA 27 23.26 23.34 48.20
CA ILE HA 27 22.08 23.16 47.38
C ILE HA 27 21.12 22.18 48.04
N VAL HA 28 19.85 22.58 48.12
CA VAL HA 28 18.81 21.71 48.65
C VAL HA 28 17.80 21.37 47.57
N GLY HA 29 17.10 20.25 47.77
CA GLY HA 29 16.08 19.78 46.84
C GLY HA 29 15.66 18.36 47.13
N ASN HA 30 14.40 18.03 46.83
CA ASN HA 30 13.87 16.70 47.03
C ASN HA 30 13.11 16.27 45.78
N PRO HA 31 13.60 15.27 44.98
CA PRO HA 31 14.78 14.45 45.22
C PRO HA 31 16.04 15.29 45.20
N THR HA 32 17.13 14.75 45.75
CA THR HA 32 18.37 15.50 45.85
C THR HA 32 18.92 15.89 44.48
N PRO HA 33 19.29 17.17 44.29
CA PRO HA 33 19.69 17.63 42.96
C PRO HA 33 20.97 17.07 42.38
N GLN HA 34 20.98 16.99 41.04
CA GLN HA 34 22.14 16.61 40.23
C GLN HA 34 22.82 17.93 39.87
N VAL HA 35 24.10 18.03 40.19
CA VAL HA 35 24.83 19.25 39.91
C VAL HA 35 25.83 19.13 38.77
N SER HA 36 25.71 20.05 37.82
CA SER HA 36 26.55 20.15 36.63
C SER HA 36 27.19 21.53 36.62
N TRP HA 37 28.43 21.61 36.11
CA TRP HA 37 29.17 22.87 36.04
C TRP HA 37 29.61 23.18 34.62
N GLU HA 38 29.57 24.46 34.23
CA GLU HA 38 30.04 24.89 32.92
C GLU HA 38 30.84 26.20 32.97
N LYS HA 39 32.06 26.18 32.42
CA LYS HA 39 32.94 27.34 32.34
C LYS HA 39 32.77 27.96 30.96
N ASP HA 40 32.20 29.19 30.93
CA ASP HA 40 31.95 29.99 29.72
C ASP HA 40 31.11 29.21 28.69
N GLN HA 41 29.95 28.68 29.15
CA GLN HA 41 29.01 27.87 28.35
C GLN HA 41 29.55 26.52 27.81
N GLN HA 42 30.78 26.15 28.20
CA GLN HA 42 31.42 24.89 27.83
C GLN HA 42 31.40 23.99 29.08
N PRO HA 43 30.77 22.80 29.01
CA PRO HA 43 30.68 21.96 30.21
C PRO HA 43 32.02 21.48 30.74
N VAL HA 44 32.10 21.33 32.05
CA VAL HA 44 33.29 20.88 32.76
C VAL HA 44 33.42 19.37 32.64
N ALA HA 45 34.57 18.92 32.09
CA ALA HA 45 34.91 17.52 31.96
C ALA HA 45 35.81 17.18 33.16
N ALA HA 46 35.32 16.27 34.03
CA ALA HA 46 36.05 15.83 35.21
C ALA HA 46 37.27 14.99 34.81
N GLY HA 47 38.38 15.19 35.52
CA GLY HA 47 39.62 14.47 35.26
C GLY HA 47 40.84 15.16 35.79
N ALA HA 48 41.72 15.57 34.88
CA ALA HA 48 42.98 16.22 35.18
C ALA HA 48 42.81 17.65 35.74
N ARG HA 49 42.04 18.49 35.02
CA ARG HA 49 41.81 19.87 35.43
C ARG HA 49 40.82 19.97 36.59
N PHE HA 50 39.67 19.30 36.48
CA PHE HA 50 38.60 19.40 37.45
C PHE HA 50 38.20 18.12 38.14
N ARG HA 51 37.65 18.26 39.34
CA ARG HA 51 37.13 17.17 40.18
C ARG HA 51 35.87 17.60 40.90
N LEU HA 52 34.83 16.78 40.77
CA LEU HA 52 33.51 17.06 41.36
C LEU HA 52 33.30 16.17 42.58
N ALA HA 53 32.67 16.75 43.64
CA ALA HA 53 32.39 16.04 44.90
C ALA HA 53 31.26 16.70 45.67
N GLN HA 54 30.56 15.93 46.53
CA GLN HA 54 29.49 16.48 47.34
C GLN HA 54 29.27 15.75 48.66
N ASP HA 55 29.33 16.51 49.78
CA ASP HA 55 29.10 16.01 51.14
C ASP HA 55 27.74 16.58 51.53
N GLY HA 56 26.72 15.73 51.48
CA GLY HA 56 25.35 16.13 51.79
C GLY HA 56 24.91 17.24 50.87
N ASP HA 57 24.32 18.33 51.40
CA ASP HA 57 23.88 19.43 50.55
C ASP HA 57 24.99 20.38 50.11
N LEU HA 58 26.27 20.04 50.41
CA LEU HA 58 27.44 20.81 50.00
C LEU HA 58 27.97 20.21 48.71
N TYR HA 59 27.97 20.99 47.61
CA TYR HA 59 28.47 20.54 46.29
C TYR HA 59 29.75 21.32 46.01
N ARG HA 60 30.79 20.66 45.50
CA ARG HA 60 32.08 21.30 45.26
C ARG HA 60 32.83 20.88 44.00
N LEU HA 61 33.25 21.88 43.20
CA LEU HA 61 34.08 21.69 42.01
C LEU HA 61 35.49 22.13 42.38
N THR HA 62 36.47 21.22 42.28
CA THR HA 62 37.86 21.52 42.59
C THR HA 62 38.63 21.69 41.30
N ILE HA 63 39.32 22.82 41.17
CA ILE HA 63 40.17 23.10 40.01
C ILE HA 63 41.60 22.81 40.46
N LEU HA 64 42.18 21.69 40.00
CA LEU HA 64 43.55 21.28 40.35
C LEU HA 64 44.55 22.21 39.68
N ASP HA 65 45.73 22.41 40.34
CA ASP HA 65 46.85 23.24 39.87
C ASP HA 65 46.32 24.46 39.09
N LEU HA 66 45.71 25.42 39.85
CA LEU HA 66 45.10 26.63 39.29
C LEU HA 66 46.05 27.35 38.38
N ALA HA 67 45.56 27.74 37.20
CA ALA HA 67 46.32 28.47 36.19
C ALA HA 67 45.54 29.70 35.77
N LEU HA 68 46.18 30.66 35.08
CA LEU HA 68 45.46 31.84 34.62
C LEU HA 68 44.34 31.45 33.63
N GLY HA 69 44.57 30.37 32.88
CA GLY HA 69 43.61 29.83 31.92
C GLY HA 69 42.29 29.35 32.50
N ASP HA 70 42.22 29.21 33.84
CA ASP HA 70 41.02 28.78 34.55
C ASP HA 70 40.03 29.93 34.82
N SER HA 71 40.43 31.18 34.52
CA SER HA 71 39.58 32.37 34.70
C SER HA 71 38.39 32.28 33.75
N GLY HA 72 37.22 32.67 34.24
CA GLY HA 72 35.97 32.65 33.47
C GLY HA 72 34.72 32.57 34.32
N GLN HA 73 33.54 32.65 33.66
CA GLN HA 73 32.24 32.59 34.34
C GLN HA 73 31.80 31.15 34.46
N TYR HA 74 31.79 30.64 35.69
CA TYR HA 74 31.39 29.27 35.97
C TYR HA 74 29.93 29.24 36.40
N VAL HA 75 29.13 28.40 35.74
CA VAL HA 75 27.71 28.29 36.02
C VAL HA 75 27.42 26.96 36.65
N CYS HA 76 26.74 26.98 37.80
CA CYS HA 76 26.32 25.77 38.51
C CYS HA 76 24.84 25.52 38.20
N ARG HA 77 24.51 24.28 37.80
CA ARG HA 77 23.14 23.89 37.47
C ARG HA 77 22.64 22.75 38.34
N ALA HA 78 21.68 23.06 39.22
CA ALA HA 78 21.07 22.08 40.11
C ALA HA 78 19.75 21.69 39.46
N ARG HA 79 19.64 20.41 39.10
CA ARG HA 79 18.49 19.85 38.41
C ARG HA 79 17.94 18.62 39.14
N ASN HA 80 16.60 18.46 39.13
CA ASN HA 80 15.88 17.30 39.64
C ASN HA 80 14.59 17.11 38.82
N ALA HA 81 13.68 16.24 39.27
CA ALA HA 81 12.40 16.02 38.55
C ALA HA 81 11.42 17.22 38.61
N ILE HA 82 11.50 18.06 39.68
CA ILE HA 82 10.62 19.19 39.91
C ILE HA 82 11.05 20.47 39.18
N GLY HA 83 12.35 20.70 39.05
CA GLY HA 83 12.84 21.87 38.35
C GLY HA 83 14.33 22.03 38.34
N GLU HA 84 14.79 23.21 37.89
CA GLU HA 84 16.19 23.62 37.75
C GLU HA 84 16.47 24.93 38.48
N ALA HA 85 17.70 25.06 38.97
CA ALA HA 85 18.20 26.23 39.68
C ALA HA 85 19.57 26.52 39.14
N PHE HA 86 19.78 27.78 38.73
CA PHE HA 86 21.05 28.24 38.18
C PHE HA 86 21.60 29.36 39.01
N ALA HA 87 22.92 29.38 39.15
CA ALA HA 87 23.68 30.39 39.86
C ALA HA 87 25.09 30.38 39.30
N ALA HA 88 25.69 31.54 39.18
CA ALA HA 88 27.02 31.61 38.58
C ALA HA 88 28.03 32.31 39.47
N VAL HA 89 29.33 32.14 39.14
CA VAL HA 89 30.45 32.76 39.85
C VAL HA 89 31.59 33.03 38.87
N GLY HA 90 32.10 34.25 38.92
CA GLY HA 90 33.23 34.67 38.08
C GLY HA 90 34.54 34.46 38.78
N LEU HA 91 35.41 33.61 38.20
CA LEU HA 91 36.73 33.32 38.75
C LEU HA 91 37.76 34.14 37.99
N GLN HA 92 38.56 34.94 38.72
CA GLN HA 92 39.60 35.75 38.09
C GLN HA 92 40.94 35.52 38.80
N VAL HA 93 41.83 34.74 38.13
CA VAL HA 93 43.13 34.36 38.64
C VAL HA 93 44.24 35.19 37.99
N GLY IA 1 33.64 -52.17 22.99
CA GLY IA 1 33.74 -51.66 24.36
C GLY IA 1 34.56 -50.40 24.48
N ILE IA 2 34.19 -49.52 25.43
CA ILE IA 2 34.86 -48.23 25.68
C ILE IA 2 35.21 -48.07 27.18
N PRO IA 3 36.50 -47.79 27.54
CA PRO IA 3 36.84 -47.53 28.96
C PRO IA 3 36.33 -46.16 29.40
N PRO IA 4 36.05 -45.94 30.70
CA PRO IA 4 35.50 -44.64 31.11
C PRO IA 4 36.54 -43.52 31.20
N LYS IA 5 36.07 -42.28 31.02
CA LYS IA 5 36.90 -41.08 31.13
C LYS IA 5 36.11 -39.91 31.72
N ILE IA 6 36.66 -39.27 32.77
CA ILE IA 6 36.04 -38.10 33.38
C ILE IA 6 36.39 -36.94 32.44
N GLU IA 7 35.35 -36.30 31.87
CA GLU IA 7 35.50 -35.22 30.91
C GLU IA 7 36.20 -34.00 31.50
N ALA IA 8 35.56 -33.30 32.47
CA ALA IA 8 36.16 -32.12 33.09
C ALA IA 8 35.49 -31.84 34.41
N LEU IA 9 36.28 -31.96 35.49
CA LEU IA 9 35.87 -31.73 36.86
C LEU IA 9 36.78 -30.65 37.47
N PRO IA 10 36.21 -29.58 38.08
CA PRO IA 10 37.07 -28.54 38.67
C PRO IA 10 38.04 -29.05 39.72
N SER IA 11 39.21 -28.40 39.81
CA SER IA 11 40.29 -28.73 40.75
C SER IA 11 39.87 -28.31 42.16
N ASP IA 12 39.53 -27.01 42.35
CA ASP IA 12 39.08 -26.40 43.60
C ASP IA 12 37.81 -25.60 43.36
N ILE IA 13 36.88 -25.67 44.31
CA ILE IA 13 35.63 -24.93 44.32
C ILE IA 13 35.38 -24.45 45.74
N SER IA 14 34.81 -23.25 45.89
CA SER IA 14 34.52 -22.68 47.19
C SER IA 14 33.07 -22.25 47.28
N ILE IA 15 32.47 -22.40 48.47
CA ILE IA 15 31.08 -22.02 48.74
C ILE IA 15 30.91 -21.56 50.17
N ASP IA 16 29.93 -20.68 50.43
CA ASP IA 16 29.64 -20.18 51.78
C ASP IA 16 28.71 -21.16 52.51
N GLU IA 17 28.78 -21.18 53.86
CA GLU IA 17 27.94 -22.00 54.72
C GLU IA 17 26.45 -21.71 54.48
N GLY IA 18 25.63 -22.76 54.48
CA GLY IA 18 24.18 -22.66 54.33
C GLY IA 18 23.63 -22.59 52.93
N LYS IA 19 24.50 -22.49 51.92
CA LYS IA 19 24.07 -22.44 50.53
C LYS IA 19 24.07 -23.87 49.92
N VAL IA 20 23.50 -24.02 48.71
CA VAL IA 20 23.44 -25.31 48.01
C VAL IA 20 24.59 -25.38 47.02
N LEU IA 21 25.28 -26.52 46.98
CA LEU IA 21 26.40 -26.72 46.06
C LEU IA 21 26.06 -27.75 44.97
N THR IA 22 26.41 -27.43 43.72
CA THR IA 22 26.16 -28.28 42.57
C THR IA 22 27.46 -28.44 41.79
N VAL IA 23 27.85 -29.70 41.54
CA VAL IA 23 29.05 -29.99 40.75
C VAL IA 23 28.62 -30.93 39.66
N ALA IA 24 28.54 -30.43 38.43
CA ALA IA 24 28.14 -31.25 37.28
C ALA IA 24 29.36 -31.67 36.47
N CYS IA 25 29.49 -32.97 36.26
CA CYS IA 25 30.60 -33.51 35.51
C CYS IA 25 30.13 -34.52 34.46
N ALA IA 26 30.63 -34.37 33.23
CA ALA IA 26 30.27 -35.29 32.15
C ALA IA 26 31.27 -36.44 32.10
N PHE IA 27 30.88 -37.58 31.49
CA PHE IA 27 31.75 -38.75 31.36
C PHE IA 27 31.43 -39.62 30.16
N THR IA 28 32.43 -40.38 29.70
CA THR IA 28 32.33 -41.32 28.58
C THR IA 28 32.47 -42.74 29.12
N GLY IA 29 32.19 -43.72 28.27
CA GLY IA 29 32.29 -45.14 28.63
C GLY IA 29 31.08 -45.97 28.25
N GLU IA 30 31.34 -47.12 27.61
CA GLU IA 30 30.34 -48.11 27.21
C GLU IA 30 30.86 -49.51 27.60
N PRO IA 31 30.13 -50.27 28.45
CA PRO IA 31 28.83 -49.97 29.07
C PRO IA 31 28.96 -48.82 30.07
N THR IA 32 27.83 -48.14 30.35
CA THR IA 32 27.76 -46.99 31.25
C THR IA 32 28.47 -47.30 32.59
N PRO IA 33 29.51 -46.52 32.96
CA PRO IA 33 30.28 -46.85 34.18
C PRO IA 33 29.58 -46.59 35.51
N GLU IA 34 30.06 -47.26 36.58
CA GLU IA 34 29.50 -47.07 37.92
C GLU IA 34 30.10 -45.79 38.47
N VAL IA 35 29.23 -44.81 38.74
CA VAL IA 35 29.64 -43.52 39.29
C VAL IA 35 29.74 -43.64 40.82
N THR IA 36 30.93 -43.31 41.37
CA THR IA 36 31.18 -43.39 42.81
C THR IA 36 31.86 -42.13 43.34
N TRP IA 37 31.09 -41.32 44.08
CA TRP IA 37 31.58 -40.10 44.72
C TRP IA 37 32.04 -40.49 46.12
N SER IA 38 33.24 -40.06 46.51
CA SER IA 38 33.78 -40.38 47.82
C SER IA 38 34.60 -39.25 48.42
N CYS IA 39 34.64 -39.19 49.75
CA CYS IA 39 35.40 -38.18 50.47
C CYS IA 39 36.05 -38.81 51.67
N GLY IA 40 37.38 -38.73 51.71
CA GLY IA 40 38.20 -39.31 52.78
C GLY IA 40 38.09 -40.82 52.87
N GLY IA 41 37.92 -41.47 51.73
CA GLY IA 41 37.78 -42.92 51.62
C GLY IA 41 36.37 -43.44 51.84
N ARG IA 42 35.43 -42.55 52.23
CA ARG IA 42 34.04 -42.91 52.52
C ARG IA 42 33.13 -42.52 51.36
N LYS IA 43 32.38 -43.50 50.82
CA LYS IA 43 31.46 -43.32 49.69
C LYS IA 43 30.27 -42.43 50.08
N ILE IA 44 29.97 -41.43 49.23
CA ILE IA 44 28.83 -40.52 49.42
C ILE IA 44 27.59 -41.28 48.93
N HIS IA 45 26.58 -41.42 49.81
CA HIS IA 45 25.35 -42.12 49.46
C HIS IA 45 24.23 -41.12 49.25
N SER IA 46 23.54 -41.20 48.10
CA SER IA 46 22.44 -40.29 47.78
C SER IA 46 21.21 -40.54 48.67
N GLN IA 47 21.25 -39.96 49.88
CA GLN IA 47 20.17 -40.08 50.86
C GLN IA 47 19.09 -39.06 50.56
N GLU IA 48 17.86 -39.55 50.32
CA GLU IA 48 16.67 -38.76 49.99
C GLU IA 48 16.32 -37.74 51.08
N GLN IA 49 16.43 -38.15 52.37
CA GLN IA 49 16.12 -37.27 53.51
C GLN IA 49 17.34 -36.47 54.01
N GLY IA 50 18.53 -36.84 53.54
CA GLY IA 50 19.78 -36.19 53.90
C GLY IA 50 20.07 -34.90 53.16
N ARG IA 51 21.30 -34.40 53.31
CA ARG IA 51 21.78 -33.18 52.66
C ARG IA 51 22.46 -33.47 51.32
N PHE IA 52 23.12 -34.64 51.23
CA PHE IA 52 23.88 -35.08 50.06
C PHE IA 52 23.00 -35.85 49.07
N HIS IA 53 23.07 -35.46 47.79
CA HIS IA 53 22.32 -36.07 46.68
C HIS IA 53 23.21 -36.23 45.45
N ILE IA 54 23.08 -37.35 44.75
CA ILE IA 54 23.85 -37.63 43.53
C ILE IA 54 22.87 -37.97 42.41
N GLU IA 55 22.79 -37.09 41.39
CA GLU IA 55 21.95 -37.26 40.21
C GLU IA 55 22.81 -37.77 39.04
N ASN IA 56 22.60 -39.04 38.66
CA ASN IA 56 23.38 -39.66 37.59
C ASN IA 56 22.57 -40.01 36.33
N THR IA 57 23.12 -39.69 35.16
CA THR IA 57 22.54 -40.00 33.85
C THR IA 57 23.50 -40.99 33.16
N ASP IA 58 23.29 -41.25 31.85
CA ASP IA 58 24.16 -42.15 31.11
C ASP IA 58 25.50 -41.47 30.72
N ASP IA 59 25.54 -40.12 30.77
CA ASP IA 59 26.71 -39.32 30.39
C ASP IA 59 27.05 -38.18 31.34
N LEU IA 60 26.33 -38.06 32.49
CA LEU IA 60 26.58 -36.97 33.43
C LEU IA 60 26.27 -37.28 34.90
N THR IA 61 27.17 -36.85 35.80
CA THR IA 61 27.03 -36.98 37.25
C THR IA 61 26.93 -35.62 37.90
N THR IA 62 25.99 -35.48 38.86
CA THR IA 62 25.82 -34.20 39.57
C THR IA 62 25.81 -34.40 41.08
N LEU IA 63 26.80 -33.80 41.76
CA LEU IA 63 26.89 -33.84 43.22
C LEU IA 63 26.12 -32.65 43.78
N ILE IA 64 25.24 -32.93 44.76
CA ILE IA 64 24.42 -31.90 45.42
C ILE IA 64 24.68 -31.93 46.91
N ILE IA 65 25.11 -30.80 47.47
CA ILE IA 65 25.31 -30.68 48.93
C ILE IA 65 24.44 -29.51 49.35
N MET IA 66 23.33 -29.81 50.02
CA MET IA 66 22.40 -28.80 50.46
C MET IA 66 22.81 -28.27 51.82
N ASP IA 67 22.45 -27.00 52.17
CA ASP IA 67 22.78 -26.35 53.45
C ASP IA 67 24.21 -26.75 53.87
N VAL IA 68 25.19 -26.37 53.04
CA VAL IA 68 26.61 -26.66 53.23
C VAL IA 68 27.11 -26.24 54.61
N GLN IA 69 27.75 -27.18 55.32
CA GLN IA 69 28.32 -26.97 56.65
C GLN IA 69 29.84 -27.15 56.60
N LYS IA 70 30.58 -26.45 57.49
CA LYS IA 70 32.05 -26.47 57.54
C LYS IA 70 32.69 -27.87 57.40
N GLN IA 71 32.10 -28.89 58.05
CA GLN IA 71 32.56 -30.29 58.01
C GLN IA 71 32.59 -30.93 56.62
N ASP IA 72 31.73 -30.42 55.68
CA ASP IA 72 31.63 -30.90 54.30
C ASP IA 72 32.87 -30.57 53.47
N GLY IA 73 33.66 -29.59 53.93
CA GLY IA 73 34.90 -29.19 53.26
C GLY IA 73 35.87 -30.34 53.22
N GLY IA 74 36.45 -30.57 52.03
CA GLY IA 74 37.40 -31.64 51.83
C GLY IA 74 37.68 -32.02 50.39
N LEU IA 75 38.45 -33.09 50.20
CA LEU IA 75 38.83 -33.57 48.88
C LEU IA 75 37.92 -34.71 48.41
N TYR IA 76 36.99 -34.34 47.52
CA TYR IA 76 36.00 -35.25 46.94
C TYR IA 76 36.55 -35.93 45.71
N THR IA 77 36.37 -37.25 45.61
CA THR IA 77 36.88 -38.04 44.48
C THR IA 77 35.75 -38.69 43.68
N LEU IA 78 35.61 -38.28 42.41
CA LEU IA 78 34.65 -38.88 41.50
C LEU IA 78 35.38 -40.04 40.83
N SER IA 79 34.80 -41.25 40.91
CA SER IA 79 35.42 -42.43 40.30
C SER IA 79 34.47 -43.29 39.50
N LEU IA 80 34.78 -43.44 38.19
CA LEU IA 80 34.03 -44.24 37.23
C LEU IA 80 34.74 -45.55 37.04
N GLY IA 81 33.97 -46.59 36.71
CA GLY IA 81 34.51 -47.91 36.45
C GLY IA 81 33.55 -48.80 35.68
N ASN IA 82 34.07 -49.52 34.71
CA ASN IA 82 33.24 -50.47 33.96
C ASN IA 82 33.97 -51.80 33.80
N GLU IA 83 33.61 -52.57 32.77
CA GLU IA 83 34.23 -53.84 32.42
C GLU IA 83 35.62 -53.62 31.78
N PHE IA 84 35.82 -52.46 31.08
CA PHE IA 84 37.02 -52.13 30.31
C PHE IA 84 38.04 -51.17 30.94
N GLY IA 85 37.82 -50.74 32.19
CA GLY IA 85 38.75 -49.85 32.87
C GLY IA 85 38.13 -48.95 33.91
N SER IA 86 38.87 -47.88 34.29
CA SER IA 86 38.45 -46.93 35.31
C SER IA 86 39.17 -45.58 35.22
N ASP IA 87 38.54 -44.53 35.77
CA ASP IA 87 39.09 -43.17 35.86
C ASP IA 87 38.64 -42.51 37.16
N SER IA 88 39.52 -41.67 37.73
CA SER IA 88 39.24 -40.94 38.96
C SER IA 88 39.73 -39.51 38.83
N ALA IA 89 39.06 -38.58 39.53
CA ALA IA 89 39.37 -37.15 39.54
C ALA IA 89 38.99 -36.55 40.88
N THR IA 90 39.70 -35.50 41.31
CA THR IA 90 39.41 -34.88 42.61
C THR IA 90 39.02 -33.43 42.52
N VAL IA 91 38.06 -33.04 43.37
CA VAL IA 91 37.55 -31.67 43.54
C VAL IA 91 37.71 -31.28 45.00
N ASN IA 92 38.50 -30.24 45.24
CA ASN IA 92 38.73 -29.76 46.59
C ASN IA 92 37.66 -28.72 46.92
N ILE IA 93 36.67 -29.12 47.73
CA ILE IA 93 35.56 -28.25 48.14
C ILE IA 93 35.97 -27.49 49.40
N HIS IA 94 35.92 -26.15 49.33
CA HIS IA 94 36.28 -25.26 50.43
C HIS IA 94 35.05 -24.57 50.96
N ILE IA 95 34.96 -24.43 52.29
CA ILE IA 95 33.82 -23.77 52.93
C ILE IA 95 34.29 -22.45 53.55
N ARG IA 96 33.50 -21.38 53.39
CA ARG IA 96 33.77 -20.05 53.94
C ARG IA 96 32.60 -19.52 54.83
N SER IA 97 32.89 -18.58 55.76
CA SER IA 97 31.91 -17.98 56.68
C SER IA 97 30.69 -17.34 55.97
N SER JA 1 14.24 -18.10 45.87
CA SER JA 1 13.34 -18.92 45.08
C SER JA 1 13.96 -20.21 44.46
N SER JA 2 15.13 -20.12 43.76
CA SER JA 2 15.80 -21.28 43.14
C SER JA 2 17.33 -21.18 43.13
N ALA JA 3 18.03 -22.30 43.42
CA ALA JA 3 19.49 -22.36 43.35
C ALA JA 3 19.92 -22.51 41.88
N PRO JA 4 21.13 -22.03 41.47
CA PRO JA 4 21.53 -22.16 40.06
C PRO JA 4 21.75 -23.60 39.61
N ARG JA 5 21.38 -23.89 38.36
CA ARG JA 5 21.56 -25.18 37.73
C ARG JA 5 21.77 -25.05 36.23
N PHE JA 6 22.66 -25.89 35.70
CA PHE JA 6 22.98 -25.91 34.28
C PHE JA 6 21.97 -26.76 33.53
N LEU JA 7 21.32 -26.15 32.53
CA LEU JA 7 20.36 -26.81 31.64
C LEU JA 7 21.15 -27.49 30.53
N THR JA 8 22.27 -26.85 30.15
CA THR JA 8 23.25 -27.26 29.17
C THR JA 8 24.60 -27.08 29.85
N ARG JA 9 25.45 -28.09 29.80
CA ARG JA 9 26.81 -28.00 30.35
C ARG JA 9 27.68 -27.11 29.41
N PRO JA 10 28.73 -26.40 29.89
CA PRO JA 10 29.53 -25.58 28.97
C PRO JA 10 30.05 -26.39 27.79
N LYS JA 11 29.78 -25.89 26.58
CA LYS JA 11 30.16 -26.52 25.33
C LYS JA 11 30.98 -25.53 24.52
N ALA JA 12 32.09 -25.99 23.95
CA ALA JA 12 32.95 -25.10 23.17
C ALA JA 12 32.67 -25.16 21.68
N PHE JA 13 32.67 -24.01 21.01
CA PHE JA 13 32.51 -23.93 19.56
C PHE JA 13 33.74 -23.28 18.97
N VAL JA 14 34.49 -24.04 18.20
CA VAL JA 14 35.75 -23.64 17.60
C VAL JA 14 35.62 -23.73 16.09
N VAL JA 15 36.07 -22.69 15.37
CA VAL JA 15 36.08 -22.74 13.90
C VAL JA 15 37.49 -23.19 13.48
N SER JA 16 38.50 -22.41 13.93
CA SER JA 16 39.92 -22.62 13.71
C SER JA 16 40.68 -21.69 14.65
N VAL JA 17 42.02 -21.81 14.58
CA VAL JA 17 42.96 -20.97 15.31
C VAL JA 17 42.92 -19.63 14.55
N GLY JA 18 42.96 -18.52 15.28
CA GLY JA 18 42.92 -17.19 14.68
C GLY JA 18 41.51 -16.65 14.49
N LYS JA 19 40.51 -17.52 14.63
CA LYS JA 19 39.10 -17.17 14.56
C LYS JA 19 38.55 -17.24 15.99
N ASP JA 20 37.50 -16.47 16.30
CA ASP JA 20 36.87 -16.48 17.63
C ASP JA 20 36.35 -17.88 18.01
N ALA JA 21 36.32 -18.14 19.33
CA ALA JA 21 35.83 -19.40 19.89
C ALA JA 21 34.90 -19.11 21.04
N THR JA 22 33.86 -19.93 21.24
CA THR JA 22 32.89 -19.67 22.29
C THR JA 22 32.60 -20.86 23.18
N LEU JA 23 32.70 -20.63 24.48
CA LEU JA 23 32.29 -21.58 25.51
C LEU JA 23 30.94 -21.00 25.98
N SER JA 24 29.86 -21.75 25.74
CA SER JA 24 28.49 -21.35 26.02
C SER JA 24 27.71 -22.41 26.77
N CYS JA 25 26.70 -21.97 27.54
CA CYS JA 25 25.85 -22.84 28.37
C CYS JA 25 24.53 -22.14 28.77
N GLN JA 26 23.54 -22.97 29.14
CA GLN JA 26 22.23 -22.50 29.56
C GLN JA 26 22.09 -22.66 31.09
N ILE JA 27 21.95 -21.54 31.81
CA ILE JA 27 21.86 -21.55 33.28
C ILE JA 27 20.59 -20.85 33.80
N VAL JA 28 19.86 -21.57 34.64
CA VAL JA 28 18.66 -21.05 35.29
C VAL JA 28 18.86 -20.87 36.80
N GLY JA 29 18.04 -20.02 37.41
CA GLY JA 29 18.07 -19.75 38.83
C GLY JA 29 17.22 -18.55 39.20
N ASN JA 30 16.78 -18.49 40.46
CA ASN JA 30 15.99 -17.36 40.94
C ASN JA 30 16.44 -16.94 42.34
N PRO JA 31 17.13 -15.78 42.52
CA PRO JA 31 17.52 -14.77 41.53
C PRO JA 31 18.39 -15.31 40.41
N THR JA 32 18.34 -14.65 39.24
CA THR JA 32 19.12 -15.08 38.08
C THR JA 32 20.62 -15.08 38.43
N PRO JA 33 21.32 -16.17 38.10
CA PRO JA 33 22.72 -16.29 38.52
C PRO JA 33 23.73 -15.38 37.85
N GLN JA 34 24.82 -15.11 38.61
CA GLN JA 34 25.99 -14.36 38.18
C GLN JA 34 27.01 -15.40 37.67
N VAL JA 35 27.49 -15.23 36.43
CA VAL JA 35 28.42 -16.20 35.88
C VAL JA 35 29.84 -15.71 35.76
N SER JA 36 30.75 -16.49 36.32
CA SER JA 36 32.19 -16.25 36.34
C SER JA 36 32.91 -17.43 35.70
N TRP JA 37 34.03 -17.15 35.01
CA TRP JA 37 34.82 -18.18 34.33
C TRP JA 37 36.27 -18.19 34.79
N GLU JA 38 36.87 -19.38 34.87
CA GLU JA 38 38.29 -19.52 35.21
C GLU JA 38 38.99 -20.57 34.39
N LYS JA 39 40.11 -20.20 33.75
CA LYS JA 39 40.95 -21.10 32.96
C LYS JA 39 42.11 -21.57 33.84
N ASP JA 40 42.12 -22.88 34.15
CA ASP JA 40 43.14 -23.56 34.95
C ASP JA 40 43.31 -22.89 36.31
N GLN JA 41 42.19 -22.72 37.04
CA GLN JA 41 42.10 -22.07 38.37
C GLN JA 41 42.52 -20.57 38.43
N GLN JA 42 42.79 -19.97 37.24
CA GLN JA 42 43.13 -18.55 37.08
C GLN JA 42 41.89 -17.86 36.50
N PRO JA 43 41.31 -16.86 37.20
CA PRO JA 43 40.09 -16.22 36.68
C PRO JA 43 40.27 -15.49 35.37
N VAL JA 44 39.21 -15.47 34.57
CA VAL JA 44 39.18 -14.83 33.27
C VAL JA 44 38.96 -13.32 33.41
N ALA JA 45 39.91 -12.53 32.90
CA ALA JA 45 39.84 -11.07 32.89
C ALA JA 45 39.35 -10.69 31.50
N ALA JA 46 38.15 -10.07 31.46
CA ALA JA 46 37.48 -9.62 30.23
C ALA JA 46 38.24 -8.47 29.62
N GLY JA 47 38.36 -8.48 28.29
CA GLY JA 47 39.05 -7.44 27.54
C GLY JA 47 39.50 -7.88 26.18
N ALA JA 48 40.82 -7.90 25.98
CA ALA JA 48 41.41 -8.25 24.69
C ALA JA 48 41.26 -9.73 24.33
N ARG JA 49 41.65 -10.63 25.26
CA ARG JA 49 41.57 -12.08 25.05
C ARG JA 49 40.13 -12.59 25.13
N PHE JA 50 39.41 -12.22 26.19
CA PHE JA 50 38.07 -12.72 26.44
C PHE JA 50 36.98 -11.69 26.51
N ARG JA 51 35.74 -12.10 26.19
CA ARG JA 51 34.54 -11.28 26.25
C ARG JA 51 33.36 -12.11 26.78
N LEU JA 52 32.68 -11.55 27.79
CA LEU JA 52 31.55 -12.19 28.43
C LEU JA 52 30.25 -11.53 28.00
N ALA JA 53 29.20 -12.34 27.76
CA ALA JA 53 27.87 -11.89 27.34
C ALA JA 53 26.79 -12.89 27.72
N GLN JA 54 25.54 -12.42 27.87
CA GLN JA 54 24.41 -13.31 28.18
C GLN JA 54 23.07 -12.85 27.62
N ASP JA 55 22.41 -13.72 26.81
CA ASP JA 55 21.09 -13.46 26.23
C ASP JA 55 20.14 -14.35 27.01
N GLY JA 56 19.38 -13.77 27.94
CA GLY JA 56 18.47 -14.54 28.76
C GLY JA 56 19.22 -15.58 29.56
N ASP JA 57 18.74 -16.83 29.56
CA ASP JA 57 19.40 -17.89 30.30
C ASP JA 57 20.67 -18.46 29.62
N LEU JA 58 21.07 -17.87 28.49
CA LEU JA 58 22.25 -18.27 27.72
C LEU JA 58 23.41 -17.41 28.15
N TYR JA 59 24.48 -18.04 28.69
CA TYR JA 59 25.69 -17.33 29.12
C TYR JA 59 26.83 -17.77 28.17
N ARG JA 60 27.64 -16.81 27.70
CA ARG JA 60 28.68 -17.09 26.73
C ARG JA 60 30.00 -16.34 26.92
N LEU JA 61 31.11 -17.10 26.94
CA LEU JA 61 32.45 -16.55 26.99
C LEU JA 61 33.03 -16.67 25.59
N THR JA 62 33.48 -15.57 25.02
CA THR JA 62 34.09 -15.57 23.70
C THR JA 62 35.59 -15.39 23.84
N ILE JA 63 36.37 -16.29 23.24
CA ILE JA 63 37.83 -16.19 23.24
C ILE JA 63 38.19 -15.64 21.86
N LEU JA 64 38.62 -14.36 21.81
CA LEU JA 64 38.99 -13.68 20.56
C LEU JA 64 40.30 -14.26 20.04
N ASP JA 65 40.47 -14.29 18.69
CA ASP JA 65 41.67 -14.77 17.98
C ASP JA 65 42.29 -15.98 18.72
N LEU JA 66 41.59 -17.13 18.66
CA LEU JA 66 41.98 -18.37 19.31
C LEU JA 66 43.43 -18.74 18.97
N ALA JA 67 44.20 -19.08 20.01
CA ALA JA 67 45.60 -19.47 19.92
C ALA JA 67 45.77 -20.78 20.65
N LEU JA 68 46.89 -21.49 20.42
CA LEU JA 68 47.13 -22.74 21.12
C LEU JA 68 47.22 -22.53 22.65
N GLY JA 69 47.67 -21.35 23.05
CA GLY JA 69 47.78 -20.93 24.45
C GLY JA 69 46.47 -20.84 25.20
N ASP JA 70 45.34 -20.87 24.49
CA ASP JA 70 43.99 -20.82 25.07
C ASP JA 70 43.49 -22.20 25.53
N SER JA 71 44.25 -23.28 25.25
CA SER JA 71 43.93 -24.64 25.68
C SER JA 71 44.01 -24.73 27.21
N GLY JA 72 43.07 -25.45 27.80
CA GLY JA 72 42.99 -25.62 29.24
C GLY JA 72 41.60 -25.95 29.77
N GLN JA 73 41.50 -26.23 31.07
CA GLN JA 73 40.23 -26.57 31.70
C GLN JA 73 39.55 -25.30 32.15
N TYR JA 74 38.43 -24.96 31.50
CA TYR JA 74 37.65 -23.77 31.82
C TYR JA 74 36.51 -24.17 32.73
N VAL JA 75 36.40 -23.48 33.87
CA VAL JA 75 35.35 -23.76 34.86
C VAL JA 75 34.37 -22.61 34.89
N CYS JA 76 33.08 -22.93 34.71
CA CYS JA 76 31.99 -21.96 34.77
C CYS JA 76 31.33 -22.03 36.14
N ARG JA 77 31.13 -20.86 36.79
CA ARG JA 77 30.53 -20.78 38.11
C ARG JA 77 29.31 -19.91 38.11
N ALA JA 78 28.14 -20.53 38.31
CA ALA JA 78 26.87 -19.85 38.41
C ALA JA 78 26.56 -19.70 39.88
N ARG JA 79 26.49 -18.44 40.33
CA ARG JA 79 26.29 -18.11 41.74
C ARG JA 79 25.10 -17.18 41.93
N ASN JA 80 24.38 -17.39 43.03
CA ASN JA 80 23.28 -16.54 43.47
C ASN JA 80 23.11 -16.55 44.99
N ALA JA 81 22.08 -15.84 45.51
CA ALA JA 81 21.80 -15.78 46.95
C ALA JA 81 21.53 -17.15 47.60
N ILE JA 82 20.96 -18.10 46.82
CA ILE JA 82 20.61 -19.45 47.25
C ILE JA 82 21.76 -20.46 47.15
N GLY JA 83 22.54 -20.40 46.08
CA GLY JA 83 23.65 -21.33 45.93
C GLY JA 83 24.60 -21.10 44.77
N GLU JA 84 25.44 -22.12 44.55
CA GLU JA 84 26.44 -22.17 43.48
C GLU JA 84 26.32 -23.46 42.69
N ALA JA 85 26.64 -23.34 41.40
CA ALA JA 85 26.62 -24.43 40.45
C ALA JA 85 27.89 -24.33 39.65
N PHE JA 86 28.62 -25.42 39.57
CA PHE JA 86 29.88 -25.51 38.85
C PHE JA 86 29.76 -26.60 37.80
N ALA JA 87 30.41 -26.34 36.67
CA ALA JA 87 30.52 -27.23 35.52
C ALA JA 87 31.77 -26.80 34.76
N ALA JA 88 32.50 -27.77 34.20
CA ALA JA 88 33.72 -27.45 33.48
C ALA JA 88 33.74 -27.98 32.05
N VAL JA 89 34.65 -27.43 31.24
CA VAL JA 89 34.87 -27.83 29.85
C VAL JA 89 36.35 -27.69 29.48
N GLY JA 90 36.89 -28.75 28.91
CA GLY JA 90 38.28 -28.77 28.47
C GLY JA 90 38.39 -28.32 27.03
N LEU JA 91 39.13 -27.25 26.79
CA LEU JA 91 39.35 -26.73 25.45
C LEU JA 91 40.73 -27.18 24.97
N GLN JA 92 40.79 -27.85 23.82
CA GLN JA 92 42.06 -28.30 23.26
C GLN JA 92 42.16 -27.84 21.80
N VAL JA 93 42.95 -26.79 21.59
CA VAL JA 93 43.18 -26.18 20.28
C VAL JA 93 44.51 -26.64 19.71
CL CL KA . 3.38 -40.06 -25.82
CL CL LA . -21.86 33.86 66.27
CL CL MA . -22.79 -20.74 -47.96
CL CL NA . -65.28 12.88 26.64
NA NA OA . -54.32 27.30 92.41
CL CL PA . -22.14 54.40 32.63
CL CL QA . -55.48 35.85 -36.19
CL CL RA . 21.63 24.87 30.83
CL CL SA . 35.32 -21.30 43.25
#